data_7C52
#
_entry.id   7C52
#
_cell.length_a   96.435
_cell.length_b   183.335
_cell.length_c   123.857
_cell.angle_alpha   90.000
_cell.angle_beta   112.584
_cell.angle_gamma   90.000
#
_symmetry.space_group_name_H-M   'P 1 21 1'
#
loop_
_entity.id
_entity.type
_entity.pdbx_description
1 polymer 'Photosynthetic reaction center cytochrome c subunit'
2 polymer 'Photosynthetic reaction center L subunit'
3 polymer 'Photosynthetic reaction center M subunit'
4 polymer 'Photosynthetic reaction center H subunit'
5 polymer 'LH1 alpha polypeptide'
6 polymer 'LH1 beta polypeptide'
7 polymer 'High-potential iron-sulfur protein'
8 non-polymer 'HEME C'
9 non-polymer 'CALCIUM ION'
10 non-polymer GLYCEROL
11 non-polymer 1,2-DIPALMITOYL-PHOSPHATIDYL-GLYCEROLE
12 non-polymer '(1R)-2-{[{[(2S)-2,3-DIHYDROXYPROPYL]OXY}(HYDROXY)PHOSPHORYL]OXY}-1-[(PALMITOYLOXY)METHYL]ETHYL (11E)-OCTADEC-11-ENOATE'
13 non-polymer 'BACTERIOCHLOROPHYLL A'
14 non-polymer 'BACTERIOPHEOPHYTIN A'
15 non-polymer Ubiquinone-8
16 non-polymer 'SULFATE ION'
17 non-polymer 'FE (III) ION'
18 non-polymer 'MENAQUINONE 8'
19 non-polymer SPIRILLOXANTHIN
20 non-polymer CARDIOLIPIN
21 non-polymer DI-PALMITOYL-3-SN-PHOSPHATIDYLETHANOLAMINE
22 non-polymer DODECYL-BETA-D-MALTOSIDE
23 non-polymer 'IRON/SULFUR CLUSTER'
#
loop_
_entity_poly.entity_id
_entity_poly.type
_entity_poly.pdbx_seq_one_letter_code
_entity_poly.pdbx_strand_id
1 'polypeptide(L)'
;CEGPPPGTEQIGYRGVGMENYYNKRQRALSIQANQPVESLPAADSTGPKASEVYQNVQVLKDLSVGEFTRTMVAVTTWVS
PKEGCNYCHVPGNWASDDIYTKVVSRRMFELVRAANSDWKAHVAETGVTCYTCHRGNPVPKYAWVTDPGPKYPSGLKPTG
QNYGSKTVAYASLPFDPLTPFLDQANEIRITGNAALAGSNPASLKQAEWTFGLMMNISDSLGVGCTFCHNTRAFNDWTQS
TPKRTTAWYAIRHVRDINQNYIWPLNDVLPASRKGPYGDPLRVSCMTCHQAVNKPLYGAQMAKDYPGLYKT
;
C
2 'polypeptide(L)'
;MAMLSFEKKYRVRGGTLIGGDLFDFWVGPFYVGFFGVVGFCFTLLGVLLIVWGATIGPTGPTSDLQTYNLWRISIAPPDL
SYGLRMAPLTEGGLWQIITICAAGAFISWALREVEICRKLGIGFHVPFAFSFAIGAYLVLVFVRPLLMGAWGHGFPYGIL
SHLDWVSNVGYQFLHFHYNPAHMLAISFFFTNCLALSMHGSLILSVTNPQKGEPVKTSEHENTFFRDIVGYSIGALAIHR
LGLFLALSAAFWSAVCILISGPFWTRGWPEWWNWWLELPLW
;
L
3 'polypeptide(L)'
;MPEYQNIFTAVQVRAPAYPGVPLPKGNLPRIGRPIFSYWLGKIGDAQIGPIYLGLTGTLSIFFGLVAISIIGFNMLASVH
WDVFQFLKHFFWLGLEPPPPQYGLRIPPLSEGGWWLMAGLFLTLSILLWWVRTYKRAEALGMSQHLSWAFAAAIFFYLVL
GFIRPVMMGSWAKAVPFGIFPHLDWTAAFSIRYGNLYYNPFHMLSIAFLYGSALLFAMHGATILSVSRFGGDREIDQITH
RGTAAERAALFWRWTMGFNVTMESIHRWAWWCAVLTVITAGIGILLSGTVVDNWYLWAVKHGMAPAYPEVVTAVNPYETA
AEVMQ
;
M
4 'polypeptide(L)'
;MSAGITHYIDAAQITIWAFWLFFFGLIIYLRREDKREGYPLDSDRTERSGGRVKVVGFPDLPDPKTFVLPHNGGTVVAPR
VEAPVAVNATPFSPAPGSPLVPNGDPMLSGFGPAASPDRPKHCDLTFEGLPKIVPMRVAKEFSIAEGDPDPRGMTVVGLD
GEVAGTVSDVWVDRSEPQIRYLEVEVAANKKKVLLPIGFSRFDKKARKVKVDAIKAAHFANVPTLSNPDQVTLYEEDKVC
AYYAGGKLYATAERAGPLL
;
H
5 'polypeptide(L)' MFTMNANLYKIWLILDPRRVLVSIVAFQIVLGLLIHMIVLSTDLNWLDDNIPVSYQALGKK A,D,F,I,K,O,Q,S,U,W,Y,1,3,5,7,9
6 'polypeptide(L)' MAEQKSLTGLTDDEAKEFHAIFMQSMYAWFGLVVIAHLLAWLYRPWL B,E,G,J,N,P,R,T,V,X,Z,2,4,6,8,0
7 'polypeptide(L)'
;AAPANAVTADDPTAIALKYNQDATKSERVAAARPGLPPEEQHCANCQFMQANVGEGDWKGCQLFPGKLINVNGWCASWTL
KAG
;
b
#
# COMPACT_ATOMS: atom_id res chain seq x y z
N CYS A 1 -5.03 -13.01 17.22
CA CYS A 1 -4.38 -11.89 17.90
C CYS A 1 -3.52 -12.38 19.06
N GLU A 2 -2.33 -11.79 19.20
CA GLU A 2 -1.46 -12.05 20.34
C GLU A 2 -1.17 -10.74 21.05
N GLY A 3 -0.63 -10.84 22.26
CA GLY A 3 -0.33 -9.67 23.05
C GLY A 3 1.16 -9.44 23.26
N PRO A 4 1.57 -8.17 23.28
CA PRO A 4 2.97 -7.86 23.52
C PRO A 4 3.31 -8.02 24.99
N PRO A 5 4.59 -8.22 25.34
CA PRO A 5 5.67 -8.28 24.36
C PRO A 5 5.94 -9.70 23.91
N PRO A 6 6.41 -9.86 22.68
CA PRO A 6 6.87 -11.18 22.23
C PRO A 6 8.28 -11.44 22.75
N GLY A 7 8.64 -12.71 22.75
CA GLY A 7 10.05 -13.03 22.87
C GLY A 7 10.77 -12.70 21.59
N THR A 8 12.02 -12.27 21.71
CA THR A 8 12.77 -11.85 20.56
C THR A 8 14.18 -12.40 20.64
N GLU A 9 14.77 -12.65 19.48
CA GLU A 9 16.17 -13.00 19.39
C GLU A 9 16.74 -12.35 18.15
N GLN A 10 17.93 -11.79 18.30
CA GLN A 10 18.68 -11.25 17.18
C GLN A 10 19.46 -12.37 16.53
N ILE A 11 19.35 -12.47 15.21
CA ILE A 11 20.01 -13.50 14.43
C ILE A 11 21.19 -12.92 13.64
N GLY A 12 20.97 -11.81 12.96
CA GLY A 12 21.98 -11.21 12.11
C GLY A 12 22.60 -9.97 12.73
N TYR A 13 23.31 -9.23 11.88
CA TYR A 13 23.93 -7.98 12.30
C TYR A 13 22.84 -6.93 12.54
N ARG A 14 23.10 -6.02 13.49
CA ARG A 14 22.11 -5.01 13.85
C ARG A 14 21.63 -4.21 12.65
N GLY A 15 20.31 -4.02 12.57
CA GLY A 15 19.69 -3.30 11.48
C GLY A 15 19.40 -4.11 10.24
N VAL A 16 19.98 -5.31 10.09
CA VAL A 16 19.70 -6.12 8.91
C VAL A 16 18.30 -6.71 8.99
N GLY A 17 17.71 -6.74 10.18
CA GLY A 17 16.36 -7.22 10.32
C GLY A 17 16.24 -8.71 10.46
N MET A 18 17.35 -9.42 10.59
CA MET A 18 17.28 -10.86 10.87
C MET A 18 17.05 -11.02 12.36
N GLU A 19 15.80 -11.23 12.73
CA GLU A 19 15.37 -11.28 14.11
C GLU A 19 14.28 -12.33 14.18
N ASN A 20 14.18 -13.00 15.32
CA ASN A 20 13.11 -13.97 15.52
C ASN A 20 12.15 -13.42 16.58
N TYR A 21 10.86 -13.59 16.35
CA TYR A 21 9.87 -13.27 17.36
C TYR A 21 9.03 -14.51 17.67
N TYR A 22 8.70 -14.69 18.94
CA TYR A 22 7.85 -15.79 19.36
C TYR A 22 6.97 -15.31 20.51
N ASN A 23 5.88 -16.05 20.73
CA ASN A 23 4.95 -15.81 21.83
C ASN A 23 5.44 -16.53 23.08
N LYS A 24 5.63 -15.79 24.17
CA LYS A 24 6.24 -16.37 25.37
C LYS A 24 5.34 -17.46 25.95
N ARG A 25 4.03 -17.20 25.99
CA ARG A 25 3.09 -18.17 26.56
C ARG A 25 2.98 -19.44 25.73
N GLN A 26 3.03 -19.33 24.39
CA GLN A 26 2.99 -20.54 23.59
C GLN A 26 4.28 -21.34 23.75
N ARG A 27 5.41 -20.64 23.91
CA ARG A 27 6.67 -21.34 24.15
C ARG A 27 6.60 -22.14 25.44
N ALA A 28 6.06 -21.54 26.50
CA ALA A 28 6.01 -22.24 27.78
C ALA A 28 5.11 -23.47 27.68
N LEU A 29 3.97 -23.36 26.99
CA LEU A 29 3.11 -24.53 26.82
C LEU A 29 3.71 -25.55 25.86
N SER A 30 4.48 -25.11 24.87
CA SER A 30 5.16 -26.06 23.99
C SER A 30 6.25 -26.81 24.76
N ILE A 31 7.00 -26.10 25.60
CA ILE A 31 8.02 -26.74 26.41
C ILE A 31 7.37 -27.80 27.29
N GLN A 32 6.19 -27.49 27.82
CA GLN A 32 5.46 -28.48 28.60
C GLN A 32 5.06 -29.65 27.72
N ALA A 33 4.73 -29.40 26.47
CA ALA A 33 4.31 -30.46 25.56
C ALA A 33 5.47 -31.22 24.92
N ASN A 34 6.73 -30.85 25.21
CA ASN A 34 7.89 -31.53 24.67
C ASN A 34 8.82 -31.98 25.78
N GLN A 35 8.25 -32.50 26.83
CA GLN A 35 9.02 -33.01 27.95
C GLN A 35 9.59 -34.38 27.55
N PRO A 36 10.84 -34.68 27.92
CA PRO A 36 11.38 -36.01 27.65
C PRO A 36 11.11 -36.99 28.76
N VAL A 37 10.78 -38.22 28.39
CA VAL A 37 10.50 -39.22 29.40
C VAL A 37 11.81 -39.54 30.09
N GLU A 38 11.78 -39.55 31.42
CA GLU A 38 12.99 -39.78 32.20
C GLU A 38 13.60 -41.13 31.84
N SER A 39 14.92 -41.15 31.68
CA SER A 39 15.64 -42.36 31.30
C SER A 39 15.58 -43.42 32.39
N LEU A 40 15.56 -44.69 31.96
CA LEU A 40 15.56 -45.80 32.90
C LEU A 40 16.87 -45.86 33.70
N PRO A 41 16.83 -46.44 34.91
CA PRO A 41 18.07 -46.66 35.65
C PRO A 41 19.06 -47.49 34.85
N ALA A 42 20.34 -47.18 35.05
CA ALA A 42 21.39 -47.94 34.37
C ALA A 42 21.35 -49.40 34.76
N ALA A 43 21.68 -50.28 33.82
CA ALA A 43 21.65 -51.71 34.09
C ALA A 43 23.09 -52.20 34.20
N ASP A 44 23.25 -53.40 34.75
CA ASP A 44 24.56 -54.04 34.77
C ASP A 44 24.97 -54.38 33.34
N SER A 45 26.15 -53.93 32.95
CA SER A 45 26.67 -54.02 31.60
C SER A 45 27.56 -55.24 31.41
N THR A 46 27.42 -56.24 32.28
CA THR A 46 28.30 -57.39 32.30
C THR A 46 27.50 -58.62 31.90
N GLY A 47 28.15 -59.78 31.95
CA GLY A 47 27.55 -61.03 31.58
C GLY A 47 27.61 -61.27 30.08
N PRO A 48 26.93 -62.32 29.62
CA PRO A 48 26.94 -62.65 28.18
C PRO A 48 26.25 -61.60 27.31
N LYS A 49 26.75 -61.49 26.08
CA LYS A 49 26.14 -60.59 25.11
C LYS A 49 24.81 -61.18 24.63
N ALA A 50 23.90 -60.30 24.20
CA ALA A 50 22.61 -60.75 23.67
C ALA A 50 22.77 -61.68 22.47
N SER A 51 23.85 -61.51 21.70
CA SER A 51 24.09 -62.36 20.53
C SER A 51 24.16 -63.85 20.90
N GLU A 52 24.54 -64.19 22.12
CA GLU A 52 24.73 -65.58 22.49
C GLU A 52 23.70 -66.12 23.48
N VAL A 53 22.78 -65.29 23.97
CA VAL A 53 21.76 -65.74 24.90
C VAL A 53 20.42 -65.92 24.23
N TYR A 54 20.05 -65.02 23.32
CA TYR A 54 18.76 -65.06 22.67
C TYR A 54 18.88 -65.72 21.30
N GLN A 55 17.73 -66.02 20.71
CA GLN A 55 17.66 -66.85 19.52
C GLN A 55 17.64 -66.08 18.20
N ASN A 56 17.08 -64.87 18.14
CA ASN A 56 16.88 -64.18 16.87
C ASN A 56 17.15 -62.69 16.99
N VAL A 57 18.28 -62.35 17.61
CA VAL A 57 18.74 -60.97 17.72
C VAL A 57 19.65 -60.66 16.53
N GLN A 58 19.19 -59.78 15.64
CA GLN A 58 19.92 -59.45 14.42
C GLN A 58 20.60 -58.08 14.44
N VAL A 59 20.19 -57.17 15.33
CA VAL A 59 20.68 -55.81 15.36
C VAL A 59 21.42 -55.50 16.67
N LEU A 60 20.78 -55.79 17.81
CA LEU A 60 21.33 -55.45 19.11
C LEU A 60 22.30 -56.51 19.66
N LYS A 61 23.17 -57.06 18.81
CA LYS A 61 23.93 -58.26 19.17
C LYS A 61 24.84 -58.05 20.38
N ASP A 62 25.51 -56.90 20.49
CA ASP A 62 26.61 -56.74 21.44
C ASP A 62 26.17 -56.16 22.77
N LEU A 63 24.89 -55.91 22.96
CA LEU A 63 24.40 -55.47 24.26
C LEU A 63 24.48 -56.62 25.25
N SER A 64 24.78 -56.30 26.50
CA SER A 64 24.58 -57.28 27.56
C SER A 64 23.09 -57.60 27.68
N VAL A 65 22.79 -58.71 28.35
CA VAL A 65 21.40 -59.09 28.54
C VAL A 65 20.65 -58.01 29.30
N GLY A 66 21.32 -57.41 30.29
CA GLY A 66 20.69 -56.33 31.04
C GLY A 66 20.42 -55.11 30.18
N GLU A 67 21.43 -54.66 29.43
CA GLU A 67 21.26 -53.50 28.58
C GLU A 67 20.20 -53.77 27.49
N PHE A 68 20.12 -55.03 27.03
CA PHE A 68 19.13 -55.42 26.01
C PHE A 68 17.71 -55.37 26.55
N THR A 69 17.50 -55.95 27.73
CA THR A 69 16.19 -55.91 28.38
C THR A 69 15.78 -54.48 28.66
N ARG A 70 16.69 -53.68 29.20
CA ARG A 70 16.44 -52.27 29.45
C ARG A 70 15.97 -51.56 28.19
N THR A 71 16.58 -51.90 27.05
CA THR A 71 16.19 -51.30 25.77
C THR A 71 14.76 -51.69 25.40
N MET A 72 14.39 -52.96 25.61
CA MET A 72 13.03 -53.42 25.30
C MET A 72 11.99 -52.72 26.16
N VAL A 73 12.30 -52.50 27.44
CA VAL A 73 11.39 -51.74 28.30
C VAL A 73 11.25 -50.32 27.78
N ALA A 74 12.36 -49.70 27.38
CA ALA A 74 12.33 -48.31 26.94
C ALA A 74 11.48 -48.14 25.68
N VAL A 75 11.68 -49.02 24.68
CA VAL A 75 10.96 -48.87 23.43
C VAL A 75 9.46 -49.11 23.64
N THR A 76 9.09 -49.95 24.62
CA THR A 76 7.69 -50.16 24.91
C THR A 76 7.01 -48.88 25.37
N THR A 77 7.66 -48.13 26.27
CA THR A 77 7.11 -46.85 26.70
C THR A 77 7.12 -45.83 25.58
N TRP A 78 8.11 -45.88 24.68
CA TRP A 78 8.23 -44.85 23.66
C TRP A 78 7.25 -45.07 22.53
N VAL A 79 6.86 -46.32 22.28
CA VAL A 79 6.14 -46.69 21.07
C VAL A 79 4.75 -47.26 21.39
N SER A 80 4.68 -48.22 22.31
CA SER A 80 3.43 -48.94 22.57
C SER A 80 3.19 -49.13 24.06
N PRO A 81 3.10 -48.04 24.82
CA PRO A 81 2.93 -48.19 26.27
C PRO A 81 1.58 -48.76 26.67
N LYS A 82 0.51 -48.42 25.94
CA LYS A 82 -0.80 -48.98 26.26
C LYS A 82 -0.85 -50.48 25.99
N GLU A 83 -0.17 -50.95 24.95
CA GLU A 83 -0.28 -52.36 24.61
C GLU A 83 0.77 -53.19 25.33
N GLY A 84 1.99 -52.68 25.48
CA GLY A 84 3.00 -53.41 26.20
C GLY A 84 3.88 -54.21 25.26
N CYS A 85 4.55 -55.19 25.85
CA CYS A 85 5.55 -55.95 25.10
C CYS A 85 4.89 -56.63 23.90
N ASN A 86 3.65 -57.09 24.05
CA ASN A 86 3.06 -57.90 23.01
C ASN A 86 2.52 -57.07 21.85
N TYR A 87 2.77 -55.76 21.82
CA TYR A 87 2.54 -55.02 20.59
C TYR A 87 3.46 -55.50 19.48
N CYS A 88 4.67 -55.95 19.84
CA CYS A 88 5.68 -56.38 18.88
C CYS A 88 6.04 -57.86 19.01
N HIS A 89 5.37 -58.63 19.86
CA HIS A 89 5.84 -59.96 20.18
C HIS A 89 4.74 -61.00 20.20
N VAL A 90 5.01 -62.16 19.62
CA VAL A 90 4.03 -63.24 19.71
C VAL A 90 3.99 -63.75 21.14
N PRO A 91 2.82 -63.82 21.77
CA PRO A 91 2.75 -64.27 23.17
C PRO A 91 3.43 -65.62 23.33
N GLY A 92 4.30 -65.74 24.33
CA GLY A 92 4.93 -67.01 24.58
C GLY A 92 6.06 -67.38 23.64
N ASN A 93 6.57 -66.43 22.86
CA ASN A 93 7.64 -66.70 21.88
C ASN A 93 8.27 -65.36 21.52
N TRP A 94 9.29 -64.98 22.28
CA TRP A 94 9.91 -63.67 22.04
C TRP A 94 10.70 -63.64 20.74
N ALA A 95 11.23 -64.79 20.32
CA ALA A 95 12.09 -64.80 19.14
C ALA A 95 11.31 -64.69 17.84
N SER A 96 10.06 -65.14 17.83
CA SER A 96 9.28 -65.13 16.60
C SER A 96 9.20 -63.71 16.02
N ASP A 97 9.38 -63.62 14.70
CA ASP A 97 9.16 -62.43 13.91
C ASP A 97 7.81 -62.45 13.19
N ASP A 98 6.92 -63.37 13.58
CA ASP A 98 5.66 -63.55 12.89
C ASP A 98 4.58 -62.58 13.39
N ILE A 99 4.91 -61.29 13.39
CA ILE A 99 3.97 -60.20 13.63
C ILE A 99 4.61 -58.98 12.99
N TYR A 100 3.84 -58.18 12.24
CA TYR A 100 4.46 -57.16 11.40
C TYR A 100 5.16 -56.06 12.21
N THR A 101 4.72 -55.81 13.45
CA THR A 101 5.33 -54.74 14.23
C THR A 101 6.78 -55.03 14.60
N LYS A 102 7.14 -56.31 14.77
CA LYS A 102 8.52 -56.63 15.11
C LYS A 102 9.44 -56.42 13.92
N VAL A 103 9.00 -56.84 12.73
CA VAL A 103 9.79 -56.62 11.52
C VAL A 103 10.03 -55.13 11.31
N VAL A 104 8.99 -54.32 11.46
CA VAL A 104 9.14 -52.87 11.34
C VAL A 104 10.08 -52.33 12.40
N SER A 105 9.90 -52.77 13.66
CA SER A 105 10.70 -52.24 14.76
C SER A 105 12.19 -52.55 14.58
N ARG A 106 12.52 -53.73 14.06
CA ARG A 106 13.91 -54.07 13.81
C ARG A 106 14.56 -53.05 12.88
N ARG A 107 13.87 -52.70 11.78
CA ARG A 107 14.41 -51.68 10.88
C ARG A 107 14.41 -50.31 11.54
N MET A 108 13.48 -50.05 12.44
CA MET A 108 13.47 -48.79 13.17
C MET A 108 14.71 -48.68 14.05
N PHE A 109 15.12 -49.79 14.66
CA PHE A 109 16.37 -49.80 15.42
C PHE A 109 17.54 -49.40 14.53
N GLU A 110 17.61 -49.95 13.32
CA GLU A 110 18.68 -49.58 12.40
C GLU A 110 18.55 -48.12 11.96
N LEU A 111 17.30 -47.66 11.77
CA LEU A 111 17.06 -46.27 11.43
C LEU A 111 17.65 -45.36 12.50
N VAL A 112 17.34 -45.62 13.77
CA VAL A 112 17.80 -44.75 14.85
C VAL A 112 19.31 -44.83 15.01
N ARG A 113 19.87 -46.05 14.98
CA ARG A 113 21.31 -46.22 15.08
C ARG A 113 22.05 -45.53 13.96
N ALA A 114 21.54 -45.60 12.73
CA ALA A 114 22.13 -44.86 11.62
C ALA A 114 22.05 -43.36 11.87
N ALA A 115 20.93 -42.89 12.41
CA ALA A 115 20.79 -41.47 12.70
C ALA A 115 21.79 -41.04 13.76
N ASN A 116 21.87 -41.78 14.87
CA ASN A 116 22.71 -41.34 15.98
C ASN A 116 24.20 -41.43 15.63
N SER A 117 24.61 -42.42 14.83
CA SER A 117 26.02 -42.60 14.48
C SER A 117 26.46 -41.89 13.20
N ASP A 118 25.64 -41.83 12.17
CA ASP A 118 26.12 -41.42 10.84
C ASP A 118 25.64 -40.04 10.42
N TRP A 119 24.70 -39.44 11.14
CA TRP A 119 24.11 -38.18 10.71
C TRP A 119 24.32 -37.09 11.75
N LYS A 120 25.47 -37.10 12.43
CA LYS A 120 25.72 -36.05 13.43
C LYS A 120 25.81 -34.67 12.80
N ALA A 121 26.16 -34.58 11.53
CA ALA A 121 26.05 -33.31 10.83
C ALA A 121 24.65 -32.73 10.96
N HIS A 122 23.66 -33.58 11.24
CA HIS A 122 22.30 -33.14 11.48
C HIS A 122 21.95 -33.17 12.97
N VAL A 123 21.90 -34.38 13.55
CA VAL A 123 21.40 -34.56 14.91
C VAL A 123 22.47 -34.35 15.98
N ALA A 124 23.69 -33.98 15.60
CA ALA A 124 24.77 -33.68 16.54
C ALA A 124 24.93 -34.78 17.57
N GLU A 125 25.16 -34.41 18.83
CA GLU A 125 25.26 -35.40 19.90
C GLU A 125 23.92 -35.64 20.58
N THR A 126 22.91 -34.84 20.26
CA THR A 126 21.58 -35.04 20.84
C THR A 126 20.94 -36.34 20.37
N GLY A 127 20.90 -36.56 19.05
CA GLY A 127 20.39 -37.81 18.52
C GLY A 127 18.88 -37.93 18.67
N VAL A 128 18.39 -39.12 18.31
CA VAL A 128 16.96 -39.41 18.31
C VAL A 128 16.73 -40.75 19.01
N THR A 129 15.57 -40.87 19.64
CA THR A 129 15.03 -42.16 20.08
C THR A 129 13.71 -42.42 19.37
N CYS A 130 13.16 -43.63 19.60
CA CYS A 130 11.82 -43.91 19.12
C CYS A 130 10.84 -42.83 19.58
N TYR A 131 11.07 -42.31 20.79
CA TYR A 131 10.15 -41.31 21.35
C TYR A 131 10.09 -40.06 20.50
N THR A 132 11.20 -39.71 19.85
CA THR A 132 11.28 -38.46 19.10
C THR A 132 10.14 -38.36 18.08
N CYS A 133 9.82 -39.47 17.42
CA CYS A 133 8.75 -39.55 16.43
C CYS A 133 7.46 -40.07 17.03
N HIS A 134 7.53 -41.19 17.76
CA HIS A 134 6.33 -41.90 18.18
C HIS A 134 5.62 -41.19 19.34
N ARG A 135 6.38 -40.61 20.27
CA ARG A 135 5.81 -39.87 21.40
C ARG A 135 4.80 -40.70 22.18
N GLY A 136 5.10 -41.98 22.35
CA GLY A 136 4.17 -42.85 23.04
C GLY A 136 3.03 -43.38 22.20
N ASN A 137 3.05 -43.15 20.89
CA ASN A 137 2.05 -43.67 19.99
C ASN A 137 2.71 -44.63 19.01
N PRO A 138 2.13 -45.81 18.77
CA PRO A 138 2.68 -46.71 17.74
C PRO A 138 2.82 -46.07 16.37
N VAL A 139 1.85 -45.25 15.98
CA VAL A 139 1.84 -44.55 14.71
C VAL A 139 2.20 -43.09 14.97
N PRO A 140 3.31 -42.59 14.45
CA PRO A 140 3.71 -41.20 14.72
C PRO A 140 2.63 -40.22 14.29
N LYS A 141 2.37 -39.26 15.18
CA LYS A 141 1.27 -38.31 14.96
C LYS A 141 1.52 -37.48 13.71
N TYR A 142 2.78 -37.22 13.39
CA TYR A 142 3.15 -36.29 12.32
C TYR A 142 3.85 -37.00 11.15
N ALA A 143 3.47 -38.24 10.88
CA ALA A 143 3.82 -38.86 9.61
C ALA A 143 2.94 -38.31 8.49
N TRP A 144 3.35 -38.56 7.25
CA TRP A 144 2.67 -37.99 6.11
C TRP A 144 2.59 -39.02 4.98
N VAL A 145 1.61 -38.80 4.10
CA VAL A 145 1.51 -39.53 2.84
C VAL A 145 1.35 -38.50 1.74
N THR A 146 1.56 -38.94 0.50
CA THR A 146 1.38 -38.05 -0.64
C THR A 146 -0.06 -37.55 -0.67
N ASP A 147 -0.22 -36.24 -0.78
CA ASP A 147 -1.54 -35.63 -0.61
C ASP A 147 -2.18 -35.46 -1.97
N PRO A 148 -3.36 -36.07 -2.22
CA PRO A 148 -4.00 -35.93 -3.53
C PRO A 148 -4.73 -34.60 -3.73
N GLY A 149 -5.01 -33.86 -2.67
CA GLY A 149 -5.67 -32.58 -2.80
C GLY A 149 -7.16 -32.69 -3.02
N PRO A 150 -7.80 -31.58 -3.33
CA PRO A 150 -9.25 -31.58 -3.54
C PRO A 150 -9.64 -32.28 -4.84
N LYS A 151 -10.87 -32.77 -4.86
CA LYS A 151 -11.43 -33.40 -6.05
C LYS A 151 -11.65 -32.40 -7.18
N TYR A 152 -11.34 -32.83 -8.40
CA TYR A 152 -11.69 -32.15 -9.62
C TYR A 152 -12.68 -32.97 -10.44
N PRO A 153 -13.44 -32.34 -11.33
CA PRO A 153 -14.19 -33.11 -12.33
C PRO A 153 -13.22 -33.82 -13.25
N SER A 154 -13.72 -34.85 -13.94
CA SER A 154 -12.82 -35.72 -14.69
C SER A 154 -12.13 -35.02 -15.85
N GLY A 155 -12.67 -33.90 -16.33
CA GLY A 155 -12.10 -33.19 -17.46
C GLY A 155 -11.16 -32.07 -17.10
N LEU A 156 -10.74 -31.98 -15.84
CA LEU A 156 -9.81 -30.94 -15.40
C LEU A 156 -8.70 -31.56 -14.56
N LYS A 157 -7.46 -31.29 -14.94
CA LYS A 157 -6.33 -31.89 -14.23
C LYS A 157 -6.05 -31.09 -12.97
N PRO A 158 -5.97 -31.74 -11.81
CA PRO A 158 -5.59 -31.02 -10.58
C PRO A 158 -4.33 -30.20 -10.76
N THR A 159 -4.30 -29.02 -10.13
CA THR A 159 -3.14 -28.15 -10.25
C THR A 159 -2.08 -28.41 -9.19
N GLY A 160 -2.46 -29.06 -8.08
CA GLY A 160 -1.55 -29.25 -6.98
C GLY A 160 -1.29 -28.02 -6.15
N GLN A 161 -2.10 -26.98 -6.33
CA GLN A 161 -1.91 -25.72 -5.63
C GLN A 161 -3.22 -24.94 -5.66
N ASN A 162 -3.17 -23.68 -5.25
CA ASN A 162 -4.33 -22.80 -5.24
C ASN A 162 -5.42 -23.36 -4.34
N TYR A 163 -5.04 -23.68 -3.10
CA TYR A 163 -5.92 -24.32 -2.14
C TYR A 163 -5.36 -24.07 -0.75
N GLY A 164 -6.25 -23.87 0.22
CA GLY A 164 -5.78 -23.60 1.57
C GLY A 164 -5.29 -24.86 2.26
N SER A 165 -3.98 -25.07 2.32
CA SER A 165 -3.42 -26.33 2.80
C SER A 165 -2.42 -26.04 3.91
N LYS A 166 -2.59 -26.71 5.05
CA LYS A 166 -1.66 -26.58 6.18
C LYS A 166 -0.23 -26.99 5.83
N THR A 167 -0.03 -27.86 4.84
CA THR A 167 1.30 -28.41 4.59
C THR A 167 2.29 -27.32 4.19
N VAL A 168 1.84 -26.27 3.53
CA VAL A 168 2.69 -25.13 3.22
C VAL A 168 2.28 -23.95 4.08
N ALA A 169 1.89 -24.24 5.33
CA ALA A 169 1.66 -23.23 6.37
C ALA A 169 0.55 -22.26 5.98
N TYR A 170 -0.43 -22.77 5.25
CA TYR A 170 -1.68 -22.10 4.85
C TYR A 170 -1.49 -21.07 3.75
N ALA A 171 -0.37 -21.15 3.02
CA ALA A 171 -0.24 -20.45 1.75
C ALA A 171 -0.98 -21.24 0.66
N SER A 172 -1.18 -20.60 -0.48
CA SER A 172 -1.74 -21.27 -1.66
C SER A 172 -0.65 -21.82 -2.58
N LEU A 173 0.57 -22.00 -2.07
CA LEU A 173 1.68 -22.57 -2.82
C LEU A 173 1.45 -24.07 -3.04
N PRO A 174 2.23 -24.70 -3.96
CA PRO A 174 2.07 -26.16 -4.18
C PRO A 174 2.06 -26.89 -2.86
N PHE A 175 0.95 -27.56 -2.56
CA PHE A 175 0.67 -28.00 -1.19
C PHE A 175 1.26 -29.35 -0.84
N ASP A 176 1.92 -30.03 -1.78
CA ASP A 176 2.67 -31.25 -1.47
C ASP A 176 4.12 -31.08 -1.92
N PRO A 177 4.93 -30.34 -1.15
CA PRO A 177 6.38 -30.33 -1.42
C PRO A 177 7.11 -31.53 -0.83
N LEU A 178 6.45 -32.31 0.03
CA LEU A 178 7.10 -33.45 0.68
C LEU A 178 7.47 -34.54 -0.33
N THR A 179 6.53 -34.93 -1.19
CA THR A 179 6.81 -36.00 -2.15
C THR A 179 7.93 -35.64 -3.10
N PRO A 180 7.95 -34.47 -3.76
CA PRO A 180 9.04 -34.18 -4.69
C PRO A 180 10.38 -33.89 -4.03
N PHE A 181 10.42 -33.42 -2.77
CA PHE A 181 11.68 -32.97 -2.18
C PHE A 181 12.16 -33.75 -0.97
N LEU A 182 11.26 -34.32 -0.16
CA LEU A 182 11.65 -35.05 1.04
C LEU A 182 11.46 -36.56 0.90
N ASP A 183 11.19 -37.02 -0.32
CA ASP A 183 10.99 -38.43 -0.61
C ASP A 183 11.81 -38.68 -1.87
N GLN A 184 11.34 -38.15 -2.99
CA GLN A 184 12.20 -37.93 -4.14
C GLN A 184 13.15 -36.77 -3.85
N ALA A 185 14.10 -36.54 -4.75
CA ALA A 185 15.19 -35.59 -4.49
C ALA A 185 15.28 -34.52 -5.58
N ASN A 186 14.17 -33.83 -5.83
CA ASN A 186 14.17 -32.80 -6.87
C ASN A 186 15.04 -31.62 -6.45
N GLU A 187 15.58 -30.91 -7.44
CA GLU A 187 16.49 -29.81 -7.15
C GLU A 187 15.72 -28.65 -6.50
N ILE A 188 16.25 -28.16 -5.38
CA ILE A 188 15.60 -27.07 -4.66
C ILE A 188 16.11 -25.68 -5.09
N ARG A 189 17.34 -25.59 -5.59
CA ARG A 189 17.91 -24.29 -5.94
C ARG A 189 17.26 -23.75 -7.21
N ILE A 190 16.92 -22.45 -7.21
CA ILE A 190 16.52 -21.78 -8.44
C ILE A 190 17.27 -20.47 -8.71
N THR A 191 17.95 -19.92 -7.71
CA THR A 191 18.58 -18.60 -7.90
C THR A 191 19.82 -18.72 -8.77
N GLY A 192 19.95 -17.78 -9.70
CA GLY A 192 21.09 -17.76 -10.61
C GLY A 192 22.36 -17.29 -9.93
N ASN A 193 23.49 -17.71 -10.49
CA ASN A 193 24.80 -17.31 -10.00
C ASN A 193 25.44 -16.22 -10.85
N ALA A 194 24.76 -15.73 -11.87
CA ALA A 194 25.26 -14.61 -12.66
C ALA A 194 24.20 -13.52 -12.72
N ALA A 195 24.67 -12.26 -12.73
CA ALA A 195 23.76 -11.13 -12.78
C ALA A 195 22.88 -11.18 -14.03
N LEU A 196 23.50 -11.41 -15.19
CA LEU A 196 22.82 -11.26 -16.46
C LEU A 196 22.22 -12.59 -16.90
N ALA A 197 21.13 -12.52 -17.65
CA ALA A 197 20.50 -13.72 -18.17
C ALA A 197 21.43 -14.45 -19.14
N GLY A 198 21.27 -15.76 -19.21
CA GLY A 198 22.01 -16.53 -20.20
C GLY A 198 22.38 -17.93 -19.76
N SER A 199 22.34 -18.18 -18.45
CA SER A 199 22.79 -19.48 -17.95
C SER A 199 21.94 -20.03 -16.80
N ASN A 200 20.71 -19.55 -16.60
CA ASN A 200 19.86 -20.08 -15.54
C ASN A 200 18.50 -20.50 -16.10
N PRO A 201 18.30 -21.80 -16.36
CA PRO A 201 17.02 -22.26 -16.90
C PRO A 201 15.95 -22.53 -15.85
N ALA A 202 16.24 -22.32 -14.57
CA ALA A 202 15.22 -22.57 -13.55
C ALA A 202 14.02 -21.68 -13.84
N SER A 203 12.86 -22.10 -13.34
CA SER A 203 11.62 -21.48 -13.76
C SER A 203 10.91 -20.84 -12.57
N LEU A 204 9.93 -20.00 -12.90
CA LEU A 204 9.12 -19.38 -11.85
C LEU A 204 8.33 -20.43 -11.10
N LYS A 205 7.85 -21.46 -11.81
CA LYS A 205 7.08 -22.50 -11.14
C LYS A 205 7.98 -23.34 -10.22
N GLN A 206 9.23 -23.60 -10.62
CA GLN A 206 10.17 -24.22 -9.68
C GLN A 206 10.38 -23.35 -8.44
N ALA A 207 10.45 -22.03 -8.62
CA ALA A 207 10.55 -21.13 -7.48
C ALA A 207 9.36 -21.33 -6.54
N GLU A 208 8.15 -21.51 -7.08
CA GLU A 208 7.00 -21.67 -6.21
C GLU A 208 7.03 -22.99 -5.45
N TRP A 209 7.44 -24.08 -6.09
CA TRP A 209 7.61 -25.34 -5.37
C TRP A 209 8.66 -25.23 -4.27
N THR A 210 9.82 -24.65 -4.58
CA THR A 210 10.84 -24.41 -3.57
C THR A 210 10.31 -23.53 -2.44
N PHE A 211 9.60 -22.45 -2.78
CA PHE A 211 9.05 -21.58 -1.76
C PHE A 211 8.10 -22.35 -0.85
N GLY A 212 7.29 -23.25 -1.45
CA GLY A 212 6.39 -24.06 -0.68
C GLY A 212 7.10 -24.99 0.28
N LEU A 213 8.16 -25.64 -0.19
CA LEU A 213 8.99 -26.47 0.68
C LEU A 213 9.58 -25.66 1.85
N MET A 214 10.03 -24.43 1.59
CA MET A 214 10.62 -23.65 2.66
C MET A 214 9.59 -23.21 3.69
N MET A 215 8.33 -22.97 3.28
CA MET A 215 7.28 -22.74 4.26
C MET A 215 7.15 -23.96 5.16
N ASN A 216 7.13 -25.15 4.56
CA ASN A 216 6.97 -26.38 5.32
C ASN A 216 8.15 -26.58 6.26
N ILE A 217 9.37 -26.35 5.78
CA ILE A 217 10.55 -26.50 6.62
C ILE A 217 10.48 -25.53 7.79
N SER A 218 10.24 -24.25 7.47
CA SER A 218 10.15 -23.22 8.50
C SER A 218 9.04 -23.56 9.49
N ASP A 219 7.86 -23.94 8.97
CA ASP A 219 6.73 -24.25 9.83
C ASP A 219 7.02 -25.48 10.69
N SER A 220 7.73 -26.46 10.14
CA SER A 220 8.06 -27.68 10.90
C SER A 220 9.01 -27.40 12.05
N LEU A 221 9.87 -26.39 11.95
CA LEU A 221 10.80 -26.04 13.00
C LEU A 221 10.35 -24.85 13.83
N GLY A 222 9.19 -24.27 13.49
CA GLY A 222 8.70 -23.11 14.19
C GLY A 222 9.53 -21.85 14.06
N VAL A 223 10.08 -21.59 12.88
CA VAL A 223 11.02 -20.49 12.68
C VAL A 223 10.59 -19.73 11.43
N GLY A 224 11.20 -18.56 11.25
CA GLY A 224 11.10 -17.81 10.02
C GLY A 224 12.28 -18.09 9.12
N CYS A 225 12.24 -17.49 7.93
CA CYS A 225 13.24 -17.77 6.92
C CYS A 225 14.60 -17.31 7.41
N THR A 226 14.63 -16.27 8.25
CA THR A 226 15.87 -15.72 8.74
C THR A 226 16.56 -16.59 9.79
N PHE A 227 15.90 -17.62 10.31
CA PHE A 227 16.61 -18.66 11.05
C PHE A 227 17.76 -19.26 10.27
N CYS A 228 17.64 -19.34 8.94
CA CYS A 228 18.69 -19.91 8.11
C CYS A 228 19.21 -19.00 7.00
N HIS A 229 18.42 -18.04 6.54
CA HIS A 229 18.77 -17.20 5.40
C HIS A 229 18.93 -15.74 5.83
N ASN A 230 19.77 -15.03 5.09
CA ASN A 230 19.62 -13.59 4.90
C ASN A 230 18.82 -13.41 3.62
N THR A 231 17.58 -12.94 3.73
CA THR A 231 16.67 -13.01 2.61
C THR A 231 16.96 -11.99 1.52
N ARG A 232 17.97 -11.14 1.69
CA ARG A 232 18.41 -10.33 0.55
C ARG A 232 19.13 -11.19 -0.48
N ALA A 233 19.54 -12.41 -0.11
CA ALA A 233 20.22 -13.33 -1.01
C ALA A 233 20.03 -14.76 -0.50
N PHE A 234 18.86 -15.32 -0.77
CA PHE A 234 18.50 -16.66 -0.28
C PHE A 234 19.55 -17.71 -0.64
N ASN A 235 20.16 -17.60 -1.83
CA ASN A 235 21.08 -18.62 -2.31
C ASN A 235 22.46 -18.53 -1.67
N ASP A 236 22.82 -17.38 -1.11
CA ASP A 236 24.21 -17.08 -0.76
C ASP A 236 24.53 -17.76 0.57
N TRP A 237 25.27 -18.87 0.51
CA TRP A 237 25.66 -19.59 1.71
C TRP A 237 26.47 -18.72 2.67
N THR A 238 27.30 -17.82 2.15
CA THR A 238 28.15 -17.03 3.03
C THR A 238 27.36 -16.09 3.93
N GLN A 239 26.13 -15.74 3.56
CA GLN A 239 25.31 -14.86 4.38
C GLN A 239 24.24 -15.61 5.16
N SER A 240 24.19 -16.93 5.05
CA SER A 240 23.21 -17.74 5.75
C SER A 240 23.72 -18.07 7.13
N THR A 241 22.85 -18.63 7.95
CA THR A 241 23.27 -19.06 9.27
C THR A 241 23.73 -20.51 9.22
N PRO A 242 24.46 -20.98 10.24
CA PRO A 242 24.84 -22.40 10.26
C PRO A 242 23.65 -23.35 10.28
N LYS A 243 22.47 -22.87 10.69
CA LYS A 243 21.30 -23.73 10.61
C LYS A 243 20.99 -24.14 9.18
N ARG A 244 21.35 -23.30 8.20
CA ARG A 244 21.11 -23.66 6.81
C ARG A 244 21.98 -24.85 6.43
N THR A 245 23.24 -24.85 6.87
CA THR A 245 24.10 -26.00 6.61
C THR A 245 23.48 -27.24 7.24
N THR A 246 23.02 -27.12 8.48
CA THR A 246 22.36 -28.23 9.16
C THR A 246 21.14 -28.69 8.39
N ALA A 247 20.32 -27.74 7.94
CA ALA A 247 19.11 -28.07 7.20
C ALA A 247 19.43 -28.80 5.91
N TRP A 248 20.54 -28.45 5.27
CA TRP A 248 20.93 -29.15 4.04
C TRP A 248 21.12 -30.63 4.30
N TYR A 249 21.90 -30.98 5.33
CA TYR A 249 22.12 -32.38 5.66
C TYR A 249 20.84 -33.06 6.15
N ALA A 250 19.98 -32.31 6.84
CA ALA A 250 18.72 -32.87 7.32
C ALA A 250 17.80 -33.26 6.17
N ILE A 251 17.78 -32.48 5.09
CA ILE A 251 17.01 -32.84 3.92
C ILE A 251 17.49 -34.18 3.37
N ARG A 252 18.80 -34.35 3.26
CA ARG A 252 19.34 -35.61 2.75
C ARG A 252 19.12 -36.74 3.75
N HIS A 253 19.20 -36.42 5.04
CA HIS A 253 18.86 -37.40 6.08
C HIS A 253 17.43 -37.88 5.93
N VAL A 254 16.49 -36.94 5.79
CA VAL A 254 15.08 -37.30 5.65
C VAL A 254 14.86 -38.16 4.40
N ARG A 255 15.52 -37.80 3.30
CA ARG A 255 15.43 -38.62 2.09
C ARG A 255 15.90 -40.05 2.35
N ASP A 256 17.02 -40.20 3.07
CA ASP A 256 17.52 -41.54 3.38
C ASP A 256 16.52 -42.33 4.21
N ILE A 257 15.92 -41.70 5.22
CA ILE A 257 14.93 -42.39 6.06
C ILE A 257 13.77 -42.90 5.23
N ASN A 258 13.19 -42.06 4.37
CA ASN A 258 12.00 -42.49 3.65
C ASN A 258 12.33 -43.52 2.56
N GLN A 259 13.40 -43.29 1.80
CA GLN A 259 13.68 -44.17 0.66
C GLN A 259 14.21 -45.52 1.11
N ASN A 260 15.05 -45.54 2.14
CA ASN A 260 15.80 -46.73 2.50
C ASN A 260 15.25 -47.44 3.74
N TYR A 261 14.47 -46.76 4.56
CA TYR A 261 13.95 -47.37 5.78
C TYR A 261 12.44 -47.53 5.76
N ILE A 262 11.70 -46.50 5.36
CA ILE A 262 10.24 -46.56 5.42
C ILE A 262 9.66 -47.26 4.20
N TRP A 263 9.98 -46.76 3.00
CA TRP A 263 9.46 -47.35 1.76
C TRP A 263 9.65 -48.85 1.64
N PRO A 264 10.80 -49.45 1.98
CA PRO A 264 10.92 -50.91 1.87
C PRO A 264 10.02 -51.66 2.83
N LEU A 265 9.39 -50.98 3.79
CA LEU A 265 8.47 -51.63 4.68
C LEU A 265 7.03 -51.58 4.17
N ASN A 266 6.80 -50.98 2.99
CA ASN A 266 5.43 -50.75 2.54
C ASN A 266 4.63 -52.03 2.42
N ASP A 267 5.24 -53.09 1.88
CA ASP A 267 4.46 -54.29 1.65
C ASP A 267 4.07 -54.98 2.96
N VAL A 268 4.87 -54.83 4.01
CA VAL A 268 4.55 -55.48 5.29
C VAL A 268 3.68 -54.61 6.19
N LEU A 269 3.58 -53.31 5.91
CA LEU A 269 2.70 -52.45 6.68
C LEU A 269 1.25 -52.71 6.26
N PRO A 270 0.31 -52.72 7.20
CA PRO A 270 -1.09 -52.90 6.83
C PRO A 270 -1.58 -51.75 5.97
N ALA A 271 -2.71 -51.97 5.30
CA ALA A 271 -3.30 -50.93 4.47
C ALA A 271 -3.68 -49.68 5.26
N SER A 272 -3.93 -49.83 6.57
CA SER A 272 -4.25 -48.66 7.39
C SER A 272 -3.09 -47.70 7.53
N ARG A 273 -1.87 -48.11 7.21
CA ARG A 273 -0.69 -47.26 7.33
C ARG A 273 -0.34 -46.60 6.01
N LYS A 274 -1.25 -46.65 5.04
CA LYS A 274 -0.95 -46.22 3.68
C LYS A 274 -1.93 -45.12 3.28
N GLY A 275 -1.46 -44.25 2.38
CA GLY A 275 -2.24 -43.15 1.87
C GLY A 275 -3.09 -43.57 0.70
N PRO A 276 -3.85 -42.62 0.14
CA PRO A 276 -4.70 -42.98 -1.01
C PRO A 276 -3.92 -43.51 -2.19
N TYR A 277 -2.65 -43.12 -2.33
CA TYR A 277 -1.79 -43.61 -3.38
C TYR A 277 -1.06 -44.90 -3.02
N GLY A 278 -1.39 -45.53 -1.90
CA GLY A 278 -0.73 -46.77 -1.52
C GLY A 278 0.61 -46.59 -0.84
N ASP A 279 1.08 -45.34 -0.66
CA ASP A 279 2.36 -45.06 -0.06
C ASP A 279 2.27 -45.11 1.47
N PRO A 280 3.36 -45.47 2.14
CA PRO A 280 3.32 -45.58 3.59
C PRO A 280 3.47 -44.24 4.28
N LEU A 281 2.85 -44.15 5.45
CA LEU A 281 3.10 -43.01 6.34
C LEU A 281 4.59 -42.90 6.58
N ARG A 282 5.15 -41.72 6.37
CA ARG A 282 6.61 -41.61 6.47
C ARG A 282 6.98 -40.24 7.02
N VAL A 283 8.24 -39.85 6.81
CA VAL A 283 8.93 -38.91 7.69
C VAL A 283 9.19 -37.60 6.96
N SER A 284 8.94 -36.50 7.67
CA SER A 284 9.29 -35.16 7.23
C SER A 284 9.99 -34.47 8.40
N CYS A 285 10.31 -33.19 8.23
CA CYS A 285 10.84 -32.42 9.36
C CYS A 285 9.87 -32.40 10.53
N MET A 286 8.57 -32.30 10.26
CA MET A 286 7.60 -32.23 11.35
C MET A 286 7.62 -33.49 12.20
N THR A 287 7.93 -34.65 11.60
CA THR A 287 7.81 -35.91 12.33
C THR A 287 8.68 -35.92 13.59
N CYS A 288 9.91 -35.40 13.49
CA CYS A 288 10.77 -35.29 14.67
C CYS A 288 10.64 -33.92 15.35
N HIS A 289 10.69 -32.85 14.56
CA HIS A 289 10.81 -31.52 15.15
C HIS A 289 9.50 -31.10 15.82
N GLN A 290 8.36 -31.40 15.18
CA GLN A 290 7.05 -31.13 15.76
C GLN A 290 6.90 -29.67 16.20
N ALA A 291 7.33 -28.77 15.32
CA ALA A 291 7.20 -27.32 15.49
C ALA A 291 8.18 -26.77 16.53
N VAL A 292 9.30 -27.45 16.75
CA VAL A 292 10.35 -26.97 17.64
C VAL A 292 11.65 -27.00 16.85
N ASN A 293 12.54 -26.03 17.09
CA ASN A 293 13.75 -25.94 16.27
C ASN A 293 14.64 -27.15 16.49
N LYS A 294 14.56 -27.77 17.67
CA LYS A 294 15.16 -29.04 17.98
C LYS A 294 14.11 -29.94 18.60
N PRO A 295 14.05 -31.21 18.20
CA PRO A 295 13.08 -32.13 18.81
C PRO A 295 13.23 -32.15 20.33
N LEU A 296 12.10 -32.06 21.03
CA LEU A 296 12.07 -32.09 22.49
C LEU A 296 12.90 -30.98 23.11
N TYR A 297 13.03 -29.85 22.39
CA TYR A 297 13.86 -28.72 22.84
C TYR A 297 15.29 -29.15 23.14
N GLY A 298 15.79 -30.12 22.38
CA GLY A 298 17.18 -30.54 22.47
C GLY A 298 17.48 -31.49 23.59
N ALA A 299 16.45 -32.11 24.18
CA ALA A 299 16.65 -33.03 25.29
C ALA A 299 17.52 -34.20 24.86
N GLN A 300 18.50 -34.55 25.69
CA GLN A 300 19.47 -35.61 25.34
C GLN A 300 18.94 -36.93 25.88
N MET A 301 18.15 -37.63 25.06
CA MET A 301 17.64 -38.94 25.46
C MET A 301 18.52 -40.08 24.97
N ALA A 302 19.01 -40.01 23.72
CA ALA A 302 19.65 -41.17 23.13
C ALA A 302 20.92 -41.57 23.87
N LYS A 303 21.60 -40.58 24.46
CA LYS A 303 22.88 -40.82 25.12
C LYS A 303 22.77 -41.80 26.29
N ASP A 304 21.60 -41.97 26.90
CA ASP A 304 21.44 -42.90 28.01
C ASP A 304 21.12 -44.32 27.55
N TYR A 305 21.10 -44.57 26.24
CA TYR A 305 20.79 -45.89 25.70
C TYR A 305 21.87 -46.33 24.71
N PRO A 306 22.89 -47.05 25.18
CA PRO A 306 23.99 -47.44 24.28
C PRO A 306 23.56 -48.26 23.08
N GLY A 307 22.45 -48.99 23.19
CA GLY A 307 21.93 -49.77 22.06
C GLY A 307 21.39 -48.95 20.90
N LEU A 308 21.33 -47.62 21.03
CA LEU A 308 20.82 -46.74 20.00
C LEU A 308 21.93 -46.17 19.12
N TYR A 309 23.10 -46.81 19.12
CA TYR A 309 24.26 -46.40 18.34
C TYR A 309 24.79 -47.61 17.59
N LYS A 310 25.43 -47.36 16.44
CA LYS A 310 25.96 -48.44 15.63
C LYS A 310 27.23 -49.07 16.21
N THR A 311 27.41 -50.35 15.86
CA THR A 311 28.40 -51.28 16.44
C THR A 311 28.71 -51.05 17.91
N ALA B 2 12.28 36.28 -2.28
CA ALA B 2 11.36 36.76 -3.29
C ALA B 2 9.94 36.29 -3.00
N MET B 3 8.96 36.97 -3.60
CA MET B 3 7.56 36.66 -3.36
C MET B 3 6.84 36.45 -4.68
N LEU B 4 5.78 35.64 -4.63
CA LEU B 4 4.86 35.56 -5.75
C LEU B 4 4.25 36.93 -5.99
N SER B 5 3.89 37.22 -7.25
CA SER B 5 3.45 38.57 -7.56
C SER B 5 2.17 38.94 -6.84
N PHE B 6 1.47 37.97 -6.27
CA PHE B 6 0.26 38.20 -5.48
C PHE B 6 0.47 37.93 -4.00
N GLU B 7 1.73 37.70 -3.59
CA GLU B 7 2.01 37.17 -2.26
C GLU B 7 2.03 38.24 -1.18
N LYS B 8 2.51 39.45 -1.52
CA LYS B 8 2.78 40.42 -0.47
C LYS B 8 1.54 40.71 0.37
N LYS B 9 0.36 40.78 -0.26
CA LYS B 9 -0.85 41.09 0.50
C LYS B 9 -1.27 39.98 1.46
N TYR B 10 -0.60 38.84 1.47
CA TYR B 10 -0.88 37.79 2.46
C TYR B 10 0.15 37.66 3.57
N ARG B 11 1.24 38.41 3.53
CA ARG B 11 2.31 38.22 4.51
C ARG B 11 1.96 39.00 5.78
N VAL B 12 1.06 38.42 6.55
CA VAL B 12 0.49 39.09 7.72
C VAL B 12 1.28 38.66 8.95
N ARG B 13 1.35 39.58 9.91
CA ARG B 13 1.94 39.33 11.22
C ARG B 13 1.01 38.51 12.11
N GLY B 14 1.59 37.57 12.86
CA GLY B 14 0.87 36.83 13.87
C GLY B 14 0.42 35.47 13.41
N GLY B 15 -0.51 34.90 14.18
CA GLY B 15 -0.89 33.51 13.96
C GLY B 15 0.10 32.46 14.41
N THR B 16 1.12 32.82 15.16
CA THR B 16 2.06 31.82 15.62
C THR B 16 1.46 30.96 16.74
N LEU B 17 1.98 29.76 16.88
CA LEU B 17 1.65 28.97 18.06
C LEU B 17 2.63 29.24 19.19
N ILE B 18 3.91 29.31 18.89
CA ILE B 18 4.95 29.67 19.85
C ILE B 18 5.87 30.67 19.18
N GLY B 19 6.33 31.66 19.95
CA GLY B 19 7.38 32.51 19.46
C GLY B 19 6.97 33.95 19.23
N GLY B 20 5.77 34.17 18.73
CA GLY B 20 5.35 35.54 18.44
C GLY B 20 6.32 36.29 17.55
N ASP B 21 6.52 37.57 17.89
CA ASP B 21 7.34 38.46 17.08
C ASP B 21 8.80 38.02 16.97
N LEU B 22 9.27 37.20 17.92
CA LEU B 22 10.69 36.82 17.97
C LEU B 22 11.17 36.20 16.66
N PHE B 23 10.50 35.15 16.18
CA PHE B 23 10.89 34.47 14.95
C PHE B 23 9.90 34.65 13.79
N ASP B 24 9.00 35.63 13.87
CA ASP B 24 7.93 35.77 12.87
C ASP B 24 8.46 36.51 11.65
N PHE B 25 9.13 35.77 10.76
CA PHE B 25 9.69 36.36 9.57
C PHE B 25 9.94 35.26 8.54
N TRP B 26 10.12 35.67 7.29
CA TRP B 26 10.50 34.76 6.22
C TRP B 26 11.98 34.83 5.93
N VAL B 27 12.49 33.77 5.32
CA VAL B 27 13.85 33.73 4.77
C VAL B 27 13.68 33.29 3.32
N GLY B 28 13.81 34.25 2.40
CA GLY B 28 13.37 34.06 1.04
C GLY B 28 11.91 33.63 1.02
N PRO B 29 11.64 32.49 0.39
CA PRO B 29 10.27 31.98 0.33
C PRO B 29 9.82 31.34 1.64
N PHE B 30 10.76 30.77 2.39
CA PHE B 30 10.40 29.97 3.55
C PHE B 30 9.91 30.86 4.68
N TYR B 31 8.78 30.51 5.29
CA TYR B 31 8.44 31.04 6.61
C TYR B 31 9.22 30.29 7.68
N VAL B 32 9.71 31.03 8.68
CA VAL B 32 10.50 30.40 9.73
C VAL B 32 9.65 30.20 10.97
N GLY B 33 9.58 31.22 11.83
CA GLY B 33 8.85 31.09 13.07
C GLY B 33 9.58 30.17 14.05
N PHE B 34 8.97 30.02 15.22
CA PHE B 34 9.61 29.23 16.29
C PHE B 34 9.89 27.81 15.85
N PHE B 35 8.94 27.16 15.18
CA PHE B 35 9.14 25.78 14.78
C PHE B 35 10.01 25.67 13.53
N GLY B 36 10.17 26.78 12.80
CA GLY B 36 11.18 26.84 11.77
C GLY B 36 12.60 26.82 12.33
N VAL B 37 12.84 27.63 13.37
CA VAL B 37 14.15 27.63 14.02
C VAL B 37 14.45 26.26 14.62
N VAL B 38 13.52 25.73 15.41
CA VAL B 38 13.71 24.44 16.08
C VAL B 38 13.88 23.32 15.05
N GLY B 39 13.02 23.31 14.03
CA GLY B 39 13.12 22.28 13.01
C GLY B 39 14.40 22.33 12.22
N PHE B 40 14.89 23.54 11.94
CA PHE B 40 16.16 23.67 11.22
C PHE B 40 17.30 23.04 12.00
N CYS B 41 17.35 23.27 13.31
CA CYS B 41 18.41 22.71 14.13
C CYS B 41 18.37 21.18 14.15
N PHE B 42 17.18 20.61 14.39
CA PHE B 42 17.07 19.16 14.36
C PHE B 42 17.51 18.61 13.01
N THR B 43 17.14 19.30 11.92
CA THR B 43 17.40 18.79 10.58
C THR B 43 18.88 18.83 10.26
N LEU B 44 19.52 20.00 10.43
CA LEU B 44 20.94 20.13 10.14
C LEU B 44 21.76 19.17 11.01
N LEU B 45 21.40 19.02 12.28
CA LEU B 45 22.11 18.08 13.12
C LEU B 45 21.95 16.67 12.57
N GLY B 46 20.70 16.24 12.36
CA GLY B 46 20.45 14.90 11.86
C GLY B 46 21.21 14.62 10.57
N VAL B 47 21.17 15.57 9.63
CA VAL B 47 21.84 15.37 8.35
C VAL B 47 23.34 15.28 8.55
N LEU B 48 23.91 16.18 9.38
CA LEU B 48 25.34 16.15 9.62
C LEU B 48 25.77 14.90 10.40
N LEU B 49 24.92 14.39 11.30
CA LEU B 49 25.24 13.15 11.99
C LEU B 49 25.12 11.93 11.07
N ILE B 50 24.23 12.00 10.09
CA ILE B 50 24.17 10.93 9.08
C ILE B 50 25.46 10.89 8.29
N VAL B 51 25.95 12.06 7.88
CA VAL B 51 27.19 12.16 7.12
C VAL B 51 28.39 11.74 7.96
N TRP B 52 28.37 12.06 9.26
CA TRP B 52 29.44 11.59 10.14
C TRP B 52 29.43 10.08 10.26
N GLY B 53 28.25 9.48 10.35
CA GLY B 53 28.17 8.03 10.38
C GLY B 53 28.72 7.43 9.09
N ALA B 54 28.43 8.06 7.95
CA ALA B 54 29.05 7.65 6.71
C ALA B 54 30.56 7.84 6.75
N THR B 55 31.05 8.87 7.45
CA THR B 55 32.48 9.15 7.47
C THR B 55 33.25 8.07 8.22
N ILE B 56 32.67 7.56 9.30
CA ILE B 56 33.33 6.53 10.10
C ILE B 56 32.84 5.13 9.78
N GLY B 57 31.71 4.98 9.09
CA GLY B 57 31.26 3.68 8.70
C GLY B 57 30.86 2.83 9.89
N PRO B 58 30.61 1.54 9.65
CA PRO B 58 30.25 0.66 10.77
C PRO B 58 31.41 0.30 11.68
N THR B 59 32.65 0.30 11.18
CA THR B 59 33.78 -0.15 11.99
C THR B 59 34.98 0.78 11.90
N GLY B 60 34.76 2.09 11.74
CA GLY B 60 35.86 3.04 11.72
C GLY B 60 36.26 3.46 10.32
N PRO B 61 36.79 4.68 10.19
CA PRO B 61 37.02 5.25 8.85
C PRO B 61 38.11 4.55 8.08
N THR B 62 38.96 3.77 8.75
CA THR B 62 40.06 3.07 8.11
C THR B 62 39.67 1.69 7.60
N SER B 63 38.48 1.18 7.92
CA SER B 63 38.14 -0.16 7.49
C SER B 63 37.59 -0.15 6.07
N ASP B 64 37.57 -1.34 5.46
CA ASP B 64 37.05 -1.47 4.10
C ASP B 64 35.53 -1.35 4.04
N LEU B 65 34.84 -1.34 5.19
CA LEU B 65 33.40 -1.20 5.18
C LEU B 65 32.94 0.24 5.15
N GLN B 66 33.82 1.20 5.44
CA GLN B 66 33.43 2.59 5.36
C GLN B 66 33.41 3.02 3.89
N THR B 67 32.37 3.75 3.51
CA THR B 67 32.14 4.11 2.13
C THR B 67 31.21 5.31 2.09
N TYR B 68 31.44 6.19 1.13
CA TYR B 68 30.50 7.26 0.81
C TYR B 68 29.64 6.92 -0.39
N ASN B 69 29.71 5.68 -0.87
CA ASN B 69 28.84 5.25 -1.95
C ASN B 69 27.40 5.43 -1.49
N LEU B 70 26.63 6.18 -2.29
CA LEU B 70 25.30 6.63 -1.88
C LEU B 70 24.35 5.47 -1.58
N TRP B 71 24.46 4.38 -2.32
CA TRP B 71 23.57 3.25 -2.08
C TRP B 71 23.99 2.46 -0.85
N ARG B 72 25.28 2.50 -0.52
CA ARG B 72 25.84 1.62 0.49
C ARG B 72 25.99 2.26 1.87
N ILE B 73 25.92 3.58 1.98
CA ILE B 73 26.01 4.22 3.30
C ILE B 73 24.89 3.69 4.18
N SER B 74 25.23 3.32 5.43
CA SER B 74 24.23 2.79 6.35
C SER B 74 24.56 3.14 7.80
N ILE B 75 23.61 3.76 8.50
CA ILE B 75 23.69 4.01 9.93
C ILE B 75 22.65 3.14 10.62
N ALA B 76 23.11 2.23 11.51
CA ALA B 76 22.25 1.14 11.95
C ALA B 76 21.84 1.30 13.42
N PRO B 77 20.70 0.75 13.82
CA PRO B 77 20.26 0.83 15.21
C PRO B 77 21.08 -0.10 16.09
N PRO B 78 20.91 -0.03 17.41
CA PRO B 78 21.72 -0.89 18.29
C PRO B 78 21.27 -2.34 18.25
N ASP B 79 22.17 -3.20 18.72
CA ASP B 79 21.82 -4.59 19.02
C ASP B 79 20.60 -4.64 19.94
N LEU B 80 19.76 -5.66 19.74
CA LEU B 80 18.60 -5.87 20.59
C LEU B 80 18.95 -6.00 22.06
N SER B 81 20.18 -6.44 22.39
CA SER B 81 20.55 -6.63 23.79
C SER B 81 20.54 -5.32 24.58
N TYR B 82 20.63 -4.18 23.92
CA TYR B 82 20.56 -2.90 24.63
C TYR B 82 19.15 -2.56 25.07
N GLY B 83 18.14 -3.29 24.61
CA GLY B 83 16.77 -3.07 25.06
C GLY B 83 16.35 -1.63 24.78
N LEU B 84 15.75 -0.99 25.78
CA LEU B 84 15.28 0.37 25.65
C LEU B 84 16.28 1.37 26.20
N ARG B 85 17.54 0.96 26.34
CA ARG B 85 18.57 1.85 26.86
C ARG B 85 19.29 2.51 25.69
N MET B 86 20.12 3.49 26.02
CA MET B 86 20.90 4.21 25.02
CA MET B 86 20.89 4.18 24.99
C MET B 86 22.24 3.48 24.82
N ALA B 87 22.52 3.09 23.59
CA ALA B 87 23.75 2.42 23.22
C ALA B 87 24.87 3.43 23.05
N PRO B 88 26.13 2.99 23.04
CA PRO B 88 27.23 3.91 22.72
C PRO B 88 27.11 4.43 21.30
N LEU B 89 27.58 5.67 21.10
CA LEU B 89 27.38 6.37 19.83
C LEU B 89 27.84 5.53 18.66
N THR B 90 28.99 4.87 18.80
CA THR B 90 29.56 4.03 17.74
C THR B 90 28.97 2.63 17.69
N GLU B 91 28.00 2.31 18.54
CA GLU B 91 27.34 1.01 18.53
C GLU B 91 25.83 1.16 18.38
N GLY B 92 25.40 2.14 17.59
CA GLY B 92 23.99 2.36 17.33
C GLY B 92 23.42 3.58 18.02
N GLY B 93 24.15 4.15 18.97
CA GLY B 93 23.66 5.35 19.64
C GLY B 93 23.55 6.52 18.68
N LEU B 94 24.46 6.60 17.71
CA LEU B 94 24.34 7.63 16.66
C LEU B 94 23.00 7.52 15.95
N TRP B 95 22.61 6.29 15.59
CA TRP B 95 21.30 6.07 15.00
C TRP B 95 20.20 6.57 15.93
N GLN B 96 20.36 6.32 17.23
CA GLN B 96 19.33 6.69 18.20
C GLN B 96 19.18 8.20 18.31
N ILE B 97 20.28 8.95 18.27
CA ILE B 97 20.19 10.40 18.35
C ILE B 97 19.58 10.97 17.06
N ILE B 98 19.99 10.43 15.92
CA ILE B 98 19.43 10.86 14.63
C ILE B 98 17.93 10.60 14.55
N THR B 99 17.47 9.49 15.13
CA THR B 99 16.03 9.22 15.14
C THR B 99 15.26 10.30 15.88
N ILE B 100 15.75 10.69 17.05
CA ILE B 100 15.10 11.77 17.81
C ILE B 100 15.17 13.07 17.03
N CYS B 101 16.29 13.35 16.36
CA CYS B 101 16.35 14.53 15.52
C CYS B 101 15.29 14.46 14.43
N ALA B 102 15.12 13.29 13.83
CA ALA B 102 14.16 13.16 12.72
C ALA B 102 12.75 13.38 13.23
N ALA B 103 12.39 12.74 14.35
CA ALA B 103 11.08 12.95 14.93
C ALA B 103 10.89 14.42 15.27
N GLY B 104 11.89 15.03 15.89
CA GLY B 104 11.80 16.45 16.18
C GLY B 104 11.74 17.29 14.91
N ALA B 105 12.52 16.91 13.89
CA ALA B 105 12.45 17.60 12.60
C ALA B 105 11.07 17.43 11.97
N PHE B 106 10.51 16.22 12.04
CA PHE B 106 9.21 15.96 11.41
C PHE B 106 8.09 16.69 12.14
N ILE B 107 8.07 16.60 13.46
CA ILE B 107 7.00 17.21 14.23
C ILE B 107 7.07 18.73 14.14
N SER B 108 8.29 19.28 14.15
CA SER B 108 8.45 20.72 14.00
C SER B 108 7.95 21.20 12.64
N TRP B 109 8.18 20.40 11.60
CA TRP B 109 7.70 20.75 10.27
C TRP B 109 6.18 20.86 10.26
N ALA B 110 5.49 19.91 10.91
CA ALA B 110 4.03 19.91 10.93
C ALA B 110 3.46 21.10 11.70
N LEU B 111 4.06 21.41 12.86
CA LEU B 111 3.60 22.56 13.65
C LEU B 111 3.88 23.89 12.94
N ARG B 112 5.02 24.02 12.27
CA ARG B 112 5.22 25.18 11.40
C ARG B 112 4.11 25.32 10.39
N GLU B 113 3.67 24.20 9.80
CA GLU B 113 2.58 24.22 8.85
C GLU B 113 1.30 24.73 9.48
N VAL B 114 1.04 24.34 10.74
CA VAL B 114 -0.11 24.87 11.47
C VAL B 114 -0.05 26.38 11.57
N GLU B 115 1.14 26.93 11.87
CA GLU B 115 1.24 28.39 11.96
C GLU B 115 0.96 29.04 10.60
N ILE B 116 1.41 28.39 9.52
CA ILE B 116 1.17 28.93 8.18
C ILE B 116 -0.32 28.92 7.85
N CYS B 117 -1.02 27.83 8.19
CA CYS B 117 -2.46 27.79 8.02
C CYS B 117 -3.15 28.92 8.78
N ARG B 118 -2.70 29.19 10.00
CA ARG B 118 -3.26 30.29 10.79
C ARG B 118 -3.04 31.64 10.11
N LYS B 119 -1.86 31.86 9.52
CA LYS B 119 -1.64 33.11 8.79
C LYS B 119 -2.58 33.24 7.60
N LEU B 120 -2.80 32.14 6.88
CA LEU B 120 -3.55 32.19 5.63
C LEU B 120 -5.04 31.97 5.85
N GLY B 121 -5.46 31.68 7.08
CA GLY B 121 -6.87 31.45 7.34
C GLY B 121 -7.42 30.30 6.54
N ILE B 122 -6.63 29.24 6.38
CA ILE B 122 -7.04 28.07 5.63
C ILE B 122 -7.23 26.92 6.61
N GLY B 123 -7.88 25.86 6.13
CA GLY B 123 -8.06 24.68 6.96
C GLY B 123 -6.75 24.00 7.29
N PHE B 124 -6.82 23.09 8.26
CA PHE B 124 -5.61 22.46 8.78
C PHE B 124 -5.41 21.06 8.22
N HIS B 125 -5.97 20.77 7.04
CA HIS B 125 -5.95 19.40 6.52
C HIS B 125 -4.53 18.91 6.24
N VAL B 126 -3.67 19.79 5.73
CA VAL B 126 -2.34 19.33 5.33
C VAL B 126 -1.49 18.92 6.53
N PRO B 127 -1.32 19.74 7.58
CA PRO B 127 -0.59 19.23 8.75
C PRO B 127 -1.27 18.04 9.41
N PHE B 128 -2.60 17.99 9.42
CA PHE B 128 -3.31 16.82 9.92
C PHE B 128 -2.97 15.58 9.11
N ALA B 129 -2.93 15.70 7.78
CA ALA B 129 -2.61 14.55 6.95
C ALA B 129 -1.15 14.16 7.09
N PHE B 130 -0.27 15.15 7.20
CA PHE B 130 1.16 14.87 7.38
C PHE B 130 1.40 14.12 8.69
N SER B 131 0.55 14.35 9.69
CA SER B 131 0.65 13.62 10.95
C SER B 131 0.54 12.12 10.76
N PHE B 132 -0.20 11.66 9.74
CA PHE B 132 -0.27 10.23 9.48
C PHE B 132 1.08 9.68 9.03
N ALA B 133 1.81 10.43 8.20
CA ALA B 133 3.14 9.98 7.82
C ALA B 133 4.06 9.95 9.04
N ILE B 134 4.00 11.00 9.86
CA ILE B 134 4.80 11.03 11.10
C ILE B 134 4.46 9.85 11.99
N GLY B 135 3.16 9.60 12.17
CA GLY B 135 2.74 8.46 12.97
C GLY B 135 3.30 7.15 12.47
N ALA B 136 3.34 6.98 11.15
CA ALA B 136 3.91 5.76 10.60
C ALA B 136 5.39 5.66 10.89
N TYR B 137 6.14 6.75 10.70
CA TYR B 137 7.54 6.76 11.10
C TYR B 137 7.69 6.42 12.58
N LEU B 138 6.84 7.02 13.43
CA LEU B 138 6.94 6.76 14.87
C LEU B 138 6.47 5.36 15.24
N VAL B 139 5.54 4.78 14.50
CA VAL B 139 5.23 3.37 14.71
C VAL B 139 6.45 2.52 14.44
N LEU B 140 7.20 2.86 13.39
CA LEU B 140 8.36 2.09 12.98
C LEU B 140 9.52 2.19 13.97
N VAL B 141 9.78 3.39 14.49
CA VAL B 141 10.94 3.61 15.35
C VAL B 141 10.60 3.79 16.81
N PHE B 142 9.32 3.92 17.18
CA PHE B 142 9.02 4.10 18.60
C PHE B 142 8.01 3.10 19.15
N VAL B 143 6.78 3.08 18.62
CA VAL B 143 5.75 2.24 19.22
C VAL B 143 6.08 0.76 19.06
N ARG B 144 6.34 0.32 17.84
CA ARG B 144 6.63 -1.10 17.63
C ARG B 144 7.91 -1.56 18.34
N PRO B 145 9.05 -0.86 18.21
CA PRO B 145 10.20 -1.21 19.08
C PRO B 145 9.87 -1.20 20.56
N LEU B 146 9.08 -0.24 21.04
CA LEU B 146 8.75 -0.18 22.47
C LEU B 146 7.95 -1.41 22.88
N LEU B 147 6.94 -1.78 22.09
CA LEU B 147 6.11 -2.92 22.46
C LEU B 147 6.91 -4.22 22.47
N MET B 148 7.97 -4.29 21.68
CA MET B 148 8.81 -5.47 21.66
C MET B 148 10.05 -5.36 22.55
N GLY B 149 10.35 -4.19 23.08
CA GLY B 149 11.34 -4.07 24.13
C GLY B 149 12.76 -3.70 23.73
N ALA B 150 12.97 -3.16 22.53
CA ALA B 150 14.31 -2.74 22.15
C ALA B 150 14.24 -1.76 21.01
N TRP B 151 14.96 -0.65 21.12
CA TRP B 151 15.04 0.28 20.02
C TRP B 151 15.67 -0.34 18.79
N GLY B 152 16.44 -1.42 18.99
CA GLY B 152 17.08 -2.06 17.86
C GLY B 152 16.13 -2.72 16.89
N HIS B 153 14.83 -2.76 17.19
CA HIS B 153 13.89 -3.23 16.19
C HIS B 153 13.58 -2.17 15.15
N GLY B 154 14.06 -0.94 15.35
CA GLY B 154 13.93 0.08 14.32
C GLY B 154 14.70 -0.30 13.07
N PHE B 155 14.40 0.42 11.98
CA PHE B 155 15.08 0.11 10.72
C PHE B 155 16.32 0.99 10.55
N PRO B 156 17.31 0.54 9.81
CA PRO B 156 18.54 1.32 9.67
C PRO B 156 18.36 2.44 8.65
N TYR B 157 19.18 3.48 8.80
CA TYR B 157 19.13 4.63 7.91
C TYR B 157 20.19 4.46 6.83
N GLY B 158 19.79 3.79 5.75
CA GLY B 158 20.65 3.53 4.62
C GLY B 158 19.76 3.28 3.42
N ILE B 159 20.14 3.86 2.27
CA ILE B 159 19.23 3.87 1.12
C ILE B 159 18.89 2.45 0.69
N LEU B 160 19.89 1.58 0.57
CA LEU B 160 19.61 0.18 0.29
C LEU B 160 19.57 -0.70 1.53
N SER B 161 20.32 -0.36 2.57
CA SER B 161 20.35 -1.21 3.76
C SER B 161 18.98 -1.31 4.44
N HIS B 162 18.16 -0.26 4.36
CA HIS B 162 16.83 -0.36 4.96
C HIS B 162 15.89 -1.27 4.17
N LEU B 163 16.18 -1.52 2.89
CA LEU B 163 15.41 -2.52 2.16
C LEU B 163 15.76 -3.93 2.63
N ASP B 164 17.01 -4.13 3.08
CA ASP B 164 17.36 -5.41 3.69
C ASP B 164 16.59 -5.61 4.98
N TRP B 165 16.49 -4.55 5.79
CA TRP B 165 15.66 -4.62 7.00
C TRP B 165 14.24 -5.03 6.66
N VAL B 166 13.62 -4.33 5.71
CA VAL B 166 12.25 -4.65 5.32
C VAL B 166 12.15 -6.10 4.88
N SER B 167 13.08 -6.53 4.02
CA SER B 167 13.09 -7.89 3.51
C SER B 167 13.12 -8.92 4.63
N ASN B 168 14.06 -8.77 5.56
CA ASN B 168 14.25 -9.80 6.60
C ASN B 168 13.16 -9.76 7.66
N VAL B 169 12.62 -8.59 7.97
CA VAL B 169 11.46 -8.49 8.85
C VAL B 169 10.24 -9.13 8.19
N GLY B 170 10.05 -8.86 6.90
CA GLY B 170 8.91 -9.47 6.20
C GLY B 170 8.96 -10.98 6.24
N TYR B 171 10.11 -11.55 5.87
CA TYR B 171 10.24 -13.01 5.80
C TYR B 171 10.34 -13.67 7.17
N GLN B 172 10.42 -12.91 8.26
CA GLN B 172 10.24 -13.51 9.58
C GLN B 172 8.86 -14.15 9.69
N PHE B 173 7.89 -13.62 8.95
CA PHE B 173 6.53 -14.14 8.93
C PHE B 173 6.28 -15.04 7.71
N LEU B 174 7.35 -15.52 7.08
CA LEU B 174 7.34 -16.54 6.02
C LEU B 174 6.81 -16.00 4.70
N HIS B 175 5.65 -15.34 4.75
CA HIS B 175 4.97 -14.91 3.53
C HIS B 175 4.16 -13.68 3.92
N PHE B 176 4.87 -12.54 4.01
CA PHE B 176 4.31 -11.32 4.60
C PHE B 176 3.15 -10.77 3.77
N HIS B 177 3.04 -11.19 2.51
CA HIS B 177 1.94 -10.74 1.64
C HIS B 177 0.57 -11.02 2.24
N TYR B 178 0.44 -12.02 3.12
CA TYR B 178 -0.86 -12.39 3.67
C TYR B 178 -1.24 -11.58 4.91
N ASN B 179 -0.45 -10.61 5.32
CA ASN B 179 -0.84 -9.71 6.40
C ASN B 179 -2.12 -8.96 6.01
N PRO B 180 -3.21 -9.12 6.78
CA PRO B 180 -4.48 -8.50 6.34
C PRO B 180 -4.45 -6.98 6.32
N ALA B 181 -3.76 -6.35 7.27
CA ALA B 181 -3.66 -4.91 7.23
C ALA B 181 -2.74 -4.48 6.09
N HIS B 182 -1.75 -5.31 5.77
CA HIS B 182 -0.86 -5.07 4.64
C HIS B 182 -1.59 -5.15 3.30
N MET B 183 -2.41 -6.18 3.12
CA MET B 183 -3.27 -6.26 1.93
C MET B 183 -4.18 -5.06 1.80
N LEU B 184 -4.83 -4.69 2.91
CA LEU B 184 -5.71 -3.53 2.90
C LEU B 184 -4.94 -2.26 2.58
N ALA B 185 -3.77 -2.09 3.19
CA ALA B 185 -2.97 -0.91 2.94
C ALA B 185 -2.55 -0.83 1.47
N ILE B 186 -2.10 -1.96 0.91
CA ILE B 186 -1.70 -1.97 -0.49
C ILE B 186 -2.87 -1.61 -1.39
N SER B 187 -4.04 -2.19 -1.13
CA SER B 187 -5.24 -1.81 -1.87
C SER B 187 -5.43 -0.30 -1.84
N PHE B 188 -5.20 0.32 -0.69
CA PHE B 188 -5.31 1.77 -0.63
C PHE B 188 -4.20 2.44 -1.43
N PHE B 189 -2.96 1.93 -1.35
CA PHE B 189 -1.88 2.52 -2.14
C PHE B 189 -2.18 2.42 -3.64
N PHE B 190 -2.60 1.24 -4.09
CA PHE B 190 -2.93 1.07 -5.50
C PHE B 190 -4.15 1.89 -5.91
N THR B 191 -5.23 1.83 -5.13
CA THR B 191 -6.43 2.60 -5.46
C THR B 191 -6.12 4.09 -5.49
N ASN B 192 -5.25 4.55 -4.58
CA ASN B 192 -4.85 5.95 -4.58
C ASN B 192 -4.19 6.34 -5.89
N CYS B 193 -3.32 5.47 -6.41
CA CYS B 193 -2.60 5.79 -7.63
C CYS B 193 -3.54 5.88 -8.84
N LEU B 194 -4.44 4.91 -8.97
CA LEU B 194 -5.50 4.99 -9.98
C LEU B 194 -6.29 6.29 -9.86
N ALA B 195 -6.81 6.58 -8.65
CA ALA B 195 -7.58 7.79 -8.44
C ALA B 195 -6.78 9.05 -8.77
N LEU B 196 -5.49 9.06 -8.43
CA LEU B 196 -4.68 10.25 -8.74
C LEU B 196 -4.55 10.45 -10.24
N SER B 197 -4.29 9.38 -10.99
CA SER B 197 -4.19 9.49 -12.44
C SER B 197 -5.53 9.86 -13.06
N MET B 198 -6.63 9.34 -12.51
CA MET B 198 -7.95 9.73 -12.98
C MET B 198 -8.20 11.21 -12.75
N HIS B 199 -7.85 11.71 -11.56
CA HIS B 199 -8.10 13.12 -11.26
C HIS B 199 -7.22 14.04 -12.09
N GLY B 200 -5.91 13.81 -12.08
CA GLY B 200 -5.02 14.60 -12.92
C GLY B 200 -5.44 14.64 -14.38
N SER B 201 -5.79 13.47 -14.94
CA SER B 201 -6.20 13.43 -16.33
C SER B 201 -7.44 14.29 -16.58
N LEU B 202 -8.45 14.18 -15.72
CA LEU B 202 -9.70 14.86 -16.00
C LEU B 202 -9.54 16.38 -15.97
N ILE B 203 -8.80 16.91 -14.97
CA ILE B 203 -8.62 18.35 -14.89
C ILE B 203 -7.82 18.86 -16.08
N LEU B 204 -6.82 18.10 -16.52
CA LEU B 204 -6.01 18.61 -17.62
C LEU B 204 -6.79 18.54 -18.92
N SER B 205 -7.62 17.51 -19.06
CA SER B 205 -8.40 17.30 -20.26
C SER B 205 -9.60 18.24 -20.41
N VAL B 206 -10.09 18.85 -19.33
CA VAL B 206 -11.19 19.80 -19.49
C VAL B 206 -10.70 21.24 -19.57
N THR B 207 -9.54 21.53 -18.98
CA THR B 207 -8.94 22.85 -19.12
C THR B 207 -8.06 22.99 -20.35
N ASN B 208 -7.67 21.86 -20.95
CA ASN B 208 -6.90 21.84 -22.19
C ASN B 208 -7.61 20.96 -23.21
N PRO B 209 -8.78 21.41 -23.69
CA PRO B 209 -9.59 20.55 -24.56
C PRO B 209 -8.98 20.43 -25.93
N GLN B 210 -9.68 19.76 -26.84
CA GLN B 210 -9.16 19.62 -28.19
C GLN B 210 -9.07 20.99 -28.84
N LYS B 211 -8.16 21.13 -29.80
CA LYS B 211 -7.97 22.42 -30.46
C LYS B 211 -9.28 22.90 -31.06
N GLY B 212 -9.54 24.20 -30.96
CA GLY B 212 -10.79 24.77 -31.40
C GLY B 212 -11.94 24.69 -30.41
N GLU B 213 -11.76 23.98 -29.28
CA GLU B 213 -12.82 23.81 -28.31
C GLU B 213 -12.66 24.81 -27.16
N PRO B 214 -13.75 25.32 -26.59
CA PRO B 214 -13.62 26.11 -25.36
C PRO B 214 -13.30 25.21 -24.17
N VAL B 215 -12.87 25.85 -23.08
CA VAL B 215 -12.68 25.13 -21.83
C VAL B 215 -13.99 24.43 -21.47
N LYS B 216 -13.87 23.20 -20.99
CA LYS B 216 -15.07 22.43 -20.74
C LYS B 216 -15.59 22.77 -19.34
N THR B 217 -16.72 22.16 -18.98
CA THR B 217 -17.47 22.58 -17.83
C THR B 217 -17.55 21.44 -16.81
N SER B 218 -18.00 21.83 -15.61
CA SER B 218 -18.41 20.86 -14.59
C SER B 218 -19.35 19.81 -15.16
N GLU B 219 -20.26 20.22 -16.04
CA GLU B 219 -21.17 19.25 -16.66
C GLU B 219 -20.39 18.23 -17.50
N HIS B 220 -19.33 18.67 -18.17
CA HIS B 220 -18.51 17.72 -18.92
C HIS B 220 -17.83 16.72 -17.99
N GLU B 221 -17.29 17.20 -16.86
CA GLU B 221 -16.59 16.33 -15.92
C GLU B 221 -17.50 15.23 -15.40
N ASN B 222 -18.71 15.61 -14.94
CA ASN B 222 -19.64 14.61 -14.43
C ASN B 222 -20.08 13.67 -15.53
N THR B 223 -20.44 14.22 -16.69
CA THR B 223 -20.88 13.39 -17.82
C THR B 223 -19.81 12.40 -18.21
N PHE B 224 -18.54 12.81 -18.13
CA PHE B 224 -17.45 12.00 -18.70
C PHE B 224 -17.27 10.68 -17.97
N PHE B 225 -17.30 10.70 -16.64
CA PHE B 225 -17.14 9.44 -15.92
C PHE B 225 -18.45 8.69 -15.79
N ARG B 226 -19.58 9.38 -15.81
CA ARG B 226 -20.85 8.68 -15.96
C ARG B 226 -20.89 7.93 -17.27
N ASP B 227 -20.29 8.50 -18.32
CA ASP B 227 -20.28 7.82 -19.61
C ASP B 227 -19.40 6.58 -19.58
N ILE B 228 -18.33 6.60 -18.80
CA ILE B 228 -17.39 5.47 -18.72
C ILE B 228 -17.77 4.45 -17.65
N VAL B 229 -18.10 4.89 -16.43
CA VAL B 229 -18.35 3.95 -15.34
C VAL B 229 -19.74 4.10 -14.76
N GLY B 230 -20.58 4.96 -15.33
CA GLY B 230 -21.91 5.20 -14.82
C GLY B 230 -21.96 5.95 -13.51
N TYR B 231 -20.86 6.59 -13.09
CA TYR B 231 -20.90 7.34 -11.85
C TYR B 231 -19.83 8.42 -11.90
N SER B 232 -20.12 9.55 -11.28
CA SER B 232 -19.18 10.65 -11.11
C SER B 232 -19.23 11.03 -9.64
N ILE B 233 -18.08 11.05 -8.96
CA ILE B 233 -18.12 11.35 -7.54
C ILE B 233 -18.23 12.86 -7.29
N GLY B 234 -17.75 13.69 -8.21
CA GLY B 234 -17.84 15.11 -8.01
C GLY B 234 -16.48 15.73 -7.72
N ALA B 235 -16.33 17.01 -8.09
CA ALA B 235 -15.02 17.63 -8.10
C ALA B 235 -14.53 17.94 -6.69
N LEU B 236 -15.44 18.21 -5.76
CA LEU B 236 -15.06 18.33 -4.37
C LEU B 236 -14.73 16.94 -3.81
N ALA B 237 -15.65 15.99 -4.01
CA ALA B 237 -15.51 14.66 -3.42
C ALA B 237 -14.29 13.90 -3.95
N ILE B 238 -13.83 14.20 -5.16
CA ILE B 238 -12.64 13.50 -5.65
C ILE B 238 -11.45 13.88 -4.78
N HIS B 239 -11.43 15.12 -4.30
CA HIS B 239 -10.38 15.53 -3.38
C HIS B 239 -10.60 14.93 -2.00
N ARG B 240 -11.86 14.80 -1.57
CA ARG B 240 -12.17 14.03 -0.37
C ARG B 240 -11.69 12.58 -0.50
N LEU B 241 -12.00 11.95 -1.63
CA LEU B 241 -11.62 10.55 -1.86
C LEU B 241 -10.12 10.37 -1.86
N GLY B 242 -9.40 11.21 -2.62
CA GLY B 242 -7.96 11.08 -2.68
C GLY B 242 -7.28 11.22 -1.33
N LEU B 243 -7.77 12.13 -0.49
CA LEU B 243 -7.19 12.25 0.85
C LEU B 243 -7.50 11.02 1.68
N PHE B 244 -8.72 10.51 1.58
CA PHE B 244 -9.10 9.31 2.33
C PHE B 244 -8.25 8.12 1.92
N LEU B 245 -8.05 7.93 0.61
CA LEU B 245 -7.25 6.80 0.15
C LEU B 245 -5.80 6.92 0.57
N ALA B 246 -5.21 8.10 0.47
CA ALA B 246 -3.81 8.24 0.82
C ALA B 246 -3.60 8.06 2.33
N LEU B 247 -4.47 8.67 3.14
CA LEU B 247 -4.37 8.52 4.59
C LEU B 247 -4.69 7.10 5.04
N SER B 248 -5.66 6.44 4.41
CA SER B 248 -5.95 5.04 4.74
C SER B 248 -4.76 4.15 4.45
N ALA B 249 -4.07 4.40 3.34
CA ALA B 249 -2.88 3.63 3.01
C ALA B 249 -1.82 3.77 4.09
N ALA B 250 -1.62 5.00 4.60
CA ALA B 250 -0.64 5.22 5.65
C ALA B 250 -1.09 4.59 6.97
N PHE B 251 -2.37 4.69 7.30
CA PHE B 251 -2.86 4.19 8.57
C PHE B 251 -2.71 2.68 8.64
N TRP B 252 -3.17 1.97 7.61
CA TRP B 252 -3.08 0.52 7.61
C TRP B 252 -1.65 0.04 7.43
N SER B 253 -0.78 0.85 6.83
CA SER B 253 0.66 0.57 6.90
C SER B 253 1.08 0.48 8.37
N ALA B 254 0.78 1.52 9.14
CA ALA B 254 1.18 1.53 10.54
C ALA B 254 0.58 0.34 11.27
N VAL B 255 -0.70 0.06 11.03
CA VAL B 255 -1.34 -1.10 11.63
C VAL B 255 -0.63 -2.39 11.21
N CYS B 256 -0.28 -2.51 9.93
CA CYS B 256 0.24 -3.78 9.44
C CYS B 256 1.62 -4.10 9.98
N ILE B 257 2.44 -3.08 10.24
CA ILE B 257 3.73 -3.35 10.86
C ILE B 257 3.60 -3.42 12.38
N LEU B 258 2.65 -2.67 12.95
CA LEU B 258 2.45 -2.67 14.40
C LEU B 258 2.01 -4.05 14.89
N ILE B 259 1.19 -4.75 14.11
CA ILE B 259 0.76 -6.09 14.51
C ILE B 259 1.79 -7.17 14.22
N SER B 260 2.84 -6.85 13.45
CA SER B 260 3.82 -7.85 13.03
C SER B 260 4.94 -7.88 14.08
N GLY B 261 4.74 -8.73 15.09
CA GLY B 261 5.65 -8.82 16.21
C GLY B 261 4.91 -8.59 17.52
N PRO B 262 4.47 -7.34 17.73
CA PRO B 262 3.73 -7.04 18.98
C PRO B 262 2.42 -7.82 19.14
N PHE B 263 1.67 -8.04 18.05
CA PHE B 263 0.37 -8.68 18.14
C PHE B 263 0.25 -9.94 17.29
N TRP B 264 1.34 -10.39 16.68
CA TRP B 264 1.35 -11.63 15.90
C TRP B 264 2.80 -12.02 15.72
N THR B 265 3.11 -13.30 15.93
CA THR B 265 4.49 -13.77 15.84
C THR B 265 4.66 -14.93 14.87
N ARG B 266 3.58 -15.57 14.44
CA ARG B 266 3.65 -16.68 13.52
C ARG B 266 3.65 -16.18 12.08
N GLY B 267 3.62 -17.13 11.14
CA GLY B 267 3.55 -16.76 9.74
C GLY B 267 2.26 -16.02 9.47
N TRP B 268 2.29 -15.15 8.47
CA TRP B 268 1.05 -14.43 8.24
C TRP B 268 -0.03 -15.26 7.55
N PRO B 269 0.30 -16.19 6.63
CA PRO B 269 -0.77 -17.04 6.08
C PRO B 269 -1.57 -17.79 7.14
N GLU B 270 -0.89 -18.27 8.19
CA GLU B 270 -1.55 -19.06 9.22
C GLU B 270 -2.58 -18.24 9.99
N TRP B 271 -2.45 -16.90 9.98
CA TRP B 271 -3.47 -16.06 10.59
C TRP B 271 -4.84 -16.37 9.99
N TRP B 272 -4.89 -16.59 8.67
CA TRP B 272 -6.15 -16.88 7.98
C TRP B 272 -6.76 -18.21 8.36
N ASN B 273 -6.11 -19.01 9.21
CA ASN B 273 -6.74 -20.25 9.64
C ASN B 273 -7.97 -20.03 10.50
N TRP B 274 -8.14 -18.84 11.10
CA TRP B 274 -9.39 -18.58 11.80
C TRP B 274 -10.55 -18.66 10.83
N TRP B 275 -10.34 -18.16 9.61
CA TRP B 275 -11.33 -18.28 8.56
C TRP B 275 -11.56 -19.72 8.16
N LEU B 276 -10.49 -20.43 7.79
CA LEU B 276 -10.57 -21.84 7.42
C LEU B 276 -11.18 -22.73 8.50
N GLU B 277 -10.99 -22.40 9.77
CA GLU B 277 -11.44 -23.30 10.83
C GLU B 277 -12.84 -22.96 11.36
N LEU B 278 -13.48 -21.92 10.82
CA LEU B 278 -14.86 -21.59 11.18
C LEU B 278 -15.79 -22.77 10.95
N PRO B 279 -16.76 -23.01 11.85
CA PRO B 279 -17.62 -24.20 11.71
C PRO B 279 -18.69 -24.12 10.63
N LEU B 280 -18.32 -23.61 9.45
CA LEU B 280 -19.24 -23.54 8.32
C LEU B 280 -18.82 -24.49 7.22
N TRP B 281 -17.60 -25.00 7.30
CA TRP B 281 -16.94 -25.66 6.19
C TRP B 281 -15.67 -26.34 6.68
N PRO C 2 -13.62 24.92 16.78
CA PRO C 2 -14.03 23.95 15.75
C PRO C 2 -14.41 24.60 14.42
N GLU C 3 -14.49 23.79 13.36
CA GLU C 3 -14.87 24.27 12.03
C GLU C 3 -15.35 23.09 11.20
N TYR C 4 -16.12 23.41 10.15
CA TYR C 4 -16.49 22.41 9.16
C TYR C 4 -15.28 22.00 8.33
N GLN C 5 -15.03 20.68 8.29
CA GLN C 5 -13.88 20.13 7.59
C GLN C 5 -14.18 19.76 6.14
N ASN C 6 -15.44 19.80 5.73
CA ASN C 6 -15.86 19.47 4.36
C ASN C 6 -15.47 18.04 4.00
N ILE C 7 -15.67 17.13 4.95
CA ILE C 7 -15.51 15.71 4.69
C ILE C 7 -16.81 15.06 4.29
N PHE C 8 -17.89 15.37 4.98
CA PHE C 8 -19.22 14.87 4.69
C PHE C 8 -20.14 16.03 4.34
N THR C 9 -21.02 15.81 3.36
CA THR C 9 -22.04 16.80 3.04
C THR C 9 -23.12 16.73 4.12
N ALA C 10 -23.28 17.82 4.87
CA ALA C 10 -24.23 17.84 5.97
C ALA C 10 -25.65 18.00 5.47
N VAL C 11 -25.85 18.77 4.40
CA VAL C 11 -27.17 19.06 3.88
C VAL C 11 -27.05 18.86 2.38
N GLN C 12 -27.62 17.78 1.89
CA GLN C 12 -27.67 17.50 0.47
C GLN C 12 -28.87 18.21 -0.14
N VAL C 13 -28.72 18.67 -1.37
CA VAL C 13 -29.88 19.12 -2.14
C VAL C 13 -30.06 18.20 -3.33
N ARG C 14 -31.27 18.19 -3.87
CA ARG C 14 -31.59 17.36 -5.01
C ARG C 14 -32.17 18.21 -6.13
N ALA C 15 -31.89 17.79 -7.35
CA ALA C 15 -32.51 18.34 -8.55
C ALA C 15 -32.70 17.17 -9.51
N PRO C 16 -33.59 17.30 -10.49
CA PRO C 16 -33.77 16.22 -11.46
C PRO C 16 -32.44 15.83 -12.09
N ALA C 17 -32.27 14.53 -12.31
CA ALA C 17 -30.99 13.98 -12.74
C ALA C 17 -30.52 14.61 -14.05
N TYR C 18 -29.22 14.83 -14.15
CA TYR C 18 -28.63 15.39 -15.35
C TYR C 18 -28.43 14.26 -16.36
N PRO C 19 -28.99 14.36 -17.57
CA PRO C 19 -28.79 13.30 -18.57
C PRO C 19 -27.43 13.31 -19.23
N GLY C 20 -26.66 14.38 -19.08
CA GLY C 20 -25.31 14.49 -19.59
C GLY C 20 -25.21 15.50 -20.72
N VAL C 21 -23.98 15.94 -20.97
CA VAL C 21 -23.74 16.84 -22.10
C VAL C 21 -24.11 16.14 -23.40
N PRO C 22 -24.89 16.76 -24.28
CA PRO C 22 -25.23 16.11 -25.55
C PRO C 22 -23.99 15.80 -26.37
N LEU C 23 -23.97 14.64 -26.92
CA LEU C 23 -22.94 14.02 -27.72
C LEU C 23 -23.24 14.18 -29.21
N PRO C 24 -22.23 14.17 -30.07
CA PRO C 24 -22.48 14.36 -31.50
C PRO C 24 -23.18 13.14 -32.10
N LYS C 25 -23.76 13.35 -33.27
CA LYS C 25 -24.41 12.27 -34.00
C LYS C 25 -23.44 11.13 -34.26
N GLY C 26 -23.92 9.89 -34.13
CA GLY C 26 -23.11 8.71 -34.21
C GLY C 26 -22.90 8.02 -32.87
N ASN C 27 -22.95 8.79 -31.78
CA ASN C 27 -22.93 8.23 -30.45
C ASN C 27 -24.31 7.65 -30.13
N LEU C 28 -24.34 6.53 -29.42
CA LEU C 28 -25.65 6.00 -29.06
C LEU C 28 -26.24 6.76 -27.88
N PRO C 29 -27.58 6.80 -27.79
CA PRO C 29 -28.21 7.36 -26.60
C PRO C 29 -27.77 6.63 -25.35
N ARG C 30 -27.70 7.36 -24.24
CA ARG C 30 -27.32 6.76 -22.99
C ARG C 30 -28.48 5.90 -22.49
N ILE C 31 -28.18 4.97 -21.58
CA ILE C 31 -29.22 4.08 -21.06
C ILE C 31 -29.21 4.12 -19.55
N GLY C 32 -30.36 3.89 -18.96
CA GLY C 32 -30.55 3.87 -17.52
C GLY C 32 -31.32 5.08 -17.05
N ARG C 33 -32.16 4.85 -16.05
CA ARG C 33 -32.86 5.92 -15.35
C ARG C 33 -32.09 6.24 -14.08
N PRO C 34 -31.52 7.44 -13.95
CA PRO C 34 -30.64 7.71 -12.81
C PRO C 34 -31.39 7.64 -11.50
N ILE C 35 -30.71 7.14 -10.47
CA ILE C 35 -31.24 7.13 -9.11
C ILE C 35 -30.30 7.96 -8.24
N PHE C 36 -30.80 8.27 -7.05
CA PHE C 36 -30.05 8.99 -6.03
C PHE C 36 -29.83 8.11 -4.81
N SER C 37 -28.61 8.11 -4.30
CA SER C 37 -28.27 7.44 -3.06
C SER C 37 -27.99 8.51 -2.03
N TYR C 38 -28.79 8.53 -0.96
CA TYR C 38 -28.52 9.47 0.12
C TYR C 38 -27.13 9.25 0.70
N TRP C 39 -26.75 7.98 0.90
CA TRP C 39 -25.49 7.71 1.56
C TRP C 39 -24.28 7.98 0.66
N LEU C 40 -24.40 7.75 -0.65
CA LEU C 40 -23.33 8.23 -1.52
C LEU C 40 -23.23 9.74 -1.49
N GLY C 41 -24.38 10.43 -1.35
CA GLY C 41 -24.46 11.87 -1.26
C GLY C 41 -23.87 12.47 -0.01
N LYS C 42 -23.58 11.66 1.01
CA LYS C 42 -22.89 12.19 2.18
C LYS C 42 -21.41 12.45 1.89
N ILE C 43 -20.79 11.62 1.06
CA ILE C 43 -19.37 11.79 0.75
C ILE C 43 -19.16 12.41 -0.64
N GLY C 44 -20.12 12.27 -1.54
CA GLY C 44 -19.95 12.82 -2.88
C GLY C 44 -21.24 13.03 -3.64
N ASP C 45 -21.24 12.74 -4.94
CA ASP C 45 -22.41 12.98 -5.77
C ASP C 45 -23.43 11.87 -5.53
N ALA C 46 -24.69 12.26 -5.33
CA ALA C 46 -25.75 11.29 -5.07
C ALA C 46 -26.27 10.58 -6.32
N GLN C 47 -26.02 11.11 -7.51
CA GLN C 47 -26.58 10.51 -8.71
C GLN C 47 -25.78 9.27 -9.11
N ILE C 48 -26.48 8.18 -9.40
CA ILE C 48 -25.90 6.99 -9.99
C ILE C 48 -26.53 6.81 -11.36
N GLY C 49 -25.71 6.69 -12.39
CA GLY C 49 -26.23 6.61 -13.74
C GLY C 49 -26.45 8.00 -14.29
N PRO C 50 -26.84 8.10 -15.56
CA PRO C 50 -26.96 6.99 -16.51
C PRO C 50 -25.59 6.57 -17.02
N ILE C 51 -25.56 5.69 -18.02
CA ILE C 51 -24.30 5.19 -18.55
C ILE C 51 -24.38 5.14 -20.06
N TYR C 52 -23.22 5.28 -20.69
CA TYR C 52 -23.08 5.11 -22.13
C TYR C 52 -22.64 3.68 -22.40
N LEU C 53 -23.19 3.09 -23.45
CA LEU C 53 -22.85 1.72 -23.80
C LEU C 53 -23.10 1.59 -25.31
N GLY C 54 -22.05 1.76 -26.09
CA GLY C 54 -22.09 1.46 -27.50
C GLY C 54 -21.48 0.11 -27.82
N LEU C 55 -20.99 -0.02 -29.06
CA LEU C 55 -20.43 -1.31 -29.47
C LEU C 55 -19.13 -1.60 -28.74
N THR C 56 -18.27 -0.58 -28.60
CA THR C 56 -16.98 -0.79 -27.95
C THR C 56 -17.16 -1.31 -26.54
N GLY C 57 -18.00 -0.64 -25.74
CA GLY C 57 -18.17 -1.06 -24.36
C GLY C 57 -18.95 -2.35 -24.25
N THR C 58 -19.92 -2.55 -25.15
CA THR C 58 -20.68 -3.81 -25.16
C THR C 58 -19.77 -4.98 -25.49
N LEU C 59 -18.93 -4.84 -26.51
CA LEU C 59 -17.94 -5.86 -26.82
C LEU C 59 -16.98 -6.05 -25.66
N SER C 60 -16.55 -4.95 -25.03
CA SER C 60 -15.63 -5.02 -23.91
C SER C 60 -16.22 -5.82 -22.75
N ILE C 61 -17.47 -5.51 -22.39
CA ILE C 61 -18.12 -6.16 -21.25
C ILE C 61 -18.33 -7.64 -21.53
N PHE C 62 -18.71 -7.99 -22.77
CA PHE C 62 -18.88 -9.38 -23.14
C PHE C 62 -17.56 -10.15 -22.99
N PHE C 63 -16.48 -9.62 -23.57
CA PHE C 63 -15.18 -10.26 -23.39
C PHE C 63 -14.87 -10.39 -21.90
N GLY C 64 -15.18 -9.35 -21.13
CA GLY C 64 -14.78 -9.32 -19.74
C GLY C 64 -15.60 -10.28 -18.88
N LEU C 65 -16.90 -10.40 -19.18
CA LEU C 65 -17.71 -11.36 -18.44
C LEU C 65 -17.30 -12.79 -18.74
N VAL C 66 -17.01 -13.09 -20.00
CA VAL C 66 -16.49 -14.41 -20.36
C VAL C 66 -15.21 -14.71 -19.59
N ALA C 67 -14.28 -13.76 -19.59
CA ALA C 67 -13.00 -13.96 -18.92
C ALA C 67 -13.20 -14.21 -17.42
N ILE C 68 -14.03 -13.39 -16.78
CA ILE C 68 -14.24 -13.52 -15.34
C ILE C 68 -14.92 -14.83 -15.01
N SER C 69 -15.84 -15.27 -15.87
N SER C 69 -15.84 -15.27 -15.87
CA SER C 69 -16.58 -16.51 -15.60
CA SER C 69 -16.57 -16.51 -15.59
C SER C 69 -15.68 -17.73 -15.79
C SER C 69 -15.67 -17.73 -15.78
N ILE C 70 -14.81 -17.71 -16.80
CA ILE C 70 -13.88 -18.81 -16.99
C ILE C 70 -13.00 -18.98 -15.76
N ILE C 71 -12.59 -17.87 -15.15
CA ILE C 71 -11.81 -17.93 -13.92
C ILE C 71 -12.64 -18.53 -12.79
N GLY C 72 -13.81 -17.96 -12.53
CA GLY C 72 -14.64 -18.45 -11.44
C GLY C 72 -15.05 -19.90 -11.59
N PHE C 73 -15.49 -20.29 -12.79
CA PHE C 73 -15.79 -21.69 -13.07
C PHE C 73 -14.65 -22.62 -12.66
N ASN C 74 -13.42 -22.30 -13.08
CA ASN C 74 -12.30 -23.18 -12.73
C ASN C 74 -12.03 -23.18 -11.24
N MET C 75 -12.24 -22.03 -10.57
CA MET C 75 -12.13 -21.99 -9.12
C MET C 75 -13.13 -22.94 -8.47
N LEU C 76 -14.39 -22.87 -8.90
CA LEU C 76 -15.42 -23.75 -8.35
C LEU C 76 -15.14 -25.20 -8.69
N ALA C 77 -14.70 -25.46 -9.94
CA ALA C 77 -14.33 -26.82 -10.31
C ALA C 77 -13.20 -27.37 -9.44
N SER C 78 -12.31 -26.50 -8.95
CA SER C 78 -11.14 -26.98 -8.21
C SER C 78 -11.48 -27.39 -6.77
N VAL C 79 -12.73 -27.20 -6.34
CA VAL C 79 -13.20 -27.74 -5.07
C VAL C 79 -14.40 -28.62 -5.38
N HIS C 80 -14.44 -29.13 -6.62
CA HIS C 80 -15.41 -30.13 -7.05
C HIS C 80 -16.86 -29.65 -6.88
N TRP C 81 -17.13 -28.42 -7.31
CA TRP C 81 -18.45 -27.81 -7.35
C TRP C 81 -18.98 -27.51 -5.95
N ASP C 82 -18.21 -27.77 -4.90
CA ASP C 82 -18.70 -27.69 -3.54
C ASP C 82 -18.70 -26.21 -3.17
N VAL C 83 -19.88 -25.61 -3.21
CA VAL C 83 -20.01 -24.16 -3.03
C VAL C 83 -19.51 -23.74 -1.65
N PHE C 84 -19.75 -24.57 -0.63
CA PHE C 84 -19.29 -24.21 0.71
C PHE C 84 -17.77 -24.20 0.77
N GLN C 85 -17.13 -25.15 0.08
CA GLN C 85 -15.67 -25.17 0.06
C GLN C 85 -15.12 -24.10 -0.86
N PHE C 86 -15.90 -23.70 -1.87
CA PHE C 86 -15.53 -22.54 -2.67
C PHE C 86 -15.47 -21.28 -1.82
N LEU C 87 -16.47 -21.07 -0.95
CA LEU C 87 -16.42 -19.92 -0.05
C LEU C 87 -15.32 -20.07 0.99
N LYS C 88 -15.13 -21.28 1.52
CA LYS C 88 -14.07 -21.51 2.49
C LYS C 88 -12.72 -21.14 1.89
N HIS C 89 -12.42 -21.65 0.70
CA HIS C 89 -11.10 -21.53 0.10
C HIS C 89 -10.96 -20.38 -0.91
N PHE C 90 -11.97 -19.51 -1.06
CA PHE C 90 -11.98 -18.53 -2.14
C PHE C 90 -10.66 -17.78 -2.31
N PHE C 91 -10.14 -17.22 -1.22
CA PHE C 91 -8.92 -16.43 -1.33
C PHE C 91 -7.73 -17.27 -1.78
N TRP C 92 -7.77 -18.58 -1.52
CA TRP C 92 -6.69 -19.44 -1.97
C TRP C 92 -6.87 -19.93 -3.40
N LEU C 93 -8.09 -19.94 -3.93
CA LEU C 93 -8.28 -20.57 -5.23
C LEU C 93 -7.74 -19.68 -6.34
N GLY C 94 -7.46 -20.30 -7.47
CA GLY C 94 -6.95 -19.58 -8.63
C GLY C 94 -7.12 -20.39 -9.89
N LEU C 95 -6.93 -19.70 -11.02
CA LEU C 95 -6.84 -20.34 -12.33
C LEU C 95 -5.40 -20.28 -12.81
N GLU C 96 -4.78 -21.45 -12.98
CA GLU C 96 -3.33 -21.58 -13.05
C GLU C 96 -2.87 -21.53 -14.50
N PRO C 97 -1.77 -20.84 -14.79
CA PRO C 97 -1.23 -20.82 -16.16
C PRO C 97 -0.84 -22.21 -16.62
N PRO C 98 -0.68 -22.42 -17.93
CA PRO C 98 -0.38 -23.75 -18.43
C PRO C 98 0.96 -24.21 -17.94
N PRO C 99 1.18 -25.52 -17.83
CA PRO C 99 2.49 -26.03 -17.46
C PRO C 99 3.56 -25.59 -18.43
N PRO C 100 4.80 -25.50 -17.97
CA PRO C 100 5.91 -25.05 -18.84
C PRO C 100 6.14 -25.95 -20.04
N GLN C 101 5.76 -27.22 -19.97
CA GLN C 101 6.05 -28.16 -21.04
C GLN C 101 5.39 -27.76 -22.36
N TYR C 102 4.32 -26.97 -22.33
CA TYR C 102 3.61 -26.57 -23.53
C TYR C 102 4.16 -25.31 -24.18
N GLY C 103 5.13 -24.63 -23.55
CA GLY C 103 5.72 -23.44 -24.17
C GLY C 103 4.68 -22.38 -24.43
N LEU C 104 4.68 -21.81 -25.64
CA LEU C 104 3.69 -20.81 -26.03
C LEU C 104 2.58 -21.40 -26.89
N ARG C 105 2.57 -22.71 -27.08
CA ARG C 105 1.50 -23.37 -27.81
C ARG C 105 0.21 -23.36 -27.00
N ILE C 106 -0.92 -23.39 -27.71
CA ILE C 106 -2.23 -23.47 -27.07
C ILE C 106 -2.34 -24.78 -26.30
N PRO C 107 -2.57 -24.73 -24.99
CA PRO C 107 -2.51 -25.94 -24.18
C PRO C 107 -3.87 -26.59 -24.09
N PRO C 108 -3.95 -27.82 -23.58
CA PRO C 108 -5.24 -28.52 -23.54
C PRO C 108 -6.24 -27.91 -22.58
N LEU C 109 -7.52 -28.04 -22.94
CA LEU C 109 -8.62 -27.58 -22.11
C LEU C 109 -8.47 -28.06 -20.66
N SER C 110 -7.96 -29.27 -20.48
CA SER C 110 -7.86 -29.86 -19.14
C SER C 110 -6.65 -29.36 -18.36
N GLU C 111 -5.71 -28.67 -18.99
CA GLU C 111 -4.47 -28.32 -18.30
C GLU C 111 -3.89 -27.00 -18.83
N GLY C 112 -4.64 -25.91 -18.72
CA GLY C 112 -4.12 -24.59 -19.04
C GLY C 112 -4.86 -23.85 -20.13
N GLY C 113 -5.67 -24.54 -20.93
CA GLY C 113 -6.43 -23.87 -21.98
C GLY C 113 -7.36 -22.79 -21.47
N TRP C 114 -7.97 -23.02 -20.30
CA TRP C 114 -8.88 -22.02 -19.74
C TRP C 114 -8.15 -20.76 -19.31
N TRP C 115 -6.94 -20.89 -18.77
CA TRP C 115 -6.17 -19.70 -18.44
C TRP C 115 -5.90 -18.85 -19.67
N LEU C 116 -5.44 -19.49 -20.75
CA LEU C 116 -5.09 -18.75 -21.95
C LEU C 116 -6.32 -18.04 -22.52
N MET C 117 -7.48 -18.68 -22.44
CA MET C 117 -8.70 -18.06 -22.93
C MET C 117 -9.11 -16.90 -22.04
N ALA C 118 -9.00 -17.08 -20.72
CA ALA C 118 -9.30 -15.99 -19.81
C ALA C 118 -8.33 -14.83 -20.01
N GLY C 119 -7.06 -15.16 -20.25
CA GLY C 119 -6.08 -14.12 -20.50
C GLY C 119 -6.31 -13.39 -21.81
N LEU C 120 -6.58 -14.14 -22.88
CA LEU C 120 -6.92 -13.51 -24.16
C LEU C 120 -8.12 -12.58 -24.03
N PHE C 121 -9.19 -13.03 -23.39
CA PHE C 121 -10.42 -12.25 -23.43
C PHE C 121 -10.39 -11.09 -22.43
N LEU C 122 -9.76 -11.25 -21.27
CA LEU C 122 -9.55 -10.09 -20.42
C LEU C 122 -8.69 -9.06 -21.13
N THR C 123 -7.65 -9.52 -21.83
CA THR C 123 -6.78 -8.58 -22.54
C THR C 123 -7.56 -7.82 -23.61
N LEU C 124 -8.34 -8.54 -24.42
CA LEU C 124 -9.19 -7.85 -25.40
C LEU C 124 -10.21 -6.96 -24.72
N SER C 125 -10.81 -7.43 -23.61
CA SER C 125 -11.74 -6.61 -22.85
C SER C 125 -11.11 -5.31 -22.39
N ILE C 126 -9.85 -5.37 -21.93
CA ILE C 126 -9.19 -4.18 -21.45
C ILE C 126 -8.86 -3.25 -22.60
N LEU C 127 -8.33 -3.81 -23.69
CA LEU C 127 -8.04 -3.02 -24.88
C LEU C 127 -9.28 -2.32 -25.42
N LEU C 128 -10.43 -3.00 -25.40
CA LEU C 128 -11.65 -2.32 -25.83
C LEU C 128 -12.07 -1.26 -24.83
N TRP C 129 -11.85 -1.51 -23.53
CA TRP C 129 -12.13 -0.47 -22.54
C TRP C 129 -11.24 0.75 -22.77
N TRP C 130 -10.00 0.53 -23.24
CA TRP C 130 -9.12 1.66 -23.55
C TRP C 130 -9.75 2.53 -24.64
N VAL C 131 -10.25 1.88 -25.69
CA VAL C 131 -10.92 2.60 -26.78
C VAL C 131 -12.12 3.37 -26.25
N ARG C 132 -12.88 2.76 -25.34
CA ARG C 132 -14.00 3.42 -24.69
C ARG C 132 -13.56 4.71 -24.01
N THR C 133 -12.47 4.68 -23.23
CA THR C 133 -12.04 5.91 -22.58
C THR C 133 -11.67 6.97 -23.62
N TYR C 134 -11.09 6.55 -24.74
CA TYR C 134 -10.74 7.47 -25.81
C TYR C 134 -12.00 8.08 -26.43
N LYS C 135 -12.98 7.23 -26.78
CA LYS C 135 -14.19 7.69 -27.45
C LYS C 135 -15.03 8.61 -26.56
N ARG C 136 -15.10 8.33 -25.25
CA ARG C 136 -15.94 9.16 -24.38
C ARG C 136 -15.37 10.56 -24.26
N ALA C 137 -14.04 10.70 -24.28
CA ALA C 137 -13.43 12.03 -24.31
C ALA C 137 -13.65 12.71 -25.66
N GLU C 138 -13.51 11.96 -26.76
CA GLU C 138 -13.71 12.56 -28.08
C GLU C 138 -15.11 13.13 -28.20
N ALA C 139 -16.12 12.39 -27.75
CA ALA C 139 -17.50 12.84 -27.90
C ALA C 139 -17.79 14.08 -27.05
N LEU C 140 -17.03 14.30 -25.99
CA LEU C 140 -17.18 15.50 -25.17
C LEU C 140 -16.25 16.63 -25.57
N GLY C 141 -15.41 16.45 -26.59
CA GLY C 141 -14.47 17.47 -26.99
C GLY C 141 -13.28 17.65 -26.08
N MET C 142 -12.99 16.66 -25.25
CA MET C 142 -11.90 16.69 -24.29
C MET C 142 -10.62 16.06 -24.83
N SER C 143 -9.49 16.47 -24.25
CA SER C 143 -8.21 15.88 -24.60
C SER C 143 -8.08 14.48 -23.96
N GLN C 144 -7.04 13.76 -24.39
CA GLN C 144 -6.94 12.32 -24.16
C GLN C 144 -6.04 11.93 -22.97
N HIS C 145 -5.97 12.75 -21.92
CA HIS C 145 -5.05 12.44 -20.82
C HIS C 145 -5.37 11.12 -20.15
N LEU C 146 -6.66 10.80 -19.98
CA LEU C 146 -7.03 9.56 -19.29
C LEU C 146 -6.57 8.35 -20.09
N SER C 147 -6.83 8.35 -21.41
CA SER C 147 -6.45 7.20 -22.22
CA SER C 147 -6.45 7.20 -22.22
C SER C 147 -4.95 7.06 -22.34
N TRP C 148 -4.21 8.17 -22.27
CA TRP C 148 -2.74 8.05 -22.23
C TRP C 148 -2.29 7.40 -20.93
N ALA C 149 -2.86 7.81 -19.79
CA ALA C 149 -2.48 7.20 -18.52
C ALA C 149 -2.94 5.75 -18.45
N PHE C 150 -4.14 5.47 -18.96
CA PHE C 150 -4.65 4.11 -19.01
C PHE C 150 -3.74 3.22 -19.84
N ALA C 151 -3.22 3.75 -20.95
CA ALA C 151 -2.29 2.99 -21.78
C ALA C 151 -1.05 2.61 -21.00
N ALA C 152 -0.58 3.49 -20.12
CA ALA C 152 0.58 3.17 -19.28
C ALA C 152 0.26 2.02 -18.34
N ALA C 153 -0.95 2.00 -17.76
CA ALA C 153 -1.33 0.87 -16.93
C ALA C 153 -1.49 -0.39 -17.76
N ILE C 154 -2.03 -0.27 -18.98
CA ILE C 154 -2.20 -1.43 -19.84
C ILE C 154 -0.84 -2.00 -20.23
N PHE C 155 0.11 -1.11 -20.53
CA PHE C 155 1.50 -1.52 -20.76
C PHE C 155 2.02 -2.42 -19.65
N PHE C 156 1.88 -1.99 -18.40
CA PHE C 156 2.37 -2.81 -17.29
C PHE C 156 1.64 -4.14 -17.26
N TYR C 157 0.29 -4.10 -17.32
CA TYR C 157 -0.51 -5.31 -17.39
C TYR C 157 -0.06 -6.22 -18.53
N LEU C 158 0.19 -5.65 -19.71
CA LEU C 158 0.61 -6.46 -20.84
C LEU C 158 1.99 -7.09 -20.63
N VAL C 159 2.92 -6.35 -20.03
CA VAL C 159 4.24 -6.89 -19.72
C VAL C 159 4.15 -8.08 -18.77
N LEU C 160 3.33 -7.97 -17.72
CA LEU C 160 3.25 -9.04 -16.73
C LEU C 160 2.77 -10.35 -17.34
N GLY C 161 1.70 -10.31 -18.11
CA GLY C 161 1.04 -11.55 -18.52
C GLY C 161 1.27 -11.97 -19.95
N PHE C 162 1.79 -11.09 -20.78
CA PHE C 162 1.87 -11.37 -22.21
C PHE C 162 3.26 -11.15 -22.78
N ILE C 163 3.78 -9.92 -22.70
CA ILE C 163 5.05 -9.60 -23.36
C ILE C 163 6.19 -10.44 -22.79
N ARG C 164 6.36 -10.41 -21.46
CA ARG C 164 7.44 -11.18 -20.85
C ARG C 164 7.27 -12.69 -21.06
N PRO C 165 6.09 -13.30 -20.84
CA PRO C 165 5.98 -14.75 -21.10
C PRO C 165 6.34 -15.14 -22.52
N VAL C 166 5.95 -14.33 -23.50
CA VAL C 166 6.30 -14.63 -24.88
C VAL C 166 7.81 -14.50 -25.08
N MET C 167 8.38 -13.42 -24.54
CA MET C 167 9.82 -13.25 -24.60
C MET C 167 10.53 -14.43 -23.95
N MET C 168 9.94 -14.99 -22.89
CA MET C 168 10.57 -16.08 -22.18
C MET C 168 10.14 -17.44 -22.74
N GLY C 169 9.23 -17.45 -23.71
CA GLY C 169 8.90 -18.66 -24.45
C GLY C 169 7.94 -19.60 -23.76
N SER C 170 7.17 -19.13 -22.79
CA SER C 170 6.36 -20.04 -21.97
C SER C 170 5.26 -19.24 -21.28
N TRP C 171 4.01 -19.65 -21.46
CA TRP C 171 2.92 -19.13 -20.63
C TRP C 171 3.08 -19.45 -19.15
N ALA C 172 3.84 -20.48 -18.80
CA ALA C 172 4.05 -20.79 -17.39
C ALA C 172 4.67 -19.65 -16.59
N LYS C 173 5.23 -18.63 -17.24
CA LYS C 173 5.86 -17.51 -16.54
C LYS C 173 4.94 -16.31 -16.37
N ALA C 174 3.67 -16.43 -16.74
CA ALA C 174 2.68 -15.38 -16.56
C ALA C 174 2.05 -15.50 -15.17
N VAL C 175 1.01 -14.72 -14.90
CA VAL C 175 0.46 -14.57 -13.56
C VAL C 175 -0.81 -15.40 -13.46
N PRO C 176 -0.99 -16.17 -12.38
CA PRO C 176 -2.26 -16.88 -12.18
C PRO C 176 -3.37 -15.93 -11.76
N PHE C 177 -4.61 -16.30 -12.11
CA PHE C 177 -5.78 -15.52 -11.69
C PHE C 177 -6.29 -16.06 -10.37
N GLY C 178 -6.05 -15.29 -9.31
CA GLY C 178 -6.45 -15.68 -7.97
C GLY C 178 -5.87 -14.69 -6.98
N ILE C 179 -6.51 -14.58 -5.81
CA ILE C 179 -6.16 -13.55 -4.84
C ILE C 179 -4.79 -13.87 -4.26
N PHE C 180 -4.76 -14.81 -3.32
CA PHE C 180 -3.48 -15.29 -2.80
C PHE C 180 -2.58 -15.92 -3.86
N PRO C 181 -3.08 -16.66 -4.86
CA PRO C 181 -2.16 -17.20 -5.88
C PRO C 181 -1.35 -16.13 -6.59
N HIS C 182 -1.93 -14.97 -6.88
CA HIS C 182 -1.14 -13.94 -7.55
C HIS C 182 -0.18 -13.26 -6.59
N LEU C 183 -0.38 -13.41 -5.27
CA LEU C 183 0.62 -12.97 -4.30
C LEU C 183 1.79 -13.94 -4.24
N ASP C 184 1.52 -15.25 -4.28
CA ASP C 184 2.59 -16.24 -4.46
C ASP C 184 3.45 -15.86 -5.65
N TRP C 185 2.81 -15.56 -6.78
CA TRP C 185 3.57 -15.22 -7.98
C TRP C 185 4.47 -14.03 -7.73
N THR C 186 3.95 -13.01 -7.05
CA THR C 186 4.76 -11.82 -6.76
C THR C 186 5.99 -12.15 -5.92
N ALA C 187 5.80 -12.87 -4.81
CA ALA C 187 6.94 -13.25 -3.97
C ALA C 187 7.89 -14.19 -4.70
N ALA C 188 7.34 -15.20 -5.39
CA ALA C 188 8.21 -16.16 -6.07
C ALA C 188 9.02 -15.48 -7.17
N PHE C 189 8.43 -14.48 -7.83
CA PHE C 189 9.14 -13.76 -8.87
C PHE C 189 10.37 -13.06 -8.32
N SER C 190 10.23 -12.41 -7.16
CA SER C 190 11.36 -11.74 -6.51
C SER C 190 12.42 -12.74 -6.06
N ILE C 191 12.00 -13.85 -5.42
CA ILE C 191 12.93 -14.91 -5.06
C ILE C 191 13.69 -15.41 -6.28
N ARG C 192 12.96 -15.81 -7.32
CA ARG C 192 13.59 -16.41 -8.49
C ARG C 192 14.62 -15.49 -9.11
N TYR C 193 14.33 -14.19 -9.14
CA TYR C 193 15.20 -13.24 -9.82
C TYR C 193 16.13 -12.50 -8.85
N GLY C 194 16.39 -13.09 -7.69
CA GLY C 194 17.45 -12.62 -6.81
C GLY C 194 17.16 -11.32 -6.06
N ASN C 195 15.91 -11.12 -5.64
CA ASN C 195 15.49 -10.08 -4.70
C ASN C 195 15.14 -8.82 -5.50
N LEU C 196 13.85 -8.59 -5.71
CA LEU C 196 13.41 -7.49 -6.56
C LEU C 196 13.73 -6.12 -5.94
N TYR C 197 14.01 -6.06 -4.63
CA TYR C 197 14.42 -4.80 -4.01
C TYR C 197 15.61 -4.18 -4.73
N TYR C 198 16.47 -4.99 -5.35
CA TYR C 198 17.68 -4.49 -5.98
C TYR C 198 17.50 -4.22 -7.46
N ASN C 199 16.28 -4.35 -7.97
CA ASN C 199 15.92 -3.90 -9.31
C ASN C 199 15.73 -2.40 -9.28
N PRO C 200 16.53 -1.62 -10.02
CA PRO C 200 16.41 -0.15 -9.92
C PRO C 200 15.09 0.39 -10.45
N PHE C 201 14.43 -0.30 -11.37
CA PHE C 201 13.11 0.16 -11.77
C PHE C 201 12.04 -0.22 -10.75
N HIS C 202 12.30 -1.25 -9.95
CA HIS C 202 11.44 -1.49 -8.79
C HIS C 202 11.57 -0.35 -7.81
N MET C 203 12.79 0.13 -7.57
CA MET C 203 13.01 1.24 -6.65
C MET C 203 12.29 2.49 -7.14
N LEU C 204 12.42 2.79 -8.43
CA LEU C 204 11.74 3.96 -9.01
C LEU C 204 10.23 3.81 -8.91
N SER C 205 9.71 2.63 -9.25
CA SER C 205 8.27 2.42 -9.20
C SER C 205 7.73 2.64 -7.78
N ILE C 206 8.49 2.21 -6.78
CA ILE C 206 8.12 2.48 -5.39
C ILE C 206 8.13 3.97 -5.10
N ALA C 207 9.21 4.67 -5.50
CA ALA C 207 9.27 6.12 -5.33
C ALA C 207 8.04 6.81 -5.90
N PHE C 208 7.56 6.37 -7.06
CA PHE C 208 6.40 7.02 -7.68
C PHE C 208 5.08 6.56 -7.07
N LEU C 209 4.99 5.32 -6.61
CA LEU C 209 3.78 4.89 -5.91
C LEU C 209 3.63 5.63 -4.58
N TYR C 210 4.71 5.68 -3.79
CA TYR C 210 4.72 6.52 -2.58
C TYR C 210 4.41 7.97 -2.92
N GLY C 211 5.01 8.49 -3.98
CA GLY C 211 4.78 9.87 -4.37
C GLY C 211 3.34 10.15 -4.71
N SER C 212 2.64 9.17 -5.27
CA SER C 212 1.23 9.36 -5.59
C SER C 212 0.42 9.56 -4.31
N ALA C 213 0.75 8.79 -3.26
CA ALA C 213 0.05 8.98 -2.00
C ALA C 213 0.49 10.29 -1.34
N LEU C 214 1.79 10.59 -1.37
CA LEU C 214 2.29 11.89 -0.96
C LEU C 214 1.56 13.02 -1.68
N LEU C 215 1.47 12.94 -3.01
CA LEU C 215 0.93 14.08 -3.76
C LEU C 215 -0.57 14.22 -3.61
N PHE C 216 -1.30 13.10 -3.55
CA PHE C 216 -2.75 13.21 -3.34
C PHE C 216 -3.08 13.59 -1.91
N ALA C 217 -2.29 13.16 -0.93
CA ALA C 217 -2.48 13.65 0.43
C ALA C 217 -2.28 15.16 0.46
N MET C 218 -1.18 15.62 -0.14
CA MET C 218 -0.91 17.05 -0.19
C MET C 218 -2.02 17.80 -0.93
N HIS C 219 -2.37 17.31 -2.12
CA HIS C 219 -3.33 18.02 -2.96
C HIS C 219 -4.74 17.88 -2.43
N GLY C 220 -5.15 16.64 -2.13
CA GLY C 220 -6.43 16.42 -1.47
C GLY C 220 -6.63 17.29 -0.24
N ALA C 221 -5.65 17.29 0.67
CA ALA C 221 -5.78 18.10 1.87
C ALA C 221 -5.76 19.59 1.54
N THR C 222 -4.88 20.02 0.63
CA THR C 222 -4.80 21.43 0.28
C THR C 222 -6.13 21.98 -0.23
N ILE C 223 -6.80 21.24 -1.11
CA ILE C 223 -8.03 21.74 -1.74
C ILE C 223 -9.16 21.82 -0.73
N LEU C 224 -9.29 20.83 0.15
CA LEU C 224 -10.33 20.90 1.16
C LEU C 224 -10.10 22.08 2.10
N SER C 225 -8.84 22.39 2.41
CA SER C 225 -8.56 23.54 3.28
C SER C 225 -8.87 24.88 2.62
N VAL C 226 -8.94 24.93 1.29
CA VAL C 226 -9.32 26.16 0.60
C VAL C 226 -10.67 26.04 -0.08
N SER C 227 -11.40 24.95 0.19
CA SER C 227 -12.73 24.79 -0.36
C SER C 227 -13.69 25.82 0.21
N ARG C 228 -13.40 26.36 1.39
CA ARG C 228 -14.10 27.51 1.93
C ARG C 228 -14.02 28.71 0.99
N PHE C 229 -13.02 28.73 0.10
CA PHE C 229 -12.88 29.76 -0.92
C PHE C 229 -13.25 29.24 -2.30
N GLY C 230 -13.97 28.12 -2.37
CA GLY C 230 -14.30 27.56 -3.67
C GLY C 230 -13.15 26.91 -4.39
N GLY C 231 -12.12 26.46 -3.68
CA GLY C 231 -10.95 25.90 -4.33
C GLY C 231 -11.18 24.58 -5.03
N ASP C 232 -12.24 23.85 -4.66
CA ASP C 232 -12.57 22.62 -5.37
C ASP C 232 -13.03 22.88 -6.80
N ARG C 233 -13.36 24.13 -7.14
CA ARG C 233 -13.81 24.45 -8.49
C ARG C 233 -12.59 24.84 -9.31
N GLU C 234 -11.85 23.81 -9.72
CA GLU C 234 -10.50 24.04 -10.22
C GLU C 234 -10.51 24.61 -11.63
N ILE C 235 -11.56 24.32 -12.41
CA ILE C 235 -11.66 24.92 -13.74
C ILE C 235 -11.59 26.45 -13.65
N ASP C 236 -12.45 27.05 -12.83
CA ASP C 236 -12.47 28.51 -12.77
C ASP C 236 -11.34 29.08 -11.91
N GLN C 237 -10.77 28.29 -11.01
CA GLN C 237 -9.54 28.71 -10.34
C GLN C 237 -8.36 28.72 -11.30
N ILE C 238 -8.39 27.87 -12.33
CA ILE C 238 -7.30 27.84 -13.29
C ILE C 238 -7.43 28.98 -14.29
N THR C 239 -8.65 29.25 -14.78
CA THR C 239 -8.82 30.33 -15.76
C THR C 239 -8.82 31.70 -15.08
N HIS C 240 -9.27 31.77 -13.83
CA HIS C 240 -9.49 33.04 -13.14
C HIS C 240 -9.01 32.85 -11.69
N ARG C 241 -7.68 32.87 -11.53
CA ARG C 241 -7.04 32.62 -10.25
C ARG C 241 -7.74 33.38 -9.13
N GLY C 242 -8.18 32.64 -8.11
CA GLY C 242 -8.83 33.24 -6.96
C GLY C 242 -7.96 33.10 -5.72
N THR C 243 -8.48 33.64 -4.62
CA THR C 243 -7.74 33.55 -3.36
C THR C 243 -7.60 32.12 -2.88
N ALA C 244 -8.46 31.21 -3.33
CA ALA C 244 -8.24 29.80 -3.08
C ALA C 244 -6.90 29.35 -3.67
N ALA C 245 -6.70 29.62 -4.95
CA ALA C 245 -5.48 29.20 -5.62
C ALA C 245 -4.27 29.97 -5.09
N GLU C 246 -4.47 31.23 -4.71
CA GLU C 246 -3.38 32.03 -4.16
C GLU C 246 -2.95 31.53 -2.78
N ARG C 247 -3.91 31.26 -1.89
CA ARG C 247 -3.56 30.78 -0.55
C ARG C 247 -2.95 29.38 -0.59
N ALA C 248 -3.43 28.53 -1.50
CA ALA C 248 -2.86 27.19 -1.62
C ALA C 248 -1.38 27.24 -1.99
N ALA C 249 -1.04 28.05 -3.00
CA ALA C 249 0.35 28.15 -3.41
C ALA C 249 1.21 28.73 -2.31
N LEU C 250 0.71 29.71 -1.56
CA LEU C 250 1.52 30.30 -0.51
C LEU C 250 1.71 29.33 0.66
N PHE C 251 0.71 28.51 0.99
CA PHE C 251 0.94 27.50 2.03
C PHE C 251 2.16 26.65 1.69
N TRP C 252 2.26 26.20 0.44
CA TRP C 252 3.35 25.32 0.07
C TRP C 252 4.64 26.09 -0.15
N ARG C 253 4.56 27.27 -0.77
CA ARG C 253 5.74 28.10 -0.91
C ARG C 253 6.38 28.39 0.44
N TRP C 254 5.56 28.73 1.44
CA TRP C 254 6.09 29.03 2.76
C TRP C 254 6.61 27.79 3.47
N THR C 255 6.02 26.63 3.17
CA THR C 255 6.47 25.38 3.81
C THR C 255 7.82 24.91 3.28
N MET C 256 7.93 24.74 1.96
CA MET C 256 9.08 24.06 1.38
C MET C 256 9.84 24.87 0.33
N GLY C 257 9.51 26.15 0.18
CA GLY C 257 10.32 27.05 -0.61
C GLY C 257 9.89 27.23 -2.05
N PHE C 258 9.00 26.37 -2.56
CA PHE C 258 8.50 26.52 -3.91
C PHE C 258 7.10 25.96 -3.96
N ASN C 259 6.45 26.16 -5.11
CA ASN C 259 5.03 25.85 -5.24
C ASN C 259 4.73 25.68 -6.72
N VAL C 260 3.55 25.14 -6.99
CA VAL C 260 3.08 25.03 -8.36
C VAL C 260 1.82 25.87 -8.52
N THR C 261 1.05 25.61 -9.57
CA THR C 261 -0.20 26.31 -9.83
C THR C 261 -1.35 25.33 -9.71
N MET C 262 -2.57 25.88 -9.72
CA MET C 262 -3.76 25.03 -9.63
C MET C 262 -3.82 24.07 -10.80
N GLU C 263 -3.38 24.51 -11.98
CA GLU C 263 -3.35 23.61 -13.13
C GLU C 263 -2.20 22.61 -13.05
N SER C 264 -1.01 23.09 -12.69
CA SER C 264 0.19 22.28 -12.88
C SER C 264 0.39 21.24 -11.78
N ILE C 265 -0.25 21.38 -10.62
CA ILE C 265 -0.22 20.28 -9.64
C ILE C 265 -0.82 19.02 -10.25
N HIS C 266 -1.84 19.18 -11.10
CA HIS C 266 -2.44 18.01 -11.74
C HIS C 266 -1.52 17.41 -12.78
N ARG C 267 -0.58 18.20 -13.33
CA ARG C 267 0.47 17.63 -14.16
C ARG C 267 1.49 16.87 -13.34
N TRP C 268 1.94 17.43 -12.22
CA TRP C 268 2.79 16.66 -11.31
C TRP C 268 2.09 15.37 -10.90
N ALA C 269 0.81 15.47 -10.55
CA ALA C 269 0.06 14.30 -10.15
C ALA C 269 -0.06 13.31 -11.29
N TRP C 270 -0.35 13.80 -12.49
CA TRP C 270 -0.49 12.93 -13.65
C TRP C 270 0.79 12.14 -13.89
N TRP C 271 1.93 12.83 -13.94
CA TRP C 271 3.19 12.15 -14.23
C TRP C 271 3.63 11.22 -13.12
N CYS C 272 3.42 11.61 -11.86
CA CYS C 272 3.83 10.73 -10.77
C CYS C 272 3.11 9.40 -10.85
N ALA C 273 1.79 9.43 -11.06
CA ALA C 273 1.00 8.21 -11.15
C ALA C 273 1.39 7.38 -12.37
N VAL C 274 1.56 8.03 -13.52
CA VAL C 274 1.89 7.32 -14.76
C VAL C 274 3.27 6.66 -14.68
N LEU C 275 4.25 7.36 -14.11
CA LEU C 275 5.59 6.80 -14.00
C LEU C 275 5.66 5.58 -13.07
N THR C 276 4.73 5.46 -12.12
CA THR C 276 4.65 4.26 -11.30
C THR C 276 4.59 2.99 -12.14
N VAL C 277 3.71 2.97 -13.14
CA VAL C 277 3.51 1.78 -13.94
C VAL C 277 4.44 1.70 -15.15
N ILE C 278 4.94 2.83 -15.64
CA ILE C 278 5.98 2.81 -16.67
C ILE C 278 7.23 2.11 -16.15
N THR C 279 7.75 2.56 -15.01
CA THR C 279 8.96 1.94 -14.46
C THR C 279 8.73 0.50 -14.05
N ALA C 280 7.51 0.17 -13.61
CA ALA C 280 7.19 -1.20 -13.23
C ALA C 280 7.25 -2.13 -14.44
N GLY C 281 6.68 -1.70 -15.55
CA GLY C 281 6.77 -2.50 -16.77
C GLY C 281 8.21 -2.72 -17.19
N ILE C 282 9.01 -1.66 -17.17
CA ILE C 282 10.42 -1.79 -17.57
C ILE C 282 11.14 -2.75 -16.64
N GLY C 283 10.91 -2.60 -15.32
CA GLY C 283 11.53 -3.49 -14.36
C GLY C 283 11.21 -4.95 -14.60
N ILE C 284 9.94 -5.25 -14.87
CA ILE C 284 9.57 -6.64 -15.15
C ILE C 284 10.06 -7.06 -16.53
N LEU C 285 9.98 -6.14 -17.49
CA LEU C 285 10.45 -6.43 -18.84
C LEU C 285 11.93 -6.83 -18.83
N LEU C 286 12.74 -6.25 -17.94
CA LEU C 286 14.15 -6.58 -17.85
C LEU C 286 14.44 -7.82 -17.01
N SER C 287 13.48 -8.32 -16.23
CA SER C 287 13.75 -9.44 -15.32
C SER C 287 13.57 -10.77 -16.05
N GLY C 288 14.64 -11.55 -16.10
CA GLY C 288 14.66 -12.82 -16.80
C GLY C 288 15.16 -12.67 -18.21
N THR C 289 14.78 -11.55 -18.85
CA THR C 289 15.18 -11.29 -20.23
C THR C 289 16.59 -10.71 -20.29
N VAL C 290 16.93 -9.82 -19.36
CA VAL C 290 18.21 -9.13 -19.35
C VAL C 290 18.99 -9.45 -18.08
N VAL C 291 18.36 -9.31 -16.92
CA VAL C 291 18.99 -9.54 -15.62
C VAL C 291 18.35 -10.77 -14.98
N ASP C 292 19.17 -11.73 -14.58
CA ASP C 292 18.67 -12.94 -13.94
C ASP C 292 18.75 -12.90 -12.42
N ASN C 293 19.60 -12.03 -11.85
CA ASN C 293 19.73 -11.94 -10.41
C ASN C 293 19.99 -10.47 -10.11
N TRP C 294 18.96 -9.79 -9.61
CA TRP C 294 19.07 -8.34 -9.43
C TRP C 294 20.10 -8.01 -8.37
N TYR C 295 20.19 -8.83 -7.32
CA TYR C 295 21.21 -8.57 -6.30
C TYR C 295 22.61 -8.63 -6.89
N LEU C 296 22.88 -9.65 -7.71
CA LEU C 296 24.22 -9.75 -8.31
C LEU C 296 24.43 -8.66 -9.35
N TRP C 297 23.36 -8.24 -10.03
CA TRP C 297 23.44 -7.06 -10.88
C TRP C 297 23.77 -5.82 -10.07
N ALA C 298 23.20 -5.72 -8.86
CA ALA C 298 23.45 -4.57 -8.01
C ALA C 298 24.85 -4.64 -7.40
N VAL C 299 25.29 -5.85 -7.06
CA VAL C 299 26.68 -6.06 -6.63
C VAL C 299 27.63 -5.60 -7.73
N LYS C 300 27.36 -6.02 -8.97
CA LYS C 300 28.23 -5.74 -10.09
C LYS C 300 28.42 -4.24 -10.31
N HIS C 301 27.36 -3.45 -10.15
CA HIS C 301 27.42 -2.01 -10.32
C HIS C 301 27.69 -1.28 -9.01
N GLY C 302 28.09 -1.99 -7.95
CA GLY C 302 28.65 -1.36 -6.77
C GLY C 302 27.63 -0.81 -5.80
N MET C 303 26.39 -1.30 -5.83
CA MET C 303 25.30 -0.74 -5.06
C MET C 303 24.99 -1.46 -3.76
N ALA C 304 25.33 -2.75 -3.64
CA ALA C 304 24.82 -3.55 -2.53
C ALA C 304 25.57 -3.22 -1.25
N PRO C 305 24.87 -2.94 -0.15
CA PRO C 305 25.56 -2.65 1.11
C PRO C 305 26.36 -3.85 1.59
N ALA C 306 27.42 -3.58 2.33
CA ALA C 306 28.20 -4.62 2.98
C ALA C 306 28.08 -4.50 4.48
N TYR C 307 28.08 -5.64 5.16
CA TYR C 307 27.87 -5.68 6.60
C TYR C 307 29.00 -6.46 7.26
N PRO C 308 29.34 -6.14 8.51
CA PRO C 308 30.21 -7.03 9.29
C PRO C 308 29.64 -8.44 9.31
N GLU C 309 30.53 -9.44 9.22
CA GLU C 309 30.08 -10.83 9.20
C GLU C 309 29.87 -11.30 10.63
N VAL C 310 28.60 -11.53 11.00
CA VAL C 310 28.26 -12.07 12.31
C VAL C 310 27.58 -13.43 12.23
N VAL C 311 27.13 -13.84 11.05
CA VAL C 311 26.71 -15.21 10.78
C VAL C 311 27.30 -15.62 9.44
N THR C 312 27.50 -16.92 9.28
CA THR C 312 27.98 -17.48 8.01
C THR C 312 27.78 -18.99 8.05
N ALA C 313 27.73 -19.58 6.87
CA ALA C 313 27.34 -20.98 6.73
C ALA C 313 28.27 -21.67 5.75
N VAL C 314 28.71 -22.88 6.12
CA VAL C 314 29.48 -23.69 5.19
C VAL C 314 28.56 -24.19 4.08
N ASN C 315 28.99 -24.01 2.83
CA ASN C 315 28.31 -24.52 1.67
C ASN C 315 28.54 -26.02 1.54
N PRO C 316 27.55 -26.87 1.82
CA PRO C 316 27.76 -28.32 1.69
C PRO C 316 27.97 -28.81 0.27
N TYR C 317 27.58 -28.01 -0.74
CA TYR C 317 27.92 -28.36 -2.12
C TYR C 317 29.40 -28.22 -2.44
N GLU C 318 30.12 -27.36 -1.72
CA GLU C 318 31.57 -27.31 -1.90
C GLU C 318 32.24 -28.52 -1.26
N THR C 319 31.90 -28.82 -0.01
CA THR C 319 32.54 -29.91 0.73
C THR C 319 32.43 -31.25 0.02
N ILE D 5 30.26 -13.49 -24.07
CA ILE D 5 31.38 -12.84 -23.38
C ILE D 5 30.86 -11.99 -22.24
N THR D 6 31.75 -11.20 -21.64
CA THR D 6 31.39 -10.37 -20.50
C THR D 6 31.54 -8.91 -20.90
N HIS D 7 30.63 -8.08 -20.41
CA HIS D 7 30.72 -6.63 -20.60
C HIS D 7 30.16 -5.95 -19.35
N TYR D 8 30.78 -4.84 -18.95
CA TYR D 8 30.26 -4.10 -17.81
C TYR D 8 28.93 -3.44 -18.15
N ILE D 9 28.88 -2.71 -19.27
CA ILE D 9 27.62 -2.14 -19.74
C ILE D 9 26.63 -3.25 -20.05
N ASP D 10 25.41 -3.09 -19.54
CA ASP D 10 24.32 -4.01 -19.87
C ASP D 10 23.04 -3.21 -20.05
N ALA D 11 22.00 -3.89 -20.56
CA ALA D 11 20.80 -3.19 -20.98
C ALA D 11 20.03 -2.58 -19.81
N ALA D 12 20.06 -3.23 -18.64
CA ALA D 12 19.42 -2.63 -17.48
C ALA D 12 20.10 -1.32 -17.11
N GLN D 13 21.44 -1.31 -17.10
CA GLN D 13 22.16 -0.07 -16.80
C GLN D 13 21.92 0.99 -17.86
N ILE D 14 21.92 0.61 -19.14
CA ILE D 14 21.63 1.58 -20.19
C ILE D 14 20.25 2.19 -19.98
N THR D 15 19.25 1.35 -19.72
CA THR D 15 17.87 1.82 -19.65
C THR D 15 17.65 2.73 -18.44
N ILE D 16 18.26 2.41 -17.30
CA ILE D 16 18.08 3.25 -16.12
C ILE D 16 18.67 4.63 -16.33
N TRP D 17 19.82 4.70 -17.01
CA TRP D 17 20.39 6.01 -17.33
C TRP D 17 19.47 6.77 -18.28
N ALA D 18 18.92 6.08 -19.28
CA ALA D 18 17.95 6.70 -20.17
C ALA D 18 16.76 7.25 -19.39
N PHE D 19 16.35 6.56 -18.32
CA PHE D 19 15.22 7.09 -17.54
C PHE D 19 15.60 8.40 -16.86
N TRP D 20 16.81 8.48 -16.31
CA TRP D 20 17.21 9.71 -15.63
C TRP D 20 17.19 10.88 -16.59
N LEU D 21 17.64 10.65 -17.83
CA LEU D 21 17.60 11.71 -18.83
C LEU D 21 16.16 12.16 -19.06
N PHE D 22 15.26 11.20 -19.25
CA PHE D 22 13.84 11.52 -19.40
C PHE D 22 13.32 12.26 -18.18
N PHE D 23 13.65 11.75 -16.98
CA PHE D 23 13.06 12.29 -15.76
C PHE D 23 13.48 13.72 -15.50
N PHE D 24 14.76 14.03 -15.68
CA PHE D 24 15.21 15.39 -15.45
C PHE D 24 14.65 16.34 -16.50
N GLY D 25 14.48 15.88 -17.74
CA GLY D 25 13.76 16.69 -18.71
C GLY D 25 12.33 16.95 -18.27
N LEU D 26 11.68 15.93 -17.70
CA LEU D 26 10.31 16.08 -17.22
C LEU D 26 10.24 17.11 -16.10
N ILE D 27 11.20 17.05 -15.17
CA ILE D 27 11.19 17.98 -14.04
C ILE D 27 11.28 19.41 -14.53
N ILE D 28 12.11 19.67 -15.54
CA ILE D 28 12.24 21.04 -16.04
C ILE D 28 10.96 21.46 -16.75
N TYR D 29 10.35 20.56 -17.53
CA TYR D 29 9.02 20.80 -18.10
C TYR D 29 8.04 21.20 -17.01
N LEU D 30 7.94 20.41 -15.95
CA LEU D 30 6.95 20.69 -14.92
C LEU D 30 7.22 22.03 -14.25
N ARG D 31 8.48 22.32 -13.95
CA ARG D 31 8.81 23.59 -13.32
C ARG D 31 8.47 24.79 -14.20
N ARG D 32 8.53 24.62 -15.52
CA ARG D 32 8.08 25.69 -16.42
C ARG D 32 6.58 25.92 -16.28
N GLU D 33 5.79 24.84 -16.33
CA GLU D 33 4.34 24.94 -16.14
C GLU D 33 3.99 25.61 -14.83
N ASP D 34 4.79 25.38 -13.78
CA ASP D 34 4.53 25.93 -12.45
C ASP D 34 4.61 27.44 -12.41
N LYS D 35 5.21 28.08 -13.42
CA LYS D 35 5.46 29.51 -13.38
C LYS D 35 4.47 30.32 -14.22
N ARG D 36 3.32 29.73 -14.56
CA ARG D 36 2.29 30.43 -15.30
C ARG D 36 1.40 31.30 -14.42
N GLU D 37 1.56 31.25 -13.10
CA GLU D 37 0.93 32.19 -12.16
C GLU D 37 1.94 32.69 -11.16
N GLY D 38 1.85 33.97 -10.82
CA GLY D 38 2.63 34.52 -9.73
C GLY D 38 4.01 34.97 -10.11
N TYR D 39 4.42 34.75 -11.35
CA TYR D 39 5.73 35.09 -11.86
C TYR D 39 5.62 36.18 -12.93
N PRO D 40 6.68 36.99 -13.11
CA PRO D 40 7.91 37.05 -12.33
C PRO D 40 7.73 37.47 -10.86
N LEU D 41 8.69 37.13 -10.01
CA LEU D 41 8.52 37.35 -8.58
C LEU D 41 8.70 38.82 -8.22
N ASP D 42 7.96 39.26 -7.20
CA ASP D 42 8.14 40.56 -6.58
C ASP D 42 9.32 40.49 -5.61
N SER D 43 10.42 41.17 -5.92
CA SER D 43 11.62 41.17 -5.09
C SER D 43 12.09 42.60 -4.85
N ASP D 44 13.02 42.76 -3.91
CA ASP D 44 13.71 44.04 -3.77
C ASP D 44 14.86 44.17 -4.74
N ARG D 45 15.19 43.10 -5.45
CA ARG D 45 16.19 43.24 -6.51
C ARG D 45 15.58 43.90 -7.73
N THR D 46 14.32 43.56 -8.03
CA THR D 46 13.62 44.22 -9.13
C THR D 46 13.33 45.69 -8.83
N GLU D 47 13.12 46.04 -7.57
CA GLU D 47 12.90 47.45 -7.25
C GLU D 47 14.16 48.27 -7.51
N ARG D 48 15.29 47.82 -6.97
CA ARG D 48 16.51 48.57 -7.07
C ARG D 48 17.08 48.54 -8.48
N SER D 49 16.84 47.46 -9.22
CA SER D 49 17.29 47.49 -10.60
C SER D 49 16.47 48.42 -11.49
N GLY D 50 15.50 49.15 -10.94
CA GLY D 50 14.64 49.95 -11.77
C GLY D 50 13.82 49.14 -12.75
N GLY D 51 13.52 47.89 -12.41
CA GLY D 51 12.80 46.99 -13.29
C GLY D 51 13.64 46.29 -14.34
N ARG D 52 14.94 46.56 -14.41
CA ARG D 52 15.73 45.93 -15.44
C ARG D 52 15.79 44.43 -15.19
N VAL D 53 15.83 44.05 -13.91
CA VAL D 53 16.02 42.66 -13.49
C VAL D 53 14.68 42.05 -13.05
N LYS D 54 14.22 41.05 -13.81
CA LYS D 54 13.03 40.24 -13.50
C LYS D 54 13.45 38.95 -12.81
N VAL D 55 12.89 38.65 -11.63
CA VAL D 55 13.26 37.45 -10.88
C VAL D 55 12.34 36.32 -11.35
N VAL D 56 12.92 35.31 -12.01
CA VAL D 56 12.12 34.20 -12.52
C VAL D 56 12.72 32.84 -12.18
N GLY D 57 13.97 32.81 -11.73
CA GLY D 57 14.57 31.53 -11.39
C GLY D 57 14.90 30.66 -12.60
N PHE D 58 14.91 29.34 -12.38
CA PHE D 58 15.21 28.37 -13.42
C PHE D 58 14.31 27.14 -13.28
N PRO D 59 13.68 26.68 -14.37
CA PRO D 59 13.77 27.23 -15.71
C PRO D 59 13.00 28.55 -15.86
N ASP D 60 13.12 29.21 -17.01
CA ASP D 60 12.42 30.45 -17.25
C ASP D 60 10.96 30.18 -17.61
N LEU D 61 10.19 31.26 -17.75
CA LEU D 61 8.76 31.13 -17.99
C LEU D 61 8.49 30.57 -19.39
N PRO D 62 7.44 29.76 -19.53
CA PRO D 62 7.04 29.27 -20.86
C PRO D 62 6.42 30.38 -21.70
N ASP D 63 6.30 30.09 -22.99
CA ASP D 63 5.53 30.97 -23.85
C ASP D 63 4.06 30.90 -23.44
N PRO D 64 3.33 32.02 -23.56
CA PRO D 64 1.95 32.06 -23.05
C PRO D 64 1.02 31.10 -23.78
N LYS D 65 0.19 30.41 -22.99
CA LYS D 65 -0.97 29.66 -23.48
C LYS D 65 -2.25 30.49 -23.37
N THR D 66 -3.26 30.07 -24.14
CA THR D 66 -4.57 30.72 -24.19
C THR D 66 -5.66 29.78 -23.72
N PHE D 67 -6.58 30.28 -22.88
CA PHE D 67 -7.79 29.59 -22.47
C PHE D 67 -8.99 30.25 -23.13
N VAL D 68 -9.71 29.52 -23.97
CA VAL D 68 -10.89 30.05 -24.65
C VAL D 68 -12.13 29.77 -23.82
N LEU D 69 -12.79 30.85 -23.37
CA LEU D 69 -13.92 30.65 -22.47
C LEU D 69 -15.18 30.36 -23.29
N PRO D 70 -16.07 29.52 -22.77
CA PRO D 70 -17.31 29.22 -23.50
C PRO D 70 -18.23 30.44 -23.47
N HIS D 71 -19.28 30.35 -24.28
CA HIS D 71 -20.32 31.38 -24.34
C HIS D 71 -19.74 32.77 -24.63
N ASN D 72 -18.71 32.82 -25.47
CA ASN D 72 -18.08 34.08 -25.88
C ASN D 72 -17.58 34.85 -24.66
N GLY D 73 -17.05 34.13 -23.68
CA GLY D 73 -16.54 34.78 -22.49
C GLY D 73 -15.18 35.44 -22.60
N GLY D 74 -14.47 35.27 -23.71
CA GLY D 74 -13.18 35.92 -23.87
C GLY D 74 -12.03 34.92 -23.78
N THR D 75 -10.82 35.47 -23.75
CA THR D 75 -9.60 34.68 -23.74
C THR D 75 -8.76 35.03 -22.52
N VAL D 76 -8.28 33.99 -21.83
CA VAL D 76 -7.35 34.12 -20.72
C VAL D 76 -5.97 33.64 -21.18
N VAL D 77 -4.93 34.38 -20.80
CA VAL D 77 -3.55 34.06 -21.17
C VAL D 77 -2.77 33.76 -19.89
N ALA D 78 -1.78 32.87 -20.01
CA ALA D 78 -0.94 32.47 -18.89
C ALA D 78 0.46 32.08 -19.36
N PRO D 79 1.52 32.73 -18.84
CA PRO D 79 1.56 33.78 -17.80
C PRO D 79 1.02 35.10 -18.31
N ARG D 80 0.80 36.04 -17.41
CA ARG D 80 0.27 37.32 -17.84
C ARG D 80 0.86 38.40 -16.96
N VAL D 81 0.96 39.59 -17.54
CA VAL D 81 1.42 40.76 -16.83
C VAL D 81 0.24 41.28 -16.02
N GLU D 82 0.40 41.31 -14.71
CA GLU D 82 -0.66 41.73 -13.82
C GLU D 82 -0.24 43.02 -13.15
N ALA D 83 -1.17 43.94 -13.04
CA ALA D 83 -0.82 45.24 -12.56
C ALA D 83 -0.54 45.09 -11.07
N PRO D 84 0.50 45.73 -10.56
CA PRO D 84 0.72 45.69 -9.11
C PRO D 84 -0.51 46.22 -8.42
N VAL D 85 -0.81 45.64 -7.26
CA VAL D 85 -1.96 46.04 -6.47
C VAL D 85 -1.45 46.41 -5.09
N ALA D 86 -1.89 47.57 -4.62
CA ALA D 86 -1.46 48.09 -3.33
C ALA D 86 -1.80 47.10 -2.23
N VAL D 87 -0.93 47.07 -1.23
CA VAL D 87 -1.10 46.19 -0.08
C VAL D 87 -1.55 47.10 1.06
N ASN D 88 -2.70 46.80 1.64
CA ASN D 88 -3.25 47.68 2.68
C ASN D 88 -2.64 47.33 4.03
N ALA D 89 -1.32 47.53 4.10
CA ALA D 89 -0.55 47.15 5.28
C ALA D 89 0.78 47.88 5.28
N THR D 90 1.38 47.96 6.46
CA THR D 90 2.68 48.56 6.72
C THR D 90 3.60 47.57 7.41
N PRO D 91 4.88 47.54 7.03
CA PRO D 91 5.81 46.55 7.59
C PRO D 91 6.03 46.67 9.09
N PHE D 92 6.06 45.50 9.75
CA PHE D 92 6.32 45.43 11.19
C PHE D 92 7.74 45.87 11.50
N SER D 93 8.65 45.62 10.57
CA SER D 93 10.06 46.02 10.62
C SER D 93 10.47 46.35 9.19
N PRO D 94 11.42 47.27 9.01
CA PRO D 94 11.86 47.59 7.64
C PRO D 94 12.78 46.56 7.03
N ALA D 95 13.26 45.61 7.83
CA ALA D 95 14.17 44.58 7.38
C ALA D 95 13.48 43.63 6.40
N PRO D 96 14.19 43.15 5.37
CA PRO D 96 13.60 42.16 4.46
C PRO D 96 13.12 40.93 5.20
N GLY D 97 12.05 40.34 4.70
CA GLY D 97 11.45 39.16 5.30
C GLY D 97 10.54 39.41 6.48
N SER D 98 10.23 40.67 6.78
CA SER D 98 9.34 40.99 7.90
CA SER D 98 9.34 40.99 7.90
C SER D 98 7.88 40.92 7.45
N PRO D 99 6.99 40.49 8.33
CA PRO D 99 5.56 40.52 8.00
C PRO D 99 5.07 41.96 7.95
N LEU D 100 3.82 42.12 7.56
CA LEU D 100 3.14 43.41 7.61
C LEU D 100 1.93 43.36 8.54
N VAL D 101 1.45 44.55 8.87
CA VAL D 101 0.38 44.75 9.85
C VAL D 101 -0.77 45.44 9.13
N PRO D 102 -2.00 44.92 9.21
CA PRO D 102 -3.10 45.53 8.46
C PRO D 102 -3.37 46.96 8.94
N ASN D 103 -3.68 47.83 7.99
CA ASN D 103 -4.14 49.16 8.35
C ASN D 103 -5.56 49.11 8.89
N GLY D 104 -5.85 50.01 9.84
CA GLY D 104 -7.20 50.20 10.35
C GLY D 104 -7.71 48.98 11.12
N ASP D 105 -9.02 48.79 11.04
CA ASP D 105 -9.66 47.63 11.64
C ASP D 105 -9.32 46.43 10.76
N PRO D 106 -8.68 45.38 11.29
CA PRO D 106 -8.23 44.28 10.42
C PRO D 106 -9.32 43.62 9.61
N MET D 107 -10.51 43.41 10.19
CA MET D 107 -11.60 42.77 9.46
C MET D 107 -11.85 43.45 8.12
N LEU D 108 -11.68 44.77 8.04
CA LEU D 108 -12.06 45.53 6.86
C LEU D 108 -10.86 45.88 5.99
N SER D 109 -9.67 45.39 6.35
CA SER D 109 -8.43 45.81 5.70
C SER D 109 -8.20 45.16 4.32
N GLY D 110 -8.84 44.04 4.02
CA GLY D 110 -8.51 43.35 2.78
C GLY D 110 -7.09 42.84 2.75
N PHE D 111 -6.50 42.56 3.90
CA PHE D 111 -5.10 42.18 4.01
C PHE D 111 -4.97 40.97 4.93
N GLY D 112 -3.90 40.21 4.74
CA GLY D 112 -3.72 38.97 5.46
C GLY D 112 -4.71 37.93 5.00
N PRO D 113 -5.28 37.15 5.91
CA PRO D 113 -6.32 36.19 5.49
C PRO D 113 -7.61 36.85 5.05
N ALA D 114 -7.76 38.16 5.25
CA ALA D 114 -8.82 38.97 4.65
C ALA D 114 -8.56 39.33 3.19
N ALA D 115 -7.39 39.01 2.63
CA ALA D 115 -7.03 39.48 1.31
C ALA D 115 -7.61 38.56 0.24
N SER D 116 -7.61 39.06 -1.01
CA SER D 116 -8.02 38.27 -2.17
C SER D 116 -7.71 39.04 -3.44
N PRO D 117 -7.47 38.34 -4.55
CA PRO D 117 -7.31 39.02 -5.84
C PRO D 117 -8.62 39.59 -6.34
N ASP D 118 -8.52 40.37 -7.42
CA ASP D 118 -9.71 40.90 -8.07
C ASP D 118 -10.08 39.96 -9.20
N ARG D 119 -10.95 38.99 -8.89
CA ARG D 119 -11.48 38.06 -9.87
C ARG D 119 -12.41 38.78 -10.85
N PRO D 120 -12.82 38.12 -11.94
CA PRO D 120 -13.65 38.80 -12.91
C PRO D 120 -15.03 39.12 -12.37
N LYS D 121 -15.57 40.25 -12.81
CA LYS D 121 -16.90 40.69 -12.44
C LYS D 121 -17.94 40.02 -13.33
N HIS D 122 -17.92 38.69 -13.45
CA HIS D 122 -19.01 38.01 -14.13
C HIS D 122 -19.28 36.70 -13.43
N CYS D 123 -20.41 36.11 -13.76
N CYS D 123 -20.42 36.10 -13.74
CA CYS D 123 -20.89 34.89 -13.09
CA CYS D 123 -20.88 34.91 -13.06
C CYS D 123 -20.38 33.67 -13.81
C CYS D 123 -20.43 33.65 -13.80
N ASP D 124 -19.86 32.71 -13.04
CA ASP D 124 -19.60 31.38 -13.57
C ASP D 124 -20.87 30.82 -14.18
N LEU D 125 -20.73 30.11 -15.30
CA LEU D 125 -21.91 29.72 -16.05
C LEU D 125 -22.02 28.20 -16.12
N THR D 126 -23.26 27.73 -16.18
CA THR D 126 -23.56 26.37 -16.55
C THR D 126 -23.17 26.09 -17.99
N PHE D 127 -23.07 24.81 -18.33
CA PHE D 127 -22.79 24.42 -19.71
C PHE D 127 -23.78 25.08 -20.66
N GLU D 128 -25.05 25.14 -20.27
CA GLU D 128 -26.07 25.81 -21.07
C GLU D 128 -25.98 27.33 -20.99
N GLY D 129 -25.18 27.89 -20.09
CA GLY D 129 -24.91 29.31 -20.09
C GLY D 129 -25.65 30.13 -19.06
N LEU D 130 -26.29 29.50 -18.08
CA LEU D 130 -26.95 30.27 -17.04
C LEU D 130 -26.00 30.51 -15.89
N PRO D 131 -26.27 31.52 -15.07
CA PRO D 131 -25.48 31.69 -13.84
C PRO D 131 -25.50 30.41 -13.03
N LYS D 132 -24.30 29.94 -12.67
CA LYS D 132 -24.17 28.64 -12.04
C LYS D 132 -24.67 28.65 -10.60
N ILE D 133 -24.35 29.68 -9.84
CA ILE D 133 -24.60 29.68 -8.40
C ILE D 133 -25.69 30.70 -8.11
N VAL D 134 -26.84 30.21 -7.62
CA VAL D 134 -28.07 30.99 -7.53
C VAL D 134 -28.88 30.53 -6.32
N PRO D 135 -29.76 31.38 -5.77
CA PRO D 135 -30.59 30.93 -4.64
C PRO D 135 -31.70 29.99 -5.11
N MET D 136 -32.17 29.15 -4.18
CA MET D 136 -33.26 28.23 -4.47
C MET D 136 -34.56 28.92 -4.85
N ARG D 137 -34.73 30.19 -4.46
CA ARG D 137 -35.86 30.98 -4.94
C ARG D 137 -35.88 31.06 -6.47
N VAL D 138 -34.71 31.08 -7.09
CA VAL D 138 -34.58 31.23 -8.53
C VAL D 138 -34.59 29.87 -9.21
N ALA D 139 -33.84 28.91 -8.65
CA ALA D 139 -33.79 27.57 -9.20
C ALA D 139 -34.83 26.76 -8.45
N LYS D 140 -36.09 26.90 -8.90
CA LYS D 140 -37.23 26.30 -8.23
C LYS D 140 -37.26 24.79 -8.40
N GLU D 141 -36.47 24.25 -9.34
CA GLU D 141 -36.38 22.79 -9.48
C GLU D 141 -35.57 22.14 -8.37
N PHE D 142 -34.85 22.91 -7.56
CA PHE D 142 -34.06 22.34 -6.47
C PHE D 142 -34.91 22.09 -5.22
N SER D 143 -34.55 21.06 -4.47
CA SER D 143 -35.17 20.79 -3.19
C SER D 143 -34.11 20.28 -2.22
N ILE D 144 -34.48 20.23 -0.95
CA ILE D 144 -33.64 19.60 0.07
C ILE D 144 -33.83 18.09 0.01
N ALA D 145 -32.72 17.36 0.06
CA ALA D 145 -32.77 15.90 0.01
C ALA D 145 -33.50 15.37 1.24
N GLU D 146 -34.43 14.44 1.01
CA GLU D 146 -35.19 13.86 2.10
C GLU D 146 -34.23 13.20 3.10
N GLY D 147 -34.50 13.43 4.39
CA GLY D 147 -33.61 13.03 5.46
C GLY D 147 -32.76 14.13 6.06
N ASP D 148 -32.55 15.24 5.35
CA ASP D 148 -31.73 16.33 5.85
C ASP D 148 -32.58 17.56 6.15
N PRO D 149 -32.22 18.37 7.14
CA PRO D 149 -33.03 19.54 7.45
C PRO D 149 -32.89 20.63 6.41
N ASP D 150 -33.98 21.37 6.22
CA ASP D 150 -33.99 22.55 5.36
C ASP D 150 -33.29 23.69 6.10
N PRO D 151 -32.16 24.20 5.61
CA PRO D 151 -31.49 25.29 6.31
C PRO D 151 -32.29 26.57 6.37
N ARG D 152 -33.19 26.81 5.43
CA ARG D 152 -34.00 28.01 5.45
C ARG D 152 -34.76 28.08 6.77
N GLY D 153 -34.66 29.22 7.45
CA GLY D 153 -35.28 29.38 8.74
C GLY D 153 -34.38 29.03 9.91
N MET D 154 -33.26 28.35 9.67
CA MET D 154 -32.29 28.12 10.73
C MET D 154 -31.69 29.44 11.20
N THR D 155 -31.23 29.43 12.44
CA THR D 155 -30.63 30.58 13.06
C THR D 155 -29.11 30.55 12.92
N VAL D 156 -28.54 31.69 12.54
CA VAL D 156 -27.12 31.79 12.32
C VAL D 156 -26.53 32.41 13.59
N VAL D 157 -25.53 31.76 14.16
CA VAL D 157 -24.87 32.25 15.37
C VAL D 157 -23.42 32.52 15.04
N GLY D 158 -22.86 33.57 15.64
CA GLY D 158 -21.45 33.85 15.50
C GLY D 158 -20.57 33.06 16.45
N LEU D 159 -19.26 33.33 16.36
CA LEU D 159 -18.28 32.58 17.14
C LEU D 159 -18.55 32.67 18.64
N ASP D 160 -19.20 33.76 19.08
CA ASP D 160 -19.52 33.94 20.49
C ASP D 160 -20.96 33.55 20.81
N GLY D 161 -21.57 32.73 19.96
CA GLY D 161 -22.88 32.22 20.31
C GLY D 161 -24.01 33.21 20.20
N GLU D 162 -23.75 34.42 19.71
CA GLU D 162 -24.80 35.41 19.63
C GLU D 162 -25.53 35.26 18.31
N VAL D 163 -26.83 35.60 18.33
CA VAL D 163 -27.65 35.39 17.15
C VAL D 163 -27.25 36.42 16.11
N ALA D 164 -26.78 35.94 14.97
CA ALA D 164 -26.44 36.85 13.88
C ALA D 164 -27.60 37.09 12.94
N GLY D 165 -28.47 36.10 12.80
CA GLY D 165 -29.64 36.28 11.96
C GLY D 165 -30.31 34.96 11.68
N THR D 166 -30.99 34.91 10.56
CA THR D 166 -31.74 33.74 10.14
C THR D 166 -31.33 33.39 8.72
N VAL D 167 -31.38 32.10 8.39
CA VAL D 167 -31.10 31.70 7.03
C VAL D 167 -32.32 32.09 6.20
N SER D 168 -32.12 32.99 5.24
CA SER D 168 -33.25 33.43 4.43
C SER D 168 -33.39 32.69 3.11
N ASP D 169 -32.34 32.04 2.64
CA ASP D 169 -32.42 31.25 1.43
C ASP D 169 -31.18 30.38 1.36
N VAL D 170 -31.12 29.52 0.34
CA VAL D 170 -30.00 28.62 0.12
C VAL D 170 -29.55 28.78 -1.32
N TRP D 171 -28.25 28.99 -1.51
CA TRP D 171 -27.66 29.18 -2.83
C TRP D 171 -26.97 27.89 -3.26
N VAL D 172 -27.36 27.38 -4.44
CA VAL D 172 -26.96 26.06 -4.90
C VAL D 172 -26.12 26.19 -6.17
N ASP D 173 -25.39 25.12 -6.46
CA ASP D 173 -24.62 25.00 -7.69
C ASP D 173 -25.49 24.26 -8.68
N ARG D 174 -25.90 24.93 -9.76
CA ARG D 174 -26.77 24.28 -10.72
C ARG D 174 -26.06 23.27 -11.60
N SER D 175 -24.74 23.42 -11.78
CA SER D 175 -23.99 22.44 -12.57
C SER D 175 -23.80 21.12 -11.82
N GLU D 176 -23.43 21.18 -10.55
CA GLU D 176 -23.12 19.98 -9.77
C GLU D 176 -23.82 20.18 -8.44
N PRO D 177 -25.08 19.69 -8.31
CA PRO D 177 -25.97 20.09 -7.21
C PRO D 177 -25.45 19.93 -5.79
N GLN D 178 -25.30 21.07 -5.11
CA GLN D 178 -24.87 21.14 -3.73
C GLN D 178 -25.09 22.57 -3.23
N ILE D 179 -25.22 22.71 -1.91
CA ILE D 179 -25.28 24.05 -1.33
C ILE D 179 -23.89 24.66 -1.36
N ARG D 180 -23.78 25.86 -1.91
CA ARG D 180 -22.54 26.62 -1.87
C ARG D 180 -22.54 27.77 -0.89
N TYR D 181 -23.66 28.45 -0.73
CA TYR D 181 -23.79 29.51 0.25
C TYR D 181 -25.16 29.45 0.90
N LEU D 182 -25.20 29.86 2.16
CA LEU D 182 -26.45 30.20 2.80
C LEU D 182 -26.65 31.70 2.71
N GLU D 183 -27.90 32.12 2.53
CA GLU D 183 -28.24 33.54 2.52
C GLU D 183 -28.72 33.90 3.91
N VAL D 184 -28.09 34.91 4.51
CA VAL D 184 -28.34 35.27 5.90
C VAL D 184 -28.94 36.66 5.90
N GLU D 185 -30.15 36.80 6.45
CA GLU D 185 -30.74 38.10 6.69
C GLU D 185 -30.23 38.57 8.05
N VAL D 186 -29.35 39.57 8.05
CA VAL D 186 -28.66 39.96 9.26
C VAL D 186 -29.62 40.77 10.12
N ALA D 187 -29.78 40.35 11.38
CA ALA D 187 -30.70 41.04 12.29
C ALA D 187 -30.39 42.52 12.42
N ALA D 188 -29.10 42.87 12.49
CA ALA D 188 -28.71 44.23 12.86
C ALA D 188 -29.13 45.24 11.81
N ASN D 189 -28.96 44.92 10.53
CA ASN D 189 -29.19 45.88 9.46
C ASN D 189 -30.19 45.41 8.41
N LYS D 190 -30.78 44.22 8.58
CA LYS D 190 -31.72 43.63 7.64
C LYS D 190 -31.16 43.48 6.23
N LYS D 191 -29.84 43.49 6.07
CA LYS D 191 -29.25 43.21 4.77
C LYS D 191 -29.14 41.69 4.60
N LYS D 192 -29.13 41.25 3.35
CA LYS D 192 -28.98 39.84 3.00
C LYS D 192 -27.58 39.61 2.46
N VAL D 193 -26.81 38.78 3.16
CA VAL D 193 -25.41 38.53 2.83
C VAL D 193 -25.19 37.04 2.62
N LEU D 194 -24.21 36.72 1.77
CA LEU D 194 -23.85 35.32 1.55
C LEU D 194 -23.02 34.78 2.70
N LEU D 195 -23.19 33.48 2.96
CA LEU D 195 -22.38 32.76 3.95
C LEU D 195 -21.89 31.48 3.28
N PRO D 196 -20.58 31.34 3.07
CA PRO D 196 -20.09 30.13 2.39
C PRO D 196 -20.33 28.87 3.21
N ILE D 197 -20.70 27.80 2.52
CA ILE D 197 -20.90 26.51 3.17
C ILE D 197 -19.62 26.05 3.85
N GLY D 198 -18.46 26.43 3.33
CA GLY D 198 -17.20 26.08 3.94
C GLY D 198 -17.01 26.62 5.34
N PHE D 199 -17.78 27.65 5.72
CA PHE D 199 -17.70 28.24 7.06
C PHE D 199 -18.91 27.90 7.94
N SER D 200 -19.68 26.87 7.60
CA SER D 200 -20.95 26.62 8.26
C SER D 200 -20.96 25.20 8.83
N ARG D 201 -21.23 25.08 10.13
CA ARG D 201 -21.53 23.79 10.73
C ARG D 201 -23.01 23.77 11.09
N PHE D 202 -23.69 22.71 10.71
CA PHE D 202 -25.09 22.54 11.09
C PHE D 202 -25.20 21.83 12.43
N ASP D 203 -25.98 22.40 13.34
CA ASP D 203 -26.44 21.73 14.55
C ASP D 203 -27.91 21.37 14.28
N LYS D 204 -28.11 20.17 13.74
CA LYS D 204 -29.36 19.83 13.10
C LYS D 204 -30.48 19.81 14.14
N LYS D 205 -30.25 19.18 15.29
CA LYS D 205 -31.28 19.09 16.31
C LYS D 205 -31.68 20.47 16.83
N ALA D 206 -30.74 21.41 16.89
CA ALA D 206 -31.12 22.76 17.30
C ALA D 206 -31.62 23.63 16.16
N ARG D 207 -31.50 23.17 14.92
CA ARG D 207 -31.76 23.99 13.72
C ARG D 207 -31.01 25.31 13.85
N LYS D 208 -29.71 25.19 14.08
CA LYS D 208 -28.82 26.34 14.18
C LYS D 208 -27.64 26.10 13.26
N VAL D 209 -27.22 27.15 12.57
CA VAL D 209 -25.97 27.13 11.81
C VAL D 209 -24.93 27.89 12.64
N LYS D 210 -23.83 27.23 12.96
CA LYS D 210 -22.77 27.85 13.74
C LYS D 210 -21.63 28.28 12.82
N VAL D 211 -21.18 29.51 13.00
CA VAL D 211 -20.09 30.09 12.22
C VAL D 211 -19.01 30.49 13.21
N ASP D 212 -17.94 29.73 13.25
CA ASP D 212 -16.82 30.00 14.14
C ASP D 212 -15.96 31.16 13.65
N ALA D 213 -16.05 31.49 12.36
CA ALA D 213 -15.12 32.45 11.75
C ALA D 213 -15.28 33.85 12.31
N ILE D 214 -16.51 34.33 12.55
CA ILE D 214 -16.70 35.72 12.95
C ILE D 214 -17.70 35.79 14.10
N LYS D 215 -17.72 36.94 14.75
CA LYS D 215 -18.72 37.27 15.75
C LYS D 215 -20.03 37.67 15.07
N ALA D 216 -21.12 37.58 15.84
CA ALA D 216 -22.43 38.02 15.36
C ALA D 216 -22.40 39.45 14.81
N ALA D 217 -21.70 40.35 15.51
CA ALA D 217 -21.66 41.75 15.07
C ALA D 217 -20.86 41.96 13.80
N HIS D 218 -19.95 41.03 13.48
CA HIS D 218 -19.20 41.09 12.23
C HIS D 218 -20.04 40.81 10.98
N PHE D 219 -21.22 40.20 11.11
CA PHE D 219 -22.06 39.93 9.94
C PHE D 219 -22.54 41.18 9.22
N ALA D 220 -22.57 42.32 9.90
CA ALA D 220 -23.02 43.57 9.29
C ALA D 220 -22.15 43.98 8.11
N ASN D 221 -20.88 43.53 8.07
CA ASN D 221 -19.93 43.97 7.07
C ASN D 221 -19.56 42.89 6.06
N VAL D 222 -20.34 41.82 5.97
CA VAL D 222 -20.10 40.87 4.88
C VAL D 222 -20.28 41.59 3.56
N PRO D 223 -19.35 41.48 2.61
CA PRO D 223 -19.52 42.21 1.34
C PRO D 223 -20.84 41.86 0.69
N THR D 224 -21.42 42.85 0.02
CA THR D 224 -22.81 42.78 -0.41
C THR D 224 -22.82 42.49 -1.89
N LEU D 225 -23.93 41.93 -2.36
CA LEU D 225 -24.03 41.58 -3.77
C LEU D 225 -24.62 42.73 -4.55
N SER D 226 -24.00 43.04 -5.68
CA SER D 226 -24.54 44.04 -6.58
C SER D 226 -25.89 43.57 -7.10
N ASN D 227 -26.02 42.29 -7.44
CA ASN D 227 -27.27 41.75 -7.94
C ASN D 227 -27.72 40.62 -7.00
N PRO D 228 -28.91 40.71 -6.41
CA PRO D 228 -29.33 39.72 -5.40
C PRO D 228 -29.63 38.32 -5.93
N ASP D 229 -29.70 38.11 -7.25
CA ASP D 229 -30.12 36.84 -7.82
C ASP D 229 -29.01 36.07 -8.50
N GLN D 230 -27.78 36.56 -8.43
CA GLN D 230 -26.63 35.89 -9.02
C GLN D 230 -25.42 36.39 -8.27
N VAL D 231 -24.28 35.74 -8.50
CA VAL D 231 -23.05 36.13 -7.82
C VAL D 231 -21.91 36.05 -8.81
N THR D 232 -21.11 37.11 -8.86
CA THR D 232 -19.95 37.13 -9.74
C THR D 232 -18.77 36.47 -9.05
N LEU D 233 -17.81 36.03 -9.87
CA LEU D 233 -16.57 35.50 -9.33
C LEU D 233 -15.94 36.51 -8.38
N TYR D 234 -15.83 37.77 -8.84
CA TYR D 234 -15.31 38.84 -7.99
C TYR D 234 -16.00 38.84 -6.62
N GLU D 235 -17.33 38.81 -6.60
CA GLU D 235 -18.02 38.86 -5.31
C GLU D 235 -17.82 37.58 -4.50
N GLU D 236 -17.73 36.42 -5.16
CA GLU D 236 -17.49 35.18 -4.44
C GLU D 236 -16.22 35.27 -3.59
N ASP D 237 -15.11 35.72 -4.19
CA ASP D 237 -13.85 35.80 -3.45
C ASP D 237 -13.91 36.85 -2.33
N LYS D 238 -14.50 38.02 -2.59
CA LYS D 238 -14.60 39.03 -1.54
C LYS D 238 -15.41 38.53 -0.37
N VAL D 239 -16.45 37.75 -0.63
CA VAL D 239 -17.27 37.22 0.46
C VAL D 239 -16.47 36.23 1.28
N CYS D 240 -15.89 35.22 0.61
CA CYS D 240 -15.16 34.18 1.32
C CYS D 240 -13.98 34.75 2.10
N ALA D 241 -13.24 35.69 1.50
CA ALA D 241 -12.09 36.27 2.18
C ALA D 241 -12.48 37.03 3.44
N TYR D 242 -13.66 37.65 3.46
CA TYR D 242 -14.04 38.42 4.65
C TYR D 242 -14.27 37.51 5.84
N TYR D 243 -14.96 36.39 5.64
CA TYR D 243 -15.11 35.40 6.70
C TYR D 243 -13.74 34.87 7.12
N ALA D 244 -12.87 34.58 6.16
CA ALA D 244 -11.57 34.00 6.48
C ALA D 244 -10.71 34.95 7.31
N GLY D 245 -10.86 36.25 7.10
CA GLY D 245 -10.13 37.21 7.93
C GLY D 245 -10.43 37.05 9.41
N GLY D 246 -11.65 36.66 9.74
CA GLY D 246 -12.01 36.41 11.13
C GLY D 246 -11.21 35.32 11.81
N LYS D 247 -10.82 34.29 11.04
CA LYS D 247 -10.01 33.21 11.60
C LYS D 247 -8.78 33.75 12.34
N LEU D 248 -8.16 34.80 11.81
CA LEU D 248 -7.03 35.43 12.48
C LEU D 248 -7.40 36.70 13.23
N TYR D 249 -8.43 37.42 12.78
CA TYR D 249 -8.70 38.77 13.27
C TYR D 249 -9.88 38.87 14.24
N ALA D 250 -10.75 37.86 14.33
CA ALA D 250 -12.05 38.10 14.94
C ALA D 250 -11.96 38.23 16.45
N THR D 251 -10.95 37.65 17.08
CA THR D 251 -10.68 37.84 18.50
C THR D 251 -9.19 38.03 18.74
N ALA D 252 -8.86 38.55 19.92
CA ALA D 252 -7.47 38.83 20.27
C ALA D 252 -6.65 37.56 20.40
N GLU D 253 -7.15 36.57 21.14
CA GLU D 253 -6.46 35.29 21.30
C GLU D 253 -5.99 34.68 19.97
N ARG D 254 -6.71 34.96 18.88
CA ARG D 254 -6.41 34.34 17.60
C ARG D 254 -5.08 34.81 16.99
N ALA D 255 -4.54 35.94 17.45
CA ALA D 255 -3.22 36.37 16.97
C ALA D 255 -2.12 35.40 17.37
N GLY D 256 -2.30 34.65 18.45
CA GLY D 256 -1.22 33.88 19.02
C GLY D 256 -0.18 34.74 19.71
N PRO D 257 0.90 34.11 20.20
CA PRO D 257 1.15 32.66 20.24
C PRO D 257 0.53 31.94 21.42
N LEU D 258 0.72 30.63 21.44
CA LEU D 258 0.38 29.83 22.60
C LEU D 258 1.38 30.04 23.74
N LEU D 259 2.66 30.16 23.46
CA LEU D 259 3.57 30.27 24.60
C LEU D 259 4.81 31.09 24.28
N ALA E 6 40.38 45.44 -14.75
CA ALA E 6 40.52 46.79 -14.24
C ALA E 6 39.17 47.36 -13.83
N ASN E 7 38.15 47.15 -14.67
CA ASN E 7 36.78 47.48 -14.31
C ASN E 7 36.05 46.32 -13.65
N LEU E 8 36.78 45.46 -12.94
CA LEU E 8 36.18 44.26 -12.35
C LEU E 8 35.23 44.63 -11.22
N TYR E 9 35.37 45.84 -10.66
CA TYR E 9 34.47 46.32 -9.62
C TYR E 9 33.03 46.41 -10.12
N LYS E 10 32.84 46.59 -11.43
CA LYS E 10 31.53 46.71 -12.05
C LYS E 10 30.73 45.41 -11.97
N ILE E 11 31.32 44.34 -11.44
CA ILE E 11 30.58 43.10 -11.20
C ILE E 11 29.41 43.34 -10.25
N TRP E 12 29.55 44.32 -9.35
CA TRP E 12 28.50 44.68 -8.41
C TRP E 12 27.43 45.56 -9.02
N LEU E 13 27.56 45.93 -10.30
CA LEU E 13 26.46 46.47 -11.08
C LEU E 13 25.60 45.40 -11.75
N ILE E 14 26.02 44.14 -11.69
CA ILE E 14 25.33 43.03 -12.35
C ILE E 14 24.82 42.07 -11.29
N LEU E 15 25.74 41.55 -10.46
CA LEU E 15 25.38 40.62 -9.41
C LEU E 15 25.16 41.37 -8.10
N ASP E 16 24.04 41.08 -7.44
CA ASP E 16 23.60 41.73 -6.22
C ASP E 16 24.60 41.48 -5.10
N PRO E 17 25.20 42.52 -4.51
CA PRO E 17 26.26 42.28 -3.50
C PRO E 17 25.75 41.48 -2.31
N ARG E 18 24.50 41.70 -1.90
CA ARG E 18 23.95 40.98 -0.76
C ARG E 18 23.82 39.50 -1.09
N ARG E 19 23.27 39.20 -2.26
CA ARG E 19 23.04 37.83 -2.67
C ARG E 19 24.34 37.06 -2.85
N VAL E 20 25.39 37.73 -3.37
CA VAL E 20 26.70 37.10 -3.46
C VAL E 20 27.27 36.76 -2.09
N LEU E 21 27.17 37.70 -1.14
CA LEU E 21 27.68 37.47 0.20
C LEU E 21 27.02 36.28 0.89
N VAL E 22 25.69 36.27 0.95
CA VAL E 22 25.01 35.17 1.64
C VAL E 22 25.32 33.84 0.96
N SER E 23 25.43 33.84 -0.37
CA SER E 23 25.79 32.61 -1.07
C SER E 23 27.19 32.13 -0.70
N ILE E 24 28.15 33.05 -0.61
CA ILE E 24 29.51 32.64 -0.28
C ILE E 24 29.57 32.06 1.12
N VAL E 25 28.89 32.70 2.07
CA VAL E 25 28.90 32.23 3.45
C VAL E 25 28.30 30.83 3.54
N ALA E 26 27.13 30.63 2.92
CA ALA E 26 26.49 29.32 2.97
C ALA E 26 27.35 28.27 2.28
N PHE E 27 27.89 28.59 1.10
CA PHE E 27 28.71 27.64 0.37
C PHE E 27 29.96 27.26 1.17
N GLN E 28 30.65 28.27 1.71
CA GLN E 28 31.91 28.01 2.41
C GLN E 28 31.70 27.17 3.66
N ILE E 29 30.63 27.42 4.42
CA ILE E 29 30.38 26.60 5.61
C ILE E 29 30.10 25.16 5.22
N VAL E 30 29.34 24.95 4.14
CA VAL E 30 29.03 23.60 3.70
C VAL E 30 30.28 22.91 3.18
N LEU E 31 31.04 23.60 2.31
CA LEU E 31 32.28 23.04 1.80
C LEU E 31 33.26 22.75 2.93
N GLY E 32 33.38 23.68 3.89
CA GLY E 32 34.26 23.46 5.02
C GLY E 32 33.90 22.24 5.85
N LEU E 33 32.60 22.04 6.12
CA LEU E 33 32.16 20.84 6.82
C LEU E 33 32.43 19.58 6.01
N LEU E 34 32.20 19.66 4.70
CA LEU E 34 32.39 18.50 3.82
C LEU E 34 33.85 18.05 3.82
N ILE E 35 34.77 19.00 3.72
CA ILE E 35 36.18 18.65 3.60
C ILE E 35 36.70 18.00 4.89
N HIS E 36 36.31 18.54 6.04
CA HIS E 36 36.68 17.91 7.30
C HIS E 36 36.22 16.46 7.35
N MET E 37 34.96 16.21 6.98
CA MET E 37 34.44 14.83 7.00
C MET E 37 35.17 13.95 6.01
N ILE E 38 35.42 14.44 4.79
CA ILE E 38 36.12 13.64 3.79
C ILE E 38 37.51 13.27 4.31
N VAL E 39 38.26 14.25 4.81
CA VAL E 39 39.58 13.98 5.36
C VAL E 39 39.50 13.01 6.54
N LEU E 40 38.46 13.15 7.36
CA LEU E 40 38.29 12.26 8.50
C LEU E 40 37.98 10.83 8.10
N SER E 41 37.41 10.60 6.92
CA SER E 41 37.16 9.24 6.48
C SER E 41 38.44 8.51 6.08
N THR E 42 39.57 9.20 6.03
CA THR E 42 40.78 8.70 5.39
C THR E 42 41.91 8.51 6.42
N ASP E 43 43.05 8.03 5.90
CA ASP E 43 44.27 7.89 6.68
C ASP E 43 44.72 9.19 7.32
N LEU E 44 44.31 10.34 6.77
CA LEU E 44 44.72 11.64 7.31
C LEU E 44 44.01 11.98 8.61
N ASN E 45 43.00 11.20 9.00
CA ASN E 45 42.21 11.41 10.21
C ASN E 45 43.09 11.70 11.43
N TRP E 46 42.83 12.84 12.08
CA TRP E 46 43.64 13.32 13.19
C TRP E 46 42.97 13.11 14.54
N LEU E 47 41.76 12.54 14.54
CA LEU E 47 40.98 12.31 15.75
C LEU E 47 41.14 10.88 16.26
N ASP E 48 41.29 9.92 15.34
CA ASP E 48 41.32 8.49 15.61
C ASP E 48 42.68 7.89 15.25
N ASP E 49 43.73 8.69 15.30
CA ASP E 49 45.05 8.23 14.91
C ASP E 49 45.92 7.80 16.08
N ASN E 50 45.41 7.86 17.31
CA ASN E 50 46.18 7.50 18.50
C ASN E 50 47.46 8.33 18.55
N ILE E 51 47.37 9.55 18.04
CA ILE E 51 48.43 10.54 18.11
C ILE E 51 47.89 11.72 18.91
N PRO E 52 48.61 12.21 19.94
CA PRO E 52 49.95 11.74 20.29
C PRO E 52 49.96 10.39 20.99
N VAL E 53 48.86 10.04 21.63
CA VAL E 53 48.68 8.72 22.26
C VAL E 53 47.21 8.33 22.11
N SER E 54 46.90 7.09 22.45
CA SER E 54 45.52 6.64 22.58
C SER E 54 45.12 6.77 24.05
N TYR E 55 44.09 7.56 24.33
CA TYR E 55 43.66 7.81 25.69
C TYR E 55 42.78 6.70 26.27
N GLN E 56 42.13 5.90 25.43
CA GLN E 56 41.38 4.73 25.92
C GLN E 56 42.26 3.58 26.39
N ALA E 57 43.50 3.46 25.89
CA ALA E 57 44.43 2.44 26.38
C ALA E 57 45.02 2.78 27.74
N LEU E 58 44.76 3.97 28.27
CA LEU E 58 45.19 4.31 29.62
C LEU E 58 44.28 3.70 30.69
N GLY E 59 42.97 3.67 30.46
CA GLY E 59 42.06 3.08 31.42
C GLY E 59 41.96 1.58 31.28
N SER F 6 21.90 50.98 -13.38
CA SER F 6 22.57 49.68 -13.32
C SER F 6 21.58 48.57 -12.96
N LEU F 7 22.03 47.32 -13.08
CA LEU F 7 21.17 46.18 -12.83
C LEU F 7 21.03 45.84 -11.36
N THR F 8 21.96 46.30 -10.51
CA THR F 8 21.88 46.03 -9.08
C THR F 8 21.31 47.21 -8.29
N GLY F 9 21.04 48.32 -8.96
CA GLY F 9 20.70 49.56 -8.28
C GLY F 9 21.89 50.30 -7.70
N LEU F 10 23.05 49.66 -7.59
CA LEU F 10 24.21 50.37 -7.08
C LEU F 10 24.73 51.34 -8.12
N THR F 11 25.13 52.52 -7.66
CA THR F 11 25.81 53.46 -8.54
C THR F 11 27.22 52.97 -8.84
N ASP F 12 27.88 53.65 -9.77
CA ASP F 12 29.25 53.32 -10.12
C ASP F 12 30.16 53.50 -8.90
N ASP F 13 29.96 54.59 -8.15
CA ASP F 13 30.77 54.81 -6.95
C ASP F 13 30.44 53.83 -5.83
N GLU F 14 29.20 53.37 -5.75
CA GLU F 14 28.84 52.38 -4.72
C GLU F 14 29.45 51.01 -5.01
N ALA F 15 29.56 50.64 -6.28
CA ALA F 15 30.19 49.37 -6.63
C ALA F 15 31.70 49.40 -6.38
N LYS F 16 32.34 50.55 -6.55
CA LYS F 16 33.76 50.63 -6.22
C LYS F 16 33.96 50.49 -4.71
N GLU F 17 33.04 51.04 -3.92
CA GLU F 17 33.19 50.96 -2.46
C GLU F 17 32.96 49.55 -1.97
N PHE F 18 31.87 48.91 -2.41
CA PHE F 18 31.63 47.53 -1.99
C PHE F 18 32.76 46.63 -2.47
N HIS F 19 33.32 46.92 -3.66
CA HIS F 19 34.37 46.08 -4.21
C HIS F 19 35.63 46.17 -3.36
N ALA F 20 35.95 47.38 -2.88
CA ALA F 20 37.13 47.55 -2.06
C ALA F 20 37.01 46.79 -0.74
N ILE F 21 35.82 46.83 -0.12
CA ILE F 21 35.61 46.09 1.11
C ILE F 21 35.53 44.60 0.84
N PHE F 22 34.87 44.22 -0.26
CA PHE F 22 34.78 42.81 -0.62
C PHE F 22 36.17 42.23 -0.86
N MET F 23 36.95 42.89 -1.72
CA MET F 23 38.28 42.36 -2.04
C MET F 23 39.17 42.34 -0.81
N GLN F 24 39.09 43.38 0.03
CA GLN F 24 39.88 43.40 1.26
C GLN F 24 39.50 42.24 2.17
N SER F 25 38.20 42.02 2.34
CA SER F 25 37.77 40.93 3.21
C SER F 25 38.11 39.57 2.62
N MET F 26 37.98 39.40 1.30
CA MET F 26 38.30 38.12 0.69
C MET F 26 39.79 37.81 0.78
N TYR F 27 40.66 38.78 0.50
CA TYR F 27 42.09 38.53 0.61
C TYR F 27 42.46 38.14 2.04
N ALA F 28 41.86 38.83 3.03
CA ALA F 28 42.10 38.47 4.42
C ALA F 28 41.66 37.03 4.69
N TRP F 29 40.49 36.63 4.19
CA TRP F 29 40.01 35.28 4.40
C TRP F 29 40.94 34.26 3.74
N PHE F 30 41.41 34.55 2.52
CA PHE F 30 42.35 33.65 1.85
C PHE F 30 43.67 33.57 2.60
N GLY F 31 44.12 34.69 3.19
CA GLY F 31 45.31 34.65 4.03
C GLY F 31 45.18 33.69 5.20
N LEU F 32 44.00 33.70 5.85
CA LEU F 32 43.74 32.71 6.89
C LEU F 32 43.78 31.30 6.34
N VAL F 33 43.29 31.12 5.11
CA VAL F 33 43.25 29.78 4.51
C VAL F 33 44.67 29.28 4.27
N VAL F 34 45.54 30.14 3.75
CA VAL F 34 46.92 29.74 3.47
C VAL F 34 47.65 29.41 4.77
N ILE F 35 47.42 30.21 5.83
CA ILE F 35 48.05 29.93 7.11
C ILE F 35 47.62 28.57 7.63
N ALA F 36 46.32 28.27 7.53
CA ALA F 36 45.81 26.97 7.97
C ALA F 36 46.40 25.81 7.16
N HIS F 37 46.51 25.95 5.83
CA HIS F 37 47.09 24.86 5.05
C HIS F 37 48.58 24.72 5.25
N LEU F 38 49.27 25.80 5.64
CA LEU F 38 50.68 25.68 6.00
C LEU F 38 50.84 24.93 7.31
N LEU F 39 50.07 25.30 8.34
CA LEU F 39 50.13 24.57 9.60
C LEU F 39 49.77 23.12 9.40
N ALA F 40 48.76 22.85 8.55
CA ALA F 40 48.36 21.47 8.32
C ALA F 40 49.42 20.73 7.52
N TRP F 41 50.08 21.42 6.58
CA TRP F 41 51.18 20.81 5.85
C TRP F 41 52.37 20.53 6.75
N LEU F 42 52.67 21.44 7.69
CA LEU F 42 53.78 21.21 8.60
C LEU F 42 53.48 20.09 9.58
N TYR F 43 52.23 19.96 10.00
CA TYR F 43 51.88 18.93 10.97
C TYR F 43 51.63 17.57 10.33
N ARG F 44 51.09 17.55 9.13
CA ARG F 44 50.68 16.27 8.56
C ARG F 44 50.64 16.42 7.04
N PRO F 45 51.80 16.45 6.38
CA PRO F 45 51.79 16.56 4.91
C PRO F 45 51.04 15.39 4.28
N TRP F 46 50.25 15.71 3.26
CA TRP F 46 49.33 14.75 2.66
C TRP F 46 49.65 14.43 1.21
N LEU F 47 50.69 15.05 0.64
CA LEU F 47 51.12 14.75 -0.73
C LEU F 47 52.60 14.40 -0.79
N ASN G 5 34.94 35.48 -34.52
CA ASN G 5 34.22 36.49 -35.29
C ASN G 5 34.32 37.86 -34.61
N ALA G 6 34.13 38.91 -35.39
CA ALA G 6 34.22 40.28 -34.88
C ALA G 6 32.98 40.68 -34.10
N ASN G 7 31.79 40.30 -34.57
CA ASN G 7 30.52 40.60 -33.93
C ASN G 7 30.12 39.61 -32.84
N LEU G 8 31.06 38.84 -32.30
CA LEU G 8 30.72 37.87 -31.25
C LEU G 8 30.22 38.54 -29.97
N TYR G 9 30.52 39.82 -29.75
CA TYR G 9 30.04 40.53 -28.57
C TYR G 9 28.50 40.58 -28.52
N LYS G 10 27.83 40.56 -29.67
CA LYS G 10 26.38 40.66 -29.75
C LYS G 10 25.65 39.49 -29.13
N ILE G 11 26.38 38.49 -28.62
CA ILE G 11 25.74 37.39 -27.92
C ILE G 11 25.08 37.86 -26.63
N TRP G 12 25.57 38.93 -26.02
CA TRP G 12 24.98 39.48 -24.81
C TRP G 12 23.77 40.36 -25.07
N LEU G 13 23.41 40.55 -26.33
CA LEU G 13 22.07 41.03 -26.68
C LEU G 13 21.08 39.89 -26.80
N ILE G 14 21.58 38.66 -26.84
CA ILE G 14 20.75 37.47 -27.00
C ILE G 14 20.60 36.73 -25.68
N LEU G 15 21.69 36.56 -24.96
CA LEU G 15 21.72 35.84 -23.69
C LEU G 15 21.99 36.80 -22.54
N ASP G 16 21.23 36.64 -21.47
CA ASP G 16 21.30 37.58 -20.36
C ASP G 16 22.66 37.44 -19.68
N PRO G 17 23.48 38.48 -19.67
CA PRO G 17 24.81 38.33 -19.08
C PRO G 17 24.75 37.94 -17.62
N ARG G 18 23.77 38.46 -16.91
CA ARG G 18 23.67 38.19 -15.50
C ARG G 18 23.42 36.69 -15.28
N ARG G 19 22.46 36.14 -16.03
CA ARG G 19 22.10 34.73 -15.93
C ARG G 19 23.22 33.80 -16.39
N VAL G 20 23.94 34.18 -17.44
CA VAL G 20 25.04 33.33 -17.93
C VAL G 20 26.11 33.19 -16.86
N LEU G 21 26.50 34.31 -16.24
CA LEU G 21 27.48 34.29 -15.16
C LEU G 21 27.06 33.34 -14.05
N VAL G 22 25.83 33.50 -13.55
CA VAL G 22 25.36 32.68 -12.45
C VAL G 22 25.34 31.21 -12.84
N SER G 23 25.01 30.93 -14.11
CA SER G 23 24.99 29.55 -14.57
C SER G 23 26.40 28.97 -14.62
N ILE G 24 27.38 29.78 -15.03
CA ILE G 24 28.76 29.30 -15.09
C ILE G 24 29.28 28.97 -13.69
N VAL G 25 29.02 29.87 -12.73
CA VAL G 25 29.50 29.64 -11.37
C VAL G 25 28.90 28.36 -10.80
N ALA G 26 27.58 28.20 -10.94
CA ALA G 26 26.93 27.01 -10.39
C ALA G 26 27.40 25.75 -11.08
N PHE G 27 27.50 25.76 -12.42
CA PHE G 27 27.95 24.59 -13.14
C PHE G 27 29.38 24.21 -12.76
N GLN G 28 30.26 25.21 -12.71
CA GLN G 28 31.67 24.93 -12.44
C GLN G 28 31.88 24.35 -11.04
N ILE G 29 31.19 24.90 -10.02
CA ILE G 29 31.34 24.39 -8.67
C ILE G 29 30.87 22.94 -8.58
N VAL G 30 29.74 22.62 -9.21
CA VAL G 30 29.25 21.25 -9.19
C VAL G 30 30.17 20.34 -10.00
N LEU G 31 30.65 20.82 -11.15
CA LEU G 31 31.58 20.04 -11.95
C LEU G 31 32.88 19.77 -11.19
N GLY G 32 33.38 20.78 -10.48
CA GLY G 32 34.60 20.60 -9.71
C GLY G 32 34.45 19.58 -8.60
N LEU G 33 33.31 19.61 -7.90
CA LEU G 33 33.06 18.62 -6.87
C LEU G 33 32.91 17.23 -7.48
N LEU G 34 32.22 17.14 -8.62
CA LEU G 34 32.04 15.86 -9.30
C LEU G 34 33.36 15.26 -9.72
N ILE G 35 34.25 16.09 -10.29
CA ILE G 35 35.51 15.56 -10.84
C ILE G 35 36.40 15.07 -9.70
N HIS G 36 36.47 15.84 -8.60
CA HIS G 36 37.23 15.37 -7.43
C HIS G 36 36.72 14.03 -6.95
N MET G 37 35.39 13.88 -6.81
CA MET G 37 34.84 12.63 -6.30
C MET G 37 35.13 11.48 -7.24
N ILE G 38 35.05 11.72 -8.55
CA ILE G 38 35.38 10.67 -9.51
C ILE G 38 36.83 10.25 -9.35
N VAL G 39 37.74 11.23 -9.33
CA VAL G 39 39.17 10.92 -9.21
C VAL G 39 39.45 10.22 -7.89
N LEU G 40 38.82 10.68 -6.81
CA LEU G 40 38.98 10.01 -5.51
C LEU G 40 38.43 8.60 -5.51
N SER G 41 37.49 8.29 -6.41
CA SER G 41 36.96 6.94 -6.54
CA SER G 41 36.97 6.94 -6.52
C SER G 41 37.88 6.03 -7.33
N THR G 42 38.98 6.55 -7.87
CA THR G 42 39.85 5.78 -8.74
C THR G 42 41.19 5.49 -8.08
N ASP G 43 42.06 4.85 -8.85
CA ASP G 43 43.44 4.60 -8.46
C ASP G 43 44.18 5.89 -8.16
N LEU G 44 43.73 7.00 -8.75
CA LEU G 44 44.40 8.29 -8.64
C LEU G 44 44.17 8.96 -7.29
N ASN G 45 43.38 8.34 -6.41
CA ASN G 45 43.05 8.89 -5.10
C ASN G 45 44.32 9.31 -4.37
N TRP G 46 44.39 10.59 -4.01
CA TRP G 46 45.59 11.17 -3.40
C TRP G 46 45.48 11.31 -1.88
N LEU G 47 44.35 10.94 -1.29
CA LEU G 47 44.06 11.06 0.14
C LEU G 47 44.32 9.79 0.92
N ASP G 48 44.04 8.62 0.31
CA ASP G 48 44.19 7.29 0.90
C ASP G 48 45.34 6.53 0.25
N ASP G 49 46.32 7.23 -0.27
CA ASP G 49 47.42 6.53 -0.89
C ASP G 49 48.58 6.30 0.07
N ASN G 50 48.41 6.60 1.37
CA ASN G 50 49.48 6.46 2.35
C ASN G 50 50.78 7.08 1.85
N ILE G 51 50.64 8.21 1.15
CA ILE G 51 51.77 8.99 0.66
C ILE G 51 51.66 10.38 1.26
N PRO G 52 52.74 10.93 1.85
CA PRO G 52 54.08 10.31 1.92
C PRO G 52 54.21 9.16 2.91
N VAL G 53 53.26 9.02 3.84
CA VAL G 53 53.31 7.96 4.84
C VAL G 53 51.88 7.67 5.28
N SER G 54 51.69 6.51 5.91
CA SER G 54 50.43 6.21 6.56
C SER G 54 50.50 6.78 7.97
N TYR G 55 49.62 7.73 8.26
CA TYR G 55 49.62 8.36 9.58
C TYR G 55 48.96 7.48 10.61
N GLN G 56 48.02 6.62 10.20
CA GLN G 56 47.45 5.70 11.18
C GLN G 56 48.45 4.64 11.61
N ALA G 57 49.45 4.32 10.77
CA ALA G 57 50.47 3.38 11.21
C ALA G 57 51.39 4.00 12.25
N LEU G 58 51.55 5.32 12.24
CA LEU G 58 52.36 6.07 13.19
C LEU G 58 51.81 6.05 14.61
N GLY G 59 50.61 5.51 14.83
CA GLY G 59 49.98 5.58 16.14
C GLY G 59 49.84 4.23 16.83
N LEU H 10 20.30 45.47 -22.75
CA LEU H 10 21.60 46.13 -22.73
C LEU H 10 21.91 46.77 -24.07
N THR H 11 22.55 47.94 -24.04
CA THR H 11 22.81 48.64 -25.29
C THR H 11 23.95 47.93 -26.02
N ASP H 12 24.27 48.44 -27.21
CA ASP H 12 25.35 47.82 -27.98
C ASP H 12 26.70 48.07 -27.33
N ASP H 13 26.96 49.32 -26.90
CA ASP H 13 28.21 49.62 -26.23
C ASP H 13 28.33 48.93 -24.89
N GLU H 14 27.21 48.71 -24.21
CA GLU H 14 27.24 47.96 -22.96
C GLU H 14 27.56 46.48 -23.18
N ALA H 15 27.11 45.91 -24.30
CA ALA H 15 27.44 44.52 -24.62
C ALA H 15 28.92 44.33 -24.97
N LYS H 16 29.53 45.28 -25.70
CA LYS H 16 30.96 45.18 -25.97
C LYS H 16 31.77 45.26 -24.69
N GLU H 17 31.38 46.15 -23.77
CA GLU H 17 32.12 46.28 -22.53
C GLU H 17 32.01 45.01 -21.69
N PHE H 18 30.81 44.44 -21.59
CA PHE H 18 30.69 43.19 -20.86
C PHE H 18 31.52 42.10 -21.54
N HIS H 19 31.47 42.04 -22.87
CA HIS H 19 32.15 40.97 -23.59
C HIS H 19 33.66 41.05 -23.39
N ALA H 20 34.21 42.26 -23.42
CA ALA H 20 35.65 42.42 -23.23
C ALA H 20 36.05 41.95 -21.83
N ILE H 21 35.27 42.32 -20.81
CA ILE H 21 35.61 41.93 -19.45
C ILE H 21 35.33 40.44 -19.22
N PHE H 22 34.30 39.90 -19.88
CA PHE H 22 33.98 38.49 -19.73
C PHE H 22 35.09 37.61 -20.34
N MET H 23 35.62 38.00 -21.49
CA MET H 23 36.62 37.19 -22.15
C MET H 23 37.95 37.18 -21.39
N GLN H 24 38.40 38.34 -20.91
CA GLN H 24 39.63 38.36 -20.12
C GLN H 24 39.48 37.55 -18.85
N SER H 25 38.29 37.61 -18.23
CA SER H 25 38.05 36.86 -17.00
C SER H 25 38.03 35.36 -17.29
N MET H 26 37.46 34.96 -18.43
CA MET H 26 37.37 33.55 -18.73
C MET H 26 38.75 32.99 -19.04
N TYR H 27 39.54 33.72 -19.83
CA TYR H 27 40.89 33.27 -20.15
C TYR H 27 41.74 33.22 -18.89
N ALA H 28 41.58 34.19 -18.00
CA ALA H 28 42.25 34.15 -16.69
C ALA H 28 41.85 32.90 -15.90
N TRP H 29 40.55 32.60 -15.84
CA TRP H 29 40.09 31.38 -15.19
C TRP H 29 40.70 30.15 -15.85
N PHE H 30 40.69 30.13 -17.18
CA PHE H 30 41.31 29.02 -17.90
C PHE H 30 42.81 28.96 -17.60
N GLY H 31 43.45 30.11 -17.37
CA GLY H 31 44.85 30.09 -17.01
C GLY H 31 45.11 29.38 -15.69
N LEU H 32 44.28 29.63 -14.68
CA LEU H 32 44.40 28.89 -13.42
C LEU H 32 44.13 27.40 -13.65
N VAL H 33 43.16 27.09 -14.51
CA VAL H 33 42.85 25.69 -14.78
C VAL H 33 44.06 24.98 -15.39
N VAL H 34 44.75 25.65 -16.31
CA VAL H 34 45.93 25.07 -16.95
C VAL H 34 47.05 24.88 -15.94
N ILE H 35 47.26 25.86 -15.06
CA ILE H 35 48.30 25.76 -14.04
C ILE H 35 48.03 24.60 -13.09
N ALA H 36 46.77 24.44 -12.68
CA ALA H 36 46.41 23.33 -11.81
C ALA H 36 46.71 21.98 -12.46
N HIS H 37 46.46 21.86 -13.76
CA HIS H 37 46.67 20.57 -14.43
C HIS H 37 48.14 20.28 -14.70
N LEU H 38 48.95 21.31 -14.94
CA LEU H 38 50.38 21.10 -15.06
C LEU H 38 50.96 20.66 -13.71
N LEU H 39 50.49 21.28 -12.63
CA LEU H 39 50.91 20.83 -11.30
C LEU H 39 50.45 19.41 -11.07
N ALA H 40 49.21 19.10 -11.48
CA ALA H 40 48.68 17.76 -11.29
C ALA H 40 49.37 16.74 -12.18
N TRP H 41 49.71 17.14 -13.41
CA TRP H 41 50.45 16.27 -14.31
C TRP H 41 51.85 15.97 -13.82
N LEU H 42 52.56 16.96 -13.28
CA LEU H 42 53.91 16.71 -12.78
C LEU H 42 53.88 15.84 -11.53
N TYR H 43 52.86 16.00 -10.69
CA TYR H 43 52.76 15.20 -9.47
C TYR H 43 52.23 13.81 -9.74
N ARG H 44 51.23 13.68 -10.60
CA ARG H 44 50.52 12.41 -10.78
C ARG H 44 50.02 12.35 -12.21
N PRO H 45 50.92 12.07 -13.16
CA PRO H 45 50.48 11.92 -14.55
C PRO H 45 49.50 10.77 -14.67
N TRP H 46 48.45 11.00 -15.45
CA TRP H 46 47.32 10.08 -15.53
C TRP H 46 47.13 9.45 -16.90
N LEU H 47 47.95 9.80 -17.89
CA LEU H 47 47.86 9.16 -19.20
C LEU H 47 49.22 8.56 -19.55
N ASN I 5 21.58 24.89 -48.47
CA ASN I 5 20.67 25.85 -49.09
C ASN I 5 21.12 27.28 -48.81
N ALA I 6 20.77 28.21 -49.70
CA ALA I 6 21.14 29.60 -49.51
C ALA I 6 20.19 30.34 -48.56
N ASN I 7 18.97 29.84 -48.38
CA ASN I 7 18.00 30.47 -47.48
C ASN I 7 17.81 29.67 -46.21
N LEU I 8 18.74 28.76 -45.90
CA LEU I 8 18.66 27.97 -44.68
C LEU I 8 18.62 28.92 -43.45
N TYR I 9 19.16 30.14 -43.58
CA TYR I 9 19.16 31.14 -42.50
C TYR I 9 17.75 31.46 -42.02
N LYS I 10 16.74 31.29 -42.87
CA LYS I 10 15.38 31.60 -42.50
C LYS I 10 14.85 30.70 -41.39
N ILE I 11 15.63 29.70 -40.96
CA ILE I 11 15.28 28.88 -39.81
C ILE I 11 15.18 29.70 -38.54
N TRP I 12 15.83 30.87 -38.50
CA TRP I 12 15.77 31.73 -37.33
C TRP I 12 14.56 32.63 -37.35
N LEU I 13 13.73 32.48 -38.38
CA LEU I 13 12.41 33.07 -38.42
C LEU I 13 11.34 32.12 -37.88
N ILE I 14 11.70 30.87 -37.60
CA ILE I 14 10.74 29.88 -37.14
C ILE I 14 11.14 29.34 -35.77
N LEU I 15 12.45 29.26 -35.52
CA LEU I 15 12.96 28.78 -34.25
C LEU I 15 13.62 29.94 -33.51
N ASP I 16 13.31 30.04 -32.23
CA ASP I 16 13.83 31.13 -31.43
C ASP I 16 15.32 30.93 -31.20
N PRO I 17 16.18 31.85 -31.67
CA PRO I 17 17.63 31.66 -31.48
C PRO I 17 18.02 31.54 -30.02
N ARG I 18 17.34 32.29 -29.15
CA ARG I 18 17.65 32.21 -27.72
C ARG I 18 17.38 30.82 -27.18
N ARG I 19 16.26 30.20 -27.55
CA ARG I 19 15.94 28.86 -27.06
C ARG I 19 16.85 27.80 -27.67
N VAL I 20 17.17 27.95 -28.96
CA VAL I 20 18.00 26.95 -29.65
C VAL I 20 19.41 26.92 -29.09
N LEU I 21 19.99 28.09 -28.80
CA LEU I 21 21.33 28.14 -28.24
C LEU I 21 21.39 27.41 -26.90
N VAL I 22 20.47 27.74 -26.00
CA VAL I 22 20.47 27.13 -24.68
C VAL I 22 20.23 25.62 -24.79
N SER I 23 19.39 25.20 -25.72
CA SER I 23 19.12 23.77 -25.85
C SER I 23 20.35 23.01 -26.33
N ILE I 24 21.05 23.57 -27.32
CA ILE I 24 22.29 22.97 -27.80
C ILE I 24 23.32 22.88 -26.67
N VAL I 25 23.52 23.98 -25.94
CA VAL I 25 24.49 23.98 -24.84
C VAL I 25 24.12 22.91 -23.82
N ALA I 26 22.86 22.85 -23.43
CA ALA I 26 22.42 21.84 -22.48
C ALA I 26 22.62 20.44 -23.04
N PHE I 27 22.27 20.24 -24.31
CA PHE I 27 22.42 18.92 -24.93
C PHE I 27 23.89 18.52 -24.98
N GLN I 28 24.77 19.45 -25.36
CA GLN I 28 26.18 19.11 -25.50
C GLN I 28 26.82 18.74 -24.16
N ILE I 29 26.48 19.47 -23.10
CA ILE I 29 27.04 19.15 -21.77
C ILE I 29 26.58 17.76 -21.33
N VAL I 30 25.27 17.48 -21.44
CA VAL I 30 24.75 16.18 -21.04
C VAL I 30 25.38 15.07 -21.89
N LEU I 31 25.40 15.25 -23.21
CA LEU I 31 26.07 14.30 -24.08
C LEU I 31 27.52 14.11 -23.67
N GLY I 32 28.22 15.22 -23.34
CA GLY I 32 29.61 15.09 -22.95
C GLY I 32 29.80 14.31 -21.67
N LEU I 33 28.98 14.60 -20.66
CA LEU I 33 29.01 13.81 -19.42
C LEU I 33 28.64 12.35 -19.67
N LEU I 34 27.62 12.12 -20.50
CA LEU I 34 27.17 10.75 -20.77
C LEU I 34 28.25 9.95 -21.47
N ILE I 35 28.88 10.55 -22.49
CA ILE I 35 29.87 9.82 -23.27
C ILE I 35 31.09 9.49 -22.42
N HIS I 36 31.56 10.44 -21.61
CA HIS I 36 32.71 10.14 -20.75
C HIS I 36 32.41 8.94 -19.86
N MET I 37 31.21 8.89 -19.29
CA MET I 37 30.87 7.77 -18.41
C MET I 37 30.79 6.46 -19.19
N ILE I 38 30.19 6.49 -20.38
CA ILE I 38 30.13 5.28 -21.20
C ILE I 38 31.55 4.75 -21.43
N VAL I 39 32.45 5.63 -21.87
CA VAL I 39 33.83 5.21 -22.13
C VAL I 39 34.50 4.73 -20.85
N LEU I 40 34.17 5.34 -19.71
CA LEU I 40 34.73 4.88 -18.44
C LEU I 40 34.23 3.48 -18.06
N SER I 41 33.12 3.04 -18.65
CA SER I 41 32.60 1.71 -18.38
CA SER I 41 32.56 1.71 -18.40
C SER I 41 32.97 0.71 -19.48
N THR I 42 34.13 0.91 -20.11
CA THR I 42 34.60 0.00 -21.15
C THR I 42 36.10 -0.25 -20.96
N ASP I 43 36.67 -1.02 -21.89
CA ASP I 43 38.10 -1.27 -21.90
C ASP I 43 38.92 0.00 -22.05
N LEU I 44 38.30 1.06 -22.56
CA LEU I 44 38.98 2.32 -22.84
C LEU I 44 39.20 3.19 -21.60
N ASN I 45 38.70 2.77 -20.44
CA ASN I 45 38.84 3.52 -19.19
C ASN I 45 40.28 3.94 -18.95
N TRP I 46 40.49 5.26 -18.82
CA TRP I 46 41.83 5.84 -18.70
C TRP I 46 42.19 6.26 -17.29
N LEU I 47 41.32 6.07 -16.32
CA LEU I 47 41.65 6.54 -14.98
C LEU I 47 42.14 5.43 -14.07
N ASP I 48 41.52 4.29 -14.17
CA ASP I 48 41.86 3.17 -13.32
C ASP I 48 42.60 2.08 -14.09
N ASP I 49 43.27 2.43 -15.18
CA ASP I 49 43.99 1.48 -16.02
C ASP I 49 45.42 1.23 -15.55
N ASN I 50 45.81 1.82 -14.42
CA ASN I 50 47.15 1.73 -13.85
C ASN I 50 48.23 2.11 -14.85
N ILE I 51 47.89 2.98 -15.79
CA ILE I 51 48.84 3.55 -16.75
C ILE I 51 48.92 5.05 -16.46
N PRO I 52 50.12 5.63 -16.31
CA PRO I 52 51.44 5.02 -16.49
C PRO I 52 51.79 4.05 -15.37
N VAL I 53 51.23 4.31 -14.19
CA VAL I 53 51.49 3.49 -13.01
C VAL I 53 50.20 3.38 -12.20
N SER I 54 50.17 2.41 -11.31
CA SER I 54 49.12 2.33 -10.30
C SER I 54 49.62 3.13 -9.10
N TYR I 55 48.88 4.15 -8.71
CA TYR I 55 49.35 4.98 -7.62
C TYR I 55 49.02 4.39 -6.27
N GLN I 56 48.03 3.50 -6.20
CA GLN I 56 47.78 2.83 -4.94
C GLN I 56 48.84 1.78 -4.64
N ALA I 57 49.47 1.17 -5.66
CA ALA I 57 50.54 0.23 -5.35
C ALA I 57 51.85 0.89 -4.91
N LEU I 58 52.32 1.86 -5.69
CA LEU I 58 53.44 2.74 -5.36
C LEU I 58 53.25 3.55 -4.09
N GLY I 59 52.82 2.93 -3.00
CA GLY I 59 52.56 3.64 -1.76
C GLY I 59 51.70 2.88 -0.78
N SER J 6 10.04 35.99 -39.23
CA SER J 6 8.78 36.73 -39.19
C SER J 6 7.86 36.11 -38.15
N LEU J 7 8.18 34.89 -37.74
CA LEU J 7 7.44 34.17 -36.71
C LEU J 7 8.17 34.14 -35.37
N THR J 8 9.46 34.47 -35.35
CA THR J 8 10.22 34.61 -34.11
C THR J 8 10.47 36.06 -33.73
N GLY J 9 10.16 37.00 -34.62
CA GLY J 9 10.37 38.42 -34.39
C GLY J 9 11.52 39.01 -35.19
N LEU J 10 12.56 38.23 -35.42
CA LEU J 10 13.75 38.72 -36.10
C LEU J 10 13.45 39.10 -37.54
N THR J 11 14.14 40.14 -38.02
CA THR J 11 13.99 40.50 -39.42
C THR J 11 14.76 39.53 -40.31
N ASP J 12 14.61 39.71 -41.63
CA ASP J 12 15.32 38.87 -42.58
C ASP J 12 16.81 39.14 -42.57
N ASP J 13 17.22 40.38 -42.24
CA ASP J 13 18.64 40.67 -42.14
C ASP J 13 19.21 40.12 -40.85
N GLU J 14 18.44 40.20 -39.76
CA GLU J 14 18.92 39.68 -38.49
C GLU J 14 19.11 38.16 -38.57
N ALA J 15 18.24 37.47 -39.32
CA ALA J 15 18.43 36.03 -39.50
C ALA J 15 19.65 35.72 -40.36
N LYS J 16 19.94 36.54 -41.38
CA LYS J 16 21.18 36.31 -42.13
C LYS J 16 22.39 36.59 -41.25
N GLU J 17 22.29 37.56 -40.35
CA GLU J 17 23.43 37.89 -39.52
C GLU J 17 23.62 36.85 -38.42
N PHE J 18 22.51 36.43 -37.78
CA PHE J 18 22.62 35.39 -36.77
C PHE J 18 23.06 34.06 -37.36
N HIS J 19 22.59 33.74 -38.57
CA HIS J 19 23.01 32.48 -39.18
C HIS J 19 24.51 32.48 -39.44
N ALA J 20 25.04 33.61 -39.92
CA ALA J 20 26.46 33.71 -40.25
C ALA J 20 27.32 33.49 -39.01
N ILE J 21 26.95 34.12 -37.89
CA ILE J 21 27.74 33.98 -36.67
C ILE J 21 27.54 32.58 -36.10
N PHE J 22 26.32 32.06 -36.19
CA PHE J 22 26.03 30.71 -35.72
C PHE J 22 26.85 29.66 -36.44
N MET J 23 26.96 29.77 -37.77
CA MET J 23 27.68 28.75 -38.53
C MET J 23 29.17 28.79 -38.22
N GLN J 24 29.77 29.99 -38.19
CA GLN J 24 31.18 30.11 -37.82
C GLN J 24 31.43 29.62 -36.40
N SER J 25 30.51 29.89 -35.48
CA SER J 25 30.66 29.40 -34.11
C SER J 25 30.59 27.88 -34.07
N MET J 26 29.62 27.30 -34.78
CA MET J 26 29.44 25.85 -34.73
C MET J 26 30.60 25.14 -35.42
N TYR J 27 31.10 25.71 -36.52
CA TYR J 27 32.25 25.14 -37.18
C TYR J 27 33.49 25.23 -36.29
N ALA J 28 33.62 26.33 -35.54
CA ALA J 28 34.71 26.44 -34.58
C ALA J 28 34.59 25.38 -33.49
N TRP J 29 33.37 25.18 -32.98
CA TRP J 29 33.16 24.15 -31.96
C TRP J 29 33.45 22.77 -32.53
N PHE J 30 32.99 22.52 -33.76
CA PHE J 30 33.28 21.24 -34.41
C PHE J 30 34.78 21.06 -34.63
N GLY J 31 35.49 22.16 -34.89
CA GLY J 31 36.94 22.08 -35.01
C GLY J 31 37.60 21.64 -33.72
N LEU J 32 37.15 22.19 -32.59
CA LEU J 32 37.66 21.76 -31.30
C LEU J 32 37.35 20.28 -31.07
N VAL J 33 36.18 19.83 -31.54
CA VAL J 33 35.80 18.43 -31.37
C VAL J 33 36.73 17.53 -32.17
N VAL J 34 37.05 17.93 -33.40
CA VAL J 34 37.94 17.14 -34.25
C VAL J 34 39.34 17.05 -33.65
N ILE J 35 39.85 18.18 -33.14
CA ILE J 35 41.17 18.18 -32.51
C ILE J 35 41.22 17.22 -31.32
N ALA J 36 40.17 17.21 -30.51
CA ALA J 36 40.16 16.32 -29.35
C ALA J 36 40.14 14.85 -29.76
N HIS J 37 39.40 14.52 -30.82
CA HIS J 37 39.35 13.12 -31.25
C HIS J 37 40.63 12.66 -31.96
N LEU J 38 41.33 13.57 -32.64
CA LEU J 38 42.64 13.23 -33.18
C LEU J 38 43.61 12.93 -32.04
N LEU J 39 43.61 13.78 -31.02
CA LEU J 39 44.46 13.56 -29.86
C LEU J 39 44.09 12.25 -29.17
N ALA J 40 42.78 11.95 -29.14
CA ALA J 40 42.34 10.70 -28.54
C ALA J 40 42.78 9.50 -29.37
N TRP J 41 42.69 9.61 -30.70
CA TRP J 41 43.14 8.51 -31.56
C TRP J 41 44.64 8.26 -31.43
N LEU J 42 45.43 9.31 -31.29
CA LEU J 42 46.87 9.09 -31.13
C LEU J 42 47.19 8.45 -29.78
N TYR J 43 46.43 8.80 -28.74
CA TYR J 43 46.71 8.26 -27.42
C TYR J 43 46.09 6.88 -27.23
N ARG J 44 44.89 6.67 -27.75
CA ARG J 44 44.13 5.44 -27.47
C ARG J 44 43.20 5.15 -28.65
N PRO J 45 43.76 4.63 -29.75
CA PRO J 45 42.93 4.26 -30.90
C PRO J 45 41.89 3.23 -30.50
N TRP J 46 40.63 3.49 -30.83
CA TRP J 46 39.52 2.67 -30.37
C TRP J 46 38.91 1.83 -31.49
N LEU J 47 39.40 1.96 -32.72
CA LEU J 47 38.95 1.15 -33.83
C LEU J 47 40.11 0.36 -34.44
N THR K 3 9.32 9.57 -58.95
CA THR K 3 7.89 9.34 -58.97
C THR K 3 7.20 10.06 -57.81
N MET K 4 7.45 11.37 -57.71
CA MET K 4 6.90 12.20 -56.65
C MET K 4 5.87 13.17 -57.20
N ASN K 5 4.93 13.56 -56.34
CA ASN K 5 3.88 14.49 -56.73
C ASN K 5 4.44 15.93 -56.79
N ALA K 6 3.78 16.76 -57.61
CA ALA K 6 4.16 18.15 -57.72
C ALA K 6 3.55 19.03 -56.65
N ASN K 7 2.36 18.68 -56.16
CA ASN K 7 1.66 19.44 -55.13
C ASN K 7 1.86 18.87 -53.73
N LEU K 8 2.86 18.02 -53.54
CA LEU K 8 3.17 17.49 -52.21
C LEU K 8 3.57 18.58 -51.22
N TYR K 9 4.07 19.72 -51.72
CA TYR K 9 4.37 20.86 -50.86
C TYR K 9 3.18 21.34 -50.04
N LYS K 10 1.96 21.05 -50.48
CA LYS K 10 0.76 21.43 -49.76
C LYS K 10 0.56 20.69 -48.44
N ILE K 11 1.44 19.74 -48.08
CA ILE K 11 1.39 19.12 -46.76
C ILE K 11 1.63 20.12 -45.64
N TRP K 12 2.37 21.19 -45.93
CA TRP K 12 2.66 22.21 -44.92
C TRP K 12 1.52 23.18 -44.75
N LEU K 13 0.46 23.03 -45.55
CA LEU K 13 -0.80 23.69 -45.26
C LEU K 13 -1.65 22.87 -44.29
N ILE K 14 -1.31 21.60 -44.06
CA ILE K 14 -2.09 20.72 -43.18
C ILE K 14 -1.41 20.51 -41.83
N LEU K 15 -0.13 20.17 -41.83
CA LEU K 15 0.61 19.88 -40.60
C LEU K 15 1.54 21.04 -40.29
N ASP K 16 1.56 21.46 -39.03
CA ASP K 16 2.40 22.58 -38.62
C ASP K 16 3.88 22.29 -38.91
N PRO K 17 4.53 23.09 -39.75
CA PRO K 17 5.95 22.85 -40.09
C PRO K 17 6.89 23.02 -38.91
N ARG K 18 6.60 23.90 -37.96
CA ARG K 18 7.52 24.10 -36.85
C ARG K 18 7.52 22.86 -35.98
N ARG K 19 6.31 22.37 -35.67
CA ARG K 19 6.17 21.18 -34.85
C ARG K 19 6.71 19.95 -35.57
N VAL K 20 6.57 19.90 -36.91
CA VAL K 20 7.12 18.78 -37.66
C VAL K 20 8.63 18.77 -37.58
N LEU K 21 9.28 19.93 -37.78
CA LEU K 21 10.74 19.97 -37.74
C LEU K 21 11.28 19.66 -36.36
N VAL K 22 10.66 20.24 -35.33
CA VAL K 22 11.07 19.97 -33.95
C VAL K 22 10.90 18.49 -33.63
N SER K 23 9.75 17.92 -34.01
CA SER K 23 9.50 16.52 -33.69
C SER K 23 10.50 15.61 -34.40
N ILE K 24 10.82 15.94 -35.65
CA ILE K 24 11.80 15.15 -36.40
C ILE K 24 13.13 15.19 -35.68
N VAL K 25 13.54 16.38 -35.23
CA VAL K 25 14.82 16.52 -34.54
C VAL K 25 14.82 15.68 -33.27
N ALA K 26 13.73 15.77 -32.50
CA ALA K 26 13.62 14.97 -31.29
C ALA K 26 13.66 13.47 -31.60
N PHE K 27 12.88 13.04 -32.60
CA PHE K 27 12.82 11.62 -32.94
C PHE K 27 14.15 11.07 -33.41
N GLN K 28 14.85 11.82 -34.26
CA GLN K 28 16.13 11.36 -34.79
C GLN K 28 17.18 11.23 -33.68
N ILE K 29 17.25 12.20 -32.78
CA ILE K 29 18.22 12.14 -31.68
C ILE K 29 17.97 10.91 -30.79
N VAL K 30 16.71 10.60 -30.50
CA VAL K 30 16.42 9.46 -29.63
C VAL K 30 16.73 8.15 -30.33
N LEU K 31 16.22 7.98 -31.54
CA LEU K 31 16.51 6.77 -32.33
C LEU K 31 18.00 6.51 -32.42
N GLY K 32 18.79 7.56 -32.61
CA GLY K 32 20.23 7.40 -32.70
C GLY K 32 20.85 6.86 -31.42
N LEU K 33 20.41 7.37 -30.27
CA LEU K 33 20.87 6.82 -28.99
C LEU K 33 20.47 5.35 -28.85
N LEU K 34 19.21 5.04 -29.16
CA LEU K 34 18.72 3.68 -29.04
C LEU K 34 19.54 2.69 -29.87
N ILE K 35 19.75 3.00 -31.15
CA ILE K 35 20.39 2.04 -32.05
C ILE K 35 21.84 1.81 -31.65
N HIS K 36 22.53 2.86 -31.21
CA HIS K 36 23.90 2.69 -30.71
C HIS K 36 23.92 1.68 -29.56
N MET K 37 23.01 1.84 -28.60
CA MET K 37 22.97 0.92 -27.47
C MET K 37 22.50 -0.47 -27.91
N ILE K 38 21.59 -0.54 -28.88
CA ILE K 38 21.24 -1.85 -29.44
C ILE K 38 22.48 -2.50 -30.03
N VAL K 39 23.21 -1.75 -30.85
CA VAL K 39 24.43 -2.26 -31.48
C VAL K 39 25.47 -2.58 -30.42
N LEU K 40 25.56 -1.73 -29.38
CA LEU K 40 26.49 -1.98 -28.30
C LEU K 40 26.17 -3.28 -27.59
N SER K 41 24.89 -3.59 -27.43
CA SER K 41 24.51 -4.83 -26.76
CA SER K 41 24.44 -4.82 -26.78
C SER K 41 24.50 -6.04 -27.69
N THR K 42 25.14 -5.95 -28.86
CA THR K 42 25.28 -7.12 -29.71
C THR K 42 26.75 -7.42 -29.98
N ASP K 43 26.98 -8.47 -30.78
CA ASP K 43 28.31 -8.85 -31.23
C ASP K 43 29.06 -7.73 -31.95
N LEU K 44 28.34 -6.75 -32.50
CA LEU K 44 29.00 -5.69 -33.26
C LEU K 44 29.66 -4.65 -32.35
N ASN K 45 29.48 -4.79 -31.04
CA ASN K 45 30.05 -3.92 -30.02
C ASN K 45 31.48 -3.54 -30.37
N TRP K 46 31.73 -2.24 -30.51
CA TRP K 46 33.01 -1.71 -30.93
C TRP K 46 33.83 -1.06 -29.83
N LEU K 47 33.27 -0.87 -28.64
CA LEU K 47 34.02 -0.20 -27.59
C LEU K 47 34.81 -1.16 -26.69
N ASP K 48 34.23 -2.29 -26.29
CA ASP K 48 34.84 -3.20 -25.32
C ASP K 48 35.23 -4.51 -26.02
N ASP K 49 35.74 -4.42 -27.24
CA ASP K 49 36.05 -5.60 -28.03
C ASP K 49 37.55 -5.90 -28.08
N ASN K 50 38.37 -5.14 -27.35
CA ASN K 50 39.83 -5.32 -27.33
C ASN K 50 40.44 -5.24 -28.72
N ILE K 51 39.81 -4.49 -29.61
CA ILE K 51 40.34 -4.19 -30.94
C ILE K 51 40.62 -2.69 -31.02
N PRO K 52 41.83 -2.27 -31.44
CA PRO K 52 42.99 -3.05 -31.91
C PRO K 52 43.73 -3.80 -30.80
N VAL K 53 43.55 -3.35 -29.56
CA VAL K 53 44.20 -3.97 -28.41
C VAL K 53 43.30 -3.77 -27.21
N SER K 54 43.54 -4.55 -26.16
CA SER K 54 42.96 -4.33 -24.84
C SER K 54 43.83 -3.35 -24.07
N TYR K 55 43.25 -2.24 -23.65
CA TYR K 55 44.05 -1.27 -22.90
C TYR K 55 44.12 -1.59 -21.42
N GLN K 56 43.19 -2.38 -20.88
CA GLN K 56 43.39 -2.78 -19.49
C GLN K 56 44.49 -3.83 -19.41
N ALA K 57 44.54 -4.73 -20.40
CA ALA K 57 45.60 -5.73 -20.43
C ALA K 57 46.96 -5.09 -20.68
N LEU K 58 46.98 -3.87 -21.23
CA LEU K 58 48.23 -3.15 -21.47
C LEU K 58 48.86 -2.68 -20.17
N GLY K 59 48.08 -2.52 -19.12
CA GLY K 59 48.58 -2.05 -17.84
C GLY K 59 48.18 -2.98 -16.71
N SER L 6 -3.68 26.88 -45.66
CA SER L 6 -4.66 27.74 -45.00
C SER L 6 -5.27 27.05 -43.79
N LEU L 7 -4.63 25.95 -43.37
CA LEU L 7 -4.92 25.29 -42.11
C LEU L 7 -3.78 25.39 -41.11
N THR L 8 -2.55 25.56 -41.59
CA THR L 8 -1.41 25.95 -40.79
C THR L 8 -1.19 27.46 -40.79
N GLY L 9 -2.09 28.22 -41.41
CA GLY L 9 -1.94 29.64 -41.55
C GLY L 9 -1.02 30.09 -42.67
N LEU L 10 -0.10 29.24 -43.11
CA LEU L 10 0.84 29.61 -44.15
C LEU L 10 0.10 29.92 -45.46
N THR L 11 0.65 30.88 -46.21
CA THR L 11 0.18 31.09 -47.56
C THR L 11 0.68 29.95 -48.45
N ASP L 12 0.18 29.92 -49.68
CA ASP L 12 0.61 28.88 -50.60
C ASP L 12 2.10 29.00 -50.91
N ASP L 13 2.58 30.24 -51.13
CA ASP L 13 3.99 30.45 -51.42
C ASP L 13 4.89 30.16 -50.22
N GLU L 14 4.39 30.38 -49.00
CA GLU L 14 5.20 30.07 -47.82
C GLU L 14 5.41 28.58 -47.70
N ALA L 15 4.41 27.78 -48.09
CA ALA L 15 4.58 26.33 -48.08
C ALA L 15 5.55 25.86 -49.15
N LYS L 16 5.66 26.55 -50.29
CA LYS L 16 6.65 26.12 -51.28
C LYS L 16 8.06 26.47 -50.83
N GLU L 17 8.23 27.62 -50.19
CA GLU L 17 9.55 28.01 -49.71
C GLU L 17 10.03 27.08 -48.59
N PHE L 18 9.16 26.79 -47.62
CA PHE L 18 9.57 25.88 -46.55
C PHE L 18 9.87 24.48 -47.10
N HIS L 19 9.01 23.98 -47.99
CA HIS L 19 9.21 22.64 -48.55
C HIS L 19 10.54 22.55 -49.29
N ALA L 20 10.91 23.62 -50.01
CA ALA L 20 12.17 23.62 -50.74
C ALA L 20 13.36 23.47 -49.80
N ILE L 21 13.39 24.26 -48.73
CA ILE L 21 14.50 24.16 -47.77
C ILE L 21 14.45 22.85 -47.01
N PHE L 22 13.26 22.39 -46.64
CA PHE L 22 13.12 21.13 -45.91
C PHE L 22 13.64 19.95 -46.72
N MET L 23 13.28 19.88 -48.01
CA MET L 23 13.70 18.75 -48.83
C MET L 23 15.20 18.71 -49.05
N GLN L 24 15.83 19.86 -49.36
CA GLN L 24 17.28 19.84 -49.54
C GLN L 24 18.00 19.51 -48.24
N SER L 25 17.49 20.02 -47.11
CA SER L 25 18.12 19.73 -45.83
C SER L 25 17.96 18.26 -45.46
N MET L 26 16.76 17.70 -45.67
CA MET L 26 16.57 16.28 -45.38
C MET L 26 17.47 15.42 -46.26
N TYR L 27 17.59 15.78 -47.54
CA TYR L 27 18.44 15.01 -48.44
C TYR L 27 19.89 15.11 -48.01
N ALA L 28 20.29 16.29 -47.53
CA ALA L 28 21.64 16.44 -47.01
C ALA L 28 21.81 15.58 -45.77
N TRP L 29 20.77 15.47 -44.95
CA TRP L 29 20.84 14.61 -43.78
C TRP L 29 20.93 13.14 -44.19
N PHE L 30 20.13 12.72 -45.17
CA PHE L 30 20.21 11.34 -45.64
C PHE L 30 21.55 11.05 -46.30
N GLY L 31 22.12 12.05 -46.98
CA GLY L 31 23.46 11.89 -47.52
C GLY L 31 24.50 11.66 -46.45
N LEU L 32 24.39 12.39 -45.34
CA LEU L 32 25.27 12.18 -44.19
C LEU L 32 25.09 10.78 -43.61
N VAL L 33 23.84 10.30 -43.57
CA VAL L 33 23.57 8.96 -43.06
C VAL L 33 24.26 7.91 -43.93
N VAL L 34 24.24 8.13 -45.24
CA VAL L 34 24.84 7.18 -46.18
C VAL L 34 26.36 7.13 -45.99
N ILE L 35 27.01 8.29 -45.82
CA ILE L 35 28.45 8.32 -45.64
C ILE L 35 28.85 7.54 -44.39
N ALA L 36 28.14 7.76 -43.28
CA ALA L 36 28.42 7.03 -42.05
C ALA L 36 28.23 5.53 -42.22
N HIS L 37 27.18 5.13 -42.93
CA HIS L 37 26.92 3.70 -43.12
C HIS L 37 27.91 3.08 -44.09
N LEU L 38 28.39 3.85 -45.07
CA LEU L 38 29.47 3.37 -45.93
C LEU L 38 30.76 3.17 -45.14
N LEU L 39 31.08 4.12 -44.26
CA LEU L 39 32.24 3.97 -43.38
C LEU L 39 32.07 2.77 -42.46
N ALA L 40 30.89 2.60 -41.86
CA ALA L 40 30.67 1.48 -40.95
C ALA L 40 30.75 0.15 -41.68
N TRP L 41 30.23 0.09 -42.90
CA TRP L 41 30.32 -1.15 -43.68
C TRP L 41 31.76 -1.46 -44.02
N LEU L 42 32.54 -0.41 -44.32
CA LEU L 42 33.94 -0.61 -44.64
C LEU L 42 34.70 -1.13 -43.43
N TYR L 43 34.39 -0.61 -42.24
CA TYR L 43 35.13 -1.01 -41.04
C TYR L 43 34.61 -2.31 -40.46
N ARG L 44 33.29 -2.50 -40.42
CA ARG L 44 32.67 -3.63 -39.73
C ARG L 44 31.42 -4.03 -40.49
N PRO L 45 31.57 -4.74 -41.61
CA PRO L 45 30.40 -5.23 -42.35
C PRO L 45 29.55 -6.16 -41.48
N TRP L 46 28.24 -5.93 -41.52
CA TRP L 46 27.31 -6.63 -40.64
C TRP L 46 26.39 -7.60 -41.35
N LEU L 47 26.42 -7.68 -42.68
CA LEU L 47 25.62 -8.66 -43.38
C LEU L 47 26.57 -9.59 -44.14
N THR M 3 -9.96 -2.36 -59.65
CA THR M 3 -11.18 -2.59 -58.89
C THR M 3 -11.33 -1.59 -57.75
N MET M 4 -11.19 -0.31 -58.07
CA MET M 4 -11.37 0.77 -57.11
C MET M 4 -12.37 1.78 -57.67
N ASN M 5 -13.28 2.22 -56.82
CA ASN M 5 -14.39 3.07 -57.22
C ASN M 5 -13.90 4.43 -57.73
N ALA M 6 -14.72 5.06 -58.58
CA ALA M 6 -14.36 6.37 -59.11
C ALA M 6 -14.65 7.49 -58.11
N ASN M 7 -15.64 7.32 -57.25
CA ASN M 7 -16.01 8.29 -56.23
C ASN M 7 -15.33 8.00 -54.91
N LEU M 8 -14.33 7.12 -54.90
CA LEU M 8 -13.64 6.77 -53.66
C LEU M 8 -12.96 7.99 -53.03
N TYR M 9 -12.63 9.00 -53.84
CA TYR M 9 -12.04 10.22 -53.31
C TYR M 9 -12.92 10.87 -52.25
N LYS M 10 -14.23 10.62 -52.27
CA LYS M 10 -15.19 11.19 -51.33
C LYS M 10 -14.97 10.69 -49.90
N ILE M 11 -14.02 9.77 -49.70
CA ILE M 11 -13.70 9.29 -48.36
C ILE M 11 -13.16 10.41 -47.49
N TRP M 12 -12.57 11.42 -48.11
CA TRP M 12 -12.09 12.60 -47.39
C TRP M 12 -13.19 13.60 -47.09
N LEU M 13 -14.41 13.35 -47.55
CA LEU M 13 -15.56 14.05 -47.02
C LEU M 13 -16.08 13.43 -45.73
N ILE M 14 -15.73 12.17 -45.47
CA ILE M 14 -16.18 11.46 -44.27
C ILE M 14 -15.12 11.42 -43.19
N LEU M 15 -13.88 11.07 -43.53
CA LEU M 15 -12.83 10.88 -42.54
C LEU M 15 -11.86 12.06 -42.62
N ASP M 16 -11.49 12.60 -41.46
CA ASP M 16 -10.54 13.70 -41.35
C ASP M 16 -9.19 13.34 -41.96
N PRO M 17 -8.82 14.00 -43.06
CA PRO M 17 -7.53 13.71 -43.71
C PRO M 17 -6.31 13.97 -42.85
N ARG M 18 -6.34 15.00 -42.00
CA ARG M 18 -5.16 15.31 -41.21
C ARG M 18 -4.91 14.24 -40.15
N ARG M 19 -5.96 13.79 -39.46
CA ARG M 19 -5.76 12.77 -38.43
C ARG M 19 -5.35 11.43 -39.06
N VAL M 20 -5.90 11.11 -40.23
CA VAL M 20 -5.52 9.88 -40.92
C VAL M 20 -4.03 9.90 -41.29
N LEU M 21 -3.52 11.06 -41.73
CA LEU M 21 -2.11 11.13 -42.10
C LEU M 21 -1.25 10.84 -40.88
N VAL M 22 -1.58 11.50 -39.75
CA VAL M 22 -0.84 11.32 -38.52
C VAL M 22 -1.02 9.90 -37.98
N SER M 23 -2.22 9.34 -38.10
CA SER M 23 -2.45 7.97 -37.64
C SER M 23 -1.59 6.96 -38.37
N ILE M 24 -1.39 7.13 -39.68
CA ILE M 24 -0.58 6.21 -40.45
C ILE M 24 0.88 6.28 -40.04
N VAL M 25 1.40 7.50 -39.85
CA VAL M 25 2.80 7.66 -39.45
C VAL M 25 3.05 6.98 -38.11
N ALA M 26 2.18 7.22 -37.12
CA ALA M 26 2.35 6.57 -35.83
C ALA M 26 2.28 5.06 -35.96
N PHE M 27 1.27 4.56 -36.67
CA PHE M 27 1.09 3.11 -36.83
C PHE M 27 2.27 2.48 -37.56
N GLN M 28 2.79 3.15 -38.61
CA GLN M 28 3.88 2.59 -39.39
C GLN M 28 5.17 2.52 -38.58
N ILE M 29 5.44 3.56 -37.79
CA ILE M 29 6.65 3.57 -36.96
C ILE M 29 6.59 2.48 -35.90
N VAL M 30 5.40 2.22 -35.36
CA VAL M 30 5.28 1.20 -34.31
C VAL M 30 5.43 -0.20 -34.90
N LEU M 31 4.74 -0.45 -36.01
CA LEU M 31 4.87 -1.75 -36.68
C LEU M 31 6.32 -2.00 -37.09
N GLY M 32 6.98 -1.00 -37.69
CA GLY M 32 8.37 -1.18 -38.07
C GLY M 32 9.26 -1.54 -36.90
N LEU M 33 9.09 -0.85 -35.76
CA LEU M 33 9.83 -1.20 -34.56
C LEU M 33 9.46 -2.60 -34.08
N LEU M 34 8.16 -2.89 -34.06
CA LEU M 34 7.68 -4.18 -33.58
C LEU M 34 8.18 -5.32 -34.45
N ILE M 35 8.10 -5.16 -35.78
CA ILE M 35 8.50 -6.24 -36.67
C ILE M 35 10.00 -6.48 -36.56
N HIS M 36 10.79 -5.40 -36.46
CA HIS M 36 12.22 -5.56 -36.26
C HIS M 36 12.51 -6.35 -34.99
N MET M 37 11.81 -6.04 -33.90
CA MET M 37 12.04 -6.79 -32.66
C MET M 37 11.55 -8.22 -32.77
N ILE M 38 10.52 -8.48 -33.58
CA ILE M 38 10.10 -9.86 -33.81
C ILE M 38 11.18 -10.61 -34.59
N VAL M 39 11.64 -10.03 -35.70
CA VAL M 39 12.62 -10.71 -36.55
C VAL M 39 13.93 -10.89 -35.79
N LEU M 40 14.32 -9.87 -35.01
CA LEU M 40 15.53 -9.98 -34.19
C LEU M 40 15.43 -11.05 -33.13
N SER M 41 14.21 -11.45 -32.73
CA SER M 41 14.03 -12.50 -31.75
C SER M 41 14.03 -13.90 -32.36
N THR M 42 14.29 -14.02 -33.67
CA THR M 42 14.18 -15.31 -34.34
C THR M 42 15.51 -15.74 -34.96
N ASP M 43 15.49 -16.93 -35.57
CA ASP M 43 16.61 -17.43 -36.36
C ASP M 43 17.07 -16.44 -37.42
N LEU M 44 16.20 -15.53 -37.84
CA LEU M 44 16.51 -14.56 -38.87
C LEU M 44 17.40 -13.42 -38.37
N ASN M 45 17.69 -13.39 -37.08
CA ASN M 45 18.47 -12.31 -36.48
C ASN M 45 19.77 -12.08 -37.24
N TRP M 46 19.99 -10.83 -37.65
CA TRP M 46 21.13 -10.48 -38.48
C TRP M 46 22.21 -9.74 -37.69
N LEU M 47 21.96 -9.43 -36.42
CA LEU M 47 22.94 -8.68 -35.65
C LEU M 47 23.87 -9.60 -34.87
N ASP M 48 23.33 -10.66 -34.30
CA ASP M 48 24.07 -11.60 -33.45
C ASP M 48 24.24 -12.95 -34.13
N ASP M 49 24.24 -12.98 -35.47
CA ASP M 49 24.35 -14.22 -36.20
C ASP M 49 25.79 -14.57 -36.54
N ASN M 50 26.75 -13.77 -36.08
CA ASN M 50 28.17 -13.96 -36.36
C ASN M 50 28.44 -14.09 -37.86
N ILE M 51 27.64 -13.39 -38.66
CA ILE M 51 27.82 -13.31 -40.09
C ILE M 51 28.14 -11.86 -40.44
N PRO M 52 29.24 -11.56 -41.16
CA PRO M 52 30.13 -12.57 -41.74
C PRO M 52 31.07 -13.28 -40.75
N VAL M 53 31.43 -12.61 -39.66
CA VAL M 53 32.21 -13.21 -38.59
C VAL M 53 31.75 -12.62 -37.26
N SER M 54 32.22 -13.20 -36.16
CA SER M 54 32.08 -12.62 -34.83
C SER M 54 33.29 -11.74 -34.54
N TYR M 55 33.05 -10.48 -34.24
CA TYR M 55 34.10 -9.49 -34.01
C TYR M 55 34.62 -9.55 -32.59
N GLN M 56 33.82 -10.05 -31.66
CA GLN M 56 34.30 -10.25 -30.29
C GLN M 56 35.36 -11.34 -30.23
N ALA M 57 35.19 -12.43 -30.99
CA ALA M 57 36.22 -13.46 -31.04
C ALA M 57 37.51 -13.01 -31.74
N LEU M 58 37.49 -11.90 -32.48
CA LEU M 58 38.72 -11.40 -33.08
C LEU M 58 39.67 -10.78 -32.06
N GLY M 59 39.16 -10.40 -30.89
CA GLY M 59 39.97 -9.77 -29.87
C GLY M 59 39.53 -10.08 -28.46
N SER N 6 -20.05 18.77 -46.22
CA SER N 6 -19.42 17.48 -45.99
C SER N 6 -18.91 17.39 -44.55
N LEU N 7 -18.69 16.16 -44.08
CA LEU N 7 -18.42 15.93 -42.66
C LEU N 7 -17.05 16.45 -42.23
N THR N 8 -16.10 16.62 -43.15
CA THR N 8 -14.73 17.00 -42.77
C THR N 8 -14.34 18.40 -43.20
N GLY N 9 -15.20 19.11 -43.94
CA GLY N 9 -14.93 20.47 -44.34
C GLY N 9 -14.33 20.62 -45.72
N LEU N 10 -13.66 19.59 -46.22
CA LEU N 10 -13.12 19.64 -47.58
C LEU N 10 -14.26 19.82 -48.58
N THR N 11 -14.03 20.66 -49.58
CA THR N 11 -14.93 20.71 -50.72
C THR N 11 -14.77 19.45 -51.56
N ASP N 12 -15.67 19.28 -52.53
CA ASP N 12 -15.56 18.10 -53.38
C ASP N 12 -14.23 18.13 -54.15
N ASP N 13 -13.85 19.30 -54.67
CA ASP N 13 -12.58 19.40 -55.39
C ASP N 13 -11.37 19.25 -54.46
N GLU N 14 -11.48 19.67 -53.19
CA GLU N 14 -10.38 19.49 -52.26
C GLU N 14 -10.19 18.02 -51.91
N ALA N 15 -11.29 17.28 -51.76
CA ALA N 15 -11.21 15.84 -51.57
C ALA N 15 -10.57 15.18 -52.79
N LYS N 16 -10.88 15.70 -53.98
CA LYS N 16 -10.30 15.18 -55.22
C LYS N 16 -8.79 15.39 -55.27
N GLU N 17 -8.31 16.59 -54.93
CA GLU N 17 -6.88 16.85 -54.96
C GLU N 17 -6.13 16.04 -53.92
N PHE N 18 -6.66 15.98 -52.70
CA PHE N 18 -6.03 15.21 -51.63
C PHE N 18 -5.93 13.73 -51.98
N HIS N 19 -6.96 13.17 -52.61
CA HIS N 19 -6.94 11.74 -52.89
C HIS N 19 -5.84 11.39 -53.89
N ALA N 20 -5.67 12.23 -54.91
CA ALA N 20 -4.63 11.99 -55.91
C ALA N 20 -3.23 12.04 -55.29
N ILE N 21 -2.97 13.00 -54.40
CA ILE N 21 -1.67 13.07 -53.75
C ILE N 21 -1.45 11.89 -52.81
N PHE N 22 -2.47 11.51 -52.04
CA PHE N 22 -2.33 10.40 -51.09
C PHE N 22 -2.01 9.11 -51.82
N MET N 23 -2.72 8.84 -52.91
CA MET N 23 -2.50 7.57 -53.59
C MET N 23 -1.12 7.54 -54.25
N GLN N 24 -0.65 8.65 -54.80
CA GLN N 24 0.68 8.66 -55.37
C GLN N 24 1.73 8.55 -54.26
N SER N 25 1.50 9.20 -53.11
CA SER N 25 2.44 9.12 -51.99
C SER N 25 2.48 7.73 -51.38
N MET N 26 1.30 7.13 -51.13
CA MET N 26 1.24 5.79 -50.59
C MET N 26 1.88 4.77 -51.53
N TYR N 27 1.62 4.90 -52.84
CA TYR N 27 2.22 3.98 -53.78
C TYR N 27 3.74 4.10 -53.76
N ALA N 28 4.25 5.32 -53.58
CA ALA N 28 5.70 5.50 -53.46
C ALA N 28 6.23 4.82 -52.21
N TRP N 29 5.55 5.01 -51.08
CA TRP N 29 5.97 4.33 -49.85
C TRP N 29 5.94 2.82 -50.01
N PHE N 30 4.86 2.30 -50.61
CA PHE N 30 4.78 0.86 -50.87
C PHE N 30 5.88 0.39 -51.81
N GLY N 31 6.30 1.24 -52.75
CA GLY N 31 7.41 0.89 -53.62
C GLY N 31 8.72 0.76 -52.85
N LEU N 32 8.94 1.67 -51.89
CA LEU N 32 10.10 1.57 -51.02
C LEU N 32 10.08 0.27 -50.21
N VAL N 33 8.89 -0.14 -49.75
CA VAL N 33 8.79 -1.37 -48.97
C VAL N 33 9.14 -2.59 -49.81
N VAL N 34 8.72 -2.60 -51.08
CA VAL N 34 9.03 -3.70 -51.99
C VAL N 34 10.52 -3.81 -52.26
N ILE N 35 11.19 -2.69 -52.53
CA ILE N 35 12.63 -2.72 -52.75
C ILE N 35 13.36 -3.27 -51.53
N ALA N 36 12.94 -2.86 -50.34
CA ALA N 36 13.54 -3.36 -49.10
C ALA N 36 13.38 -4.87 -48.97
N HIS N 37 12.20 -5.39 -49.32
CA HIS N 37 11.94 -6.82 -49.15
C HIS N 37 12.68 -7.62 -50.22
N LEU N 38 12.87 -7.04 -51.41
CA LEU N 38 13.70 -7.69 -52.42
C LEU N 38 15.13 -7.81 -51.93
N LEU N 39 15.64 -6.76 -51.29
CA LEU N 39 16.99 -6.81 -50.72
C LEU N 39 17.05 -7.88 -49.63
N ALA N 40 16.04 -7.92 -48.75
CA ALA N 40 16.03 -8.92 -47.69
C ALA N 40 15.88 -10.33 -48.25
N TRP N 41 15.06 -10.52 -49.29
CA TRP N 41 14.89 -11.85 -49.86
C TRP N 41 16.18 -12.35 -50.51
N LEU N 42 16.88 -11.48 -51.24
CA LEU N 42 18.15 -11.90 -51.84
C LEU N 42 19.17 -12.21 -50.76
N TYR N 43 19.18 -11.43 -49.68
CA TYR N 43 20.20 -11.61 -48.66
C TYR N 43 19.87 -12.75 -47.69
N ARG N 44 18.61 -12.89 -47.27
CA ARG N 44 18.25 -13.84 -46.23
C ARG N 44 16.81 -14.29 -46.44
N PRO N 45 16.58 -15.12 -47.46
CA PRO N 45 15.22 -15.64 -47.69
C PRO N 45 14.66 -16.36 -46.48
N TRP N 46 13.37 -16.12 -46.22
CA TRP N 46 12.72 -16.56 -45.00
C TRP N 46 11.59 -17.57 -45.24
N LEU N 47 11.32 -17.95 -46.49
CA LEU N 47 10.29 -18.93 -46.76
C LEU N 47 10.86 -20.12 -47.54
N MET O 4 -29.24 -11.00 -51.07
CA MET O 4 -29.30 -9.80 -50.26
C MET O 4 -30.54 -8.98 -50.56
N ASN O 5 -31.05 -8.28 -49.54
CA ASN O 5 -32.21 -7.43 -49.75
C ASN O 5 -31.83 -6.19 -50.56
N ALA O 6 -32.79 -5.69 -51.33
CA ALA O 6 -32.56 -4.52 -52.16
C ALA O 6 -32.41 -3.24 -51.35
N ASN O 7 -32.92 -3.21 -50.12
CA ASN O 7 -32.89 -2.01 -49.30
C ASN O 7 -31.89 -2.12 -48.15
N LEU O 8 -30.91 -3.02 -48.25
CA LEU O 8 -29.86 -3.12 -47.23
C LEU O 8 -29.06 -1.83 -47.10
N TYR O 9 -28.99 -1.03 -48.18
CA TYR O 9 -28.32 0.26 -48.14
C TYR O 9 -28.87 1.18 -47.05
N LYS O 10 -30.12 0.97 -46.64
CA LYS O 10 -30.76 1.76 -45.60
C LYS O 10 -30.12 1.58 -44.24
N ILE O 11 -29.15 0.67 -44.13
CA ILE O 11 -28.39 0.50 -42.91
C ILE O 11 -27.64 1.78 -42.54
N TRP O 12 -27.28 2.60 -43.52
CA TRP O 12 -26.53 3.82 -43.26
C TRP O 12 -27.43 4.96 -42.83
N LEU O 13 -28.72 4.70 -42.76
CA LEU O 13 -29.70 5.55 -42.10
C LEU O 13 -29.79 5.25 -40.62
N ILE O 14 -29.21 4.13 -40.17
CA ILE O 14 -29.22 3.75 -38.76
C ILE O 14 -27.85 3.64 -38.10
N LEU O 15 -26.81 3.38 -38.89
CA LEU O 15 -25.43 3.28 -38.39
C LEU O 15 -24.51 4.33 -38.96
N ASP O 16 -23.81 5.07 -38.09
CA ASP O 16 -22.96 6.15 -38.60
C ASP O 16 -21.90 5.58 -39.54
N PRO O 17 -21.89 6.00 -40.81
CA PRO O 17 -20.93 5.42 -41.76
C PRO O 17 -19.48 5.64 -41.39
N ARG O 18 -19.15 6.85 -40.93
CA ARG O 18 -17.78 7.16 -40.57
C ARG O 18 -17.27 6.33 -39.38
N ARG O 19 -18.11 6.16 -38.36
CA ARG O 19 -17.74 5.39 -37.18
C ARG O 19 -17.53 3.92 -37.50
N VAL O 20 -18.41 3.35 -38.32
CA VAL O 20 -18.34 1.94 -38.71
C VAL O 20 -17.06 1.69 -39.50
N LEU O 21 -16.76 2.58 -40.45
CA LEU O 21 -15.56 2.41 -41.26
C LEU O 21 -14.32 2.34 -40.39
N VAL O 22 -14.21 3.27 -39.43
CA VAL O 22 -13.06 3.31 -38.53
C VAL O 22 -13.01 2.07 -37.65
N SER O 23 -14.15 1.64 -37.11
CA SER O 23 -14.19 0.46 -36.25
C SER O 23 -13.85 -0.81 -36.99
N ILE O 24 -14.15 -0.88 -38.29
CA ILE O 24 -13.80 -2.07 -39.07
C ILE O 24 -12.29 -2.13 -39.25
N VAL O 25 -11.67 -0.98 -39.54
CA VAL O 25 -10.22 -0.96 -39.78
C VAL O 25 -9.49 -1.41 -38.53
N ALA O 26 -9.89 -0.91 -37.35
CA ALA O 26 -9.23 -1.30 -36.12
C ALA O 26 -9.50 -2.76 -35.79
N PHE O 27 -10.76 -3.21 -35.95
CA PHE O 27 -11.07 -4.61 -35.75
C PHE O 27 -10.22 -5.50 -36.65
N GLN O 28 -10.09 -5.12 -37.92
CA GLN O 28 -9.37 -5.96 -38.87
C GLN O 28 -7.87 -5.98 -38.56
N ILE O 29 -7.31 -4.84 -38.15
CA ILE O 29 -5.89 -4.79 -37.82
C ILE O 29 -5.59 -5.62 -36.58
N VAL O 30 -6.44 -5.48 -35.56
CA VAL O 30 -6.29 -6.30 -34.35
C VAL O 30 -6.43 -7.78 -34.70
N LEU O 31 -7.45 -8.12 -35.50
CA LEU O 31 -7.63 -9.49 -35.94
C LEU O 31 -6.41 -10.00 -36.67
N GLY O 32 -5.84 -9.19 -37.56
CA GLY O 32 -4.64 -9.62 -38.28
C GLY O 32 -3.46 -9.86 -37.36
N LEU O 33 -3.25 -8.96 -36.39
CA LEU O 33 -2.19 -9.17 -35.41
C LEU O 33 -2.46 -10.41 -34.58
N LEU O 34 -3.71 -10.60 -34.14
CA LEU O 34 -4.07 -11.75 -33.32
C LEU O 34 -3.83 -13.07 -34.05
N ILE O 35 -4.23 -13.14 -35.32
CA ILE O 35 -4.15 -14.39 -36.07
C ILE O 35 -2.70 -14.74 -36.40
N HIS O 36 -1.90 -13.75 -36.79
CA HIS O 36 -0.47 -13.99 -36.96
C HIS O 36 0.14 -14.58 -35.69
N MET O 37 -0.18 -13.99 -34.53
CA MET O 37 0.38 -14.50 -33.28
CA MET O 37 0.36 -14.50 -33.27
C MET O 37 -0.05 -15.94 -33.02
N ILE O 38 -1.29 -16.29 -33.36
CA ILE O 38 -1.76 -17.66 -33.19
C ILE O 38 -0.94 -18.61 -34.04
N VAL O 39 -0.72 -18.25 -35.31
CA VAL O 39 -0.05 -19.14 -36.25
C VAL O 39 1.42 -19.30 -35.88
N LEU O 40 2.04 -18.23 -35.36
CA LEU O 40 3.41 -18.33 -34.90
C LEU O 40 3.55 -19.24 -33.68
N SER O 41 2.48 -19.43 -32.92
CA SER O 41 2.51 -20.33 -31.78
C SER O 41 2.20 -21.77 -32.15
N THR O 42 2.08 -22.10 -33.44
CA THR O 42 1.78 -23.46 -33.83
C THR O 42 2.92 -24.05 -34.65
N ASP O 43 2.74 -25.32 -35.03
CA ASP O 43 3.63 -26.00 -35.96
C ASP O 43 3.79 -25.25 -37.28
N LEU O 44 2.85 -24.37 -37.61
CA LEU O 44 2.89 -23.64 -38.87
C LEU O 44 3.87 -22.47 -38.84
N ASN O 45 4.46 -22.16 -37.70
CA ASN O 45 5.40 -21.05 -37.55
C ASN O 45 6.40 -21.05 -38.70
N TRP O 46 6.47 -19.92 -39.41
CA TRP O 46 7.31 -19.80 -40.59
C TRP O 46 8.58 -19.00 -40.36
N LEU O 47 8.77 -18.43 -39.17
CA LEU O 47 9.96 -17.62 -38.93
C LEU O 47 11.11 -18.42 -38.35
N ASP O 48 10.80 -19.31 -37.43
CA ASP O 48 11.82 -20.10 -36.74
C ASP O 48 11.77 -21.55 -37.16
N ASP O 49 11.31 -21.86 -38.37
CA ASP O 49 11.23 -23.23 -38.86
C ASP O 49 12.51 -23.71 -39.52
N ASN O 50 13.51 -22.84 -39.64
CA ASN O 50 14.78 -23.15 -40.29
C ASN O 50 14.58 -23.56 -41.75
N ILE O 51 13.51 -23.06 -42.36
CA ILE O 51 13.25 -23.24 -43.78
C ILE O 51 13.41 -21.88 -44.45
N PRO O 52 14.21 -21.74 -45.51
CA PRO O 52 14.98 -22.76 -46.24
C PRO O 52 16.25 -23.23 -45.51
N VAL O 53 16.70 -22.47 -44.51
CA VAL O 53 17.94 -22.79 -43.80
C VAL O 53 17.92 -22.09 -42.45
N SER O 54 18.79 -22.54 -41.55
CA SER O 54 19.02 -21.88 -40.27
C SER O 54 20.14 -20.87 -40.44
N TYR O 55 19.87 -19.60 -40.15
CA TYR O 55 20.89 -18.57 -40.34
C TYR O 55 21.80 -18.39 -39.14
N GLN O 56 21.36 -18.80 -37.94
CA GLN O 56 22.28 -18.85 -36.80
C GLN O 56 23.29 -19.98 -36.91
N ALA O 57 22.92 -21.07 -37.58
CA ALA O 57 23.79 -22.22 -37.81
C ALA O 57 24.82 -21.96 -38.90
N LEU O 58 24.76 -20.80 -39.54
CA LEU O 58 25.77 -20.40 -40.52
C LEU O 58 26.93 -19.65 -39.88
N GLY O 59 26.68 -18.95 -38.78
CA GLY O 59 27.73 -18.28 -38.05
C GLY O 59 28.35 -19.13 -36.97
N SER P 6 -34.12 10.30 -40.97
CA SER P 6 -33.26 9.18 -40.62
C SER P 6 -32.36 9.53 -39.44
N LEU P 7 -31.65 8.52 -38.93
CA LEU P 7 -30.89 8.65 -37.69
C LEU P 7 -29.48 9.19 -37.90
N THR P 8 -28.81 8.79 -39.00
CA THR P 8 -27.42 9.17 -39.21
C THR P 8 -27.25 10.51 -39.92
N GLY P 9 -28.33 11.11 -40.40
CA GLY P 9 -28.26 12.37 -41.11
C GLY P 9 -28.00 12.25 -42.60
N LEU P 10 -27.51 11.10 -43.05
CA LEU P 10 -27.41 10.85 -44.49
C LEU P 10 -28.79 10.90 -45.12
N THR P 11 -28.86 11.42 -46.34
CA THR P 11 -30.11 11.30 -47.07
C THR P 11 -30.23 9.88 -47.62
N ASP P 12 -31.32 9.61 -48.33
CA ASP P 12 -31.49 8.27 -48.88
C ASP P 12 -30.49 8.01 -50.00
N ASP P 13 -30.29 8.99 -50.88
CA ASP P 13 -29.32 8.84 -51.97
C ASP P 13 -27.89 8.84 -51.47
N GLU P 14 -27.61 9.52 -50.36
CA GLU P 14 -26.25 9.48 -49.81
C GLU P 14 -25.95 8.11 -49.21
N ALA P 15 -26.95 7.47 -48.60
CA ALA P 15 -26.78 6.10 -48.13
C ALA P 15 -26.60 5.16 -49.32
N LYS P 16 -27.33 5.41 -50.40
CA LYS P 16 -27.21 4.59 -51.61
C LYS P 16 -25.80 4.70 -52.17
N GLU P 17 -25.30 5.93 -52.30
CA GLU P 17 -23.95 6.14 -52.82
C GLU P 17 -22.91 5.51 -51.91
N PHE P 18 -23.03 5.72 -50.60
CA PHE P 18 -22.07 5.13 -49.68
C PHE P 18 -22.08 3.61 -49.76
N HIS P 19 -23.27 3.01 -49.85
CA HIS P 19 -23.36 1.56 -49.87
C HIS P 19 -22.68 0.96 -51.09
N ALA P 20 -22.83 1.61 -52.24
CA ALA P 20 -22.24 1.07 -53.47
C ALA P 20 -20.73 1.11 -53.43
N ILE P 21 -20.15 2.20 -52.91
CA ILE P 21 -18.70 2.29 -52.80
C ILE P 21 -18.19 1.37 -51.71
N PHE P 22 -18.96 1.20 -50.63
CA PHE P 22 -18.55 0.33 -49.54
C PHE P 22 -18.47 -1.12 -50.01
N MET P 23 -19.51 -1.58 -50.72
CA MET P 23 -19.52 -2.97 -51.15
C MET P 23 -18.41 -3.26 -52.15
N GLN P 24 -18.13 -2.32 -53.05
CA GLN P 24 -17.05 -2.51 -54.02
C GLN P 24 -15.70 -2.56 -53.33
N SER P 25 -15.47 -1.66 -52.35
CA SER P 25 -14.20 -1.65 -51.63
C SER P 25 -14.04 -2.90 -50.78
N MET P 26 -15.12 -3.34 -50.11
CA MET P 26 -15.05 -4.53 -49.29
C MET P 26 -14.76 -5.76 -50.14
N TYR P 27 -15.38 -5.85 -51.31
CA TYR P 27 -15.13 -6.98 -52.19
C TYR P 27 -13.68 -6.98 -52.67
N ALA P 28 -13.15 -5.79 -52.97
CA ALA P 28 -11.74 -5.71 -53.33
C ALA P 28 -10.85 -6.14 -52.17
N TRP P 29 -11.19 -5.74 -50.94
CA TRP P 29 -10.43 -6.19 -49.78
C TRP P 29 -10.51 -7.71 -49.61
N PHE P 30 -11.72 -8.27 -49.69
CA PHE P 30 -11.87 -9.72 -49.59
C PHE P 30 -11.15 -10.44 -50.72
N GLY P 31 -11.11 -9.82 -51.90
CA GLY P 31 -10.35 -10.41 -53.00
C GLY P 31 -8.88 -10.54 -52.66
N LEU P 32 -8.31 -9.52 -52.02
CA LEU P 32 -6.93 -9.60 -51.56
C LEU P 32 -6.74 -10.72 -50.55
N VAL P 33 -7.68 -10.88 -49.61
CA VAL P 33 -7.57 -11.94 -48.61
C VAL P 33 -7.57 -13.31 -49.27
N VAL P 34 -8.34 -13.47 -50.34
CA VAL P 34 -8.40 -14.75 -51.04
C VAL P 34 -7.07 -15.03 -51.74
N ILE P 35 -6.52 -14.01 -52.41
CA ILE P 35 -5.21 -14.15 -53.04
C ILE P 35 -4.17 -14.57 -52.02
N ALA P 36 -4.19 -13.92 -50.85
CA ALA P 36 -3.23 -14.23 -49.80
C ALA P 36 -3.38 -15.68 -49.31
N HIS P 37 -4.62 -16.18 -49.20
CA HIS P 37 -4.78 -17.55 -48.72
C HIS P 37 -4.43 -18.59 -49.78
N LEU P 38 -4.58 -18.27 -51.07
CA LEU P 38 -4.09 -19.18 -52.11
C LEU P 38 -2.57 -19.27 -52.07
N LEU P 39 -1.90 -18.12 -51.93
CA LEU P 39 -0.45 -18.17 -51.79
C LEU P 39 -0.07 -18.97 -50.55
N ALA P 40 -0.79 -18.77 -49.45
CA ALA P 40 -0.45 -19.48 -48.22
C ALA P 40 -0.74 -20.98 -48.35
N TRP P 41 -1.88 -21.32 -48.99
CA TRP P 41 -2.18 -22.73 -49.22
C TRP P 41 -1.18 -23.40 -50.15
N LEU P 42 -0.77 -22.70 -51.20
CA LEU P 42 0.23 -23.27 -52.10
C LEU P 42 1.56 -23.45 -51.38
N TYR P 43 1.90 -22.53 -50.48
CA TYR P 43 3.19 -22.59 -49.80
C TYR P 43 3.18 -23.55 -48.62
N ARG P 44 2.07 -23.59 -47.86
CA ARG P 44 2.05 -24.27 -46.56
C ARG P 44 0.62 -24.71 -46.28
N PRO P 45 0.13 -25.73 -46.99
CA PRO P 45 -1.25 -26.18 -46.76
C PRO P 45 -1.42 -26.66 -45.32
N TRP P 46 -2.54 -26.28 -44.73
CA TRP P 46 -2.77 -26.45 -43.30
C TRP P 46 -3.88 -27.43 -42.96
N LEU P 47 -4.60 -27.94 -43.96
CA LEU P 47 -5.61 -28.97 -43.71
C LEU P 47 -5.24 -30.28 -44.41
N THR Q 3 -43.74 -22.66 -35.58
CA THR Q 3 -44.67 -21.75 -36.22
C THR Q 3 -44.36 -20.29 -35.88
N MET Q 4 -43.95 -19.53 -36.89
CA MET Q 4 -43.67 -18.11 -36.72
C MET Q 4 -44.97 -17.32 -36.65
N ASN Q 5 -44.95 -16.26 -35.85
CA ASN Q 5 -46.12 -15.40 -35.71
C ASN Q 5 -46.12 -14.31 -36.78
N ALA Q 6 -47.32 -13.96 -37.25
CA ALA Q 6 -47.46 -12.94 -38.28
C ALA Q 6 -47.20 -11.54 -37.75
N ASN Q 7 -47.45 -11.31 -36.47
CA ASN Q 7 -47.18 -10.01 -35.86
C ASN Q 7 -45.85 -9.97 -35.11
N LEU Q 8 -44.93 -10.89 -35.43
CA LEU Q 8 -43.62 -10.86 -34.80
C LEU Q 8 -42.86 -9.57 -35.09
N TYR Q 9 -43.08 -8.96 -36.26
CA TYR Q 9 -42.41 -7.72 -36.60
C TYR Q 9 -42.60 -6.63 -35.56
N LYS Q 10 -43.65 -6.72 -34.73
CA LYS Q 10 -43.89 -5.69 -33.72
C LYS Q 10 -42.88 -5.75 -32.59
N ILE Q 11 -41.97 -6.73 -32.60
CA ILE Q 11 -40.90 -6.77 -31.61
C ILE Q 11 -40.03 -5.52 -31.71
N TRP Q 12 -39.93 -4.95 -32.91
CA TRP Q 12 -39.10 -3.76 -33.13
C TRP Q 12 -39.82 -2.50 -32.67
N LEU Q 13 -41.07 -2.62 -32.24
CA LEU Q 13 -41.72 -1.60 -31.44
C LEU Q 13 -41.35 -1.68 -29.97
N ILE Q 14 -40.74 -2.78 -29.52
CA ILE Q 14 -40.39 -2.99 -28.11
C ILE Q 14 -38.89 -2.82 -27.87
N LEU Q 15 -38.05 -3.55 -28.61
CA LEU Q 15 -36.60 -3.48 -28.44
C LEU Q 15 -36.03 -2.57 -29.51
N ASP Q 16 -35.09 -1.73 -29.10
CA ASP Q 16 -34.48 -0.76 -30.01
C ASP Q 16 -33.71 -1.51 -31.08
N PRO Q 17 -34.02 -1.31 -32.37
CA PRO Q 17 -33.32 -2.07 -33.41
C PRO Q 17 -31.82 -1.83 -33.47
N ARG Q 18 -31.39 -0.59 -33.26
CA ARG Q 18 -29.96 -0.29 -33.27
C ARG Q 18 -29.23 -0.99 -32.13
N ARG Q 19 -29.77 -0.95 -30.90
CA ARG Q 19 -29.07 -1.60 -29.79
C ARG Q 19 -29.04 -3.11 -29.96
N VAL Q 20 -30.12 -3.69 -30.49
CA VAL Q 20 -30.15 -5.13 -30.77
C VAL Q 20 -29.03 -5.50 -31.74
N LEU Q 21 -28.92 -4.74 -32.83
CA LEU Q 21 -27.87 -5.01 -33.82
C LEU Q 21 -26.49 -4.92 -33.17
N VAL Q 22 -26.26 -3.89 -32.34
CA VAL Q 22 -24.97 -3.72 -31.71
C VAL Q 22 -24.66 -4.89 -30.79
N SER Q 23 -25.66 -5.35 -30.03
CA SER Q 23 -25.45 -6.43 -29.07
C SER Q 23 -25.24 -7.79 -29.75
N ILE Q 24 -25.92 -8.04 -30.87
CA ILE Q 24 -25.71 -9.28 -31.62
C ILE Q 24 -24.30 -9.33 -32.18
N VAL Q 25 -23.87 -8.25 -32.85
CA VAL Q 25 -22.52 -8.19 -33.38
C VAL Q 25 -21.50 -8.46 -32.27
N ALA Q 26 -21.67 -7.78 -31.13
CA ALA Q 26 -20.74 -7.96 -30.02
C ALA Q 26 -20.78 -9.41 -29.53
N PHE Q 27 -21.98 -9.96 -29.33
CA PHE Q 27 -22.11 -11.32 -28.82
C PHE Q 27 -21.47 -12.33 -29.78
N GLN Q 28 -21.66 -12.14 -31.08
CA GLN Q 28 -21.16 -13.12 -32.04
C GLN Q 28 -19.65 -13.06 -32.22
N ILE Q 29 -19.04 -11.86 -32.13
CA ILE Q 29 -17.59 -11.77 -32.17
C ILE Q 29 -16.98 -12.54 -30.99
N VAL Q 30 -17.58 -12.37 -29.81
CA VAL Q 30 -17.12 -13.10 -28.62
C VAL Q 30 -17.32 -14.60 -28.81
N LEU Q 31 -18.54 -15.00 -29.18
CA LEU Q 31 -18.82 -16.41 -29.40
C LEU Q 31 -17.89 -17.02 -30.44
N GLY Q 32 -17.66 -16.31 -31.54
CA GLY Q 32 -16.77 -16.85 -32.56
C GLY Q 32 -15.36 -17.09 -32.06
N LEU Q 33 -14.79 -16.10 -31.36
CA LEU Q 33 -13.46 -16.29 -30.78
C LEU Q 33 -13.47 -17.38 -29.71
N LEU Q 34 -14.50 -17.41 -28.88
CA LEU Q 34 -14.57 -18.39 -27.81
C LEU Q 34 -14.65 -19.81 -28.36
N ILE Q 35 -15.46 -20.03 -29.40
CA ILE Q 35 -15.64 -21.39 -29.91
C ILE Q 35 -14.38 -21.84 -30.63
N HIS Q 36 -13.76 -20.96 -31.43
CA HIS Q 36 -12.50 -21.31 -32.09
C HIS Q 36 -11.44 -21.71 -31.06
N MET Q 37 -11.39 -21.02 -29.92
CA MET Q 37 -10.34 -21.30 -28.94
C MET Q 37 -10.60 -22.58 -28.17
N ILE Q 38 -11.86 -22.84 -27.80
CA ILE Q 38 -12.19 -24.09 -27.11
C ILE Q 38 -11.78 -25.29 -27.95
N VAL Q 39 -12.10 -25.26 -29.25
CA VAL Q 39 -11.79 -26.38 -30.12
C VAL Q 39 -10.29 -26.51 -30.33
N LEU Q 40 -9.56 -25.39 -30.38
CA LEU Q 40 -8.11 -25.45 -30.50
C LEU Q 40 -7.45 -26.08 -29.27
N SER Q 41 -8.13 -26.08 -28.12
CA SER Q 41 -7.61 -26.70 -26.91
C SER Q 41 -8.04 -28.16 -26.76
N THR Q 42 -8.49 -28.80 -27.85
CA THR Q 42 -8.97 -30.17 -27.81
C THR Q 42 -8.37 -30.97 -28.96
N ASP Q 43 -8.75 -32.25 -29.00
CA ASP Q 43 -8.35 -33.16 -30.08
C ASP Q 43 -8.70 -32.66 -31.47
N LEU Q 44 -9.66 -31.76 -31.59
CA LEU Q 44 -10.08 -31.28 -32.89
C LEU Q 44 -9.14 -30.21 -33.47
N ASN Q 45 -8.12 -29.78 -32.71
CA ASN Q 45 -7.19 -28.75 -33.14
C ASN Q 45 -6.63 -29.06 -34.53
N TRP Q 46 -6.76 -28.10 -35.45
CA TRP Q 46 -6.34 -28.31 -36.83
C TRP Q 46 -5.03 -27.63 -37.17
N LEU Q 47 -4.43 -26.90 -36.22
CA LEU Q 47 -3.17 -26.18 -36.49
C LEU Q 47 -1.93 -26.95 -36.07
N ASP Q 48 -1.99 -27.68 -34.95
CA ASP Q 48 -0.85 -28.41 -34.43
C ASP Q 48 -1.04 -29.91 -34.59
N ASP Q 49 -1.87 -30.32 -35.56
CA ASP Q 49 -2.17 -31.71 -35.77
C ASP Q 49 -1.21 -32.38 -36.75
N ASN Q 50 -0.24 -31.62 -37.26
CA ASN Q 50 0.73 -32.13 -38.22
C ASN Q 50 0.05 -32.73 -39.44
N ILE Q 51 -1.08 -32.16 -39.83
CA ILE Q 51 -1.81 -32.53 -41.04
C ILE Q 51 -1.88 -31.30 -41.92
N PRO Q 52 -1.41 -31.35 -43.18
CA PRO Q 52 -0.97 -32.58 -43.86
C PRO Q 52 0.43 -33.04 -43.46
N VAL Q 53 1.28 -32.12 -42.99
CA VAL Q 53 2.59 -32.47 -42.46
C VAL Q 53 2.90 -31.58 -41.27
N SER Q 54 3.97 -31.93 -40.56
CA SER Q 54 4.56 -31.04 -39.56
C SER Q 54 5.61 -30.20 -40.29
N TYR Q 55 5.44 -28.89 -40.25
CA TYR Q 55 6.39 -27.98 -40.90
C TYR Q 55 7.61 -27.66 -40.06
N GLN Q 56 7.53 -27.86 -38.75
CA GLN Q 56 8.74 -27.70 -37.94
C GLN Q 56 9.72 -28.84 -38.16
N ALA Q 57 9.28 -29.99 -38.69
CA ALA Q 57 10.25 -31.05 -38.94
C ALA Q 57 11.02 -30.90 -40.25
N LEU Q 58 10.50 -30.14 -41.23
CA LEU Q 58 11.29 -29.96 -42.46
C LEU Q 58 12.55 -29.14 -42.24
N GLY Q 59 12.78 -28.61 -41.05
CA GLY Q 59 13.96 -27.81 -40.77
C GLY Q 59 14.83 -28.37 -39.67
N LEU R 7 -41.87 1.35 -26.00
CA LEU R 7 -41.96 1.72 -27.41
C LEU R 7 -40.67 2.37 -27.88
N THR R 8 -40.20 1.98 -29.07
CA THR R 8 -38.91 2.40 -29.59
C THR R 8 -39.00 3.62 -30.52
N GLY R 9 -40.20 4.09 -30.82
CA GLY R 9 -40.34 5.22 -31.71
C GLY R 9 -40.44 4.90 -33.18
N LEU R 10 -40.38 3.63 -33.56
CA LEU R 10 -40.63 3.26 -34.94
C LEU R 10 -42.13 3.22 -35.20
N THR R 11 -42.52 3.62 -36.40
CA THR R 11 -43.89 3.41 -36.83
C THR R 11 -44.09 1.94 -37.22
N ASP R 12 -45.36 1.57 -37.40
CA ASP R 12 -45.68 0.19 -37.78
C ASP R 12 -45.07 -0.18 -39.12
N ASP R 13 -45.10 0.73 -40.11
CA ASP R 13 -44.51 0.38 -41.41
C ASP R 13 -42.99 0.29 -41.34
N GLU R 14 -42.34 1.13 -40.53
CA GLU R 14 -40.89 0.98 -40.37
C GLU R 14 -40.55 -0.34 -39.71
N ALA R 15 -41.35 -0.76 -38.73
CA ALA R 15 -41.10 -2.04 -38.09
C ALA R 15 -41.31 -3.20 -39.06
N LYS R 16 -42.27 -3.09 -39.97
CA LYS R 16 -42.42 -4.10 -41.01
C LYS R 16 -41.19 -4.15 -41.91
N GLU R 17 -40.72 -2.98 -42.33
CA GLU R 17 -39.60 -2.94 -43.27
C GLU R 17 -38.30 -3.40 -42.62
N PHE R 18 -38.01 -2.91 -41.40
CA PHE R 18 -36.82 -3.36 -40.71
C PHE R 18 -36.84 -4.87 -40.47
N HIS R 19 -37.99 -5.42 -40.07
CA HIS R 19 -38.09 -6.86 -39.81
C HIS R 19 -37.78 -7.68 -41.04
N ALA R 20 -38.31 -7.30 -42.20
CA ALA R 20 -38.08 -8.07 -43.41
C ALA R 20 -36.60 -8.09 -43.77
N ILE R 21 -35.93 -6.95 -43.65
CA ILE R 21 -34.50 -6.90 -43.94
C ILE R 21 -33.73 -7.63 -42.86
N PHE R 22 -34.13 -7.46 -41.60
CA PHE R 22 -33.45 -8.16 -40.50
C PHE R 22 -33.52 -9.67 -40.69
N MET R 23 -34.72 -10.18 -41.00
CA MET R 23 -34.88 -11.63 -41.12
C MET R 23 -34.15 -12.17 -42.35
N GLN R 24 -34.23 -11.45 -43.48
CA GLN R 24 -33.52 -11.89 -44.68
C GLN R 24 -32.01 -11.87 -44.45
N SER R 25 -31.52 -10.87 -43.72
CA SER R 25 -30.09 -10.76 -43.45
C SER R 25 -29.64 -11.83 -42.46
N MET R 26 -30.44 -12.08 -41.42
CA MET R 26 -30.09 -13.10 -40.44
C MET R 26 -30.07 -14.49 -41.08
N TYR R 27 -31.06 -14.79 -41.91
CA TYR R 27 -31.09 -16.09 -42.58
C TYR R 27 -29.89 -16.26 -43.50
N ALA R 28 -29.46 -15.19 -44.17
CA ALA R 28 -28.27 -15.29 -45.00
C ALA R 28 -27.05 -15.60 -44.15
N TRP R 29 -26.92 -14.93 -42.99
CA TRP R 29 -25.84 -15.26 -42.07
C TRP R 29 -25.90 -16.71 -41.62
N PHE R 30 -27.11 -17.18 -41.26
CA PHE R 30 -27.30 -18.57 -40.83
C PHE R 30 -26.96 -19.57 -41.93
N GLY R 31 -27.21 -19.22 -43.19
CA GLY R 31 -26.85 -20.11 -44.28
C GLY R 31 -25.36 -20.31 -44.42
N LEU R 32 -24.59 -19.24 -44.18
CA LEU R 32 -23.14 -19.37 -44.15
C LEU R 32 -22.67 -20.28 -43.02
N VAL R 33 -23.28 -20.16 -41.84
CA VAL R 33 -22.89 -21.01 -40.72
C VAL R 33 -23.09 -22.48 -41.05
N VAL R 34 -24.20 -22.82 -41.71
CA VAL R 34 -24.47 -24.22 -42.04
C VAL R 34 -23.45 -24.75 -43.03
N ILE R 35 -23.15 -23.97 -44.08
CA ILE R 35 -22.16 -24.38 -45.07
C ILE R 35 -20.80 -24.57 -44.40
N ALA R 36 -20.43 -23.67 -43.49
CA ALA R 36 -19.17 -23.81 -42.78
C ALA R 36 -19.15 -25.12 -41.99
N HIS R 37 -20.27 -25.48 -41.37
CA HIS R 37 -20.30 -26.69 -40.55
C HIS R 37 -20.38 -27.94 -41.40
N LEU R 38 -20.94 -27.83 -42.60
CA LEU R 38 -20.92 -28.96 -43.52
C LEU R 38 -19.51 -29.25 -43.99
N LEU R 39 -18.75 -28.21 -44.33
CA LEU R 39 -17.35 -28.39 -44.68
C LEU R 39 -16.56 -28.90 -43.49
N ALA R 40 -16.86 -28.39 -42.30
CA ALA R 40 -16.14 -28.83 -41.11
C ALA R 40 -16.47 -30.28 -40.78
N TRP R 41 -17.75 -30.65 -40.92
CA TRP R 41 -18.16 -32.02 -40.62
C TRP R 41 -17.55 -33.00 -41.63
N LEU R 42 -17.50 -32.61 -42.90
CA LEU R 42 -16.86 -33.45 -43.91
C LEU R 42 -15.36 -33.55 -43.68
N TYR R 43 -14.72 -32.47 -43.20
CA TYR R 43 -13.28 -32.48 -43.00
C TYR R 43 -12.86 -33.20 -41.73
N ARG R 44 -13.60 -33.03 -40.64
CA ARG R 44 -13.16 -33.49 -39.32
C ARG R 44 -14.41 -33.71 -38.47
N PRO R 45 -15.15 -34.78 -38.75
CA PRO R 45 -16.37 -35.05 -37.97
C PRO R 45 -16.04 -35.24 -36.50
N TRP R 46 -16.83 -34.59 -35.64
CA TRP R 46 -16.53 -34.47 -34.22
C TRP R 46 -17.50 -35.23 -33.34
N LEU R 47 -18.53 -35.86 -33.90
CA LEU R 47 -19.37 -36.77 -33.13
C LEU R 47 -19.26 -38.19 -33.66
N THR S 3 -51.84 -26.28 -14.42
CA THR S 3 -53.03 -25.43 -14.32
C THR S 3 -52.63 -23.95 -14.41
N MET S 4 -53.08 -23.27 -15.46
CA MET S 4 -52.77 -21.87 -15.68
C MET S 4 -54.03 -21.03 -15.59
N ASN S 5 -53.85 -19.76 -15.22
CA ASN S 5 -54.96 -18.84 -15.02
C ASN S 5 -55.36 -18.17 -16.32
N ALA S 6 -56.67 -17.90 -16.45
CA ALA S 6 -57.19 -17.22 -17.63
C ALA S 6 -56.75 -15.76 -17.70
N ASN S 7 -56.39 -15.15 -16.56
CA ASN S 7 -55.97 -13.76 -16.54
C ASN S 7 -54.46 -13.61 -16.42
N LEU S 8 -53.71 -14.62 -16.85
CA LEU S 8 -52.24 -14.59 -16.75
C LEU S 8 -51.63 -13.52 -17.64
N TYR S 9 -52.32 -13.13 -18.72
CA TYR S 9 -51.82 -12.09 -19.61
C TYR S 9 -51.64 -10.75 -18.90
N LYS S 10 -52.37 -10.51 -17.81
CA LYS S 10 -52.27 -9.27 -17.05
C LYS S 10 -50.91 -9.07 -16.41
N ILE S 11 -50.01 -10.06 -16.48
CA ILE S 11 -48.67 -9.91 -15.92
C ILE S 11 -47.91 -8.79 -16.63
N TRP S 12 -48.24 -8.52 -17.89
CA TRP S 12 -47.59 -7.46 -18.65
C TRP S 12 -48.12 -6.07 -18.30
N LEU S 13 -49.19 -5.99 -17.50
CA LEU S 13 -49.56 -4.78 -16.80
C LEU S 13 -48.73 -4.55 -15.54
N ILE S 14 -47.92 -5.52 -15.14
CA ILE S 14 -47.15 -5.46 -13.89
C ILE S 14 -45.66 -5.39 -14.17
N LEU S 15 -45.14 -6.27 -15.01
CA LEU S 15 -43.72 -6.34 -15.34
C LEU S 15 -43.48 -5.80 -16.74
N ASP S 16 -42.51 -4.90 -16.85
CA ASP S 16 -42.18 -4.28 -18.13
C ASP S 16 -41.79 -5.34 -19.16
N PRO S 17 -42.49 -5.40 -20.30
CA PRO S 17 -42.15 -6.41 -21.31
C PRO S 17 -40.73 -6.28 -21.83
N ARG S 18 -40.25 -5.03 -21.97
CA ARG S 18 -38.92 -4.79 -22.55
C ARG S 18 -37.82 -5.37 -21.70
N ARG S 19 -37.83 -5.02 -20.41
CA ARG S 19 -36.81 -5.46 -19.47
C ARG S 19 -36.86 -6.96 -19.26
N VAL S 20 -38.04 -7.54 -19.32
CA VAL S 20 -38.17 -8.98 -19.14
C VAL S 20 -37.55 -9.73 -20.31
N LEU S 21 -37.86 -9.31 -21.54
CA LEU S 21 -37.30 -9.96 -22.71
C LEU S 21 -35.78 -9.88 -22.72
N VAL S 22 -35.22 -8.71 -22.43
CA VAL S 22 -33.76 -8.57 -22.46
C VAL S 22 -33.14 -9.51 -21.42
N SER S 23 -33.72 -9.54 -20.21
CA SER S 23 -33.17 -10.38 -19.15
C SER S 23 -33.25 -11.86 -19.50
N ILE S 24 -34.34 -12.29 -20.15
CA ILE S 24 -34.48 -13.69 -20.53
C ILE S 24 -33.38 -14.12 -21.48
N VAL S 25 -33.14 -13.35 -22.54
CA VAL S 25 -32.14 -13.80 -23.50
C VAL S 25 -30.76 -13.70 -22.87
N ALA S 26 -30.55 -12.72 -21.98
CA ALA S 26 -29.27 -12.66 -21.29
C ALA S 26 -29.09 -13.85 -20.36
N PHE S 27 -30.13 -14.19 -19.61
CA PHE S 27 -30.04 -15.33 -18.69
C PHE S 27 -29.85 -16.63 -19.47
N GLN S 28 -30.60 -16.81 -20.56
CA GLN S 28 -30.53 -18.05 -21.31
C GLN S 28 -29.17 -18.21 -21.99
N ILE S 29 -28.61 -17.12 -22.51
CA ILE S 29 -27.30 -17.21 -23.14
C ILE S 29 -26.24 -17.58 -22.10
N VAL S 30 -26.31 -16.97 -20.91
CA VAL S 30 -25.34 -17.25 -19.85
CA VAL S 30 -25.31 -17.27 -19.91
C VAL S 30 -25.54 -18.67 -19.31
N LEU S 31 -26.80 -19.07 -19.15
CA LEU S 31 -27.08 -20.42 -18.67
C LEU S 31 -26.60 -21.47 -19.67
N GLY S 32 -26.75 -21.19 -20.97
CA GLY S 32 -26.31 -22.14 -21.98
C GLY S 32 -24.80 -22.25 -22.05
N LEU S 33 -24.10 -21.12 -21.95
CA LEU S 33 -22.65 -21.18 -21.81
C LEU S 33 -22.24 -21.99 -20.59
N LEU S 34 -22.90 -21.77 -19.45
CA LEU S 34 -22.55 -22.48 -18.23
C LEU S 34 -22.74 -23.97 -18.40
N ILE S 35 -23.88 -24.40 -18.96
CA ILE S 35 -24.15 -25.82 -19.05
C ILE S 35 -23.16 -26.50 -20.00
N HIS S 36 -22.84 -25.85 -21.12
CA HIS S 36 -21.82 -26.40 -22.02
C HIS S 36 -20.48 -26.53 -21.31
N MET S 37 -20.16 -25.57 -20.43
CA MET S 37 -18.92 -25.61 -19.67
CA MET S 37 -18.89 -25.65 -19.73
C MET S 37 -18.88 -26.79 -18.72
N ILE S 38 -19.97 -26.98 -17.98
CA ILE S 38 -20.03 -28.06 -17.00
C ILE S 38 -19.84 -29.41 -17.68
N VAL S 39 -20.54 -29.64 -18.79
CA VAL S 39 -20.50 -30.93 -19.47
C VAL S 39 -19.12 -31.20 -20.05
N LEU S 40 -18.47 -30.19 -20.62
CA LEU S 40 -17.11 -30.38 -21.13
C LEU S 40 -16.14 -30.79 -20.03
N SER S 41 -16.33 -30.25 -18.83
N SER S 41 -16.32 -30.26 -18.83
CA SER S 41 -15.45 -30.57 -17.71
CA SER S 41 -15.41 -30.58 -17.73
C SER S 41 -15.72 -31.94 -17.10
C SER S 41 -15.71 -31.94 -17.10
N THR S 42 -16.62 -32.72 -17.67
CA THR S 42 -16.97 -34.03 -17.14
C THR S 42 -16.68 -35.14 -18.15
N ASP S 43 -17.09 -36.36 -17.78
CA ASP S 43 -16.93 -37.53 -18.63
C ASP S 43 -17.72 -37.42 -19.94
N LEU S 44 -18.70 -36.52 -19.99
CA LEU S 44 -19.57 -36.34 -21.14
C LEU S 44 -18.93 -35.49 -22.24
N ASN S 45 -17.71 -34.99 -22.02
CA ASN S 45 -17.01 -34.16 -22.99
C ASN S 45 -17.01 -34.80 -24.37
N TRP S 46 -17.49 -34.03 -25.36
CA TRP S 46 -17.67 -34.51 -26.72
C TRP S 46 -16.61 -33.95 -27.66
N LEU S 47 -15.74 -33.07 -27.18
CA LEU S 47 -14.69 -32.47 -27.98
C LEU S 47 -13.38 -33.21 -27.85
N ASP S 48 -13.01 -33.61 -26.63
CA ASP S 48 -11.73 -34.27 -26.42
C ASP S 48 -11.88 -35.77 -26.21
N ASP S 49 -12.98 -36.36 -26.69
CA ASP S 49 -13.24 -37.78 -26.45
C ASP S 49 -12.68 -38.69 -27.53
N ASN S 50 -12.00 -38.14 -28.53
CA ASN S 50 -11.43 -38.92 -29.64
C ASN S 50 -12.49 -39.73 -30.38
N ILE S 51 -13.73 -39.26 -30.40
CA ILE S 51 -14.82 -39.91 -31.12
C ILE S 51 -15.24 -38.97 -32.24
N PRO S 52 -15.33 -39.44 -33.50
CA PRO S 52 -15.17 -40.82 -33.97
C PRO S 52 -13.71 -41.32 -33.99
N VAL S 53 -12.73 -40.41 -34.10
CA VAL S 53 -11.32 -40.78 -34.08
C VAL S 53 -10.55 -39.69 -33.33
N SER S 54 -9.32 -40.01 -32.95
CA SER S 54 -8.39 -38.98 -32.53
C SER S 54 -7.83 -38.35 -33.78
N TYR S 55 -7.80 -37.02 -33.82
CA TYR S 55 -7.29 -36.34 -35.00
C TYR S 55 -5.85 -35.88 -34.85
N GLN S 56 -5.22 -36.08 -33.69
CA GLN S 56 -3.84 -35.66 -33.51
C GLN S 56 -2.95 -36.80 -34.01
N ALA S 57 -2.37 -36.60 -35.18
CA ALA S 57 -1.46 -37.57 -35.81
C ALA S 57 -0.04 -37.35 -35.31
N LEU S 58 0.74 -38.42 -35.29
CA LEU S 58 2.14 -38.30 -34.90
C LEU S 58 2.96 -37.71 -36.05
N LYS T 5 -52.93 4.05 -17.33
CA LYS T 5 -53.43 3.71 -16.00
C LYS T 5 -52.67 2.54 -15.39
N SER T 6 -52.21 1.62 -16.24
CA SER T 6 -51.39 0.51 -15.76
C SER T 6 -50.04 1.04 -15.28
N LEU T 7 -49.24 0.12 -14.72
CA LEU T 7 -47.92 0.48 -14.21
C LEU T 7 -46.80 0.21 -15.20
N THR T 8 -47.10 -0.47 -16.32
CA THR T 8 -46.14 -0.61 -17.40
C THR T 8 -46.38 0.34 -18.55
N GLY T 9 -47.60 0.89 -18.66
CA GLY T 9 -47.97 1.77 -19.74
C GLY T 9 -48.83 1.13 -20.81
N LEU T 10 -48.89 -0.20 -20.83
CA LEU T 10 -49.66 -0.93 -21.83
C LEU T 10 -51.14 -0.93 -21.48
N THR T 11 -51.98 -0.86 -22.50
CA THR T 11 -53.40 -1.07 -22.25
C THR T 11 -53.67 -2.56 -22.12
N ASP T 12 -54.91 -2.89 -21.77
CA ASP T 12 -55.30 -4.29 -21.63
C ASP T 12 -55.18 -5.05 -22.95
N ASP T 13 -55.60 -4.43 -24.06
CA ASP T 13 -55.52 -5.11 -25.34
C ASP T 13 -54.07 -5.33 -25.77
N GLU T 14 -53.20 -4.36 -25.49
CA GLU T 14 -51.79 -4.52 -25.83
C GLU T 14 -51.14 -5.66 -25.04
N ALA T 15 -51.47 -5.78 -23.75
CA ALA T 15 -50.91 -6.85 -22.91
C ALA T 15 -51.40 -8.22 -23.33
N LYS T 16 -52.67 -8.33 -23.75
CA LYS T 16 -53.19 -9.58 -24.28
C LYS T 16 -52.44 -10.00 -25.55
N GLU T 17 -52.16 -9.05 -26.44
CA GLU T 17 -51.46 -9.37 -27.67
C GLU T 17 -50.01 -9.78 -27.40
N PHE T 18 -49.31 -9.03 -26.54
CA PHE T 18 -47.95 -9.41 -26.20
C PHE T 18 -47.89 -10.78 -25.56
N HIS T 19 -48.85 -11.08 -24.67
CA HIS T 19 -48.87 -12.38 -24.01
C HIS T 19 -49.01 -13.49 -25.04
N ALA T 20 -49.87 -13.29 -26.05
CA ALA T 20 -50.11 -14.30 -27.07
C ALA T 20 -48.82 -14.59 -27.83
N ILE T 21 -48.15 -13.52 -28.28
CA ILE T 21 -46.90 -13.69 -29.01
C ILE T 21 -45.81 -14.23 -28.08
N PHE T 22 -45.77 -13.76 -26.83
CA PHE T 22 -44.76 -14.24 -25.89
C PHE T 22 -44.89 -15.74 -25.65
N MET T 23 -46.12 -16.21 -25.44
CA MET T 23 -46.32 -17.63 -25.16
C MET T 23 -46.03 -18.48 -26.39
N GLN T 24 -46.39 -17.99 -27.57
CA GLN T 24 -46.11 -18.74 -28.79
C GLN T 24 -44.61 -18.80 -29.05
N SER T 25 -43.91 -17.69 -28.87
CA SER T 25 -42.46 -17.67 -29.07
C SER T 25 -41.76 -18.54 -28.04
N MET T 26 -42.21 -18.48 -26.77
CA MET T 26 -41.56 -19.26 -25.72
C MET T 26 -41.77 -20.75 -25.94
N TYR T 27 -42.98 -21.16 -26.34
CA TYR T 27 -43.20 -22.58 -26.62
C TYR T 27 -42.38 -23.04 -27.82
N ALA T 28 -42.22 -22.16 -28.82
CA ALA T 28 -41.34 -22.49 -29.94
C ALA T 28 -39.90 -22.64 -29.46
N TRP T 29 -39.47 -21.80 -28.52
CA TRP T 29 -38.12 -21.96 -27.96
C TRP T 29 -38.00 -23.28 -27.21
N PHE T 30 -38.98 -23.57 -26.32
CA PHE T 30 -38.97 -24.81 -25.57
C PHE T 30 -39.04 -26.03 -26.49
N GLY T 31 -39.73 -25.90 -27.63
CA GLY T 31 -39.77 -27.00 -28.57
C GLY T 31 -38.40 -27.32 -29.12
N LEU T 32 -37.61 -26.28 -29.39
CA LEU T 32 -36.23 -26.47 -29.81
C LEU T 32 -35.38 -27.14 -28.73
N VAL T 33 -35.55 -26.70 -27.48
CA VAL T 33 -34.86 -27.32 -26.34
C VAL T 33 -35.10 -28.82 -26.25
N VAL T 34 -36.36 -29.25 -26.41
CA VAL T 34 -36.71 -30.67 -26.32
C VAL T 34 -36.05 -31.52 -27.40
N ILE T 35 -36.05 -31.06 -28.65
CA ILE T 35 -35.44 -31.83 -29.74
C ILE T 35 -33.95 -32.05 -29.51
N ALA T 36 -33.25 -31.00 -29.08
CA ALA T 36 -31.82 -31.14 -28.78
C ALA T 36 -31.55 -32.22 -27.74
N HIS T 37 -32.41 -32.30 -26.71
CA HIS T 37 -32.15 -33.28 -25.67
C HIS T 37 -32.50 -34.71 -26.09
N LEU T 38 -33.47 -34.88 -27.00
CA LEU T 38 -33.71 -36.20 -27.56
C LEU T 38 -32.54 -36.65 -28.42
N LEU T 39 -32.03 -35.74 -29.27
CA LEU T 39 -30.82 -36.04 -30.02
C LEU T 39 -29.68 -36.36 -29.07
N ALA T 40 -29.52 -35.54 -28.02
CA ALA T 40 -28.43 -35.76 -27.09
C ALA T 40 -28.63 -37.06 -26.31
N TRP T 41 -29.88 -37.35 -25.92
CA TRP T 41 -30.16 -38.59 -25.21
C TRP T 41 -29.91 -39.81 -26.10
N LEU T 42 -30.28 -39.72 -27.38
CA LEU T 42 -30.03 -40.84 -28.29
C LEU T 42 -28.54 -40.97 -28.57
N TYR T 43 -27.82 -39.85 -28.61
CA TYR T 43 -26.39 -39.89 -28.88
C TYR T 43 -25.58 -40.24 -27.64
N ARG T 44 -25.95 -39.69 -26.48
CA ARG T 44 -25.13 -39.80 -25.27
C ARG T 44 -26.02 -39.77 -24.04
N PRO T 45 -26.76 -40.85 -23.78
CA PRO T 45 -27.65 -40.87 -22.62
C PRO T 45 -26.85 -40.76 -21.32
N TRP T 46 -27.34 -39.89 -20.42
CA TRP T 46 -26.55 -39.49 -19.26
C TRP T 46 -27.12 -39.98 -17.93
N LEU T 47 -28.23 -40.71 -17.96
CA LEU T 47 -28.82 -41.22 -16.71
C LEU T 47 -29.03 -42.74 -16.75
N THR U 3 -53.02 -22.87 8.46
CA THR U 3 -54.28 -22.16 8.34
C THR U 3 -54.05 -20.69 8.01
N MET U 4 -54.23 -20.33 6.74
CA MET U 4 -53.98 -18.96 6.32
C MET U 4 -55.11 -18.03 6.77
N ASN U 5 -54.83 -16.74 6.72
CA ASN U 5 -55.79 -15.71 7.10
C ASN U 5 -56.58 -15.26 5.89
N ALA U 6 -57.87 -14.96 6.12
CA ALA U 6 -58.74 -14.54 5.02
C ALA U 6 -58.27 -13.23 4.39
N ASN U 7 -57.69 -12.34 5.19
CA ASN U 7 -57.20 -11.05 4.69
C ASN U 7 -55.74 -11.11 4.25
N LEU U 8 -55.22 -12.31 3.93
CA LEU U 8 -53.82 -12.42 3.54
C LEU U 8 -53.55 -11.70 2.22
N TYR U 9 -54.55 -11.60 1.34
CA TYR U 9 -54.38 -10.86 0.10
C TYR U 9 -53.91 -9.43 0.35
N LYS U 10 -54.23 -8.87 1.51
CA LYS U 10 -53.85 -7.51 1.87
C LYS U 10 -52.33 -7.35 1.97
N ILE U 11 -51.58 -8.45 1.80
CA ILE U 11 -50.12 -8.37 1.76
C ILE U 11 -49.66 -7.53 0.58
N TRP U 12 -50.44 -7.50 -0.50
CA TRP U 12 -50.11 -6.69 -1.66
C TRP U 12 -50.56 -5.25 -1.51
N LEU U 13 -51.16 -4.90 -0.37
CA LEU U 13 -51.31 -3.49 0.00
C LEU U 13 -50.08 -2.96 0.71
N ILE U 14 -49.24 -3.84 1.22
CA ILE U 14 -48.06 -3.46 1.99
C ILE U 14 -46.80 -3.62 1.14
N LEU U 15 -46.60 -4.79 0.54
CA LEU U 15 -45.44 -5.09 -0.29
C LEU U 15 -45.74 -4.95 -1.78
N ASP U 16 -44.82 -4.33 -2.52
CA ASP U 16 -45.01 -4.08 -3.96
C ASP U 16 -45.02 -5.41 -4.69
N PRO U 17 -46.10 -5.78 -5.40
CA PRO U 17 -46.11 -7.07 -6.12
C PRO U 17 -45.00 -7.21 -7.15
N ARG U 18 -44.67 -6.12 -7.83
CA ARG U 18 -43.63 -6.11 -8.83
C ARG U 18 -42.27 -6.37 -8.21
N ARG U 19 -41.92 -5.63 -7.16
CA ARG U 19 -40.62 -5.82 -6.53
C ARG U 19 -40.51 -7.23 -5.98
N VAL U 20 -41.63 -7.78 -5.50
CA VAL U 20 -41.68 -9.14 -4.98
C VAL U 20 -41.45 -10.20 -6.06
N LEU U 21 -42.12 -10.05 -7.22
CA LEU U 21 -41.99 -11.04 -8.30
C LEU U 21 -40.56 -11.14 -8.85
N VAL U 22 -39.91 -10.01 -9.07
CA VAL U 22 -38.53 -10.02 -9.57
C VAL U 22 -37.61 -10.71 -8.56
N SER U 23 -37.83 -10.43 -7.27
CA SER U 23 -36.98 -11.01 -6.23
C SER U 23 -37.13 -12.52 -6.18
N ILE U 24 -38.36 -13.03 -6.26
CA ILE U 24 -38.59 -14.47 -6.26
C ILE U 24 -37.89 -15.12 -7.45
N VAL U 25 -38.03 -14.53 -8.64
CA VAL U 25 -37.39 -15.09 -9.83
C VAL U 25 -35.88 -15.13 -9.65
N ALA U 26 -35.28 -14.02 -9.22
CA ALA U 26 -33.83 -14.00 -9.03
C ALA U 26 -33.40 -15.01 -7.98
N PHE U 27 -34.08 -15.04 -6.82
CA PHE U 27 -33.72 -15.97 -5.77
C PHE U 27 -33.85 -17.41 -6.24
N GLN U 28 -34.93 -17.72 -6.96
CA GLN U 28 -35.18 -19.09 -7.38
C GLN U 28 -34.13 -19.52 -8.39
N ILE U 29 -33.73 -18.62 -9.28
CA ILE U 29 -32.71 -18.93 -10.26
C ILE U 29 -31.40 -19.24 -9.55
N VAL U 30 -31.02 -18.40 -8.59
CA VAL U 30 -29.77 -18.56 -7.88
C VAL U 30 -29.81 -19.80 -6.99
N LEU U 31 -30.91 -19.97 -6.23
CA LEU U 31 -31.05 -21.17 -5.42
C LEU U 31 -30.98 -22.42 -6.28
N GLY U 32 -31.64 -22.40 -7.44
CA GLY U 32 -31.57 -23.54 -8.34
C GLY U 32 -30.15 -23.83 -8.78
N LEU U 33 -29.41 -22.78 -9.16
CA LEU U 33 -28.01 -22.95 -9.53
C LEU U 33 -27.21 -23.45 -8.34
N LEU U 34 -27.51 -22.92 -7.15
CA LEU U 34 -26.76 -23.28 -5.95
C LEU U 34 -26.99 -24.74 -5.59
N ILE U 35 -28.25 -25.18 -5.58
CA ILE U 35 -28.57 -26.54 -5.17
C ILE U 35 -27.99 -27.55 -6.16
N HIS U 36 -28.09 -27.27 -7.46
CA HIS U 36 -27.48 -28.15 -8.45
C HIS U 36 -25.98 -28.33 -8.20
N MET U 37 -25.28 -27.26 -7.83
CA MET U 37 -23.84 -27.36 -7.64
C MET U 37 -23.50 -28.18 -6.39
N ILE U 38 -24.26 -27.98 -5.31
CA ILE U 38 -24.03 -28.72 -4.07
C ILE U 38 -24.17 -30.22 -4.31
N VAL U 39 -25.22 -30.61 -5.05
CA VAL U 39 -25.48 -32.02 -5.34
C VAL U 39 -24.38 -32.59 -6.22
N LEU U 40 -23.88 -31.81 -7.18
CA LEU U 40 -22.80 -32.29 -8.03
C LEU U 40 -21.53 -32.54 -7.24
N SER U 41 -21.36 -31.86 -6.10
CA SER U 41 -20.15 -31.99 -5.29
C SER U 41 -20.12 -33.25 -4.43
N THR U 42 -21.19 -34.02 -4.41
CA THR U 42 -21.34 -35.16 -3.52
C THR U 42 -21.38 -36.45 -4.33
N ASP U 43 -21.56 -37.55 -3.60
CA ASP U 43 -21.77 -38.87 -4.21
C ASP U 43 -22.95 -38.88 -5.18
N LEU U 44 -23.88 -37.92 -5.05
CA LEU U 44 -25.07 -37.88 -5.86
C LEU U 44 -24.81 -37.41 -7.29
N ASN U 45 -23.61 -36.91 -7.59
CA ASN U 45 -23.22 -36.44 -8.92
C ASN U 45 -23.72 -37.36 -10.01
N TRP U 46 -24.50 -36.81 -10.95
CA TRP U 46 -25.10 -37.60 -12.01
C TRP U 46 -24.38 -37.41 -13.34
N LEU U 47 -23.33 -36.60 -13.38
CA LEU U 47 -22.58 -36.31 -14.59
C LEU U 47 -21.28 -37.09 -14.67
N ASP U 48 -20.52 -37.16 -13.59
CA ASP U 48 -19.24 -37.85 -13.55
C ASP U 48 -19.35 -39.24 -12.93
N ASP U 49 -20.56 -39.80 -12.88
CA ASP U 49 -20.76 -41.12 -12.28
C ASP U 49 -20.57 -42.25 -13.28
N ASN U 50 -20.31 -41.94 -14.56
CA ASN U 50 -20.12 -42.95 -15.60
C ASN U 50 -21.31 -43.88 -15.71
N ILE U 51 -22.50 -43.38 -15.43
CA ILE U 51 -23.76 -44.10 -15.61
C ILE U 51 -24.54 -43.41 -16.72
N PRO U 52 -24.99 -44.13 -17.76
CA PRO U 52 -24.93 -45.58 -17.95
C PRO U 52 -23.53 -46.12 -18.27
N VAL U 53 -22.69 -45.35 -18.96
CA VAL U 53 -21.35 -45.79 -19.32
C VAL U 53 -20.40 -44.59 -19.19
N SER U 54 -19.10 -44.89 -19.22
CA SER U 54 -18.06 -43.85 -19.28
C SER U 54 -17.75 -43.59 -20.74
N TYR U 55 -18.03 -42.37 -21.20
CA TYR U 55 -17.86 -42.01 -22.60
C TYR U 55 -16.42 -41.66 -22.98
N GLN U 56 -15.55 -41.34 -22.02
CA GLN U 56 -14.15 -41.14 -22.33
C GLN U 56 -13.40 -42.44 -22.56
N ALA U 57 -13.80 -43.53 -21.93
CA ALA U 57 -13.14 -44.82 -22.16
C ALA U 57 -13.25 -45.21 -23.64
N LEU U 58 -14.44 -45.01 -24.22
CA LEU U 58 -14.71 -45.20 -25.65
C LEU U 58 -13.66 -44.65 -26.60
N GLY U 59 -12.85 -43.68 -26.15
CA GLY U 59 -11.91 -43.04 -27.04
C GLY U 59 -10.46 -43.11 -26.59
N LYS U 60 -10.21 -43.73 -25.45
CA LYS U 60 -8.85 -43.88 -24.95
C LYS U 60 -8.60 -45.31 -24.48
N SER V 6 -53.24 1.84 1.37
CA SER V 6 -52.55 1.21 0.25
C SER V 6 -51.22 1.89 -0.01
N LEU V 7 -50.15 1.31 0.52
CA LEU V 7 -48.82 1.91 0.40
C LEU V 7 -48.20 1.64 -0.95
N THR V 8 -48.52 0.51 -1.58
CA THR V 8 -48.01 0.22 -2.91
C THR V 8 -48.77 0.97 -3.98
N GLY V 9 -50.06 1.26 -3.76
CA GLY V 9 -50.88 1.96 -4.73
C GLY V 9 -51.94 1.10 -5.38
N LEU V 10 -52.02 -0.18 -5.05
CA LEU V 10 -53.11 -1.02 -5.52
C LEU V 10 -54.37 -0.73 -4.72
N THR V 11 -55.52 -0.81 -5.40
CA THR V 11 -56.77 -0.75 -4.67
C THR V 11 -57.02 -2.08 -3.98
N ASP V 12 -58.12 -2.17 -3.22
CA ASP V 12 -58.40 -3.40 -2.51
C ASP V 12 -58.82 -4.52 -3.45
N ASP V 13 -59.54 -4.21 -4.54
CA ASP V 13 -59.91 -5.27 -5.48
C ASP V 13 -58.70 -5.71 -6.30
N GLU V 14 -57.81 -4.79 -6.64
CA GLU V 14 -56.60 -5.17 -7.37
C GLU V 14 -55.71 -6.07 -6.52
N ALA V 15 -55.55 -5.76 -5.23
CA ALA V 15 -54.79 -6.63 -4.34
C ALA V 15 -55.43 -8.01 -4.19
N LYS V 16 -56.76 -8.10 -4.26
CA LYS V 16 -57.41 -9.41 -4.21
C LYS V 16 -57.21 -10.20 -5.49
N GLU V 17 -57.27 -9.54 -6.65
CA GLU V 17 -57.07 -10.25 -7.91
C GLU V 17 -55.65 -10.75 -8.06
N PHE V 18 -54.67 -9.93 -7.69
CA PHE V 18 -53.28 -10.37 -7.81
C PHE V 18 -53.00 -11.55 -6.89
N HIS V 19 -53.51 -11.51 -5.65
CA HIS V 19 -53.28 -12.61 -4.72
C HIS V 19 -53.80 -13.93 -5.28
N ALA V 20 -55.02 -13.92 -5.82
CA ALA V 20 -55.60 -15.13 -6.39
C ALA V 20 -54.69 -15.73 -7.46
N ILE V 21 -54.18 -14.87 -8.35
CA ILE V 21 -53.35 -15.35 -9.46
C ILE V 21 -51.97 -15.73 -8.95
N PHE V 22 -51.46 -15.00 -7.95
CA PHE V 22 -50.16 -15.33 -7.36
C PHE V 22 -50.19 -16.72 -6.70
N MET V 23 -51.18 -16.97 -5.82
CA MET V 23 -51.26 -18.24 -5.12
C MET V 23 -51.40 -19.42 -6.09
N GLN V 24 -52.20 -19.23 -7.15
CA GLN V 24 -52.36 -20.27 -8.15
C GLN V 24 -51.09 -20.55 -8.89
N SER V 25 -50.36 -19.49 -9.26
CA SER V 25 -49.10 -19.68 -9.98
C SER V 25 -48.08 -20.31 -9.05
N MET V 26 -48.03 -19.87 -7.80
CA MET V 26 -47.09 -20.45 -6.84
C MET V 26 -47.34 -21.93 -6.66
N TYR V 27 -48.61 -22.32 -6.51
CA TYR V 27 -48.95 -23.73 -6.34
C TYR V 27 -48.59 -24.54 -7.57
N ALA V 28 -48.83 -23.98 -8.77
CA ALA V 28 -48.44 -24.67 -9.99
C ALA V 28 -46.93 -24.86 -10.06
N TRP V 29 -46.16 -23.85 -9.67
CA TRP V 29 -44.72 -24.01 -9.58
C TRP V 29 -44.37 -25.10 -8.57
N PHE V 30 -44.98 -25.04 -7.38
CA PHE V 30 -44.73 -26.06 -6.37
C PHE V 30 -45.16 -27.44 -6.84
N GLY V 31 -46.22 -27.51 -7.66
CA GLY V 31 -46.59 -28.79 -8.25
C GLY V 31 -45.47 -29.34 -9.11
N LEU V 32 -44.88 -28.48 -9.95
CA LEU V 32 -43.75 -28.88 -10.78
C LEU V 32 -42.58 -29.33 -9.92
N VAL V 33 -42.33 -28.61 -8.82
CA VAL V 33 -41.20 -28.96 -7.95
C VAL V 33 -41.42 -30.32 -7.33
N VAL V 34 -42.66 -30.61 -6.91
CA VAL V 34 -42.99 -31.90 -6.33
C VAL V 34 -42.83 -33.02 -7.37
N ILE V 35 -43.32 -32.78 -8.60
CA ILE V 35 -43.20 -33.79 -9.65
C ILE V 35 -41.74 -34.07 -9.96
N ALA V 36 -40.91 -33.03 -10.03
CA ALA V 36 -39.48 -33.22 -10.29
C ALA V 36 -38.83 -34.07 -9.20
N HIS V 37 -39.18 -33.81 -7.94
CA HIS V 37 -38.57 -34.53 -6.82
C HIS V 37 -39.09 -35.97 -6.71
N LEU V 38 -40.30 -36.22 -7.19
CA LEU V 38 -40.79 -37.58 -7.29
C LEU V 38 -39.89 -38.41 -8.21
N LEU V 39 -39.56 -37.86 -9.37
CA LEU V 39 -38.68 -38.56 -10.31
C LEU V 39 -37.28 -38.77 -9.73
N ALA V 40 -36.72 -37.76 -9.05
CA ALA V 40 -35.39 -37.90 -8.47
C ALA V 40 -35.34 -38.95 -7.38
N TRP V 41 -36.37 -39.04 -6.53
CA TRP V 41 -36.37 -40.07 -5.50
C TRP V 41 -36.45 -41.46 -6.14
N LEU V 42 -37.24 -41.59 -7.20
CA LEU V 42 -37.32 -42.87 -7.89
C LEU V 42 -36.01 -43.17 -8.61
N TYR V 43 -35.38 -42.15 -9.19
CA TYR V 43 -34.14 -42.39 -9.93
C TYR V 43 -32.94 -42.57 -9.00
N ARG V 44 -32.84 -41.77 -7.94
CA ARG V 44 -31.63 -41.72 -7.13
C ARG V 44 -31.97 -41.28 -5.72
N PRO V 45 -32.58 -42.16 -4.93
CA PRO V 45 -32.94 -41.80 -3.56
C PRO V 45 -31.71 -41.42 -2.74
N TRP V 46 -31.84 -40.38 -1.94
CA TRP V 46 -30.70 -39.77 -1.25
C TRP V 46 -30.78 -39.90 0.26
N LEU V 47 -31.84 -40.49 0.81
CA LEU V 47 -31.99 -40.65 2.25
C LEU V 47 -32.18 -42.12 2.58
N ASN W 5 -48.08 -9.71 25.13
CA ASN W 5 -48.87 -8.73 25.88
C ASN W 5 -50.04 -8.20 25.04
N ALA W 6 -51.10 -7.77 25.73
CA ALA W 6 -52.33 -7.33 25.08
C ALA W 6 -52.11 -6.13 24.17
N ASN W 7 -51.15 -5.27 24.50
CA ASN W 7 -50.85 -4.07 23.71
C ASN W 7 -49.63 -4.26 22.82
N LEU W 8 -49.22 -5.50 22.59
CA LEU W 8 -48.06 -5.77 21.76
C LEU W 8 -48.30 -5.30 20.32
N TYR W 9 -49.56 -5.26 19.88
CA TYR W 9 -49.86 -4.83 18.52
C TYR W 9 -49.34 -3.42 18.24
N LYS W 10 -49.18 -2.61 19.28
CA LYS W 10 -48.67 -1.25 19.06
C LYS W 10 -47.24 -1.25 18.55
N ILE W 11 -46.57 -2.41 18.52
CA ILE W 11 -45.21 -2.44 18.00
C ILE W 11 -45.20 -1.93 16.57
N TRP W 12 -46.31 -2.11 15.86
CA TRP W 12 -46.41 -1.63 14.49
C TRP W 12 -46.66 -0.13 14.40
N LEU W 13 -46.93 0.53 15.53
CA LEU W 13 -46.89 1.99 15.61
C LEU W 13 -45.49 2.52 15.78
N ILE W 14 -44.52 1.67 16.12
CA ILE W 14 -43.14 2.07 16.37
C ILE W 14 -42.21 1.64 15.25
N LEU W 15 -42.34 0.42 14.76
CA LEU W 15 -41.44 -0.17 13.78
C LEU W 15 -42.17 -0.39 12.47
N ASP W 16 -41.54 0.06 11.39
CA ASP W 16 -42.15 0.01 10.07
C ASP W 16 -42.52 -1.42 9.69
N PRO W 17 -43.80 -1.75 9.52
CA PRO W 17 -44.18 -3.13 9.15
C PRO W 17 -43.54 -3.62 7.87
N ARG W 18 -43.35 -2.73 6.89
CA ARG W 18 -42.82 -3.14 5.60
C ARG W 18 -41.33 -3.53 5.68
N ARG W 19 -40.47 -2.77 6.36
CA ARG W 19 -39.05 -3.15 6.45
C ARG W 19 -38.83 -4.36 7.34
N VAL W 20 -39.63 -4.49 8.41
CA VAL W 20 -39.54 -5.65 9.29
C VAL W 20 -39.86 -6.93 8.52
N LEU W 21 -40.89 -6.92 7.68
CA LEU W 21 -41.17 -8.11 6.88
C LEU W 21 -39.96 -8.43 6.01
N VAL W 22 -39.44 -7.43 5.30
CA VAL W 22 -38.29 -7.65 4.43
C VAL W 22 -37.10 -8.15 5.24
N SER W 23 -36.86 -7.56 6.41
CA SER W 23 -35.73 -8.01 7.22
C SER W 23 -35.93 -9.43 7.71
N ILE W 24 -37.16 -9.80 8.09
CA ILE W 24 -37.43 -11.16 8.51
C ILE W 24 -37.23 -12.13 7.35
N VAL W 25 -37.73 -11.77 6.17
CA VAL W 25 -37.59 -12.64 5.00
C VAL W 25 -36.12 -12.80 4.65
N ALA W 26 -35.40 -11.68 4.61
CA ALA W 26 -33.98 -11.71 4.26
C ALA W 26 -33.18 -12.50 5.29
N PHE W 27 -33.46 -12.28 6.57
CA PHE W 27 -32.73 -12.96 7.64
C PHE W 27 -32.99 -14.47 7.61
N GLN W 28 -34.25 -14.86 7.41
CA GLN W 28 -34.62 -16.28 7.42
C GLN W 28 -33.98 -17.05 6.28
N ILE W 29 -33.89 -16.45 5.08
CA ILE W 29 -33.26 -17.14 3.95
C ILE W 29 -31.77 -17.35 4.21
N VAL W 30 -31.08 -16.32 4.68
CA VAL W 30 -29.65 -16.45 4.95
C VAL W 30 -29.41 -17.46 6.06
N LEU W 31 -30.19 -17.36 7.14
CA LEU W 31 -30.08 -18.32 8.24
C LEU W 31 -30.29 -19.74 7.75
N GLY W 32 -31.34 -19.95 6.94
CA GLY W 32 -31.59 -21.28 6.40
C GLY W 32 -30.43 -21.80 5.58
N LEU W 33 -29.87 -20.95 4.71
CA LEU W 33 -28.67 -21.33 3.98
C LEU W 33 -27.51 -21.61 4.92
N LEU W 34 -27.35 -20.76 5.94
CA LEU W 34 -26.23 -20.91 6.87
C LEU W 34 -26.31 -22.22 7.64
N ILE W 35 -27.50 -22.56 8.12
CA ILE W 35 -27.66 -23.74 8.96
C ILE W 35 -27.44 -25.02 8.15
N HIS W 36 -27.98 -25.06 6.93
CA HIS W 36 -27.72 -26.17 6.02
C HIS W 36 -26.22 -26.34 5.78
N MET W 37 -25.53 -25.23 5.51
CA MET W 37 -24.09 -25.27 5.27
C MET W 37 -23.32 -25.73 6.50
N ILE W 38 -23.82 -25.39 7.70
CA ILE W 38 -23.16 -25.84 8.91
C ILE W 38 -23.33 -27.34 9.08
N VAL W 39 -24.57 -27.82 8.97
CA VAL W 39 -24.85 -29.25 9.16
C VAL W 39 -24.14 -30.09 8.12
N LEU W 40 -24.07 -29.60 6.87
CA LEU W 40 -23.38 -30.34 5.81
C LEU W 40 -21.87 -30.39 6.02
N SER W 41 -21.33 -29.60 6.94
CA SER W 41 -19.90 -29.60 7.22
C SER W 41 -19.51 -30.59 8.29
N THR W 42 -20.46 -31.34 8.84
CA THR W 42 -20.24 -32.22 9.98
C THR W 42 -20.63 -33.65 9.62
N ASP W 43 -20.52 -34.51 10.63
CA ASP W 43 -20.91 -35.92 10.52
C ASP W 43 -22.36 -36.09 10.09
N LEU W 44 -23.22 -35.09 10.34
CA LEU W 44 -24.63 -35.21 10.00
C LEU W 44 -24.92 -35.07 8.51
N ASN W 45 -23.91 -34.76 7.70
CA ASN W 45 -24.07 -34.59 6.26
C ASN W 45 -24.84 -35.77 5.66
N TRP W 46 -25.95 -35.45 5.00
CA TRP W 46 -26.82 -36.47 4.43
C TRP W 46 -26.65 -36.62 2.93
N LEU W 47 -25.86 -35.75 2.29
CA LEU W 47 -25.67 -35.83 0.84
C LEU W 47 -24.49 -36.71 0.44
N ASP W 48 -23.36 -36.62 1.14
CA ASP W 48 -22.15 -37.35 0.77
C ASP W 48 -21.92 -38.55 1.68
N ASP W 49 -22.97 -39.04 2.33
CA ASP W 49 -22.86 -40.08 3.34
C ASP W 49 -23.05 -41.47 2.76
N ASN W 50 -23.18 -41.60 1.44
CA ASN W 50 -23.35 -42.88 0.77
C ASN W 50 -24.57 -43.64 1.30
N ILE W 51 -25.61 -42.91 1.70
CA ILE W 51 -26.85 -43.49 2.19
C ILE W 51 -27.97 -43.03 1.28
N PRO W 52 -28.80 -43.95 0.73
CA PRO W 52 -28.89 -45.40 0.96
C PRO W 52 -27.74 -46.22 0.37
N VAL W 53 -27.03 -45.68 -0.63
CA VAL W 53 -25.97 -46.39 -1.33
C VAL W 53 -25.01 -45.34 -1.89
N SER W 54 -23.79 -45.77 -2.21
CA SER W 54 -22.87 -44.90 -2.92
C SER W 54 -23.15 -45.05 -4.40
N TYR W 55 -23.54 -43.94 -5.04
CA TYR W 55 -23.80 -43.94 -6.48
C TYR W 55 -22.53 -43.84 -7.32
N GLN W 56 -21.45 -43.29 -6.77
CA GLN W 56 -20.18 -43.34 -7.49
C GLN W 56 -19.64 -44.76 -7.54
N ALA W 57 -19.83 -45.53 -6.46
CA ALA W 57 -19.47 -46.93 -6.47
C ALA W 57 -20.29 -47.70 -7.51
N LEU W 58 -21.59 -47.39 -7.62
CA LEU W 58 -22.46 -47.98 -8.63
C LEU W 58 -21.93 -47.80 -10.05
N GLY W 59 -21.07 -46.82 -10.28
CA GLY W 59 -20.58 -46.55 -11.62
C GLY W 59 -19.17 -47.04 -11.89
N LYS W 60 -18.54 -47.64 -10.88
CA LYS W 60 -17.21 -48.19 -11.03
C LYS W 60 -17.28 -49.68 -11.35
N LEU X 7 -46.71 7.24 14.15
CA LEU X 7 -45.25 7.26 14.14
C LEU X 7 -44.74 6.45 12.94
N THR X 8 -45.40 5.33 12.64
CA THR X 8 -45.17 4.63 11.38
C THR X 8 -46.16 5.03 10.30
N GLY X 9 -47.28 5.66 10.67
CA GLY X 9 -48.36 5.98 9.76
C GLY X 9 -49.60 5.15 9.99
N LEU X 10 -49.43 3.92 10.48
CA LEU X 10 -50.57 3.07 10.80
C LEU X 10 -51.42 3.68 11.90
N THR X 11 -52.73 3.62 11.72
CA THR X 11 -53.63 3.98 12.80
C THR X 11 -53.68 2.83 13.79
N ASP X 12 -54.32 3.08 14.94
CA ASP X 12 -54.33 2.06 15.98
C ASP X 12 -55.04 0.80 15.47
N ASP X 13 -56.17 0.97 14.78
CA ASP X 13 -56.86 -0.19 14.25
C ASP X 13 -56.00 -0.91 13.21
N GLU X 14 -55.26 -0.16 12.39
CA GLU X 14 -54.39 -0.79 11.41
C GLU X 14 -53.30 -1.62 12.09
N ALA X 15 -52.70 -1.07 13.16
CA ALA X 15 -51.69 -1.84 13.88
C ALA X 15 -52.28 -3.08 14.53
N LYS X 16 -53.55 -3.02 14.93
CA LYS X 16 -54.22 -4.20 15.48
C LYS X 16 -54.44 -5.25 14.40
N GLU X 17 -54.92 -4.83 13.23
CA GLU X 17 -55.21 -5.79 12.17
C GLU X 17 -53.93 -6.42 11.63
N PHE X 18 -52.87 -5.63 11.46
CA PHE X 18 -51.60 -6.16 10.99
C PHE X 18 -51.02 -7.15 11.99
N HIS X 19 -51.17 -6.88 13.28
CA HIS X 19 -50.58 -7.76 14.28
C HIS X 19 -51.27 -9.12 14.30
N ALA X 20 -52.60 -9.12 14.16
CA ALA X 20 -53.35 -10.38 14.14
C ALA X 20 -52.89 -11.29 13.00
N ILE X 21 -52.73 -10.73 11.80
CA ILE X 21 -52.29 -11.52 10.66
C ILE X 21 -50.83 -11.92 10.80
N PHE X 22 -49.98 -11.00 11.27
CA PHE X 22 -48.56 -11.29 11.45
C PHE X 22 -48.34 -12.46 12.40
N MET X 23 -48.99 -12.43 13.56
CA MET X 23 -48.83 -13.50 14.54
C MET X 23 -49.36 -14.83 14.00
N GLN X 24 -50.54 -14.78 13.35
CA GLN X 24 -51.12 -15.99 12.75
C GLN X 24 -50.18 -16.58 11.71
N SER X 25 -49.55 -15.73 10.91
CA SER X 25 -48.65 -16.21 9.88
C SER X 25 -47.38 -16.75 10.49
N MET X 26 -46.81 -16.03 11.47
CA MET X 26 -45.59 -16.50 12.11
C MET X 26 -45.79 -17.83 12.83
N TYR X 27 -46.95 -18.02 13.47
CA TYR X 27 -47.21 -19.32 14.09
C TYR X 27 -47.30 -20.43 13.05
N ALA X 28 -47.89 -20.14 11.89
CA ALA X 28 -47.91 -21.13 10.83
C ALA X 28 -46.50 -21.45 10.40
N TRP X 29 -45.65 -20.43 10.28
CA TRP X 29 -44.27 -20.67 9.90
C TRP X 29 -43.55 -21.45 10.99
N PHE X 30 -43.70 -21.04 12.26
CA PHE X 30 -43.10 -21.79 13.36
C PHE X 30 -43.64 -23.21 13.46
N GLY X 31 -44.92 -23.41 13.13
CA GLY X 31 -45.48 -24.74 13.15
C GLY X 31 -44.81 -25.65 12.15
N LEU X 32 -44.61 -25.14 10.94
CA LEU X 32 -43.91 -25.87 9.90
C LEU X 32 -42.47 -26.19 10.33
N VAL X 33 -41.82 -25.26 11.02
CA VAL X 33 -40.44 -25.47 11.48
C VAL X 33 -40.35 -26.66 12.44
N VAL X 34 -41.28 -26.75 13.39
CA VAL X 34 -41.30 -27.88 14.33
C VAL X 34 -41.49 -29.20 13.60
N ILE X 35 -42.41 -29.24 12.63
CA ILE X 35 -42.66 -30.47 11.88
C ILE X 35 -41.40 -30.90 11.14
N ALA X 36 -40.72 -29.96 10.49
CA ALA X 36 -39.51 -30.30 9.77
C ALA X 36 -38.45 -30.84 10.73
N HIS X 37 -38.34 -30.21 11.90
CA HIS X 37 -37.39 -30.65 12.91
C HIS X 37 -37.76 -32.04 13.43
N LEU X 38 -39.06 -32.32 13.57
CA LEU X 38 -39.49 -33.63 14.02
C LEU X 38 -39.06 -34.71 13.02
N LEU X 39 -39.26 -34.43 11.73
CA LEU X 39 -38.83 -35.38 10.70
C LEU X 39 -37.32 -35.55 10.73
N ALA X 40 -36.59 -34.44 10.88
CA ALA X 40 -35.14 -34.51 10.95
C ALA X 40 -34.68 -35.34 12.14
N TRP X 41 -35.34 -35.16 13.30
CA TRP X 41 -34.98 -35.93 14.48
C TRP X 41 -35.30 -37.41 14.32
N LEU X 42 -36.44 -37.73 13.70
CA LEU X 42 -36.77 -39.13 13.45
C LEU X 42 -35.77 -39.76 12.48
N TYR X 43 -35.34 -39.01 11.47
CA TYR X 43 -34.42 -39.58 10.47
C TYR X 43 -32.98 -39.62 10.96
N ARG X 44 -32.53 -38.55 11.62
CA ARG X 44 -31.11 -38.43 11.98
C ARG X 44 -31.01 -37.67 13.29
N PRO X 45 -31.29 -38.35 14.41
CA PRO X 45 -31.19 -37.67 15.71
C PRO X 45 -29.76 -37.22 15.94
N TRP X 46 -29.62 -35.99 16.39
CA TRP X 46 -28.34 -35.29 16.43
C TRP X 46 -27.84 -35.03 17.83
N LEU X 47 -28.59 -35.43 18.86
CA LEU X 47 -28.15 -35.26 20.23
C LEU X 47 -28.16 -36.59 20.97
N THR Y 3 -34.43 -5.02 42.74
CA THR Y 3 -35.06 -3.76 43.15
C THR Y 3 -34.87 -2.68 42.09
N MET Y 4 -35.93 -2.40 41.34
CA MET Y 4 -35.92 -1.34 40.34
C MET Y 4 -36.54 -0.08 40.92
N ASN Y 5 -36.28 1.04 40.25
CA ASN Y 5 -36.85 2.31 40.66
C ASN Y 5 -38.21 2.52 39.98
N ALA Y 6 -39.05 3.34 40.63
CA ALA Y 6 -40.40 3.58 40.14
C ALA Y 6 -40.43 4.42 38.88
N ASN Y 7 -39.47 5.32 38.70
CA ASN Y 7 -39.41 6.21 37.55
C ASN Y 7 -38.41 5.76 36.47
N LEU Y 8 -38.04 4.48 36.44
CA LEU Y 8 -37.15 3.98 35.39
C LEU Y 8 -37.76 4.13 33.99
N TYR Y 9 -39.08 4.23 33.88
CA TYR Y 9 -39.71 4.41 32.57
C TYR Y 9 -39.25 5.68 31.86
N LYS Y 10 -38.80 6.69 32.62
CA LYS Y 10 -38.31 7.92 32.02
C LYS Y 10 -37.04 7.74 31.20
N ILE Y 11 -36.48 6.53 31.14
CA ILE Y 11 -35.31 6.29 30.30
C ILE Y 11 -35.66 6.51 28.83
N TRP Y 12 -36.94 6.34 28.47
CA TRP Y 12 -37.38 6.51 27.10
C TRP Y 12 -37.63 7.97 26.74
N LEU Y 13 -37.64 8.88 27.72
CA LEU Y 13 -37.57 10.29 27.40
C LEU Y 13 -36.18 10.76 27.00
N ILE Y 14 -35.14 9.95 27.18
CA ILE Y 14 -33.77 10.30 26.83
C ILE Y 14 -33.26 9.50 25.64
N LEU Y 15 -33.47 8.18 25.64
CA LEU Y 15 -32.96 7.31 24.58
C LEU Y 15 -34.14 6.93 23.67
N ASP Y 16 -33.93 7.00 22.36
CA ASP Y 16 -34.95 6.63 21.37
C ASP Y 16 -35.36 5.17 21.52
N PRO Y 17 -36.63 4.88 21.83
CA PRO Y 17 -37.06 3.48 21.97
C PRO Y 17 -36.99 2.61 20.72
N ARG Y 18 -37.08 3.20 19.54
CA ARG Y 18 -37.04 2.47 18.28
C ARG Y 18 -35.63 2.02 17.96
N ARG Y 19 -34.68 2.96 18.15
CA ARG Y 19 -33.31 2.69 17.83
C ARG Y 19 -32.74 1.69 18.82
N VAL Y 20 -33.16 1.77 20.09
CA VAL Y 20 -32.75 0.81 21.10
C VAL Y 20 -33.24 -0.56 20.70
N LEU Y 21 -34.52 -0.63 20.29
CA LEU Y 21 -35.09 -1.91 19.87
C LEU Y 21 -34.28 -2.50 18.72
N VAL Y 22 -34.03 -1.69 17.69
CA VAL Y 22 -33.29 -2.18 16.54
C VAL Y 22 -31.86 -2.50 16.92
N SER Y 23 -31.26 -1.75 17.85
CA SER Y 23 -29.91 -2.10 18.30
C SER Y 23 -29.92 -3.39 19.09
N ILE Y 24 -30.91 -3.57 19.96
CA ILE Y 24 -31.02 -4.79 20.73
C ILE Y 24 -31.21 -5.99 19.81
N VAL Y 25 -32.13 -5.88 18.85
CA VAL Y 25 -32.37 -7.00 17.93
C VAL Y 25 -31.10 -7.30 17.15
N ALA Y 26 -30.40 -6.26 16.68
CA ALA Y 26 -29.19 -6.46 15.90
C ALA Y 26 -28.10 -7.08 16.76
N PHE Y 27 -27.88 -6.53 17.96
CA PHE Y 27 -26.86 -7.05 18.86
C PHE Y 27 -27.13 -8.50 19.26
N GLN Y 28 -28.39 -8.82 19.58
CA GLN Y 28 -28.69 -10.17 20.06
C GLN Y 28 -28.48 -11.21 18.96
N ILE Y 29 -28.86 -10.89 17.73
CA ILE Y 29 -28.67 -11.82 16.63
C ILE Y 29 -27.18 -12.05 16.40
N VAL Y 30 -26.41 -10.96 16.34
CA VAL Y 30 -24.96 -11.06 16.21
C VAL Y 30 -24.38 -11.90 17.34
N LEU Y 31 -24.79 -11.60 18.57
CA LEU Y 31 -24.26 -12.34 19.73
C LEU Y 31 -24.57 -13.82 19.63
N GLY Y 32 -25.81 -14.16 19.23
CA GLY Y 32 -26.19 -15.56 19.13
C GLY Y 32 -25.42 -16.30 18.06
N LEU Y 33 -25.22 -15.67 16.92
CA LEU Y 33 -24.37 -16.25 15.89
C LEU Y 33 -22.95 -16.44 16.41
N LEU Y 34 -22.41 -15.43 17.10
CA LEU Y 34 -21.04 -15.51 17.60
C LEU Y 34 -20.90 -16.61 18.65
N ILE Y 35 -21.85 -16.68 19.59
CA ILE Y 35 -21.76 -17.68 20.65
C ILE Y 35 -21.86 -19.10 20.12
N HIS Y 36 -22.81 -19.35 19.20
CA HIS Y 36 -22.91 -20.69 18.60
C HIS Y 36 -21.60 -21.09 17.93
N MET Y 37 -21.01 -20.20 17.13
CA MET Y 37 -19.76 -20.55 16.46
C MET Y 37 -18.62 -20.73 17.45
N ILE Y 38 -18.61 -19.96 18.53
CA ILE Y 38 -17.63 -20.19 19.59
C ILE Y 38 -17.80 -21.58 20.18
N VAL Y 39 -19.03 -21.95 20.54
CA VAL Y 39 -19.27 -23.25 21.15
C VAL Y 39 -18.92 -24.37 20.16
N LEU Y 40 -19.31 -24.19 18.90
CA LEU Y 40 -18.97 -25.17 17.86
C LEU Y 40 -17.46 -25.32 17.67
N SER Y 41 -16.65 -24.41 18.19
CA SER Y 41 -15.20 -24.47 18.03
C SER Y 41 -14.51 -25.02 19.27
N THR Y 42 -15.26 -25.56 20.23
CA THR Y 42 -14.68 -26.16 21.42
C THR Y 42 -15.03 -27.64 21.49
N ASP Y 43 -14.60 -28.27 22.58
CA ASP Y 43 -14.95 -29.65 22.89
C ASP Y 43 -16.46 -29.89 22.97
N LEU Y 44 -17.25 -28.84 23.20
CA LEU Y 44 -18.68 -28.97 23.41
C LEU Y 44 -19.48 -29.15 22.12
N ASN Y 45 -18.84 -29.01 20.95
CA ASN Y 45 -19.46 -29.18 19.65
C ASN Y 45 -20.41 -30.37 19.62
N TRP Y 46 -21.67 -30.11 19.26
CA TRP Y 46 -22.73 -31.09 19.31
C TRP Y 46 -23.10 -31.62 17.93
N LEU Y 47 -22.44 -31.15 16.89
CA LEU Y 47 -22.73 -31.56 15.52
C LEU Y 47 -21.76 -32.62 15.01
N ASP Y 48 -20.46 -32.43 15.25
CA ASP Y 48 -19.42 -33.33 14.77
C ASP Y 48 -18.90 -34.26 15.87
N ASP Y 49 -19.69 -34.52 16.91
CA ASP Y 49 -19.26 -35.35 18.02
C ASP Y 49 -19.59 -36.82 17.87
N ASN Y 50 -20.21 -37.21 16.74
CA ASN Y 50 -20.61 -38.59 16.48
C ASN Y 50 -21.52 -39.14 17.59
N ILE Y 51 -22.24 -38.26 18.25
CA ILE Y 51 -23.24 -38.62 19.25
C ILE Y 51 -24.61 -38.28 18.67
N PRO Y 52 -25.57 -39.21 18.64
CA PRO Y 52 -25.52 -40.57 19.20
C PRO Y 52 -24.67 -41.55 18.39
N VAL Y 53 -24.53 -41.31 17.09
CA VAL Y 53 -23.73 -42.15 16.22
C VAL Y 53 -23.03 -41.30 15.19
N SER Y 54 -21.98 -41.86 14.59
CA SER Y 54 -21.34 -41.28 13.41
C SER Y 54 -22.14 -41.71 12.18
N TYR Y 55 -22.72 -40.74 11.47
CA TYR Y 55 -23.53 -41.06 10.31
C TYR Y 55 -22.71 -41.24 9.05
N GLN Y 56 -21.46 -40.77 9.03
CA GLN Y 56 -20.58 -41.11 7.92
C GLN Y 56 -20.11 -42.55 8.01
N ALA Y 57 -19.99 -43.10 9.22
CA ALA Y 57 -19.59 -44.49 9.38
C ALA Y 57 -20.65 -45.48 8.89
N LEU Y 58 -21.90 -45.05 8.74
CA LEU Y 58 -22.93 -45.90 8.15
C LEU Y 58 -22.71 -46.18 6.67
N GLY Y 59 -21.84 -45.44 6.01
CA GLY Y 59 -21.58 -45.66 4.60
C GLY Y 59 -20.18 -46.20 4.32
N THR Z 8 -36.50 13.35 23.12
CA THR Z 8 -36.81 12.24 22.21
C THR Z 8 -38.15 12.44 21.51
N GLY Z 9 -39.10 13.08 22.18
CA GLY Z 9 -40.42 13.34 21.64
C GLY Z 9 -41.54 12.66 22.42
N LEU Z 10 -41.26 11.50 23.00
CA LEU Z 10 -42.28 10.76 23.72
C LEU Z 10 -42.82 11.58 24.89
N THR Z 11 -44.13 11.51 25.10
CA THR Z 11 -44.68 12.07 26.33
C THR Z 11 -44.37 11.17 27.52
N ASP Z 12 -44.69 11.66 28.71
CA ASP Z 12 -44.43 10.89 29.93
C ASP Z 12 -45.28 9.63 30.01
N ASP Z 13 -46.55 9.69 29.56
CA ASP Z 13 -47.37 8.48 29.57
C ASP Z 13 -46.95 7.50 28.48
N GLU Z 14 -46.50 8.01 27.33
CA GLU Z 14 -46.01 7.13 26.27
C GLU Z 14 -44.74 6.41 26.70
N ALA Z 15 -43.99 7.00 27.63
CA ALA Z 15 -42.84 6.29 28.19
C ALA Z 15 -43.29 5.21 29.16
N LYS Z 16 -44.32 5.50 29.96
CA LYS Z 16 -44.88 4.48 30.85
C LYS Z 16 -45.38 3.28 30.06
N GLU Z 17 -46.06 3.52 28.94
CA GLU Z 17 -46.64 2.42 28.18
C GLU Z 17 -45.56 1.58 27.49
N PHE Z 18 -44.62 2.24 26.80
CA PHE Z 18 -43.53 1.51 26.17
C PHE Z 18 -42.72 0.72 27.19
N HIS Z 19 -42.40 1.33 28.32
CA HIS Z 19 -41.60 0.66 29.34
C HIS Z 19 -42.31 -0.61 29.84
N ALA Z 20 -43.63 -0.54 30.01
CA ALA Z 20 -44.39 -1.70 30.45
C ALA Z 20 -44.25 -2.86 29.47
N ILE Z 21 -44.44 -2.59 28.18
CA ILE Z 21 -44.38 -3.67 27.19
C ILE Z 21 -42.94 -4.14 26.99
N PHE Z 22 -41.98 -3.22 27.05
CA PHE Z 22 -40.57 -3.59 26.89
C PHE Z 22 -40.12 -4.54 28.00
N MET Z 23 -40.40 -4.20 29.26
CA MET Z 23 -39.93 -5.01 30.38
C MET Z 23 -40.58 -6.39 30.39
N GLN Z 24 -41.89 -6.48 30.14
CA GLN Z 24 -42.52 -7.78 30.05
C GLN Z 24 -41.92 -8.61 28.92
N SER Z 25 -41.67 -7.97 27.78
CA SER Z 25 -41.08 -8.67 26.65
C SER Z 25 -39.66 -9.13 26.97
N MET Z 26 -38.85 -8.23 27.55
CA MET Z 26 -37.47 -8.59 27.87
C MET Z 26 -37.42 -9.72 28.90
N TYR Z 27 -38.24 -9.62 29.95
CA TYR Z 27 -38.30 -10.73 30.91
C TYR Z 27 -38.73 -12.02 30.22
N ALA Z 28 -39.69 -11.91 29.29
CA ALA Z 28 -40.10 -13.08 28.52
C ALA Z 28 -38.94 -13.64 27.73
N TRP Z 29 -38.19 -12.78 27.03
CA TRP Z 29 -36.99 -13.25 26.33
C TRP Z 29 -36.01 -13.88 27.30
N PHE Z 30 -35.79 -13.25 28.45
CA PHE Z 30 -34.84 -13.78 29.41
C PHE Z 30 -35.30 -15.10 29.99
N GLY Z 31 -36.62 -15.30 30.11
CA GLY Z 31 -37.13 -16.58 30.59
C GLY Z 31 -36.87 -17.70 29.60
N LEU Z 32 -36.98 -17.42 28.31
CA LEU Z 32 -36.64 -18.42 27.30
C LEU Z 32 -35.16 -18.74 27.36
N VAL Z 33 -34.32 -17.73 27.55
CA VAL Z 33 -32.88 -17.94 27.62
C VAL Z 33 -32.55 -18.86 28.80
N VAL Z 34 -33.24 -18.67 29.93
CA VAL Z 34 -33.00 -19.53 31.09
C VAL Z 34 -33.40 -20.97 30.78
N ILE Z 35 -34.56 -21.17 30.14
CA ILE Z 35 -35.01 -22.52 29.82
C ILE Z 35 -34.06 -23.20 28.85
N ALA Z 36 -33.61 -22.46 27.84
CA ALA Z 36 -32.67 -23.01 26.87
C ALA Z 36 -31.36 -23.41 27.55
N HIS Z 37 -30.93 -22.62 28.54
CA HIS Z 37 -29.69 -22.94 29.23
C HIS Z 37 -29.90 -24.10 30.20
N LEU Z 38 -31.12 -24.24 30.74
CA LEU Z 38 -31.46 -25.42 31.55
C LEU Z 38 -31.43 -26.68 30.70
N LEU Z 39 -32.07 -26.65 29.52
CA LEU Z 39 -32.00 -27.78 28.61
C LEU Z 39 -30.55 -28.12 28.26
N ALA Z 40 -29.74 -27.10 28.01
CA ALA Z 40 -28.35 -27.35 27.64
C ALA Z 40 -27.56 -27.91 28.81
N TRP Z 41 -27.79 -27.40 30.04
CA TRP Z 41 -27.09 -27.92 31.19
C TRP Z 41 -27.46 -29.39 31.43
N LEU Z 42 -28.74 -29.73 31.26
CA LEU Z 42 -29.16 -31.12 31.45
C LEU Z 42 -28.57 -32.01 30.37
N TYR Z 43 -28.46 -31.49 29.13
CA TYR Z 43 -27.95 -32.31 28.05
C TYR Z 43 -26.43 -32.40 28.05
N ARG Z 44 -25.73 -31.29 28.28
CA ARG Z 44 -24.27 -31.23 28.12
C ARG Z 44 -23.68 -30.22 29.10
N PRO Z 45 -23.64 -30.56 30.39
CA PRO Z 45 -23.08 -29.64 31.39
C PRO Z 45 -21.63 -29.29 31.10
N TRP Z 46 -21.32 -27.99 31.17
CA TRP Z 46 -20.03 -27.47 30.74
C TRP Z 46 -19.11 -27.03 31.87
N LEU Z 47 -19.56 -27.12 33.12
CA LEU Z 47 -18.69 -26.78 34.25
C LEU Z 47 -18.57 -27.95 35.21
N MET AA 4 -21.05 9.87 49.63
CA MET AA 4 -20.72 10.88 48.63
C MET AA 4 -21.11 12.27 49.13
N ASN AA 5 -21.38 13.18 48.19
CA ASN AA 5 -21.74 14.55 48.51
C ASN AA 5 -23.21 14.80 48.18
N ALA AA 6 -23.84 15.65 48.99
CA ALA AA 6 -25.25 15.97 48.80
C ALA AA 6 -25.53 16.61 47.45
N ASN AA 7 -24.55 17.32 46.89
CA ASN AA 7 -24.77 18.02 45.63
C ASN AA 7 -24.12 17.31 44.46
N LEU AA 8 -23.85 16.00 44.59
CA LEU AA 8 -23.29 15.25 43.47
C LEU AA 8 -24.24 15.22 42.28
N TYR AA 9 -25.55 15.37 42.53
CA TYR AA 9 -26.51 15.34 41.43
C TYR AA 9 -26.19 16.39 40.39
N LYS AA 10 -25.57 17.50 40.81
CA LYS AA 10 -25.25 18.59 39.91
C LYS AA 10 -24.25 18.18 38.82
N ILE AA 11 -23.67 16.97 38.91
CA ILE AA 11 -22.81 16.43 37.86
C ILE AA 11 -23.56 16.38 36.53
N TRP AA 12 -24.88 16.22 36.59
CA TRP AA 12 -25.67 16.18 35.38
C TRP AA 12 -25.99 17.56 34.81
N LEU AA 13 -25.71 18.63 35.56
CA LEU AA 13 -25.64 19.97 34.99
C LEU AA 13 -24.38 20.23 34.19
N ILE AA 14 -23.35 19.40 34.33
CA ILE AA 14 -22.09 19.58 33.63
C ILE AA 14 -21.94 18.56 32.49
N LEU AA 15 -22.18 17.27 32.75
CA LEU AA 15 -22.06 16.23 31.76
C LEU AA 15 -23.43 15.84 31.20
N ASP AA 16 -23.51 15.64 29.89
CA ASP AA 16 -24.76 15.23 29.25
C ASP AA 16 -25.21 13.84 29.66
N PRO AA 17 -26.35 13.72 30.33
CA PRO AA 17 -26.81 12.40 30.77
C PRO AA 17 -26.90 11.40 29.63
N ARG AA 18 -27.41 11.80 28.47
CA ARG AA 18 -27.67 10.83 27.41
C ARG AA 18 -26.34 10.27 26.87
N ARG AA 19 -25.40 11.17 26.55
CA ARG AA 19 -24.10 10.73 26.06
C ARG AA 19 -23.35 9.84 27.05
N VAL AA 20 -23.42 10.15 28.36
CA VAL AA 20 -22.82 9.31 29.40
C VAL AA 20 -23.40 7.89 29.40
N LEU AA 21 -24.73 7.79 29.36
CA LEU AA 21 -25.38 6.47 29.33
C LEU AA 21 -24.91 5.65 28.14
N VAL AA 22 -25.02 6.20 26.93
CA VAL AA 22 -24.67 5.44 25.74
C VAL AA 22 -23.21 5.04 25.78
N SER AA 23 -22.35 5.94 26.30
CA SER AA 23 -20.94 5.62 26.40
C SER AA 23 -20.72 4.47 27.38
N ILE AA 24 -21.51 4.44 28.46
CA ILE AA 24 -21.39 3.35 29.42
C ILE AA 24 -21.80 2.05 28.77
N VAL AA 25 -22.96 2.05 28.09
CA VAL AA 25 -23.43 0.83 27.42
C VAL AA 25 -22.40 0.35 26.41
N ALA AA 26 -21.80 1.27 25.66
CA ALA AA 26 -20.81 0.87 24.66
C ALA AA 26 -19.55 0.34 25.32
N PHE AA 27 -19.05 1.07 26.32
CA PHE AA 27 -17.87 0.62 27.06
C PHE AA 27 -18.08 -0.74 27.72
N GLN AA 28 -19.23 -0.93 28.37
CA GLN AA 28 -19.46 -2.18 29.11
C GLN AA 28 -19.54 -3.38 28.17
N ILE AA 29 -20.24 -3.26 27.05
CA ILE AA 29 -20.33 -4.39 26.12
C ILE AA 29 -18.95 -4.72 25.56
N VAL AA 30 -18.15 -3.70 25.26
CA VAL AA 30 -16.81 -3.95 24.73
C VAL AA 30 -15.91 -4.56 25.79
N LEU AA 31 -15.91 -3.98 27.00
CA LEU AA 31 -15.09 -4.55 28.07
C LEU AA 31 -15.48 -5.99 28.36
N GLY AA 32 -16.77 -6.29 28.35
CA GLY AA 32 -17.21 -7.65 28.64
C GLY AA 32 -16.77 -8.63 27.58
N LEU AA 33 -16.86 -8.23 26.31
CA LEU AA 33 -16.34 -9.06 25.23
C LEU AA 33 -14.82 -9.20 25.36
N LEU AA 34 -14.14 -8.11 25.73
CA LEU AA 34 -12.68 -8.13 25.85
C LEU AA 34 -12.23 -9.03 26.99
N ILE AA 35 -12.88 -8.91 28.15
CA ILE AA 35 -12.44 -9.66 29.33
C ILE AA 35 -12.68 -11.16 29.13
N HIS AA 36 -13.82 -11.52 28.51
CA HIS AA 36 -14.05 -12.92 28.21
C HIS AA 36 -12.96 -13.48 27.30
N MET AA 37 -12.59 -12.71 26.26
CA MET AA 37 -11.52 -13.12 25.36
C MET AA 37 -10.20 -13.25 26.12
N ILE AA 38 -9.91 -12.30 26.99
CA ILE AA 38 -8.65 -12.34 27.75
C ILE AA 38 -8.62 -13.59 28.63
N VAL AA 39 -9.72 -13.86 29.35
CA VAL AA 39 -9.79 -15.02 30.23
C VAL AA 39 -9.70 -16.33 29.44
N LEU AA 40 -10.34 -16.41 28.28
CA LEU AA 40 -10.27 -17.66 27.52
C LEU AA 40 -8.86 -17.96 27.03
N SER AA 41 -8.02 -16.93 26.92
CA SER AA 41 -6.64 -17.08 26.46
C SER AA 41 -5.68 -17.43 27.59
N THR AA 42 -6.19 -17.70 28.79
CA THR AA 42 -5.35 -18.06 29.92
C THR AA 42 -5.69 -19.46 30.42
N ASP AA 43 -4.97 -19.88 31.46
CA ASP AA 43 -5.21 -21.17 32.10
C ASP AA 43 -6.62 -21.28 32.68
N LEU AA 44 -7.30 -20.16 32.88
CA LEU AA 44 -8.65 -20.13 33.42
C LEU AA 44 -9.72 -20.52 32.41
N ASN AA 45 -9.34 -20.80 31.15
CA ASN AA 45 -10.29 -21.16 30.10
C ASN AA 45 -11.23 -22.25 30.59
N TRP AA 46 -12.52 -21.97 30.56
CA TRP AA 46 -13.52 -22.89 31.09
C TRP AA 46 -14.22 -23.71 30.02
N LEU AA 47 -13.94 -23.48 28.73
CA LEU AA 47 -14.63 -24.20 27.66
C LEU AA 47 -13.89 -25.46 27.20
N ASP AA 48 -12.59 -25.36 26.97
CA ASP AA 48 -11.79 -26.47 26.45
C ASP AA 48 -10.93 -27.14 27.51
N ASP AA 49 -11.40 -27.16 28.75
CA ASP AA 49 -10.68 -27.78 29.86
C ASP AA 49 -11.10 -29.21 30.11
N ASN AA 50 -12.04 -29.73 29.31
CA ASN AA 50 -12.55 -31.09 29.46
C ASN AA 50 -13.14 -31.32 30.84
N ILE AA 51 -13.71 -30.26 31.40
CA ILE AA 51 -14.41 -30.34 32.69
C ILE AA 51 -15.88 -30.04 32.42
N PRO AA 52 -16.81 -30.89 32.89
CA PRO AA 52 -16.49 -32.03 33.75
C PRO AA 52 -15.92 -33.22 32.98
N VAL AA 53 -16.17 -33.30 31.67
CA VAL AA 53 -15.64 -34.35 30.81
C VAL AA 53 -15.27 -33.74 29.46
N SER AA 54 -14.55 -34.52 28.67
CA SER AA 54 -14.35 -34.22 27.25
C SER AA 54 -15.46 -34.92 26.48
N TYR AA 55 -16.28 -34.15 25.77
CA TYR AA 55 -17.40 -34.73 25.05
C TYR AA 55 -17.01 -35.26 23.69
N GLN AA 56 -15.87 -34.85 23.14
CA GLN AA 56 -15.45 -35.50 21.91
C GLN AA 56 -14.79 -36.85 22.16
N ALA AA 57 -14.21 -37.08 23.34
CA ALA AA 57 -13.74 -38.44 23.63
C ALA AA 57 -14.89 -39.41 23.84
N LEU AA 58 -16.10 -38.90 24.09
CA LEU AA 58 -17.30 -39.72 24.23
C LEU AA 58 -17.79 -40.28 22.91
N GLY AA 59 -17.23 -39.83 21.78
CA GLY AA 59 -17.66 -40.29 20.48
C GLY AA 59 -16.68 -41.26 19.84
N LEU BA 7 -26.18 24.17 31.72
CA LEU BA 7 -25.12 23.94 30.74
C LEU BA 7 -25.39 22.68 29.91
N THR BA 8 -26.14 21.75 30.48
CA THR BA 8 -26.55 20.56 29.73
C THR BA 8 -28.01 20.62 29.29
N GLY BA 9 -28.75 21.65 29.68
CA GLY BA 9 -30.16 21.77 29.42
C GLY BA 9 -31.04 21.27 30.55
N LEU BA 10 -30.46 20.62 31.55
CA LEU BA 10 -31.24 19.94 32.56
C LEU BA 10 -31.43 20.86 33.76
N THR BA 11 -32.66 20.97 34.23
CA THR BA 11 -32.99 21.79 35.39
C THR BA 11 -32.43 21.14 36.65
N ASP BA 12 -32.22 21.96 37.68
CA ASP BA 12 -31.64 21.42 38.92
C ASP BA 12 -32.47 20.27 39.48
N ASP BA 13 -33.80 20.29 39.32
CA ASP BA 13 -34.61 19.16 39.77
C ASP BA 13 -34.45 17.95 38.86
N GLU BA 14 -34.27 18.17 37.55
CA GLU BA 14 -34.05 17.05 36.63
C GLU BA 14 -32.72 16.37 36.95
N ALA BA 15 -31.68 17.15 37.20
CA ALA BA 15 -30.40 16.56 37.57
C ALA BA 15 -30.51 15.82 38.89
N LYS BA 16 -31.42 16.25 39.78
CA LYS BA 16 -31.62 15.54 41.03
C LYS BA 16 -32.32 14.21 40.78
N GLU BA 17 -33.29 14.20 39.87
CA GLU BA 17 -34.00 12.97 39.58
C GLU BA 17 -33.15 12.00 38.78
N PHE BA 18 -32.45 12.50 37.76
CA PHE BA 18 -31.56 11.64 36.99
C PHE BA 18 -30.46 11.03 37.85
N HIS BA 19 -29.95 11.79 38.83
CA HIS BA 19 -28.91 11.26 39.70
C HIS BA 19 -29.45 10.13 40.57
N ALA BA 20 -30.66 10.31 41.10
CA ALA BA 20 -31.24 9.28 41.95
C ALA BA 20 -31.41 7.97 41.17
N ILE BA 21 -31.92 8.07 39.94
CA ILE BA 21 -32.12 6.88 39.12
C ILE BA 21 -30.79 6.32 38.62
N PHE BA 22 -29.83 7.19 38.31
CA PHE BA 22 -28.53 6.71 37.84
C PHE BA 22 -27.82 5.90 38.93
N MET BA 23 -27.80 6.41 40.16
CA MET BA 23 -27.09 5.72 41.24
C MET BA 23 -27.75 4.41 41.62
N GLN BA 24 -29.08 4.36 41.69
CA GLN BA 24 -29.77 3.11 42.01
C GLN BA 24 -29.57 2.04 40.95
N SER BA 25 -29.47 2.43 39.69
CA SER BA 25 -29.27 1.48 38.61
C SER BA 25 -27.82 1.00 38.54
N MET BA 26 -26.87 1.92 38.72
CA MET BA 26 -25.46 1.53 38.73
C MET BA 26 -25.16 0.61 39.90
N TYR BA 27 -25.77 0.86 41.06
CA TYR BA 27 -25.59 -0.02 42.20
C TYR BA 27 -26.16 -1.41 41.91
N ALA BA 28 -27.29 -1.48 41.22
CA ALA BA 28 -27.88 -2.78 40.91
C ALA BA 28 -27.04 -3.54 39.90
N TRP BA 29 -26.48 -2.84 38.90
CA TRP BA 29 -25.58 -3.48 37.95
C TRP BA 29 -24.34 -3.98 38.68
N PHE BA 30 -23.78 -3.16 39.57
CA PHE BA 30 -22.64 -3.60 40.36
C PHE BA 30 -23.04 -4.81 41.19
N GLY BA 31 -24.28 -4.83 41.66
CA GLY BA 31 -24.77 -5.98 42.40
C GLY BA 31 -24.76 -7.25 41.55
N LEU BA 32 -25.21 -7.13 40.30
CA LEU BA 32 -25.19 -8.28 39.40
C LEU BA 32 -23.76 -8.72 39.15
N VAL BA 33 -22.84 -7.75 39.02
CA VAL BA 33 -21.42 -8.07 38.83
C VAL BA 33 -20.87 -8.84 40.03
N VAL BA 34 -21.26 -8.45 41.25
CA VAL BA 34 -20.77 -9.13 42.44
C VAL BA 34 -21.31 -10.56 42.55
N ILE BA 35 -22.60 -10.76 42.28
CA ILE BA 35 -23.15 -12.12 42.28
C ILE BA 35 -22.40 -13.01 41.30
N ALA BA 36 -22.19 -12.50 40.09
CA ALA BA 36 -21.51 -13.30 39.06
C ALA BA 36 -20.07 -13.61 39.47
N HIS BA 37 -19.37 -12.64 40.07
CA HIS BA 37 -18.00 -12.89 40.48
C HIS BA 37 -17.90 -13.82 41.69
N LEU BA 38 -18.88 -13.78 42.59
CA LEU BA 38 -18.95 -14.78 43.66
C LEU BA 38 -19.11 -16.19 43.08
N LEU BA 39 -20.10 -16.38 42.20
CA LEU BA 39 -20.29 -17.67 41.55
C LEU BA 39 -19.01 -18.12 40.85
N ALA BA 40 -18.34 -17.20 40.16
CA ALA BA 40 -17.13 -17.59 39.45
C ALA BA 40 -16.03 -17.96 40.44
N TRP BA 41 -15.96 -17.25 41.57
CA TRP BA 41 -14.94 -17.54 42.56
C TRP BA 41 -15.20 -18.90 43.21
N LEU BA 42 -16.48 -19.19 43.51
CA LEU BA 42 -16.81 -20.50 44.06
C LEU BA 42 -16.44 -21.60 43.07
N TYR BA 43 -16.70 -21.38 41.78
CA TYR BA 43 -16.48 -22.44 40.81
C TYR BA 43 -15.02 -22.53 40.39
N ARG BA 44 -14.34 -21.40 40.25
CA ARG BA 44 -12.99 -21.37 39.69
C ARG BA 44 -12.19 -20.23 40.30
N PRO BA 45 -11.74 -20.39 41.55
CA PRO BA 45 -10.91 -19.34 42.17
C PRO BA 45 -9.62 -19.11 41.38
N TRP BA 46 -9.34 -17.85 41.09
CA TRP BA 46 -8.24 -17.47 40.21
C TRP BA 46 -7.05 -16.86 40.95
N LEU BA 47 -7.16 -16.63 42.25
CA LEU BA 47 -6.06 -16.09 43.04
C LEU BA 47 -5.66 -17.06 44.16
N MET CA 4 -2.89 23.13 51.76
CA MET CA 4 -3.54 23.66 50.56
C MET CA 4 -3.96 25.11 50.76
N ASN CA 5 -3.96 25.89 49.69
CA ASN CA 5 -4.31 27.30 49.79
C ASN CA 5 -5.81 27.49 49.92
N ALA CA 6 -6.19 28.53 50.65
CA ALA CA 6 -7.59 28.82 50.89
C ALA CA 6 -8.34 29.16 49.61
N ASN CA 7 -7.68 29.79 48.63
CA ASN CA 7 -8.38 30.22 47.42
C ASN CA 7 -8.14 29.28 46.26
N LEU CA 8 -7.85 28.01 46.54
CA LEU CA 8 -7.61 27.03 45.49
C LEU CA 8 -8.85 26.81 44.63
N TYR CA 9 -10.05 27.03 45.19
CA TYR CA 9 -11.30 26.90 44.45
C TYR CA 9 -11.36 27.79 43.21
N LYS CA 10 -10.59 28.88 43.19
CA LYS CA 10 -10.50 29.77 42.04
C LYS CA 10 -9.87 29.10 40.83
N ILE CA 11 -9.42 27.85 40.96
CA ILE CA 11 -8.91 27.10 39.81
C ILE CA 11 -10.00 26.89 38.76
N TRP CA 12 -11.25 26.79 39.18
CA TRP CA 12 -12.36 26.56 38.27
C TRP CA 12 -12.88 27.86 37.65
N LEU CA 13 -12.32 29.00 38.05
CA LEU CA 13 -12.50 30.23 37.30
C LEU CA 13 -11.57 30.35 36.10
N ILE CA 14 -10.54 29.49 36.00
CA ILE CA 14 -9.60 29.58 34.89
C ILE CA 14 -9.49 28.27 34.09
N LEU CA 15 -9.95 27.13 34.62
CA LEU CA 15 -9.92 25.86 33.91
C LEU CA 15 -11.33 25.31 33.80
N ASP CA 16 -11.71 24.89 32.58
CA ASP CA 16 -13.04 24.38 32.30
C ASP CA 16 -13.36 23.15 33.15
N PRO CA 17 -14.36 23.22 34.02
CA PRO CA 17 -14.71 22.03 34.82
C PRO CA 17 -15.07 20.81 33.98
N ARG CA 18 -15.84 20.97 32.90
CA ARG CA 18 -16.26 19.79 32.13
C ARG CA 18 -15.11 19.13 31.39
N ARG CA 19 -14.21 19.91 30.80
CA ARG CA 19 -13.06 19.30 30.10
C ARG CA 19 -12.13 18.61 31.08
N VAL CA 20 -11.92 19.21 32.25
CA VAL CA 20 -11.04 18.59 33.24
C VAL CA 20 -11.64 17.27 33.70
N LEU CA 21 -12.95 17.25 33.94
CA LEU CA 21 -13.57 16.00 34.39
C LEU CA 21 -13.43 14.94 33.31
N VAL CA 22 -13.74 15.29 32.06
CA VAL CA 22 -13.58 14.38 30.93
C VAL CA 22 -12.12 13.98 30.75
N SER CA 23 -11.20 14.93 30.91
CA SER CA 23 -9.78 14.63 30.72
C SER CA 23 -9.29 13.63 31.76
N ILE CA 24 -9.71 13.78 33.01
CA ILE CA 24 -9.34 12.83 34.05
C ILE CA 24 -9.90 11.45 33.73
N VAL CA 25 -11.19 11.38 33.35
CA VAL CA 25 -11.81 10.09 33.07
C VAL CA 25 -11.07 9.36 31.96
N ALA CA 26 -10.79 10.05 30.86
CA ALA CA 26 -10.08 9.43 29.75
C ALA CA 26 -8.68 8.97 30.16
N PHE CA 27 -7.93 9.83 30.87
CA PHE CA 27 -6.60 9.46 31.33
C PHE CA 27 -6.65 8.22 32.20
N GLN CA 28 -7.62 8.16 33.11
CA GLN CA 28 -7.65 7.06 34.08
C GLN CA 28 -7.98 5.74 33.41
N ILE CA 29 -8.95 5.73 32.48
CA ILE CA 29 -9.29 4.50 31.78
C ILE CA 29 -8.10 3.99 30.98
N VAL CA 30 -7.43 4.90 30.27
CA VAL CA 30 -6.26 4.50 29.48
C VAL CA 30 -5.16 4.00 30.40
N LEU CA 31 -4.83 4.76 31.44
CA LEU CA 31 -3.82 4.34 32.40
C LEU CA 31 -4.18 3.01 33.04
N GLY CA 32 -5.44 2.84 33.44
CA GLY CA 32 -5.85 1.57 34.03
C GLY CA 32 -5.63 0.40 33.10
N LEU CA 33 -6.01 0.53 31.83
CA LEU CA 33 -5.72 -0.53 30.86
C LEU CA 33 -4.22 -0.71 30.65
N LEU CA 34 -3.47 0.40 30.61
CA LEU CA 34 -2.03 0.29 30.38
C LEU CA 34 -1.35 -0.43 31.53
N ILE CA 35 -1.72 -0.12 32.76
CA ILE CA 35 -1.02 -0.72 33.90
C ILE CA 35 -1.36 -2.20 34.02
N HIS CA 36 -2.62 -2.58 33.76
CA HIS CA 36 -2.99 -3.99 33.79
C HIS CA 36 -2.20 -4.80 32.76
N MET CA 37 -2.13 -4.31 31.52
CA MET CA 37 -1.36 -4.99 30.49
CA MET CA 37 -1.35 -5.01 30.50
C MET CA 37 0.12 -5.05 30.86
N ILE CA 38 0.63 -3.99 31.51
CA ILE CA 38 2.02 -3.99 31.95
C ILE CA 38 2.24 -5.05 33.01
N VAL CA 39 1.40 -5.04 34.05
CA VAL CA 39 1.52 -6.01 35.14
C VAL CA 39 1.36 -7.43 34.61
N LEU CA 40 0.45 -7.63 33.67
CA LEU CA 40 0.26 -8.96 33.10
C LEU CA 40 1.47 -9.41 32.30
N SER CA 41 2.36 -8.49 31.92
CA SER CA 41 3.58 -8.83 31.19
C SER CA 41 4.78 -9.00 32.10
N THR CA 42 4.58 -9.09 33.41
CA THR CA 42 5.68 -9.28 34.36
C THR CA 42 5.40 -10.50 35.22
N ASP CA 43 6.35 -10.78 36.12
CA ASP CA 43 6.24 -11.90 37.06
C ASP CA 43 4.99 -11.84 37.94
N LEU CA 44 4.38 -10.66 38.10
CA LEU CA 44 3.19 -10.53 38.94
C LEU CA 44 1.92 -11.09 38.31
N ASN CA 45 1.95 -11.43 37.02
CA ASN CA 45 0.81 -11.99 36.29
C ASN CA 45 0.02 -12.97 37.15
N TRP CA 46 -1.26 -12.68 37.37
CA TRP CA 46 -2.11 -13.49 38.23
C TRP CA 46 -3.04 -14.41 37.45
N LEU CA 47 -3.09 -14.28 36.13
CA LEU CA 47 -3.97 -15.11 35.31
C LEU CA 47 -3.30 -16.44 34.95
N ASP CA 48 -2.06 -16.39 34.46
CA ASP CA 48 -1.37 -17.59 33.99
C ASP CA 48 -0.35 -18.11 35.01
N ASP CA 49 -0.58 -17.85 36.29
CA ASP CA 49 0.36 -18.26 37.32
C ASP CA 49 0.03 -19.62 37.94
N ASN CA 50 -0.96 -20.33 37.38
CA ASN CA 50 -1.39 -21.64 37.88
C ASN CA 50 -1.69 -21.61 39.38
N ILE CA 51 -2.05 -20.45 39.89
CA ILE CA 51 -2.40 -20.27 41.30
C ILE CA 51 -3.86 -19.89 41.37
N PRO CA 52 -4.68 -20.52 42.23
CA PRO CA 52 -4.33 -21.54 43.23
C PRO CA 52 -4.06 -22.91 42.62
N VAL CA 53 -4.55 -23.15 41.39
CA VAL CA 53 -4.37 -24.42 40.71
C VAL CA 53 -4.39 -24.17 39.21
N SER CA 54 -3.81 -25.11 38.47
CA SER CA 54 -3.91 -25.13 37.02
C SER CA 54 -5.20 -25.86 36.68
N TYR CA 55 -6.09 -25.20 35.93
CA TYR CA 55 -7.38 -25.79 35.62
C TYR CA 55 -7.35 -26.63 34.36
N GLN CA 56 -6.34 -26.44 33.51
CA GLN CA 56 -6.23 -27.34 32.38
C GLN CA 56 -5.64 -28.68 32.80
N ALA CA 57 -4.90 -28.72 33.92
CA ALA CA 57 -4.40 -29.98 34.46
C ALA CA 57 -5.47 -30.91 35.06
N LEU CA 58 -6.67 -30.41 35.37
CA LEU CA 58 -7.76 -31.28 35.85
C LEU CA 58 -8.42 -32.04 34.69
N GLY CA 59 -7.61 -32.88 34.04
CA GLY CA 59 -8.10 -33.68 32.93
C GLY CA 59 -7.41 -33.30 31.62
N SER DA 6 -14.42 36.43 34.51
CA SER DA 6 -14.24 35.01 34.79
C SER DA 6 -13.99 34.25 33.49
N LEU DA 7 -12.93 33.44 33.45
CA LEU DA 7 -12.50 32.83 32.21
C LEU DA 7 -13.36 31.63 31.81
N THR DA 8 -13.95 30.93 32.77
CA THR DA 8 -14.76 29.76 32.48
C THR DA 8 -16.26 30.05 32.49
N GLY DA 9 -16.66 31.28 32.82
CA GLY DA 9 -18.06 31.65 32.89
C GLY DA 9 -18.71 31.37 34.22
N LEU DA 10 -18.19 30.42 34.99
CA LEU DA 10 -18.72 30.11 36.31
C LEU DA 10 -18.56 31.34 37.21
N THR DA 11 -19.47 31.49 38.17
CA THR DA 11 -19.29 32.54 39.15
C THR DA 11 -18.37 32.09 40.29
N ASP DA 12 -17.92 33.06 41.08
CA ASP DA 12 -17.06 32.75 42.23
C ASP DA 12 -17.76 31.82 43.21
N ASP DA 13 -19.08 31.97 43.38
CA ASP DA 13 -19.79 31.03 44.26
C ASP DA 13 -19.87 29.66 43.60
N GLU DA 14 -19.99 29.61 42.27
CA GLU DA 14 -20.09 28.33 41.58
C GLU DA 14 -18.75 27.60 41.58
N ALA DA 15 -17.64 28.33 41.43
CA ALA DA 15 -16.33 27.69 41.45
C ALA DA 15 -16.01 27.11 42.83
N LYS DA 16 -16.41 27.79 43.90
CA LYS DA 16 -16.26 27.21 45.24
C LYS DA 16 -17.04 25.92 45.38
N GLU DA 17 -18.26 25.86 44.82
CA GLU DA 17 -19.09 24.68 44.99
C GLU DA 17 -18.54 23.51 44.17
N PHE DA 18 -18.14 23.75 42.92
CA PHE DA 18 -17.52 22.69 42.13
C PHE DA 18 -16.28 22.15 42.84
N HIS DA 19 -15.43 23.05 43.32
CA HIS DA 19 -14.20 22.63 43.99
C HIS DA 19 -14.51 21.73 45.17
N ALA DA 20 -15.52 22.08 45.98
CA ALA DA 20 -15.88 21.27 47.13
C ALA DA 20 -16.25 19.86 46.71
N ILE DA 21 -17.10 19.73 45.68
CA ILE DA 21 -17.51 18.40 45.24
C ILE DA 21 -16.34 17.69 44.55
N PHE DA 22 -15.60 18.42 43.71
CA PHE DA 22 -14.42 17.84 43.05
C PHE DA 22 -13.43 17.29 44.05
N MET DA 23 -13.11 18.05 45.10
CA MET DA 23 -12.09 17.60 46.05
C MET DA 23 -12.57 16.37 46.80
N GLN DA 24 -13.85 16.33 47.17
CA GLN DA 24 -14.39 15.18 47.88
C GLN DA 24 -14.42 13.94 47.00
N SER DA 25 -14.81 14.11 45.73
CA SER DA 25 -14.88 12.96 44.82
C SER DA 25 -13.50 12.40 44.51
N MET DA 26 -12.52 13.28 44.31
CA MET DA 26 -11.16 12.80 44.08
C MET DA 26 -10.60 12.07 45.29
N TYR DA 27 -10.80 12.62 46.49
CA TYR DA 27 -10.33 11.96 47.69
C TYR DA 27 -10.97 10.59 47.87
N ALA DA 28 -12.27 10.49 47.54
CA ALA DA 28 -12.97 9.22 47.63
C ALA DA 28 -12.44 8.22 46.62
N TRP DA 29 -12.21 8.67 45.38
CA TRP DA 29 -11.61 7.80 44.38
C TRP DA 29 -10.22 7.36 44.82
N PHE DA 30 -9.42 8.28 45.37
CA PHE DA 30 -8.10 7.91 45.86
C PHE DA 30 -8.21 6.88 46.99
N GLY DA 31 -9.26 6.98 47.81
CA GLY DA 31 -9.48 5.99 48.84
C GLY DA 31 -9.65 4.59 48.29
N LEU DA 32 -10.49 4.43 47.26
CA LEU DA 32 -10.67 3.11 46.66
C LEU DA 32 -9.37 2.58 46.08
N VAL DA 33 -8.54 3.46 45.52
CA VAL DA 33 -7.27 3.02 44.97
C VAL DA 33 -6.38 2.47 46.08
N VAL DA 34 -6.38 3.14 47.23
CA VAL DA 34 -5.57 2.68 48.35
C VAL DA 34 -6.10 1.35 48.88
N ILE DA 35 -7.43 1.23 49.01
CA ILE DA 35 -8.03 -0.03 49.44
C ILE DA 35 -7.61 -1.17 48.51
N ALA DA 36 -7.62 -0.93 47.20
CA ALA DA 36 -7.29 -1.99 46.26
C ALA DA 36 -5.81 -2.34 46.33
N HIS DA 37 -4.96 -1.33 46.56
CA HIS DA 37 -3.53 -1.59 46.70
C HIS DA 37 -3.21 -2.30 47.99
N LEU DA 38 -3.99 -2.06 49.06
CA LEU DA 38 -3.80 -2.81 50.29
C LEU DA 38 -4.11 -4.28 50.04
N LEU DA 39 -5.28 -4.55 49.45
CA LEU DA 39 -5.63 -5.92 49.08
C LEU DA 39 -4.56 -6.52 48.17
N ALA DA 40 -4.14 -5.77 47.15
CA ALA DA 40 -3.09 -6.25 46.26
C ALA DA 40 -1.81 -6.54 47.06
N TRP DA 41 -1.43 -5.61 47.93
CA TRP DA 41 -0.23 -5.83 48.74
C TRP DA 41 -0.38 -7.08 49.61
N LEU DA 42 -1.54 -7.25 50.25
CA LEU DA 42 -1.73 -8.43 51.10
C LEU DA 42 -1.75 -9.71 50.28
N TYR DA 43 -2.29 -9.66 49.05
CA TYR DA 43 -2.33 -10.87 48.25
C TYR DA 43 -1.02 -11.12 47.51
N ARG DA 44 -0.41 -10.08 46.97
CA ARG DA 44 0.76 -10.25 46.12
C ARG DA 44 1.68 -9.06 46.33
N PRO DA 45 2.38 -9.01 47.47
CA PRO DA 45 3.30 -7.89 47.70
C PRO DA 45 4.37 -7.91 46.62
N TRP DA 46 4.62 -6.73 46.06
CA TRP DA 46 5.48 -6.61 44.89
C TRP DA 46 6.83 -5.97 45.20
N LEU DA 47 7.05 -5.52 46.41
CA LEU DA 47 8.33 -4.92 46.78
C LEU DA 47 8.98 -5.74 47.89
N ALA EA 6 12.25 39.64 42.85
CA ALA EA 6 11.20 40.28 43.61
C ALA EA 6 9.98 40.57 42.73
N ASN EA 7 10.22 40.73 41.44
CA ASN EA 7 9.16 41.01 40.47
C ASN EA 7 8.87 39.80 39.61
N LEU EA 8 9.07 38.60 40.16
CA LEU EA 8 8.90 37.39 39.36
C LEU EA 8 7.43 37.14 39.05
N TYR EA 9 6.53 37.64 39.90
CA TYR EA 9 5.10 37.49 39.65
C TYR EA 9 4.67 38.15 38.34
N LYS EA 10 5.45 39.14 37.88
CA LYS EA 10 5.17 39.81 36.62
C LYS EA 10 5.32 38.91 35.41
N ILE EA 11 5.84 37.69 35.60
CA ILE EA 11 5.88 36.70 34.53
C ILE EA 11 4.48 36.42 33.99
N TRP EA 12 3.46 36.46 34.86
CA TRP EA 12 2.08 36.18 34.49
C TRP EA 12 1.38 37.38 33.87
N LEU EA 13 2.06 38.52 33.76
CA LEU EA 13 1.59 39.62 32.94
C LEU EA 13 1.97 39.45 31.49
N ILE EA 14 2.88 38.53 31.20
CA ILE EA 14 3.37 38.35 29.84
C ILE EA 14 3.19 36.94 29.31
N LEU EA 15 2.98 35.94 30.14
CA LEU EA 15 2.73 34.63 29.63
C LEU EA 15 1.42 34.21 30.24
N ASP EA 16 0.53 33.73 29.39
CA ASP EA 16 -0.78 33.36 29.83
C ASP EA 16 -0.71 32.20 30.83
N PRO EA 17 -1.18 32.42 32.07
CA PRO EA 17 -1.14 31.44 33.16
C PRO EA 17 -1.82 30.12 32.84
N ARG EA 18 -2.94 30.15 32.12
CA ARG EA 18 -3.71 28.93 31.94
C ARG EA 18 -2.98 27.90 31.07
N ARG EA 19 -2.29 28.31 30.01
CA ARG EA 19 -1.63 27.33 29.15
C ARG EA 19 -0.28 26.89 29.71
N VAL EA 20 0.32 27.74 30.54
CA VAL EA 20 1.50 27.31 31.27
C VAL EA 20 1.12 26.13 32.14
N LEU EA 21 0.00 26.25 32.84
CA LEU EA 21 -0.48 25.14 33.66
C LEU EA 21 -0.63 23.88 32.84
N VAL EA 22 -1.34 23.96 31.70
CA VAL EA 22 -1.64 22.76 30.94
C VAL EA 22 -0.37 22.16 30.33
N SER EA 23 0.55 23.02 29.89
CA SER EA 23 1.87 22.54 29.46
C SER EA 23 2.55 21.76 30.59
N ILE EA 24 2.54 22.30 31.81
CA ILE EA 24 3.18 21.60 32.93
C ILE EA 24 2.52 20.25 33.15
N VAL EA 25 1.19 20.21 33.15
CA VAL EA 25 0.49 18.95 33.38
C VAL EA 25 0.84 17.95 32.30
N ALA EA 26 0.79 18.38 31.04
CA ALA EA 26 1.11 17.47 29.94
C ALA EA 26 2.58 17.05 30.02
N PHE EA 27 3.47 17.99 30.33
CA PHE EA 27 4.89 17.69 30.43
C PHE EA 27 5.18 16.71 31.56
N GLN EA 28 4.56 16.95 32.72
CA GLN EA 28 4.82 16.13 33.89
C GLN EA 28 4.39 14.68 33.65
N ILE EA 29 3.21 14.49 33.06
CA ILE EA 29 2.70 13.15 32.82
C ILE EA 29 3.60 12.38 31.86
N VAL EA 30 4.07 13.04 30.80
CA VAL EA 30 5.00 12.37 29.89
C VAL EA 30 6.29 12.03 30.60
N LEU EA 31 6.91 13.02 31.26
CA LEU EA 31 8.14 12.79 32.00
C LEU EA 31 7.98 11.67 33.01
N GLY EA 32 6.83 11.62 33.70
CA GLY EA 32 6.60 10.55 34.65
C GLY EA 32 6.61 9.18 33.99
N LEU EA 33 5.91 9.07 32.86
CA LEU EA 33 5.93 7.83 32.10
C LEU EA 33 7.35 7.52 31.61
N LEU EA 34 8.04 8.54 31.11
CA LEU EA 34 9.41 8.39 30.62
C LEU EA 34 10.35 7.86 31.70
N ILE EA 35 10.32 8.46 32.88
CA ILE EA 35 11.26 8.09 33.93
C ILE EA 35 11.00 6.66 34.42
N HIS EA 36 9.74 6.28 34.59
CA HIS EA 36 9.43 4.90 34.95
C HIS EA 36 9.97 3.91 33.93
N MET EA 37 9.69 4.16 32.64
CA MET EA 37 10.17 3.25 31.60
C MET EA 37 11.70 3.22 31.54
N ILE EA 38 12.36 4.32 31.90
CA ILE EA 38 13.80 4.30 32.02
C ILE EA 38 14.21 3.43 33.20
N VAL EA 39 13.65 3.70 34.38
CA VAL EA 39 13.96 2.92 35.57
C VAL EA 39 13.66 1.43 35.35
N LEU EA 40 12.49 1.13 34.75
CA LEU EA 40 12.11 -0.26 34.51
C LEU EA 40 13.10 -0.98 33.60
N SER EA 41 13.70 -0.27 32.65
CA SER EA 41 14.64 -0.87 31.73
C SER EA 41 16.04 -1.01 32.31
N THR EA 42 16.20 -0.97 33.62
CA THR EA 42 17.52 -1.07 34.25
C THR EA 42 17.49 -2.08 35.40
N ASP EA 43 18.65 -2.22 36.04
CA ASP EA 43 18.79 -3.08 37.21
C ASP EA 43 17.87 -2.67 38.36
N LEU EA 44 17.37 -1.43 38.37
CA LEU EA 44 16.50 -0.98 39.45
C LEU EA 44 15.06 -1.45 39.27
N ASN EA 45 14.76 -2.06 38.12
CA ASN EA 45 13.45 -2.66 37.84
C ASN EA 45 12.90 -3.37 39.06
N TRP EA 46 11.67 -3.01 39.45
CA TRP EA 46 11.05 -3.54 40.65
C TRP EA 46 9.92 -4.51 40.36
N LEU EA 47 9.56 -4.71 39.09
CA LEU EA 47 8.47 -5.60 38.73
C LEU EA 47 8.93 -7.04 38.47
N ASP EA 48 10.03 -7.22 37.76
CA ASP EA 48 10.53 -8.54 37.38
C ASP EA 48 11.79 -8.93 38.15
N ASP EA 49 11.98 -8.38 39.34
CA ASP EA 49 13.14 -8.69 40.16
C ASP EA 49 12.92 -9.87 41.10
N ASN EA 50 11.74 -10.49 41.08
CA ASN EA 50 11.42 -11.64 41.93
C ASN EA 50 11.63 -11.30 43.41
N ILE EA 51 11.33 -10.05 43.77
CA ILE EA 51 11.32 -9.60 45.15
C ILE EA 51 9.91 -9.18 45.50
N PRO EA 52 9.32 -9.67 46.60
CA PRO EA 52 9.90 -10.49 47.66
C PRO EA 52 10.03 -11.98 47.29
N VAL EA 53 9.36 -12.38 46.20
CA VAL EA 53 9.33 -13.77 45.75
C VAL EA 53 8.95 -13.76 44.28
N SER EA 54 9.25 -14.85 43.59
CA SER EA 54 8.78 -15.07 42.24
C SER EA 54 7.41 -15.75 42.33
N TYR EA 55 6.38 -15.04 41.87
CA TYR EA 55 5.00 -15.57 41.92
C TYR EA 55 4.76 -16.60 40.84
N GLN EA 56 5.55 -16.56 39.78
CA GLN EA 56 5.46 -17.57 38.73
C GLN EA 56 6.06 -18.87 39.24
N ALA EA 57 7.25 -18.80 39.83
CA ALA EA 57 7.85 -19.99 40.42
C ALA EA 57 6.96 -20.64 41.48
N LEU EA 58 5.97 -19.92 42.04
CA LEU EA 58 5.04 -20.57 42.95
C LEU EA 58 4.13 -21.59 42.23
N GLY EA 59 4.21 -21.66 40.90
CA GLY EA 59 3.42 -22.60 40.14
C GLY EA 59 4.11 -23.94 39.95
N SER FA 6 -2.06 44.74 30.39
CA SER FA 6 -0.84 44.02 30.11
C SER FA 6 -1.06 43.08 28.93
N LEU FA 7 0.02 42.41 28.54
CA LEU FA 7 -0.01 41.68 27.30
C LEU FA 7 -0.72 40.33 27.43
N THR FA 8 -1.03 39.90 28.65
CA THR FA 8 -1.93 38.78 28.88
C THR FA 8 -3.36 39.23 29.13
N GLY FA 9 -3.54 40.42 29.70
CA GLY FA 9 -4.84 40.92 30.12
C GLY FA 9 -4.99 41.01 31.62
N LEU FA 10 -4.12 40.36 32.38
CA LEU FA 10 -4.25 40.32 33.83
C LEU FA 10 -3.72 41.62 34.43
N THR FA 11 -4.45 42.14 35.42
CA THR FA 11 -3.94 43.27 36.19
C THR FA 11 -2.76 42.82 37.07
N ASP FA 12 -1.99 43.80 37.54
CA ASP FA 12 -0.84 43.49 38.39
C ASP FA 12 -1.24 42.76 39.66
N ASP FA 13 -2.34 43.17 40.30
CA ASP FA 13 -2.83 42.44 41.47
C ASP FA 13 -3.27 41.02 41.11
N GLU FA 14 -3.85 40.84 39.92
CA GLU FA 14 -4.31 39.50 39.54
C GLU FA 14 -3.13 38.55 39.31
N ALA FA 15 -2.03 39.06 38.75
CA ALA FA 15 -0.84 38.24 38.59
C ALA FA 15 -0.15 37.95 39.92
N LYS FA 16 -0.30 38.83 40.91
CA LYS FA 16 0.24 38.53 42.24
C LYS FA 16 -0.56 37.43 42.92
N GLU FA 17 -1.88 37.40 42.70
CA GLU FA 17 -2.69 36.38 43.35
C GLU FA 17 -2.42 35.03 42.71
N PHE FA 18 -2.40 34.96 41.38
CA PHE FA 18 -2.07 33.71 40.71
C PHE FA 18 -0.68 33.23 41.13
N HIS FA 19 0.27 34.15 41.23
CA HIS FA 19 1.63 33.77 41.61
C HIS FA 19 1.63 33.13 43.00
N ALA FA 20 0.97 33.76 43.96
CA ALA FA 20 0.86 33.21 45.31
C ALA FA 20 0.31 31.79 45.32
N ILE FA 21 -0.78 31.53 44.58
CA ILE FA 21 -1.38 30.21 44.60
C ILE FA 21 -0.55 29.21 43.80
N PHE FA 22 -0.01 29.65 42.66
CA PHE FA 22 0.86 28.80 41.85
C PHE FA 22 2.08 28.35 42.66
N MET FA 23 2.69 29.25 43.43
CA MET FA 23 3.92 28.91 44.13
C MET FA 23 3.67 27.98 45.31
N GLN FA 24 2.61 28.22 46.08
CA GLN FA 24 2.25 27.27 47.13
C GLN FA 24 1.93 25.90 46.55
N SER FA 25 1.22 25.87 45.41
CA SER FA 25 0.84 24.60 44.81
C SER FA 25 2.05 23.86 44.26
N MET FA 26 2.98 24.59 43.64
CA MET FA 26 4.15 23.92 43.08
C MET FA 26 5.06 23.42 44.18
N TYR FA 27 5.21 24.19 45.26
CA TYR FA 27 6.00 23.71 46.40
C TYR FA 27 5.34 22.49 47.04
N ALA FA 28 4.01 22.44 47.04
CA ALA FA 28 3.32 21.29 47.59
C ALA FA 28 3.51 20.07 46.69
N TRP FA 29 3.38 20.26 45.38
CA TRP FA 29 3.71 19.19 44.45
C TRP FA 29 5.15 18.74 44.62
N PHE FA 30 6.07 19.70 44.79
CA PHE FA 30 7.48 19.39 45.02
C PHE FA 30 7.71 18.69 46.35
N GLY FA 31 6.94 19.05 47.38
CA GLY FA 31 7.02 18.30 48.63
C GLY FA 31 6.62 16.85 48.44
N LEU FA 32 5.58 16.60 47.63
CA LEU FA 32 5.17 15.24 47.37
C LEU FA 32 6.25 14.48 46.60
N VAL FA 33 6.93 15.18 45.70
CA VAL FA 33 8.01 14.54 44.94
C VAL FA 33 9.16 14.18 45.86
N VAL FA 34 9.46 15.03 46.84
CA VAL FA 34 10.56 14.75 47.75
C VAL FA 34 10.22 13.59 48.66
N ILE FA 35 8.95 13.51 49.11
CA ILE FA 35 8.52 12.40 49.96
C ILE FA 35 8.59 11.09 49.19
N ALA FA 36 8.15 11.10 47.93
CA ALA FA 36 8.19 9.90 47.12
C ALA FA 36 9.63 9.44 46.93
N HIS FA 37 10.55 10.38 46.75
CA HIS FA 37 11.96 10.03 46.62
C HIS FA 37 12.55 9.64 47.97
N LEU FA 38 11.98 10.12 49.07
CA LEU FA 38 12.40 9.62 50.38
C LEU FA 38 12.00 8.17 50.55
N LEU FA 39 10.75 7.82 50.19
CA LEU FA 39 10.34 6.43 50.21
C LEU FA 39 11.20 5.58 49.28
N ALA FA 40 11.52 6.12 48.09
CA ALA FA 40 12.30 5.37 47.11
C ALA FA 40 13.72 5.11 47.59
N TRP FA 41 14.37 6.12 48.19
CA TRP FA 41 15.73 5.93 48.68
C TRP FA 41 15.81 4.94 49.84
N LEU FA 42 14.84 4.98 50.76
CA LEU FA 42 14.83 4.01 51.85
C LEU FA 42 14.62 2.59 51.35
N TYR FA 43 13.83 2.41 50.29
CA TYR FA 43 13.55 1.06 49.81
C TYR FA 43 14.63 0.54 48.87
N ARG FA 44 15.10 1.35 47.93
CA ARG FA 44 16.00 0.90 46.87
C ARG FA 44 16.99 1.99 46.53
N PRO FA 45 17.98 2.22 47.41
CA PRO FA 45 18.98 3.26 47.13
C PRO FA 45 19.69 2.98 45.81
N TRP FA 46 19.84 4.03 45.00
CA TRP FA 46 20.31 3.88 43.63
C TRP FA 46 21.68 4.50 43.39
N LEU FA 47 22.27 5.14 44.39
CA LEU FA 47 23.61 5.69 44.24
C LEU FA 47 24.57 5.09 45.25
N THR GA 3 33.65 42.03 31.75
CA THR GA 3 34.06 42.55 30.46
C THR GA 3 32.90 42.62 29.49
N MET GA 4 31.69 42.81 30.02
CA MET GA 4 30.49 42.87 29.21
C MET GA 4 30.33 44.28 28.61
N ASN GA 5 29.29 44.44 27.80
CA ASN GA 5 28.93 45.73 27.24
C ASN GA 5 27.82 46.35 28.09
N ALA GA 6 28.05 47.59 28.52
CA ALA GA 6 27.08 48.26 29.38
C ALA GA 6 25.74 48.50 28.70
N ASN GA 7 25.71 48.47 27.37
CA ASN GA 7 24.47 48.55 26.62
C ASN GA 7 24.04 47.19 26.07
N LEU GA 8 24.41 46.12 26.76
CA LEU GA 8 23.93 44.79 26.39
C LEU GA 8 22.43 44.64 26.60
N TYR GA 9 21.83 45.45 27.48
CA TYR GA 9 20.39 45.38 27.69
C TYR GA 9 19.59 45.78 26.45
N LYS GA 10 20.20 46.50 25.51
CA LYS GA 10 19.51 46.93 24.30
C LYS GA 10 19.17 45.77 23.40
N ILE GA 11 19.63 44.55 23.73
CA ILE GA 11 19.27 43.36 22.96
C ILE GA 11 17.76 43.13 23.01
N TRP GA 12 17.11 43.59 24.08
CA TRP GA 12 15.68 43.46 24.23
C TRP GA 12 14.90 44.46 23.38
N LEU GA 13 15.60 45.38 22.70
CA LEU GA 13 14.99 46.20 21.67
C LEU GA 13 14.97 45.51 20.30
N ILE GA 14 15.59 44.34 20.20
CA ILE GA 14 15.69 43.61 18.95
C ILE GA 14 14.96 42.27 19.02
N LEU GA 15 15.10 41.58 20.15
CA LEU GA 15 14.44 40.30 20.39
C LEU GA 15 13.34 40.50 21.43
N ASP GA 16 12.18 39.91 21.17
CA ASP GA 16 11.05 40.12 22.05
C ASP GA 16 11.30 39.35 23.36
N PRO GA 17 11.42 40.03 24.50
CA PRO GA 17 11.95 39.37 25.72
C PRO GA 17 11.07 38.24 26.25
N ARG GA 18 9.76 38.42 26.20
CA ARG GA 18 8.80 37.42 26.63
C ARG GA 18 8.85 36.17 25.76
N ARG GA 19 9.20 36.33 24.46
CA ARG GA 19 9.30 35.20 23.54
C ARG GA 19 10.59 34.43 23.73
N VAL GA 20 11.68 35.13 24.11
CA VAL GA 20 12.95 34.48 24.39
C VAL GA 20 12.85 33.55 25.60
N LEU GA 21 12.07 33.96 26.62
CA LEU GA 21 11.92 33.14 27.82
C LEU GA 21 11.36 31.75 27.49
N VAL GA 22 10.31 31.70 26.66
CA VAL GA 22 9.68 30.41 26.37
C VAL GA 22 10.65 29.54 25.57
N SER GA 23 11.40 30.15 24.65
CA SER GA 23 12.36 29.41 23.84
C SER GA 23 13.49 28.85 24.69
N ILE GA 24 13.98 29.62 25.66
CA ILE GA 24 15.07 29.14 26.52
C ILE GA 24 14.63 27.96 27.37
N VAL GA 25 13.46 28.06 28.00
CA VAL GA 25 13.01 27.00 28.91
C VAL GA 25 12.85 25.67 28.19
N ALA GA 26 12.27 25.67 27.00
CA ALA GA 26 12.04 24.41 26.30
C ALA GA 26 13.33 23.87 25.69
N PHE GA 27 14.25 24.75 25.28
CA PHE GA 27 15.57 24.29 24.87
C PHE GA 27 16.30 23.60 26.01
N GLN GA 28 16.25 24.19 27.20
CA GLN GA 28 16.99 23.65 28.33
C GLN GA 28 16.45 22.29 28.74
N ILE GA 29 15.12 22.11 28.71
CA ILE GA 29 14.53 20.80 29.01
C ILE GA 29 14.99 19.76 28.01
N VAL GA 30 15.05 20.11 26.73
CA VAL GA 30 15.49 19.14 25.72
C VAL GA 30 16.99 18.92 25.80
N LEU GA 31 17.76 19.96 26.16
CA LEU GA 31 19.18 19.76 26.36
C LEU GA 31 19.45 18.84 27.55
N GLY GA 32 18.69 19.03 28.63
CA GLY GA 32 18.86 18.15 29.79
C GLY GA 32 18.53 16.71 29.46
N LEU GA 33 17.47 16.50 28.69
CA LEU GA 33 17.13 15.15 28.23
C LEU GA 33 18.25 14.55 27.39
N LEU GA 34 18.81 15.33 26.45
CA LEU GA 34 19.88 14.81 25.61
C LEU GA 34 21.11 14.45 26.44
N ILE GA 35 21.51 15.34 27.35
CA ILE GA 35 22.76 15.13 28.08
C ILE GA 35 22.64 13.92 28.99
N HIS GA 36 21.48 13.74 29.65
CA HIS GA 36 21.28 12.54 30.45
C HIS GA 36 21.41 11.29 29.59
N MET GA 37 20.66 11.22 28.50
CA MET GA 37 20.72 10.08 27.60
C MET GA 37 22.15 9.78 27.17
N ILE GA 38 22.88 10.82 26.76
CA ILE GA 38 24.26 10.60 26.29
C ILE GA 38 25.10 10.03 27.42
N VAL GA 39 25.06 10.67 28.60
CA VAL GA 39 25.81 10.17 29.75
C VAL GA 39 25.38 8.75 30.12
N LEU GA 40 24.07 8.46 30.06
CA LEU GA 40 23.60 7.12 30.38
C LEU GA 40 24.13 6.07 29.41
N SER GA 41 24.60 6.47 28.24
CA SER GA 41 25.18 5.54 27.28
C SER GA 41 26.64 5.22 27.57
N THR GA 42 27.19 5.68 28.69
CA THR GA 42 28.62 5.59 28.93
C THR GA 42 28.92 4.84 30.23
N ASP GA 43 30.22 4.64 30.47
CA ASP GA 43 30.71 4.04 31.71
C ASP GA 43 30.25 4.77 32.96
N LEU GA 44 29.85 6.04 32.85
CA LEU GA 44 29.38 6.80 33.99
C LEU GA 44 27.95 6.46 34.38
N ASN GA 45 27.33 5.53 33.65
CA ASN GA 45 25.95 5.13 33.90
C ASN GA 45 25.73 4.83 35.36
N TRP GA 46 24.77 5.54 35.96
CA TRP GA 46 24.49 5.39 37.38
C TRP GA 46 23.30 4.47 37.67
N LEU GA 47 22.54 4.07 36.66
CA LEU GA 47 21.40 3.20 36.91
C LEU GA 47 21.71 1.70 36.83
N ASP GA 48 22.60 1.29 35.93
CA ASP GA 48 22.88 -0.12 35.67
C ASP GA 48 24.26 -0.54 36.15
N ASP GA 49 24.86 0.21 37.07
CA ASP GA 49 26.22 -0.04 37.50
C ASP GA 49 26.33 -0.99 38.67
N ASN GA 50 25.20 -1.53 39.16
CA ASN GA 50 25.18 -2.45 40.29
C ASN GA 50 25.79 -1.78 41.53
N ILE GA 51 25.64 -0.46 41.61
CA ILE GA 51 26.10 0.32 42.74
C ILE GA 51 24.86 0.94 43.39
N PRO GA 52 24.61 0.75 44.68
CA PRO GA 52 25.50 0.05 45.63
C PRO GA 52 25.52 -1.47 45.44
N VAL GA 53 24.41 -2.02 44.94
CA VAL GA 53 24.30 -3.46 44.66
C VAL GA 53 23.49 -3.67 43.39
N SER GA 54 23.59 -4.87 42.84
CA SER GA 54 22.69 -5.33 41.79
C SER GA 54 21.41 -5.87 42.42
N TYR GA 55 20.27 -5.26 42.12
CA TYR GA 55 18.99 -5.65 42.72
C TYR GA 55 18.30 -6.78 41.98
N GLN GA 56 18.78 -7.14 40.78
CA GLN GA 56 18.26 -8.33 40.11
C GLN GA 56 18.89 -9.59 40.68
N ALA GA 57 20.13 -9.49 41.18
CA ALA GA 57 20.80 -10.63 41.79
C ALA GA 57 20.29 -10.89 43.21
N LEU GA 58 19.46 -10.00 43.76
CA LEU GA 58 18.84 -10.26 45.06
C LEU GA 58 17.75 -11.32 44.97
N GLY GA 59 17.07 -11.44 43.83
CA GLY GA 59 15.98 -12.37 43.69
C GLY GA 59 16.37 -13.73 43.11
N LEU HA 7 12.11 47.95 17.41
CA LEU HA 7 11.68 46.75 16.70
C LEU HA 7 10.74 45.91 17.57
N THR HA 8 11.07 45.79 18.85
CA THR HA 8 10.24 45.06 19.81
C THR HA 8 9.18 45.95 20.46
N GLY HA 9 9.17 47.24 20.15
CA GLY HA 9 8.27 48.16 20.80
C GLY HA 9 8.67 48.58 22.20
N LEU HA 10 9.66 47.93 22.81
CA LEU HA 10 10.06 48.36 24.15
C LEU HA 10 10.74 49.71 24.12
N THR HA 11 10.54 50.46 25.19
CA THR HA 11 11.28 51.68 25.40
C THR HA 11 12.64 51.31 25.98
N ASP HA 12 13.51 52.30 26.13
CA ASP HA 12 14.85 52.01 26.62
C ASP HA 12 14.82 51.57 28.09
N ASP HA 13 13.97 52.21 28.91
CA ASP HA 13 13.88 51.85 30.32
C ASP HA 13 13.25 50.48 30.55
N GLU HA 14 12.27 50.07 29.73
CA GLU HA 14 11.65 48.77 29.93
C GLU HA 14 12.66 47.63 29.73
N ALA HA 15 13.50 47.74 28.70
CA ALA HA 15 14.52 46.72 28.47
C ALA HA 15 15.50 46.57 29.64
N LYS HA 16 15.85 47.68 30.29
CA LYS HA 16 16.74 47.58 31.46
C LYS HA 16 16.08 46.83 32.62
N GLU HA 17 14.83 47.15 32.93
CA GLU HA 17 14.14 46.43 34.01
C GLU HA 17 14.09 44.94 33.71
N PHE HA 18 13.74 44.58 32.49
CA PHE HA 18 13.72 43.16 32.13
C PHE HA 18 15.13 42.59 32.26
N HIS HA 19 16.14 43.32 31.79
CA HIS HA 19 17.50 42.80 31.77
C HIS HA 19 17.98 42.51 33.20
N ALA HA 20 17.66 43.40 34.13
CA ALA HA 20 18.04 43.20 35.53
C ALA HA 20 17.44 41.92 36.08
N ILE HA 21 16.13 41.72 35.89
CA ILE HA 21 15.48 40.51 36.34
C ILE HA 21 16.04 39.30 35.61
N PHE HA 22 16.22 39.42 34.29
CA PHE HA 22 16.74 38.31 33.49
C PHE HA 22 18.11 37.85 34.01
N MET HA 23 19.00 38.80 34.26
CA MET HA 23 20.36 38.47 34.71
C MET HA 23 20.35 37.78 36.06
N GLN HA 24 19.57 38.29 37.02
CA GLN HA 24 19.49 37.63 38.31
C GLN HA 24 18.95 36.21 38.18
N SER HA 25 17.99 36.01 37.27
CA SER HA 25 17.42 34.69 37.10
C SER HA 25 18.36 33.76 36.35
N MET HA 26 19.03 34.29 35.32
CA MET HA 26 19.98 33.45 34.60
C MET HA 26 21.14 33.08 35.52
N TYR HA 27 21.61 34.03 36.33
CA TYR HA 27 22.68 33.71 37.27
C TYR HA 27 22.17 32.73 38.32
N ALA HA 28 20.92 32.91 38.78
CA ALA HA 28 20.34 31.96 39.73
C ALA HA 28 20.24 30.57 39.12
N TRP HA 29 19.79 30.48 37.86
CA TRP HA 29 19.71 29.19 37.16
C TRP HA 29 21.09 28.55 37.06
N PHE HA 30 22.07 29.32 36.58
CA PHE HA 30 23.43 28.82 36.46
C PHE HA 30 24.00 28.38 37.80
N GLY HA 31 23.58 29.04 38.89
CA GLY HA 31 24.04 28.61 40.21
C GLY HA 31 23.54 27.23 40.59
N LEU HA 32 22.27 26.92 40.30
CA LEU HA 32 21.78 25.57 40.54
C LEU HA 32 22.53 24.54 39.71
N VAL HA 33 22.89 24.88 38.48
CA VAL HA 33 23.66 23.96 37.63
C VAL HA 33 25.03 23.69 38.25
N VAL HA 34 25.66 24.73 38.79
CA VAL HA 34 26.98 24.54 39.42
C VAL HA 34 26.86 23.58 40.60
N ILE HA 35 25.87 23.79 41.46
CA ILE HA 35 25.66 22.90 42.60
C ILE HA 35 25.45 21.46 42.14
N ALA HA 36 24.68 21.27 41.08
CA ALA HA 36 24.44 19.91 40.59
C ALA HA 36 25.73 19.25 40.14
N HIS HA 37 26.56 19.98 39.40
CA HIS HA 37 27.82 19.43 38.91
C HIS HA 37 28.82 19.24 40.05
N LEU HA 38 28.77 20.10 41.06
CA LEU HA 38 29.57 19.88 42.26
C LEU HA 38 29.21 18.57 42.94
N LEU HA 39 27.91 18.31 43.13
CA LEU HA 39 27.49 17.03 43.70
C LEU HA 39 27.89 15.87 42.81
N ALA HA 40 27.70 16.03 41.49
CA ALA HA 40 28.07 14.97 40.56
C ALA HA 40 29.58 14.71 40.59
N TRP HA 41 30.38 15.77 40.72
CA TRP HA 41 31.83 15.60 40.77
C TRP HA 41 32.26 14.93 42.06
N LEU HA 42 31.62 15.27 43.18
CA LEU HA 42 31.93 14.61 44.44
C LEU HA 42 31.56 13.14 44.40
N TYR HA 43 30.42 12.82 43.77
CA TYR HA 43 29.97 11.44 43.70
C TYR HA 43 30.72 10.63 42.65
N ARG HA 44 30.94 11.22 41.47
CA ARG HA 44 31.43 10.48 40.31
C ARG HA 44 32.26 11.42 39.44
N PRO HA 45 33.48 11.74 39.87
CA PRO HA 45 34.31 12.63 39.06
C PRO HA 45 34.62 11.99 37.71
N TRP HA 46 34.56 12.80 36.65
CA TRP HA 46 34.56 12.27 35.29
C TRP HA 46 35.76 12.67 34.44
N LEU HA 47 36.60 13.59 34.90
CA LEU HA 47 37.84 13.89 34.17
C LEU HA 47 39.08 13.53 34.97
N THR IA 3 43.31 43.50 9.64
CA THR IA 3 43.05 44.49 8.59
C THR IA 3 41.55 44.60 8.31
N MET IA 4 40.80 45.04 9.32
CA MET IA 4 39.36 45.22 9.18
C MET IA 4 39.07 46.57 8.53
N ASN IA 5 38.18 46.57 7.54
CA ASN IA 5 37.85 47.80 6.84
C ASN IA 5 37.08 48.75 7.75
N ALA IA 6 37.33 50.05 7.58
CA ALA IA 6 36.69 51.06 8.41
C ALA IA 6 35.18 51.09 8.21
N ASN IA 7 34.71 50.72 7.01
CA ASN IA 7 33.29 50.70 6.72
C ASN IA 7 32.69 49.30 6.79
N LEU IA 8 33.33 48.39 7.53
CA LEU IA 8 32.76 47.07 7.69
C LEU IA 8 31.44 47.14 8.44
N TYR IA 9 31.23 48.20 9.24
CA TYR IA 9 29.97 48.37 9.94
C TYR IA 9 28.79 48.50 8.98
N LYS IA 10 29.05 48.91 7.73
CA LYS IA 10 27.98 49.06 6.75
C LYS IA 10 27.37 47.72 6.35
N ILE IA 11 27.94 46.61 6.82
CA ILE IA 11 27.37 45.29 6.54
C ILE IA 11 25.97 45.19 7.09
N TRP IA 12 25.67 45.89 8.17
CA TRP IA 12 24.35 45.89 8.77
C TRP IA 12 23.37 46.76 8.00
N LEU IA 13 23.84 47.47 6.96
CA LEU IA 13 22.95 48.08 5.99
C LEU IA 13 22.50 47.11 4.92
N ILE IA 14 23.16 45.95 4.85
CA ILE IA 14 22.86 44.92 3.87
C ILE IA 14 22.30 43.66 4.53
N LEU IA 15 22.81 43.33 5.71
CA LEU IA 15 22.41 42.11 6.39
C LEU IA 15 21.62 42.46 7.65
N ASP IA 16 20.43 41.90 7.76
CA ASP IA 16 19.51 42.26 8.83
C ASP IA 16 20.00 41.73 10.17
N PRO IA 17 20.09 42.58 11.20
CA PRO IA 17 20.57 42.08 12.50
C PRO IA 17 19.80 40.92 13.11
N ARG IA 18 18.47 41.01 13.24
CA ARG IA 18 17.77 39.97 14.00
C ARG IA 18 17.96 38.62 13.32
N ARG IA 19 17.81 38.56 11.97
CA ARG IA 19 17.90 37.29 11.26
C ARG IA 19 19.35 36.77 11.26
N VAL IA 20 20.33 37.68 11.20
CA VAL IA 20 21.71 37.25 11.30
C VAL IA 20 21.98 36.66 12.68
N LEU IA 21 21.49 37.35 13.72
CA LEU IA 21 21.64 36.86 15.09
C LEU IA 21 21.01 35.48 15.28
N VAL IA 22 19.79 35.29 14.77
CA VAL IA 22 19.14 33.99 14.88
C VAL IA 22 19.94 32.93 14.14
N SER IA 23 20.43 33.26 12.94
CA SER IA 23 21.20 32.31 12.15
C SER IA 23 22.47 31.87 12.89
N ILE IA 24 23.15 32.82 13.53
CA ILE IA 24 24.40 32.51 14.23
C ILE IA 24 24.13 31.61 15.43
N VAL IA 25 23.11 31.94 16.24
CA VAL IA 25 22.81 31.14 17.42
C VAL IA 25 22.42 29.72 17.03
N ALA IA 26 21.57 29.59 16.02
CA ALA IA 26 21.11 28.27 15.58
C ALA IA 26 22.27 27.44 15.04
N PHE IA 27 23.10 28.03 14.18
CA PHE IA 27 24.20 27.27 13.59
C PHE IA 27 25.20 26.83 14.65
N GLN IA 28 25.52 27.71 15.60
CA GLN IA 28 26.52 27.38 16.61
C GLN IA 28 26.04 26.29 17.55
N ILE IA 29 24.75 26.28 17.91
CA ILE IA 29 24.21 25.20 18.73
C ILE IA 29 24.32 23.87 17.99
N VAL IA 30 23.91 23.84 16.73
CA VAL IA 30 24.05 22.63 15.92
C VAL IA 30 25.52 22.24 15.81
N LEU IA 31 26.39 23.22 15.56
CA LEU IA 31 27.81 22.93 15.40
C LEU IA 31 28.43 22.43 16.71
N GLY IA 32 28.06 23.03 17.84
CA GLY IA 32 28.57 22.56 19.11
C GLY IA 32 28.10 21.16 19.47
N LEU IA 33 26.83 20.85 19.15
CA LEU IA 33 26.33 19.50 19.38
C LEU IA 33 27.04 18.50 18.47
N LEU IA 34 27.27 18.88 17.21
CA LEU IA 34 27.96 18.01 16.27
C LEU IA 34 29.38 17.70 16.73
N ILE IA 35 30.15 18.74 17.08
CA ILE IA 35 31.55 18.52 17.44
C ILE IA 35 31.65 17.60 18.65
N HIS IA 36 30.79 17.81 19.67
CA HIS IA 36 30.82 16.92 20.83
C HIS IA 36 30.56 15.47 20.41
N MET IA 37 29.54 15.24 19.59
CA MET IA 37 29.23 13.88 19.19
C MET IA 37 30.29 13.31 18.26
N ILE IA 38 30.97 14.14 17.48
CA ILE IA 38 32.11 13.67 16.71
C ILE IA 38 33.22 13.20 17.65
N VAL IA 39 33.61 14.08 18.59
CA VAL IA 39 34.69 13.77 19.52
C VAL IA 39 34.35 12.55 20.39
N LEU IA 40 33.11 12.45 20.86
CA LEU IA 40 32.73 11.31 21.68
C LEU IA 40 32.88 9.99 20.94
N SER IA 41 32.63 9.98 19.63
CA SER IA 41 32.76 8.77 18.82
C SER IA 41 34.20 8.51 18.38
N THR IA 42 35.20 8.98 19.13
CA THR IA 42 36.60 8.71 18.80
C THR IA 42 37.36 8.30 20.05
N ASP IA 43 38.68 8.11 19.87
CA ASP IA 43 39.60 7.78 20.94
C ASP IA 43 39.77 8.91 21.95
N LEU IA 44 39.40 10.13 21.57
CA LEU IA 44 39.46 11.31 22.44
C LEU IA 44 38.33 11.33 23.47
N ASN IA 45 37.38 10.42 23.37
CA ASN IA 45 36.26 10.24 24.30
C ASN IA 45 36.67 10.34 25.76
N TRP IA 46 36.04 11.28 26.47
CA TRP IA 46 36.38 11.59 27.85
C TRP IA 46 35.41 11.03 28.88
N LEU IA 47 34.30 10.40 28.46
CA LEU IA 47 33.35 9.84 29.43
C LEU IA 47 33.55 8.36 29.75
N ASP IA 48 34.01 7.57 28.78
CA ASP IA 48 34.18 6.12 28.88
C ASP IA 48 35.65 5.72 28.95
N ASP IA 49 36.53 6.65 29.25
CA ASP IA 49 37.94 6.37 29.18
C ASP IA 49 38.46 5.80 30.49
N ASN IA 50 37.54 5.44 31.38
CA ASN IA 50 37.84 4.85 32.69
C ASN IA 50 38.83 5.73 33.46
N ILE IA 51 38.81 7.01 33.16
CA ILE IA 51 39.64 8.00 33.80
C ILE IA 51 38.71 8.94 34.57
N PRO IA 52 38.93 9.16 35.87
CA PRO IA 52 40.03 8.65 36.70
C PRO IA 52 39.87 7.19 37.07
N VAL IA 53 38.64 6.67 36.94
CA VAL IA 53 38.35 5.28 37.25
C VAL IA 53 37.18 4.80 36.41
N SER IA 54 37.06 3.47 36.24
CA SER IA 54 35.87 2.86 35.63
C SER IA 54 34.78 2.60 36.66
N TYR IA 55 33.58 3.13 36.40
CA TYR IA 55 32.50 2.98 37.37
C TYR IA 55 31.59 1.77 37.15
N GLN IA 56 31.59 1.16 35.97
CA GLN IA 56 30.94 -0.16 35.88
C GLN IA 56 31.83 -1.27 36.42
N ALA IA 57 33.15 -1.05 36.46
CA ALA IA 57 34.06 -2.04 37.04
C ALA IA 57 34.02 -1.95 38.55
N LEU IA 58 34.08 -0.72 39.08
CA LEU IA 58 33.93 -0.44 40.50
C LEU IA 58 32.47 -0.57 40.91
N GLY IA 59 32.02 -1.80 41.04
CA GLY IA 59 30.66 -2.05 41.43
C GLY IA 59 29.85 -2.68 40.33
N LYS JA 5 17.59 54.97 3.23
CA LYS JA 5 17.16 54.03 2.19
C LYS JA 5 18.10 52.84 2.11
N SER JA 6 18.55 52.35 3.27
CA SER JA 6 19.33 51.13 3.30
C SER JA 6 18.41 49.93 3.13
N LEU JA 7 19.02 48.77 2.89
CA LEU JA 7 18.20 47.58 2.66
C LEU JA 7 17.65 47.00 3.96
N THR JA 8 18.36 47.19 5.07
CA THR JA 8 17.94 46.62 6.33
C THR JA 8 17.10 47.56 7.18
N GLY JA 9 16.93 48.81 6.74
CA GLY JA 9 16.25 49.81 7.53
C GLY JA 9 17.12 50.49 8.57
N LEU JA 10 18.30 49.95 8.85
CA LEU JA 10 19.21 50.59 9.80
C LEU JA 10 19.78 51.87 9.21
N THR JA 11 19.84 52.91 10.05
CA THR JA 11 20.59 54.08 9.64
C THR JA 11 22.08 53.79 9.70
N ASP JA 12 22.87 54.74 9.18
CA ASP JA 12 24.32 54.58 9.23
C ASP JA 12 24.81 54.54 10.68
N ASP JA 13 24.26 55.43 11.53
CA ASP JA 13 24.67 55.44 12.94
C ASP JA 13 24.27 54.16 13.65
N GLU JA 14 23.09 53.62 13.31
CA GLU JA 14 22.64 52.38 13.95
C GLU JA 14 23.51 51.20 13.54
N ALA JA 15 23.93 51.16 12.28
CA ALA JA 15 24.83 50.09 11.86
C ALA JA 15 26.12 50.16 12.64
N LYS JA 16 26.70 51.36 12.76
CA LYS JA 16 27.89 51.55 13.60
C LYS JA 16 27.63 51.11 15.04
N GLU JA 17 26.49 51.50 15.62
CA GLU JA 17 26.18 51.13 17.00
C GLU JA 17 25.99 49.63 17.14
N PHE JA 18 25.24 49.02 16.23
CA PHE JA 18 25.07 47.57 16.28
C PHE JA 18 26.40 46.88 16.05
N HIS JA 19 27.19 47.37 15.10
CA HIS JA 19 28.46 46.74 14.79
C HIS JA 19 29.37 46.73 16.02
N ALA JA 20 29.37 47.82 16.79
CA ALA JA 20 30.25 47.89 17.95
C ALA JA 20 29.83 46.94 19.07
N ILE JA 21 28.52 46.79 19.30
CA ILE JA 21 28.09 45.83 20.31
C ILE JA 21 28.26 44.40 19.79
N PHE JA 22 28.05 44.19 18.49
CA PHE JA 22 28.20 42.87 17.90
C PHE JA 22 29.65 42.41 17.95
N MET JA 23 30.59 43.31 17.62
CA MET JA 23 32.00 42.91 17.59
C MET JA 23 32.51 42.61 18.99
N GLN JA 24 32.15 43.45 19.96
CA GLN JA 24 32.55 43.22 21.35
C GLN JA 24 31.98 41.90 21.86
N SER JA 25 30.73 41.61 21.54
CA SER JA 25 30.07 40.40 22.02
C SER JA 25 30.69 39.15 21.39
N MET JA 26 31.03 39.21 20.10
CA MET JA 26 31.64 38.07 19.43
C MET JA 26 33.05 37.78 19.93
N TYR JA 27 33.84 38.81 20.21
CA TYR JA 27 35.18 38.59 20.76
C TYR JA 27 35.11 37.90 22.11
N ALA JA 28 34.19 38.33 22.98
CA ALA JA 28 34.02 37.64 24.26
C ALA JA 28 33.67 36.16 24.06
N TRP JA 29 32.77 35.85 23.12
CA TRP JA 29 32.43 34.45 22.85
C TRP JA 29 33.64 33.66 22.37
N PHE JA 30 34.36 34.21 21.37
CA PHE JA 30 35.58 33.55 20.90
C PHE JA 30 36.62 33.42 22.00
N GLY JA 31 36.66 34.37 22.93
CA GLY JA 31 37.60 34.28 24.03
C GLY JA 31 37.32 33.07 24.90
N LEU JA 32 36.04 32.82 25.21
CA LEU JA 32 35.66 31.62 25.93
C LEU JA 32 36.04 30.37 25.14
N VAL JA 33 35.92 30.43 23.81
CA VAL JA 33 36.27 29.29 22.98
C VAL JA 33 37.76 28.97 23.10
N VAL JA 34 38.59 30.02 23.12
CA VAL JA 34 40.03 29.83 23.27
C VAL JA 34 40.36 29.23 24.65
N ILE JA 35 39.72 29.73 25.70
CA ILE JA 35 39.93 29.18 27.04
C ILE JA 35 39.54 27.71 27.10
N ALA JA 36 38.39 27.37 26.53
CA ALA JA 36 37.95 25.97 26.51
C ALA JA 36 38.99 25.07 25.85
N HIS JA 37 39.55 25.52 24.72
CA HIS JA 37 40.51 24.69 24.01
C HIS JA 37 41.86 24.64 24.72
N LEU JA 38 42.25 25.73 25.37
CA LEU JA 38 43.48 25.68 26.17
C LEU JA 38 43.32 24.67 27.29
N LEU JA 39 42.19 24.68 27.98
CA LEU JA 39 41.93 23.69 29.01
C LEU JA 39 41.90 22.29 28.40
N ALA JA 40 41.19 22.15 27.27
CA ALA JA 40 41.11 20.87 26.58
C ALA JA 40 42.49 20.41 26.11
N TRP JA 41 43.30 21.34 25.59
CA TRP JA 41 44.64 20.96 25.12
C TRP JA 41 45.53 20.55 26.28
N LEU JA 42 45.37 21.21 27.42
CA LEU JA 42 46.14 20.83 28.60
C LEU JA 42 45.68 19.49 29.13
N TYR JA 43 44.38 19.21 29.03
CA TYR JA 43 43.84 17.97 29.56
C TYR JA 43 44.05 16.79 28.62
N ARG JA 44 43.90 17.00 27.31
CA ARG JA 44 43.83 15.89 26.37
C ARG JA 44 44.29 16.38 25.00
N PRO JA 45 45.58 16.66 24.85
CA PRO JA 45 46.10 17.07 23.54
C PRO JA 45 45.86 16.01 22.47
N TRP JA 46 45.44 16.49 21.30
CA TRP JA 46 44.88 15.66 20.24
C TRP JA 46 45.71 15.73 18.98
N LEU JA 47 46.79 16.51 18.99
CA LEU JA 47 47.74 16.58 17.89
C LEU JA 47 49.14 16.19 18.33
N ALA KA 1 6.94 -54.32 54.01
CA ALA KA 1 8.35 -54.56 54.33
C ALA KA 1 9.20 -54.59 53.06
N ALA KA 2 8.82 -53.76 52.08
CA ALA KA 2 9.51 -53.75 50.80
C ALA KA 2 10.77 -52.88 50.87
N PRO KA 3 11.87 -53.31 50.26
CA PRO KA 3 13.08 -52.49 50.23
C PRO KA 3 12.85 -51.19 49.46
N ALA KA 4 13.86 -50.32 49.54
CA ALA KA 4 13.71 -48.95 49.03
C ALA KA 4 13.67 -48.90 47.51
N ASN KA 5 14.39 -49.79 46.83
CA ASN KA 5 14.39 -49.82 45.38
C ASN KA 5 13.33 -50.76 44.80
N ALA KA 6 12.42 -51.27 45.64
CA ALA KA 6 11.34 -52.11 45.16
C ALA KA 6 10.58 -51.41 44.05
N VAL KA 7 10.11 -52.19 43.08
CA VAL KA 7 9.16 -51.67 42.10
C VAL KA 7 7.88 -51.24 42.80
N THR KA 8 7.45 -50.01 42.54
CA THR KA 8 6.28 -49.41 43.15
C THR KA 8 5.18 -49.20 42.11
N ALA KA 9 3.95 -49.05 42.60
CA ALA KA 9 2.79 -48.98 41.71
C ALA KA 9 2.79 -47.75 40.82
N ASP KA 10 3.50 -46.70 41.20
CA ASP KA 10 3.55 -45.49 40.38
C ASP KA 10 4.65 -45.55 39.32
N ASP KA 11 5.49 -46.58 39.34
CA ASP KA 11 6.51 -46.75 38.31
C ASP KA 11 5.84 -46.88 36.94
N PRO KA 12 6.19 -46.02 35.98
CA PRO KA 12 5.61 -46.14 34.63
C PRO KA 12 5.72 -47.51 33.99
N THR KA 13 6.87 -48.18 34.17
CA THR KA 13 7.06 -49.52 33.60
C THR KA 13 6.13 -50.53 34.24
N ALA KA 14 5.92 -50.44 35.55
CA ALA KA 14 4.95 -51.31 36.21
C ALA KA 14 3.55 -51.13 35.64
N ILE KA 15 3.16 -49.88 35.38
CA ILE KA 15 1.84 -49.61 34.80
C ILE KA 15 1.71 -50.21 33.40
N ALA KA 16 2.69 -49.98 32.53
CA ALA KA 16 2.60 -50.48 31.15
C ALA KA 16 2.55 -52.00 31.11
N LEU KA 17 3.30 -52.66 31.99
CA LEU KA 17 3.40 -54.11 32.04
C LEU KA 17 2.38 -54.76 32.98
N LYS KA 18 1.55 -53.98 33.65
CA LYS KA 18 0.57 -54.50 34.61
C LYS KA 18 1.27 -55.33 35.69
N TYR KA 19 2.24 -54.71 36.37
CA TYR KA 19 2.95 -55.40 37.43
C TYR KA 19 2.17 -55.28 38.74
N ASN KA 20 2.18 -56.35 39.52
CA ASN KA 20 1.82 -56.30 40.93
C ASN KA 20 2.75 -57.20 41.72
N GLN KA 21 2.99 -56.83 42.99
CA GLN KA 21 3.89 -57.60 43.83
C GLN KA 21 3.22 -58.80 44.49
N ASP KA 22 1.90 -58.95 44.35
CA ASP KA 22 1.17 -60.13 44.77
C ASP KA 22 0.46 -60.63 43.52
N ALA KA 23 0.93 -61.75 42.96
CA ALA KA 23 0.35 -62.25 41.72
C ALA KA 23 -1.13 -62.61 41.82
N THR KA 24 -1.63 -62.89 43.03
CA THR KA 24 -3.07 -63.16 43.15
C THR KA 24 -3.92 -61.90 42.99
N LYS KA 25 -3.32 -60.70 43.08
CA LYS KA 25 -4.01 -59.44 42.83
C LYS KA 25 -3.63 -58.85 41.48
N SER KA 26 -3.25 -59.71 40.55
CA SER KA 26 -2.71 -59.40 39.23
C SER KA 26 -3.71 -59.77 38.15
N GLU KA 27 -3.39 -59.37 36.92
CA GLU KA 27 -4.23 -59.64 35.76
C GLU KA 27 -3.67 -60.80 34.93
N ARG KA 28 -3.05 -61.77 35.61
CA ARG KA 28 -2.50 -62.95 34.92
C ARG KA 28 -3.54 -63.75 34.13
N VAL KA 29 -4.77 -63.85 34.64
CA VAL KA 29 -5.82 -64.61 33.94
C VAL KA 29 -6.20 -63.98 32.60
N ALA KA 30 -6.44 -62.67 32.56
CA ALA KA 30 -6.85 -62.00 31.31
C ALA KA 30 -5.83 -62.18 30.19
N ALA KA 31 -4.54 -62.08 30.49
CA ALA KA 31 -3.51 -62.09 29.46
C ALA KA 31 -3.30 -63.49 28.87
N ALA KA 32 -3.54 -64.54 29.67
CA ALA KA 32 -3.42 -65.93 29.21
C ALA KA 32 -2.07 -66.17 28.57
N ARG KA 33 -1.03 -65.67 29.23
CA ARG KA 33 0.34 -65.79 28.74
C ARG KA 33 0.71 -67.26 28.56
N PRO KA 34 1.31 -67.64 27.43
CA PRO KA 34 1.55 -69.05 27.15
C PRO KA 34 2.73 -69.61 27.95
N GLY KA 35 2.68 -70.92 28.15
CA GLY KA 35 3.78 -71.69 28.71
C GLY KA 35 3.39 -72.46 29.96
N LEU KA 36 2.51 -71.89 30.77
CA LEU KA 36 1.95 -72.55 31.94
C LEU KA 36 0.52 -72.06 32.12
N PRO KA 37 -0.30 -72.76 32.90
CA PRO KA 37 -1.62 -72.23 33.24
C PRO KA 37 -1.48 -70.93 34.03
N PRO KA 38 -2.26 -69.90 33.68
CA PRO KA 38 -2.12 -68.59 34.34
C PRO KA 38 -2.22 -68.60 35.86
N GLU KA 39 -2.64 -69.72 36.46
CA GLU KA 39 -2.76 -69.80 37.91
C GLU KA 39 -1.48 -70.32 38.57
N GLU KA 40 -0.38 -70.36 37.84
CA GLU KA 40 0.91 -70.76 38.36
C GLU KA 40 2.03 -69.82 37.94
N GLN KA 41 1.72 -68.73 37.22
CA GLN KA 41 2.72 -67.80 36.73
C GLN KA 41 3.02 -66.76 37.80
N HIS KA 42 4.23 -66.79 38.34
CA HIS KA 42 4.71 -65.71 39.19
C HIS KA 42 6.20 -65.52 38.92
N CYS KA 43 6.85 -64.69 39.74
CA CYS KA 43 8.18 -64.20 39.39
C CYS KA 43 9.24 -65.29 39.55
N ALA KA 44 9.08 -66.16 40.55
CA ALA KA 44 10.11 -67.16 40.83
C ALA KA 44 10.38 -68.08 39.65
N ASN KA 45 9.39 -68.33 38.79
CA ASN KA 45 9.56 -69.20 37.63
C ASN KA 45 9.60 -68.45 36.30
N CYS KA 46 10.00 -67.18 36.31
CA CYS KA 46 10.09 -66.41 35.08
C CYS KA 46 11.53 -66.29 34.60
N GLN KA 47 11.72 -66.39 33.28
CA GLN KA 47 13.04 -66.27 32.67
C GLN KA 47 13.73 -64.94 32.94
N PHE KA 48 12.99 -63.87 33.20
CA PHE KA 48 13.63 -62.56 33.40
C PHE KA 48 14.03 -62.27 34.82
N MET KA 49 13.79 -63.18 35.77
CA MET KA 49 14.21 -62.92 37.14
C MET KA 49 15.68 -63.27 37.29
N GLN KA 50 16.43 -62.38 37.92
CA GLN KA 50 17.85 -62.57 38.17
C GLN KA 50 18.00 -63.04 39.61
N ALA KA 51 18.22 -64.34 39.80
CA ALA KA 51 18.40 -64.89 41.14
C ALA KA 51 19.63 -64.32 41.83
N ASN KA 52 20.54 -63.69 41.08
CA ASN KA 52 21.78 -63.16 41.62
C ASN KA 52 21.70 -61.66 41.91
N VAL KA 53 20.50 -61.15 42.21
CA VAL KA 53 20.31 -59.76 42.61
C VAL KA 53 19.30 -59.74 43.76
N GLY KA 54 19.50 -58.82 44.70
CA GLY KA 54 18.58 -58.71 45.82
C GLY KA 54 18.69 -59.88 46.77
N GLU KA 55 17.68 -60.00 47.64
CA GLU KA 55 17.73 -60.99 48.70
C GLU KA 55 16.32 -61.35 49.15
N GLY KA 56 16.12 -62.64 49.43
CA GLY KA 56 14.85 -63.13 49.96
C GLY KA 56 13.75 -63.13 48.91
N ASP KA 57 12.59 -62.59 49.27
CA ASP KA 57 11.50 -62.52 48.30
C ASP KA 57 11.66 -61.37 47.34
N TRP KA 58 12.67 -60.54 47.52
CA TRP KA 58 12.88 -59.32 46.75
C TRP KA 58 14.12 -59.51 45.91
N LYS KA 59 13.94 -60.08 44.72
CA LYS KA 59 15.02 -60.38 43.80
C LYS KA 59 15.08 -59.34 42.69
N GLY KA 60 16.13 -59.43 41.88
CA GLY KA 60 16.25 -58.56 40.74
C GLY KA 60 15.37 -59.00 39.59
N CYS KA 61 15.10 -58.06 38.70
CA CYS KA 61 14.51 -58.35 37.40
C CYS KA 61 15.25 -57.60 36.31
N GLN KA 62 15.34 -58.23 35.15
CA GLN KA 62 15.98 -57.58 34.00
C GLN KA 62 15.18 -56.38 33.53
N LEU KA 63 13.85 -56.52 33.46
CA LEU KA 63 13.04 -55.43 32.92
C LEU KA 63 13.02 -54.20 33.82
N PHE KA 64 13.45 -54.34 35.07
CA PHE KA 64 13.38 -53.26 36.06
C PHE KA 64 14.79 -52.99 36.58
N PRO KA 65 15.68 -52.48 35.73
CA PRO KA 65 17.09 -52.34 36.13
C PRO KA 65 17.22 -51.37 37.30
N GLY KA 66 18.11 -51.71 38.24
CA GLY KA 66 18.29 -50.91 39.43
C GLY KA 66 17.20 -51.04 40.47
N LYS KA 67 16.19 -51.88 40.24
CA LYS KA 67 15.08 -52.06 41.17
C LYS KA 67 14.94 -53.54 41.51
N LEU KA 68 14.04 -53.83 42.46
CA LEU KA 68 13.78 -55.21 42.89
C LEU KA 68 12.29 -55.51 42.79
N ILE KA 69 11.97 -56.72 42.36
CA ILE KA 69 10.61 -57.24 42.39
C ILE KA 69 10.43 -58.25 43.52
N ASN KA 70 9.18 -58.66 43.76
CA ASN KA 70 8.84 -59.73 44.69
C ASN KA 70 8.65 -61.02 43.91
N VAL KA 71 9.23 -62.12 44.43
CA VAL KA 71 9.11 -63.43 43.80
C VAL KA 71 7.68 -63.92 43.62
N ASN KA 72 6.72 -63.40 44.39
CA ASN KA 72 5.33 -63.80 44.28
C ASN KA 72 4.48 -62.89 43.39
N GLY KA 73 5.11 -61.99 42.62
CA GLY KA 73 4.40 -61.06 41.77
C GLY KA 73 4.18 -61.59 40.36
N TRP KA 74 3.73 -60.70 39.47
CA TRP KA 74 3.49 -61.06 38.08
C TRP KA 74 3.39 -59.76 37.28
N CYS KA 75 3.74 -59.82 35.99
CA CYS KA 75 3.37 -58.76 35.07
C CYS KA 75 3.12 -59.39 33.70
N ALA KA 76 2.62 -58.57 32.77
CA ALA KA 76 2.17 -59.05 31.47
C ALA KA 76 3.31 -59.48 30.55
N SER KA 77 4.56 -59.41 30.98
CA SER KA 77 5.69 -59.90 30.20
C SER KA 77 6.18 -61.27 30.68
N TRP KA 78 5.29 -62.05 31.30
CA TRP KA 78 5.68 -63.31 31.90
C TRP KA 78 6.06 -64.33 30.84
N THR KA 79 7.19 -65.01 31.05
CA THR KA 79 7.72 -65.99 30.12
C THR KA 79 8.33 -67.11 30.94
N LEU KA 80 8.06 -68.37 30.56
CA LEU KA 80 8.55 -69.48 31.35
C LEU KA 80 10.07 -69.43 31.48
N LYS KA 81 10.54 -69.67 32.70
CA LYS KA 81 11.97 -69.84 32.96
C LYS KA 81 12.46 -71.17 32.41
N ALA KA 82 12.86 -71.21 31.15
CA ALA KA 82 13.40 -72.44 30.60
C ALA KA 82 14.84 -72.70 31.04
N GLY KA 83 15.58 -71.65 31.40
CA GLY KA 83 16.97 -71.78 31.78
C GLY KA 83 17.22 -71.79 33.28
#